data_8YND
#
_entry.id   8YND
#
_cell.length_a   87.928
_cell.length_b   100.641
_cell.length_c   131.555
_cell.angle_alpha   99.54
_cell.angle_beta   101.88
_cell.angle_gamma   115.94
#
_symmetry.space_group_name_H-M   'P 1'
#
loop_
_entity.id
_entity.type
_entity.pdbx_description
1 polymer 'ATP-grasp peptide ligase'
2 water water
#
_entity_poly.entity_id   1
_entity_poly.type   'polypeptide(L)'
_entity_poly.pdbx_seq_one_letter_code
;MPKIILPNFRADYSEQVRDWLGISDATASSTDTTARFLWHAEDGDVLVIPDTVDPDFPGYVADTLGIDGTSVHVERTQTP
LSEAVLQDPEFIDRLAAHTGTGAGWSLFPCVSTRAAAQLTRKLNVAALDGYEFAMQNGIDLLNMKSTFRRLAAGLGTPLT
DGVVARGPAEVRSAIQELIAETGMVIAKQDRSGGGHGNIGISTSPESSFPGTREVLAYANDQLDTLADTLWSQLTDTQNQ
FITVETYHRADQRFFFEYHLDGDRARFLHSSILKYEQLPEGSGGSAKWIGLDSPSRSEFEATLKPAEEFIEMIRTIGYRG
YVNIDGIVLDDGRVFFHEINARWSGGLIYHTVAERLLGHDYARNNFFSSILNVVPAGLADLLRSLERAGVRYDKDSGEGA
VVLGCNSDLGPGAELLVFSKDWDRLTAMKDEIATTAGTLSLEHHHHHH
;
_entity_poly.pdbx_strand_id   A,B,C,D,E,F,G,H
#
# COMPACT_ATOMS: atom_id res chain seq x y z
N MET A 1 -3.84 -35.75 -13.95
CA MET A 1 -2.52 -36.02 -14.51
C MET A 1 -1.42 -35.14 -13.84
N PRO A 2 -1.24 -33.89 -14.29
CA PRO A 2 0.10 -33.30 -14.25
C PRO A 2 0.42 -32.61 -12.94
N LYS A 3 1.72 -32.58 -12.66
CA LYS A 3 2.23 -31.93 -11.47
C LYS A 3 3.37 -31.02 -11.90
N ILE A 4 3.68 -30.07 -11.02
CA ILE A 4 4.82 -29.18 -11.16
C ILE A 4 5.92 -29.70 -10.26
N ILE A 5 6.98 -30.21 -10.88
CA ILE A 5 8.13 -30.72 -10.15
C ILE A 5 9.01 -29.53 -9.77
N LEU A 6 9.32 -29.40 -8.47
CA LEU A 6 9.88 -28.15 -7.96
C LEU A 6 11.01 -28.46 -6.98
N PRO A 7 12.23 -28.64 -7.47
CA PRO A 7 13.38 -28.88 -6.56
C PRO A 7 13.91 -27.61 -5.90
N ASN A 8 13.24 -27.18 -4.85
CA ASN A 8 13.57 -25.95 -4.12
C ASN A 8 14.43 -26.31 -2.90
N PHE A 9 15.75 -26.22 -3.05
CA PHE A 9 16.75 -26.76 -2.10
C PHE A 9 16.81 -28.26 -2.30
N SER A 30 26.57 -24.32 -17.41
CA SER A 30 26.21 -25.56 -18.09
C SER A 30 25.97 -26.71 -17.09
N THR A 31 25.96 -26.40 -15.81
CA THR A 31 25.67 -27.39 -14.78
C THR A 31 24.21 -27.85 -14.86
N ASP A 32 23.98 -29.14 -14.64
CA ASP A 32 22.65 -29.72 -14.83
C ASP A 32 22.22 -30.54 -13.63
N THR A 33 22.47 -30.02 -12.42
CA THR A 33 22.24 -30.78 -11.20
C THR A 33 20.77 -31.08 -10.96
N THR A 34 19.85 -30.30 -11.52
CA THR A 34 18.44 -30.54 -11.32
C THR A 34 17.83 -31.37 -12.42
N ALA A 35 18.59 -31.66 -13.47
CA ALA A 35 18.06 -32.49 -14.55
C ALA A 35 17.53 -33.80 -14.01
N ARG A 36 18.15 -34.31 -12.94
CA ARG A 36 17.85 -35.66 -12.47
C ARG A 36 16.39 -35.82 -12.14
N PHE A 37 15.73 -34.73 -11.75
CA PHE A 37 14.35 -34.81 -11.32
C PHE A 37 13.38 -34.93 -12.48
N LEU A 38 13.86 -34.86 -13.72
CA LEU A 38 13.01 -35.22 -14.85
C LEU A 38 12.52 -36.66 -14.78
N TRP A 39 13.20 -37.55 -14.04
CA TRP A 39 12.73 -38.92 -13.97
C TRP A 39 11.45 -39.07 -13.13
N HIS A 40 11.02 -38.03 -12.41
CA HIS A 40 9.69 -38.01 -11.81
C HIS A 40 8.59 -37.76 -12.81
N ALA A 41 8.91 -37.34 -14.04
CA ALA A 41 7.90 -36.74 -14.93
C ALA A 41 6.97 -37.79 -15.52
N GLU A 42 5.68 -37.48 -15.48
CA GLU A 42 4.63 -38.14 -16.24
C GLU A 42 4.04 -37.16 -17.24
N ASP A 43 3.24 -37.69 -18.17
CA ASP A 43 2.61 -36.89 -19.22
C ASP A 43 2.01 -35.60 -18.68
N GLY A 44 2.38 -34.47 -19.29
CA GLY A 44 1.85 -33.18 -18.92
C GLY A 44 2.62 -32.44 -17.86
N ASP A 45 3.53 -33.12 -17.14
CA ASP A 45 4.25 -32.49 -16.04
C ASP A 45 5.14 -31.34 -16.52
N VAL A 46 5.52 -30.51 -15.56
CA VAL A 46 6.48 -29.43 -15.74
C VAL A 46 7.63 -29.64 -14.76
N LEU A 47 8.85 -29.48 -15.24
CA LEU A 47 10.04 -29.48 -14.41
C LEU A 47 10.60 -28.07 -14.37
N VAL A 48 10.74 -27.52 -13.17
CA VAL A 48 11.39 -26.23 -12.98
C VAL A 48 12.84 -26.48 -12.59
N ILE A 49 13.78 -25.89 -13.32
CA ILE A 49 15.19 -26.04 -13.00
C ILE A 49 15.89 -24.68 -12.86
N PRO A 50 16.75 -24.51 -11.86
CA PRO A 50 17.49 -23.25 -11.71
C PRO A 50 18.75 -23.19 -12.56
N ASP A 51 19.09 -24.29 -13.22
CA ASP A 51 20.29 -24.32 -14.04
C ASP A 51 19.88 -24.74 -15.45
N THR A 52 20.74 -25.49 -16.12
CA THR A 52 20.48 -25.88 -17.50
C THR A 52 20.29 -27.39 -17.58
N VAL A 53 19.71 -27.82 -18.71
CA VAL A 53 19.57 -29.23 -19.05
C VAL A 53 20.05 -29.42 -20.48
N ASP A 54 20.65 -30.58 -20.75
CA ASP A 54 20.99 -30.93 -22.12
C ASP A 54 19.72 -31.08 -22.93
N PRO A 55 19.55 -30.38 -24.05
CA PRO A 55 18.21 -30.35 -24.69
C PRO A 55 17.76 -31.71 -25.22
N ASP A 56 18.67 -32.66 -25.44
CA ASP A 56 18.28 -34.04 -25.72
C ASP A 56 17.86 -34.81 -24.48
N PHE A 57 18.25 -34.34 -23.28
CA PHE A 57 17.97 -35.10 -22.05
C PHE A 57 16.50 -35.40 -21.86
N PRO A 58 15.56 -34.46 -22.01
CA PRO A 58 14.16 -34.80 -21.74
C PRO A 58 13.64 -35.87 -22.66
N GLY A 59 14.04 -35.83 -23.94
CA GLY A 59 13.58 -36.83 -24.88
C GLY A 59 14.13 -38.21 -24.58
N TYR A 60 15.37 -38.28 -24.10
CA TYR A 60 15.97 -39.55 -23.73
C TYR A 60 15.29 -40.14 -22.49
N VAL A 61 14.84 -39.28 -21.58
CA VAL A 61 14.20 -39.77 -20.37
C VAL A 61 12.80 -40.28 -20.70
N ALA A 62 12.10 -39.58 -21.60
CA ALA A 62 10.78 -40.00 -22.04
C ALA A 62 10.84 -41.33 -22.79
N ASP A 63 11.85 -41.48 -23.65
CA ASP A 63 12.09 -42.75 -24.34
C ASP A 63 12.31 -43.89 -23.35
N THR A 64 13.12 -43.64 -22.31
CA THR A 64 13.45 -44.72 -21.39
C THR A 64 12.26 -45.10 -20.52
N LEU A 65 11.41 -44.13 -20.17
CA LEU A 65 10.26 -44.33 -19.29
C LEU A 65 8.98 -44.69 -20.02
N GLY A 66 8.91 -44.45 -21.34
CA GLY A 66 7.72 -44.74 -22.10
C GLY A 66 6.61 -43.70 -21.99
N ILE A 67 6.97 -42.43 -21.81
CA ILE A 67 5.99 -41.36 -21.77
C ILE A 67 6.21 -40.44 -22.96
N ASP A 68 5.25 -39.56 -23.19
CA ASP A 68 5.28 -38.65 -24.33
C ASP A 68 6.11 -37.43 -23.93
N GLY A 69 7.30 -37.29 -24.51
CA GLY A 69 8.17 -36.18 -24.16
C GLY A 69 7.67 -34.83 -24.64
N THR A 70 6.88 -34.80 -25.71
CA THR A 70 6.35 -33.53 -26.20
C THR A 70 5.33 -32.93 -25.24
N SER A 71 4.80 -33.72 -24.32
CA SER A 71 3.84 -33.27 -23.31
C SER A 71 4.53 -32.95 -21.99
N VAL A 72 5.86 -33.00 -21.94
CA VAL A 72 6.63 -32.66 -20.75
C VAL A 72 7.33 -31.34 -21.01
N HIS A 73 7.23 -30.41 -20.06
CA HIS A 73 7.80 -29.09 -20.21
C HIS A 73 8.86 -28.82 -19.15
N VAL A 74 9.87 -28.05 -19.55
CA VAL A 74 10.94 -27.57 -18.68
C VAL A 74 10.82 -26.05 -18.63
N GLU A 75 10.69 -25.50 -17.43
CA GLU A 75 10.67 -24.05 -17.21
C GLU A 75 11.97 -23.65 -16.53
N ARG A 76 12.79 -22.87 -17.22
CA ARG A 76 14.08 -22.40 -16.70
C ARG A 76 13.90 -21.12 -15.90
N THR A 77 14.40 -21.14 -14.67
CA THR A 77 14.69 -19.94 -13.91
C THR A 77 16.18 -19.70 -13.97
N GLN A 78 16.57 -18.45 -14.02
CA GLN A 78 17.98 -18.09 -13.99
C GLN A 78 18.56 -18.08 -12.56
N THR A 79 17.92 -18.72 -11.59
CA THR A 79 18.26 -18.52 -10.19
C THR A 79 17.79 -19.71 -9.39
N PRO A 80 18.47 -20.05 -8.28
CA PRO A 80 17.93 -21.04 -7.35
C PRO A 80 16.48 -20.74 -6.98
N LEU A 81 15.74 -21.78 -6.61
CA LEU A 81 14.30 -21.65 -6.37
C LEU A 81 14.02 -21.26 -4.92
N SER A 82 14.48 -20.06 -4.57
CA SER A 82 14.33 -19.53 -3.21
C SER A 82 12.86 -19.24 -2.93
N GLU A 83 12.57 -18.88 -1.66
CA GLU A 83 11.22 -18.47 -1.32
C GLU A 83 10.84 -17.21 -2.10
N ALA A 84 11.79 -16.28 -2.24
CA ALA A 84 11.56 -15.08 -3.03
C ALA A 84 11.13 -15.42 -4.46
N VAL A 85 11.72 -16.45 -5.05
CA VAL A 85 11.33 -16.82 -6.41
C VAL A 85 9.92 -17.37 -6.43
N LEU A 86 9.59 -18.27 -5.50
CA LEU A 86 8.26 -18.86 -5.46
C LEU A 86 7.18 -17.84 -5.18
N GLN A 87 7.54 -16.70 -4.58
CA GLN A 87 6.66 -15.56 -4.35
C GLN A 87 6.61 -14.62 -5.55
N ASP A 88 7.60 -14.69 -6.43
CA ASP A 88 7.72 -13.72 -7.52
C ASP A 88 6.53 -13.77 -8.47
N PRO A 89 5.80 -12.65 -8.65
CA PRO A 89 4.62 -12.67 -9.55
C PRO A 89 4.92 -13.14 -10.96
N GLU A 90 6.10 -12.79 -11.50
CA GLU A 90 6.43 -13.23 -12.85
C GLU A 90 6.60 -14.74 -12.90
N PHE A 91 7.38 -15.29 -11.96
CA PHE A 91 7.52 -16.75 -11.86
C PHE A 91 6.16 -17.42 -11.75
N ILE A 92 5.28 -16.86 -10.93
CA ILE A 92 3.96 -17.47 -10.79
C ILE A 92 3.22 -17.42 -12.11
N ASP A 93 3.36 -16.32 -12.85
CA ASP A 93 2.71 -16.21 -14.15
C ASP A 93 3.24 -17.24 -15.15
N ARG A 94 4.52 -17.60 -15.08
CA ARG A 94 5.01 -18.60 -16.02
C ARG A 94 4.45 -19.99 -15.69
N LEU A 95 4.30 -20.32 -14.41
CA LEU A 95 3.69 -21.60 -14.05
C LEU A 95 2.19 -21.62 -14.35
N ALA A 96 1.49 -20.52 -14.04
CA ALA A 96 0.05 -20.43 -14.28
C ALA A 96 -0.28 -20.62 -15.76
N ALA A 97 0.61 -20.20 -16.67
CA ALA A 97 0.39 -20.46 -18.09
C ALA A 97 0.25 -21.95 -18.37
N HIS A 98 0.82 -22.80 -17.51
CA HIS A 98 0.56 -24.23 -17.62
C HIS A 98 -0.68 -24.66 -16.85
N THR A 99 -0.86 -24.15 -15.63
CA THR A 99 -1.89 -24.73 -14.78
C THR A 99 -3.29 -24.22 -15.09
N GLY A 100 -3.41 -23.04 -15.69
CA GLY A 100 -4.71 -22.59 -16.16
C GLY A 100 -5.63 -22.31 -15.00
N THR A 101 -6.77 -23.01 -14.95
CA THR A 101 -7.65 -22.91 -13.80
C THR A 101 -7.09 -23.59 -12.57
N GLY A 102 -6.13 -24.50 -12.75
CA GLY A 102 -5.58 -25.32 -11.69
C GLY A 102 -6.12 -26.73 -11.65
N ALA A 103 -7.28 -26.98 -12.25
CA ALA A 103 -7.94 -28.28 -12.14
C ALA A 103 -7.05 -29.37 -12.70
N GLY A 104 -6.93 -30.46 -11.95
CA GLY A 104 -6.07 -31.57 -12.33
C GLY A 104 -4.60 -31.39 -12.02
N TRP A 105 -4.18 -30.26 -11.46
CA TRP A 105 -2.76 -30.00 -11.25
C TRP A 105 -2.38 -30.08 -9.77
N SER A 106 -1.17 -30.56 -9.51
CA SER A 106 -0.60 -30.52 -8.16
C SER A 106 0.82 -29.96 -8.25
N LEU A 107 1.34 -29.55 -7.10
CA LEU A 107 2.72 -29.14 -6.95
C LEU A 107 3.50 -30.26 -6.27
N PHE A 108 4.72 -30.52 -6.76
CA PHE A 108 5.54 -31.64 -6.29
C PHE A 108 6.87 -31.04 -5.85
N PRO A 109 6.94 -30.50 -4.62
CA PRO A 109 8.10 -29.71 -4.22
C PRO A 109 9.06 -30.48 -3.35
N CYS A 110 10.34 -30.12 -3.42
CA CYS A 110 11.33 -30.82 -2.62
C CYS A 110 11.14 -30.53 -1.14
N VAL A 111 10.75 -29.31 -0.80
CA VAL A 111 10.70 -28.83 0.56
C VAL A 111 9.36 -28.13 0.72
N SER A 112 8.55 -28.55 1.68
CA SER A 112 7.22 -27.99 1.84
C SER A 112 7.32 -26.68 2.64
N THR A 113 7.83 -25.65 1.98
CA THR A 113 7.98 -24.38 2.64
C THR A 113 6.68 -23.58 2.61
N ARG A 114 6.68 -22.47 3.35
CA ARG A 114 5.55 -21.54 3.36
C ARG A 114 5.28 -21.01 1.96
N ALA A 115 6.32 -20.64 1.22
CA ALA A 115 6.09 -20.17 -0.14
C ALA A 115 5.56 -21.26 -1.04
N ALA A 116 5.98 -22.51 -0.81
CA ALA A 116 5.45 -23.61 -1.63
C ALA A 116 3.96 -23.78 -1.39
N ALA A 117 3.53 -23.68 -0.12
CA ALA A 117 2.11 -23.79 0.19
C ALA A 117 1.35 -22.58 -0.34
N GLN A 118 1.93 -21.39 -0.17
CA GLN A 118 1.38 -20.21 -0.81
C GLN A 118 1.21 -20.40 -2.31
N LEU A 119 2.24 -20.99 -2.97
CA LEU A 119 2.18 -21.19 -4.41
C LEU A 119 0.96 -21.99 -4.84
N THR A 120 0.63 -23.05 -4.08
CA THR A 120 -0.52 -23.87 -4.43
C THR A 120 -1.83 -23.10 -4.30
N ARG A 121 -1.91 -22.13 -3.38
CA ARG A 121 -3.10 -21.29 -3.34
C ARG A 121 -3.15 -20.32 -4.51
N LYS A 122 -2.03 -19.68 -4.86
CA LYS A 122 -2.03 -18.71 -5.95
C LYS A 122 -2.28 -19.32 -7.31
N LEU A 123 -1.97 -20.62 -7.48
CA LEU A 123 -2.26 -21.31 -8.73
C LEU A 123 -3.60 -22.03 -8.72
N ASN A 124 -4.27 -22.11 -7.57
CA ASN A 124 -5.51 -22.87 -7.41
C ASN A 124 -5.32 -24.36 -7.75
N VAL A 125 -4.10 -24.84 -7.65
CA VAL A 125 -3.75 -26.23 -7.78
C VAL A 125 -4.21 -26.97 -6.51
N ALA A 126 -4.18 -28.31 -6.49
CA ALA A 126 -4.52 -29.05 -5.28
C ALA A 126 -3.71 -28.55 -4.10
N ALA A 127 -4.40 -28.22 -3.03
CA ALA A 127 -3.75 -27.68 -1.85
C ALA A 127 -2.62 -28.60 -1.38
N LEU A 128 -1.48 -28.01 -1.05
CA LEU A 128 -0.39 -28.76 -0.46
C LEU A 128 -0.87 -29.52 0.78
N ASP A 129 -0.55 -30.79 0.85
CA ASP A 129 -0.87 -31.56 2.04
C ASP A 129 -0.04 -31.02 3.21
N GLY A 130 -0.66 -30.90 4.37
CA GLY A 130 -0.01 -30.25 5.50
C GLY A 130 0.16 -28.76 5.31
N TYR A 131 -0.82 -28.13 4.65
CA TYR A 131 -0.72 -26.72 4.30
C TYR A 131 -0.50 -25.85 5.54
N GLU A 132 -1.37 -25.97 6.54
CA GLU A 132 -1.26 -25.10 7.71
C GLU A 132 0.09 -25.28 8.39
N PHE A 133 0.59 -26.51 8.45
CA PHE A 133 1.90 -26.75 9.03
C PHE A 133 2.97 -25.98 8.28
N ALA A 134 2.96 -26.10 6.95
CA ALA A 134 3.94 -25.40 6.12
C ALA A 134 3.77 -23.88 6.18
N MET A 135 2.52 -23.41 6.24
CA MET A 135 2.27 -21.98 6.41
C MET A 135 2.99 -21.40 7.62
N GLN A 136 3.14 -22.18 8.70
CA GLN A 136 3.91 -21.76 9.86
C GLN A 136 5.40 -22.13 9.77
N ASN A 137 5.87 -22.52 8.58
CA ASN A 137 7.20 -23.05 8.36
C ASN A 137 7.53 -24.16 9.35
N GLY A 138 6.58 -25.08 9.49
CA GLY A 138 6.78 -26.20 10.39
C GLY A 138 8.00 -27.01 10.04
N ILE A 139 8.31 -27.15 8.75
CA ILE A 139 9.36 -28.08 8.38
C ILE A 139 10.74 -27.48 8.64
N ASP A 140 10.84 -26.16 8.77
CA ASP A 140 12.06 -25.59 9.36
C ASP A 140 12.32 -26.15 10.74
N LEU A 141 11.27 -26.23 11.58
CA LEU A 141 11.43 -26.82 12.90
C LEU A 141 11.99 -28.23 12.82
N LEU A 142 11.41 -29.07 11.95
CA LEU A 142 11.79 -30.47 11.87
C LEU A 142 13.20 -30.65 11.30
N ASN A 143 13.66 -29.75 10.44
CA ASN A 143 14.93 -29.91 9.77
C ASN A 143 16.09 -29.31 10.56
N MET A 144 15.92 -29.12 11.86
CA MET A 144 16.99 -28.71 12.73
C MET A 144 17.55 -29.94 13.44
N LYS A 145 18.87 -29.95 13.66
CA LYS A 145 19.41 -31.12 14.32
C LYS A 145 19.10 -31.12 15.81
N SER A 146 18.99 -29.93 16.44
CA SER A 146 18.57 -29.87 17.84
C SER A 146 17.17 -30.45 18.03
N THR A 147 16.26 -30.15 17.11
CA THR A 147 14.90 -30.67 17.18
C THR A 147 14.88 -32.19 17.13
N PHE A 148 15.71 -32.79 16.27
CA PHE A 148 15.75 -34.25 16.20
C PHE A 148 16.21 -34.84 17.51
N ARG A 149 17.35 -34.38 18.03
CA ARG A 149 17.84 -34.87 19.31
C ARG A 149 16.79 -34.78 20.40
N ARG A 150 16.10 -33.64 20.49
CA ARG A 150 15.08 -33.44 21.54
C ARG A 150 13.92 -34.40 21.36
N LEU A 151 13.31 -34.40 20.17
CA LEU A 151 12.19 -35.32 19.91
C LEU A 151 12.59 -36.76 20.19
N ALA A 152 13.75 -37.17 19.69
CA ALA A 152 14.19 -38.55 19.84
C ALA A 152 14.48 -38.89 21.29
N ALA A 153 15.08 -37.95 22.03
CA ALA A 153 15.31 -38.20 23.45
C ALA A 153 13.98 -38.27 24.21
N GLY A 154 13.01 -37.44 23.82
CA GLY A 154 11.70 -37.54 24.42
C GLY A 154 11.00 -38.84 24.07
N LEU A 155 11.13 -39.28 22.83
CA LEU A 155 10.38 -40.46 22.42
C LEU A 155 11.03 -41.75 22.90
N GLY A 156 12.33 -41.74 23.14
CA GLY A 156 13.08 -42.94 23.41
C GLY A 156 13.72 -43.57 22.20
N THR A 157 13.97 -42.81 21.16
CA THR A 157 14.60 -43.36 19.97
C THR A 157 16.10 -43.48 20.20
N PRO A 158 16.72 -44.63 19.84
CA PRO A 158 18.19 -44.78 19.99
C PRO A 158 18.98 -43.62 19.41
N LEU A 159 19.78 -42.97 20.28
CA LEU A 159 20.45 -41.70 20.02
C LEU A 159 21.84 -41.73 20.65
N THR A 160 22.82 -41.16 19.96
CA THR A 160 24.13 -41.07 20.56
C THR A 160 24.13 -40.03 21.67
N ASP A 161 24.98 -40.25 22.67
CA ASP A 161 25.21 -39.24 23.70
C ASP A 161 25.63 -37.93 23.04
N GLY A 162 25.02 -36.83 23.48
CA GLY A 162 25.29 -35.54 22.87
C GLY A 162 24.55 -34.41 23.56
N VAL A 163 24.77 -33.21 23.06
CA VAL A 163 24.27 -31.99 23.68
C VAL A 163 23.78 -31.06 22.60
N VAL A 164 22.72 -30.30 22.89
CA VAL A 164 22.34 -29.16 22.09
C VAL A 164 23.06 -27.95 22.70
N ALA A 165 24.18 -27.59 22.10
CA ALA A 165 25.04 -26.59 22.69
C ALA A 165 24.54 -25.20 22.32
N ARG A 166 24.49 -24.33 23.34
CA ARG A 166 23.94 -22.98 23.26
C ARG A 166 25.00 -21.90 23.27
N GLY A 167 26.27 -22.28 23.38
CA GLY A 167 27.37 -21.35 23.37
C GLY A 167 28.68 -22.09 23.41
N PRO A 168 29.79 -21.39 23.20
CA PRO A 168 31.09 -22.09 23.16
C PRO A 168 31.51 -22.63 24.52
N ALA A 169 31.03 -22.05 25.62
CA ALA A 169 31.27 -22.64 26.93
C ALA A 169 30.60 -24.01 27.05
N GLU A 170 29.39 -24.14 26.50
CA GLU A 170 28.74 -25.45 26.48
C GLU A 170 29.47 -26.39 25.51
N VAL A 171 29.98 -25.86 24.40
CA VAL A 171 30.79 -26.69 23.51
C VAL A 171 31.99 -27.25 24.25
N ARG A 172 32.65 -26.41 25.05
CA ARG A 172 33.86 -26.80 25.76
C ARG A 172 33.61 -27.99 26.67
N SER A 173 32.65 -27.87 27.59
CA SER A 173 32.31 -28.97 28.47
C SER A 173 31.81 -30.20 27.71
N ALA A 174 31.11 -30.00 26.59
CA ALA A 174 30.54 -31.14 25.86
C ALA A 174 31.61 -31.95 25.15
N ILE A 175 32.59 -31.30 24.52
CA ILE A 175 33.71 -32.02 23.95
C ILE A 175 34.43 -32.81 25.04
N GLN A 176 34.72 -32.16 26.17
CA GLN A 176 35.45 -32.81 27.25
C GLN A 176 34.74 -34.08 27.70
N GLU A 177 33.42 -33.99 27.93
CA GLU A 177 32.62 -35.14 28.31
C GLU A 177 32.56 -36.19 27.20
N LEU A 178 32.22 -35.78 25.98
CA LEU A 178 31.87 -36.75 24.94
C LEU A 178 33.07 -37.36 24.23
N ILE A 179 34.27 -36.77 24.37
CA ILE A 179 35.44 -37.31 23.69
C ILE A 179 35.88 -38.65 24.29
N ALA A 180 35.42 -39.00 25.50
CA ALA A 180 36.03 -40.12 26.20
C ALA A 180 35.63 -41.46 25.60
N GLU A 181 34.35 -41.62 25.23
CA GLU A 181 33.82 -42.95 24.91
C GLU A 181 34.58 -43.58 23.74
N THR A 182 34.60 -42.89 22.62
CA THR A 182 35.21 -43.46 21.42
C THR A 182 36.48 -42.76 21.03
N GLY A 183 36.81 -41.65 21.67
CA GLY A 183 37.91 -40.83 21.21
C GLY A 183 37.59 -39.93 20.04
N MET A 184 36.30 -39.81 19.69
CA MET A 184 35.86 -39.08 18.51
C MET A 184 34.49 -38.43 18.77
N VAL A 185 34.36 -37.19 18.31
CA VAL A 185 33.16 -36.38 18.51
C VAL A 185 32.90 -35.69 17.18
N ILE A 186 31.63 -35.37 16.92
CA ILE A 186 31.27 -34.55 15.77
C ILE A 186 30.41 -33.39 16.22
N ALA A 187 30.70 -32.20 15.71
CA ALA A 187 29.92 -31.01 15.96
C ALA A 187 29.26 -30.58 14.65
N LYS A 188 27.99 -30.22 14.72
CA LYS A 188 27.19 -30.06 13.51
C LYS A 188 26.42 -28.76 13.55
N GLN A 189 26.50 -28.01 12.45
CA GLN A 189 25.56 -26.95 12.13
C GLN A 189 24.13 -27.41 12.46
N ASP A 190 23.32 -26.50 12.96
CA ASP A 190 21.96 -26.87 13.33
C ASP A 190 21.03 -27.00 12.13
N ARG A 191 21.28 -26.25 11.06
CA ARG A 191 20.46 -26.29 9.86
C ARG A 191 21.34 -26.51 8.63
N SER A 192 20.90 -27.42 7.75
CA SER A 192 21.29 -27.53 6.33
C SER A 192 21.00 -28.94 5.83
N GLY A 193 21.91 -29.49 5.03
CA GLY A 193 21.73 -30.82 4.45
C GLY A 193 22.96 -31.43 3.82
N GLY A 194 23.97 -31.75 4.64
CA GLY A 194 25.15 -32.43 4.14
C GLY A 194 26.29 -32.36 5.14
N GLY A 195 27.31 -33.17 4.86
CA GLY A 195 28.51 -33.19 5.69
C GLY A 195 29.48 -32.05 5.43
N HIS A 196 28.99 -30.92 4.90
CA HIS A 196 29.86 -29.77 4.75
C HIS A 196 29.98 -29.00 6.06
N GLY A 197 28.85 -28.65 6.69
CA GLY A 197 28.86 -27.93 7.95
C GLY A 197 28.91 -28.83 9.18
N ASN A 198 29.79 -29.83 9.17
CA ASN A 198 30.10 -30.63 10.35
C ASN A 198 31.62 -30.73 10.48
N ILE A 199 32.12 -30.79 11.70
CA ILE A 199 33.56 -30.84 11.95
C ILE A 199 33.87 -31.96 12.93
N GLY A 200 34.82 -32.80 12.58
CA GLY A 200 35.22 -33.86 13.47
C GLY A 200 36.24 -33.39 14.50
N ILE A 201 36.21 -34.04 15.66
CA ILE A 201 37.25 -33.90 16.66
C ILE A 201 37.73 -35.29 17.03
N SER A 202 39.04 -35.50 16.98
CA SER A 202 39.63 -36.83 17.15
C SER A 202 40.74 -36.81 18.19
N THR A 203 40.81 -37.89 18.96
CA THR A 203 41.91 -38.15 19.88
C THR A 203 43.10 -38.73 19.14
N SER A 204 42.86 -39.61 18.17
CA SER A 204 43.96 -40.25 17.47
C SER A 204 44.58 -39.29 16.47
N PRO A 205 45.90 -39.38 16.26
CA PRO A 205 46.56 -38.57 15.22
C PRO A 205 46.09 -38.88 13.80
N GLU A 206 45.13 -39.79 13.68
CA GLU A 206 44.45 -40.08 12.43
C GLU A 206 43.17 -39.25 12.35
N SER A 207 42.40 -39.46 11.29
CA SER A 207 41.08 -38.87 11.15
C SER A 207 40.35 -39.58 10.01
N SER A 208 39.32 -40.38 10.36
CA SER A 208 38.51 -41.11 9.37
C SER A 208 37.03 -40.82 9.62
N PHE A 209 36.58 -39.63 9.24
CA PHE A 209 35.22 -39.18 9.55
C PHE A 209 34.40 -39.00 8.27
N PRO A 210 33.61 -39.98 7.86
CA PRO A 210 32.65 -39.76 6.76
C PRO A 210 31.62 -38.69 7.10
N GLY A 211 31.45 -37.73 6.19
CA GLY A 211 30.44 -36.70 6.39
C GLY A 211 30.86 -35.58 7.33
N THR A 212 32.06 -35.06 7.12
CA THR A 212 32.59 -33.91 7.83
C THR A 212 33.49 -33.15 6.87
N ARG A 213 33.55 -31.82 7.01
CA ARG A 213 34.45 -31.02 6.18
C ARG A 213 35.88 -31.12 6.65
N GLU A 214 36.11 -31.32 7.95
CA GLU A 214 37.45 -31.39 8.50
C GLU A 214 37.40 -32.08 9.85
N VAL A 215 38.55 -32.59 10.27
CA VAL A 215 38.74 -33.15 11.60
C VAL A 215 39.88 -32.41 12.28
N LEU A 216 39.68 -32.06 13.55
CA LEU A 216 40.67 -31.36 14.36
C LEU A 216 41.14 -32.28 15.47
N ALA A 217 42.31 -31.98 16.03
CA ALA A 217 42.85 -32.75 17.14
C ALA A 217 42.32 -32.21 18.46
N TYR A 218 41.84 -33.11 19.32
CA TYR A 218 41.51 -32.74 20.67
C TYR A 218 42.77 -32.29 21.41
N ALA A 219 42.58 -31.45 22.44
CA ALA A 219 43.69 -30.85 23.18
C ALA A 219 43.15 -30.36 24.52
N ASN A 220 43.39 -31.15 25.59
CA ASN A 220 42.93 -30.76 26.92
C ASN A 220 43.41 -29.35 27.28
N ASP A 221 44.67 -29.05 26.95
CA ASP A 221 45.25 -27.77 27.31
C ASP A 221 44.55 -26.61 26.59
N GLN A 222 44.29 -26.76 25.30
CA GLN A 222 43.76 -25.69 24.47
C GLN A 222 42.27 -25.89 24.19
N LEU A 223 41.50 -25.98 25.28
CA LEU A 223 40.09 -26.33 25.17
C LEU A 223 39.23 -25.16 24.73
N ASP A 224 39.56 -23.94 25.17
CA ASP A 224 38.75 -22.79 24.82
C ASP A 224 39.02 -22.29 23.42
N THR A 225 40.17 -22.64 22.84
CA THR A 225 40.44 -22.32 21.44
C THR A 225 39.61 -23.21 20.51
N LEU A 226 39.55 -24.51 20.81
CA LEU A 226 38.76 -25.43 20.01
C LEU A 226 37.28 -25.05 20.05
N ALA A 227 36.72 -24.93 21.26
CA ALA A 227 35.32 -24.55 21.39
C ALA A 227 35.02 -23.27 20.62
N ASP A 228 35.92 -22.29 20.69
CA ASP A 228 35.70 -21.06 19.91
C ASP A 228 35.70 -21.37 18.43
N THR A 229 36.69 -22.14 17.96
CA THR A 229 36.74 -22.47 16.54
C THR A 229 35.43 -23.15 16.11
N LEU A 230 34.94 -24.09 16.91
CA LEU A 230 33.73 -24.78 16.50
C LEU A 230 32.50 -23.88 16.59
N TRP A 231 32.46 -22.96 17.56
CA TRP A 231 31.28 -22.11 17.69
C TRP A 231 31.16 -21.14 16.52
N SER A 232 32.22 -20.40 16.20
CA SER A 232 32.12 -19.39 15.15
C SER A 232 32.03 -19.98 13.74
N GLN A 233 32.52 -21.21 13.53
CA GLN A 233 32.42 -21.77 12.20
C GLN A 233 31.02 -22.28 11.89
N LEU A 234 30.25 -22.68 12.90
CA LEU A 234 29.01 -23.42 12.71
C LEU A 234 27.75 -22.64 13.11
N THR A 235 27.87 -21.36 13.44
CA THR A 235 26.74 -20.51 13.82
C THR A 235 26.65 -19.29 12.92
N ASP A 236 25.53 -18.58 13.04
CA ASP A 236 25.26 -17.36 12.30
C ASP A 236 24.12 -16.64 13.01
N THR A 237 23.59 -15.58 12.38
CA THR A 237 22.51 -14.82 13.03
C THR A 237 21.32 -15.72 13.31
N GLN A 238 20.99 -16.60 12.38
CA GLN A 238 19.79 -17.42 12.46
C GLN A 238 20.01 -18.71 13.23
N ASN A 239 21.26 -19.13 13.42
CA ASN A 239 21.56 -20.45 13.99
C ASN A 239 22.50 -20.30 15.16
N GLN A 240 21.93 -20.26 16.35
CA GLN A 240 22.69 -20.09 17.59
C GLN A 240 22.71 -21.39 18.39
N PHE A 241 22.47 -22.53 17.74
CA PHE A 241 22.61 -23.83 18.35
C PHE A 241 23.68 -24.60 17.61
N ILE A 242 24.35 -25.48 18.33
CA ILE A 242 25.25 -26.43 17.72
C ILE A 242 24.98 -27.79 18.35
N THR A 243 25.06 -28.84 17.54
CA THR A 243 24.97 -30.20 18.06
C THR A 243 26.39 -30.74 18.26
N VAL A 244 26.60 -31.46 19.37
CA VAL A 244 27.91 -32.01 19.74
C VAL A 244 27.68 -33.43 20.23
N GLU A 245 28.24 -34.41 19.51
CA GLU A 245 27.88 -35.79 19.77
C GLU A 245 29.10 -36.70 19.74
N THR A 246 29.04 -37.75 20.57
CA THR A 246 29.93 -38.88 20.42
C THR A 246 29.76 -39.49 19.05
N TYR A 247 30.88 -39.70 18.35
CA TYR A 247 30.91 -40.24 17.00
C TYR A 247 31.44 -41.66 16.99
N HIS A 248 30.70 -42.57 16.35
CA HIS A 248 31.03 -44.00 16.29
C HIS A 248 31.48 -44.37 14.88
N ARG A 249 32.43 -45.30 14.78
CA ARG A 249 32.75 -45.92 13.49
C ARG A 249 31.71 -46.99 13.22
N ALA A 250 31.06 -46.91 12.06
CA ALA A 250 29.91 -47.75 11.77
C ALA A 250 30.30 -48.89 10.84
N ASP A 251 29.88 -50.11 11.20
CA ASP A 251 29.83 -51.19 10.24
C ASP A 251 28.84 -50.88 9.12
N GLN A 252 27.58 -50.73 9.49
CA GLN A 252 26.53 -50.39 8.54
C GLN A 252 26.10 -48.95 8.75
N ARG A 253 26.10 -48.19 7.66
CA ARG A 253 25.33 -46.96 7.55
C ARG A 253 24.08 -47.28 6.73
N PHE A 254 23.04 -46.47 6.94
CA PHE A 254 21.77 -46.69 6.25
C PHE A 254 20.94 -45.43 6.38
N PHE A 255 19.99 -45.27 5.46
CA PHE A 255 18.90 -44.36 5.74
C PHE A 255 17.61 -44.97 5.18
N PHE A 256 16.51 -44.68 5.86
CA PHE A 256 15.16 -45.09 5.47
C PHE A 256 14.39 -43.87 4.99
N GLU A 257 13.57 -44.04 3.95
CA GLU A 257 12.81 -42.92 3.39
C GLU A 257 11.34 -43.28 3.33
N TYR A 258 10.49 -42.31 3.72
CA TYR A 258 9.05 -42.47 3.88
C TYR A 258 8.30 -41.36 3.16
N HIS A 259 7.06 -41.68 2.79
CA HIS A 259 6.08 -40.73 2.30
C HIS A 259 4.94 -40.70 3.31
N LEU A 260 4.57 -39.49 3.72
CA LEU A 260 3.59 -39.28 4.78
C LEU A 260 2.40 -38.50 4.22
N ASP A 261 1.20 -39.00 4.48
CA ASP A 261 -0.04 -38.30 4.16
C ASP A 261 -1.00 -38.48 5.34
N GLY A 262 -2.23 -38.02 5.17
CA GLY A 262 -3.19 -38.17 6.24
C GLY A 262 -3.61 -39.59 6.55
N ASP A 263 -3.09 -40.57 5.83
CA ASP A 263 -3.48 -41.98 5.97
C ASP A 263 -2.42 -42.82 6.69
N ARG A 264 -1.16 -42.66 6.32
CA ARG A 264 -0.06 -43.53 6.80
C ARG A 264 1.27 -42.90 6.53
N ALA A 265 2.27 -43.50 7.13
CA ALA A 265 3.65 -43.39 6.69
C ALA A 265 4.07 -44.71 6.07
N ARG A 266 4.53 -44.66 4.85
CA ARG A 266 4.82 -45.88 4.10
C ARG A 266 6.33 -45.86 3.97
N PHE A 267 6.96 -46.88 4.51
CA PHE A 267 8.35 -47.15 4.18
C PHE A 267 8.49 -47.19 2.65
N LEU A 268 9.43 -46.44 2.06
CA LEU A 268 9.64 -46.51 0.60
C LEU A 268 10.84 -47.35 0.22
N HIS A 269 11.98 -47.13 0.86
CA HIS A 269 13.19 -47.88 0.56
C HIS A 269 14.22 -47.58 1.62
N SER A 270 15.12 -48.54 1.83
CA SER A 270 16.33 -48.31 2.59
C SER A 270 17.46 -48.15 1.60
N SER A 271 18.42 -47.28 1.91
CA SER A 271 19.62 -47.13 1.09
C SER A 271 20.84 -46.94 1.96
N ILE A 272 22.01 -46.93 1.33
CA ILE A 272 23.31 -46.82 1.98
C ILE A 272 24.10 -45.71 1.31
N LEU A 273 24.65 -44.81 2.12
CA LEU A 273 25.52 -43.76 1.59
C LEU A 273 26.96 -44.27 1.62
N LYS A 274 27.62 -44.22 0.46
CA LYS A 274 29.01 -44.60 0.32
C LYS A 274 29.90 -43.36 0.28
N TYR A 275 31.05 -43.45 0.93
CA TYR A 275 32.07 -42.40 0.91
C TYR A 275 33.37 -43.01 0.38
N GLU A 276 34.31 -42.13 0.01
CA GLU A 276 35.57 -42.59 -0.58
C GLU A 276 36.44 -43.24 0.51
N GLN A 277 37.66 -43.60 0.15
CA GLN A 277 38.60 -44.20 1.12
C GLN A 277 39.88 -43.38 1.26
N GLY A 284 39.93 -37.90 7.49
CA GLY A 284 39.31 -36.66 7.95
C GLY A 284 37.97 -36.37 7.31
N SER A 285 37.95 -36.33 5.98
CA SER A 285 36.75 -35.94 5.23
C SER A 285 36.57 -36.93 4.09
N ALA A 286 35.73 -37.95 4.32
CA ALA A 286 35.34 -38.87 3.27
C ALA A 286 34.24 -38.23 2.42
N LYS A 287 34.53 -38.03 1.13
CA LYS A 287 33.59 -37.41 0.20
C LYS A 287 32.50 -38.39 -0.21
N TRP A 288 31.25 -37.90 -0.24
CA TRP A 288 30.11 -38.72 -0.62
C TRP A 288 30.19 -39.09 -2.09
N ILE A 289 30.13 -40.38 -2.41
CA ILE A 289 30.37 -40.83 -3.77
C ILE A 289 29.22 -41.60 -4.38
N GLY A 290 28.18 -41.91 -3.63
CA GLY A 290 27.01 -42.53 -4.23
C GLY A 290 26.10 -43.18 -3.20
N LEU A 291 25.03 -43.78 -3.70
CA LEU A 291 24.09 -44.55 -2.90
C LEU A 291 24.06 -45.97 -3.42
N ASP A 292 23.95 -46.93 -2.52
CA ASP A 292 23.85 -48.33 -2.92
C ASP A 292 22.47 -48.91 -2.74
N SER A 293 21.69 -48.45 -1.80
CA SER A 293 20.37 -49.08 -1.66
C SER A 293 20.43 -50.60 -1.62
N PRO A 294 19.33 -51.30 -1.90
CA PRO A 294 18.78 -52.14 -0.84
C PRO A 294 19.82 -52.20 0.25
N SER A 295 19.68 -51.37 1.28
CA SER A 295 20.58 -51.43 2.42
C SER A 295 20.57 -52.84 3.01
N ARG A 296 21.52 -53.11 3.89
CA ARG A 296 21.53 -54.36 4.63
C ARG A 296 21.17 -54.15 6.09
N SER A 297 20.34 -53.17 6.39
CA SER A 297 20.00 -52.83 7.76
C SER A 297 18.49 -52.81 7.97
N GLU A 298 17.74 -53.63 7.24
CA GLU A 298 16.31 -53.76 7.48
C GLU A 298 16.07 -54.95 8.40
N PHE A 299 15.78 -54.65 9.66
CA PHE A 299 15.32 -55.65 10.62
C PHE A 299 14.75 -54.89 11.80
N GLU A 300 14.26 -55.62 12.79
CA GLU A 300 13.37 -55.04 13.78
C GLU A 300 14.06 -53.93 14.57
N ALA A 301 15.33 -54.13 14.94
CA ALA A 301 16.00 -53.12 15.77
C ALA A 301 16.25 -51.80 15.04
N THR A 302 16.07 -51.75 13.72
CA THR A 302 16.14 -50.49 12.98
C THR A 302 14.78 -50.02 12.50
N LEU A 303 14.03 -50.90 11.82
CA LEU A 303 12.76 -50.55 11.21
C LEU A 303 11.75 -50.03 12.23
N LYS A 304 11.76 -50.61 13.37
CA LYS A 304 10.64 -50.53 14.26
C LYS A 304 10.77 -49.31 15.17
N PRO A 305 11.96 -48.99 15.72
CA PRO A 305 12.14 -47.63 16.28
C PRO A 305 12.05 -46.53 15.23
N ALA A 306 12.52 -46.76 14.01
CA ALA A 306 12.37 -45.72 13.00
C ALA A 306 10.90 -45.48 12.67
N GLU A 307 10.11 -46.57 12.56
CA GLU A 307 8.66 -46.44 12.36
C GLU A 307 8.02 -45.61 13.46
N GLU A 308 8.36 -45.91 14.73
CA GLU A 308 7.75 -45.17 15.82
C GLU A 308 8.08 -43.69 15.71
N PHE A 309 9.31 -43.36 15.35
CA PHE A 309 9.69 -41.96 15.29
C PHE A 309 8.99 -41.24 14.14
N ILE A 310 8.95 -41.87 12.96
CA ILE A 310 8.28 -41.29 11.80
C ILE A 310 6.78 -41.14 12.05
N GLU A 311 6.15 -42.13 12.68
CA GLU A 311 4.73 -41.98 13.01
C GLU A 311 4.48 -40.78 13.92
N MET A 312 5.47 -40.40 14.75
CA MET A 312 5.30 -39.21 15.58
C MET A 312 5.51 -37.93 14.79
N ILE A 313 6.44 -37.90 13.82
CA ILE A 313 6.48 -36.68 13.02
C ILE A 313 5.23 -36.59 12.15
N ARG A 314 4.69 -37.73 11.69
CA ARG A 314 3.39 -37.68 11.03
C ARG A 314 2.32 -37.14 11.98
N THR A 315 2.29 -37.61 13.23
CA THR A 315 1.32 -37.10 14.19
C THR A 315 1.43 -35.58 14.40
N ILE A 316 2.65 -35.04 14.43
CA ILE A 316 2.69 -33.59 14.65
C ILE A 316 2.29 -32.82 13.40
N GLY A 317 2.08 -33.48 12.25
CA GLY A 317 1.45 -32.81 11.12
C GLY A 317 2.23 -32.74 9.83
N TYR A 318 3.46 -33.24 9.78
CA TYR A 318 4.24 -33.13 8.56
C TYR A 318 3.64 -34.02 7.47
N ARG A 319 3.66 -33.53 6.23
CA ARG A 319 3.15 -34.26 5.09
C ARG A 319 4.19 -34.16 3.98
N GLY A 320 4.64 -35.30 3.46
CA GLY A 320 5.60 -35.27 2.38
C GLY A 320 6.65 -36.34 2.59
N TYR A 321 7.79 -36.17 1.92
CA TYR A 321 8.91 -37.11 2.02
C TYR A 321 9.80 -36.76 3.20
N VAL A 322 10.27 -37.77 3.91
CA VAL A 322 11.11 -37.59 5.08
C VAL A 322 12.01 -38.82 5.18
N ASN A 323 13.28 -38.58 5.49
CA ASN A 323 14.20 -39.68 5.68
C ASN A 323 14.89 -39.56 7.03
N ILE A 324 15.19 -40.71 7.63
CA ILE A 324 15.89 -40.81 8.91
C ILE A 324 17.10 -41.69 8.72
N ASP A 325 18.28 -41.20 9.06
CA ASP A 325 19.47 -42.02 8.86
C ASP A 325 20.03 -42.49 10.19
N GLY A 326 20.80 -43.57 10.12
CA GLY A 326 21.33 -44.19 11.30
C GLY A 326 22.53 -45.06 10.98
N ILE A 327 22.92 -45.87 11.98
CA ILE A 327 24.04 -46.78 11.88
C ILE A 327 23.77 -47.98 12.76
N VAL A 328 24.48 -49.07 12.43
CA VAL A 328 24.57 -50.28 13.24
C VAL A 328 26.04 -50.48 13.55
N LEU A 329 26.36 -50.63 14.84
CA LEU A 329 27.73 -51.01 15.20
C LEU A 329 27.93 -52.51 15.05
N ASP A 330 29.20 -52.92 14.93
CA ASP A 330 29.55 -54.33 14.84
C ASP A 330 29.13 -55.13 16.08
N ASP A 331 28.72 -54.47 17.16
CA ASP A 331 28.13 -55.15 18.31
C ASP A 331 26.59 -55.13 18.28
N GLY A 332 26.00 -54.66 17.18
CA GLY A 332 24.57 -54.70 17.00
C GLY A 332 23.81 -53.50 17.53
N ARG A 333 24.47 -52.52 18.10
CA ARG A 333 23.76 -51.36 18.62
C ARG A 333 23.35 -50.43 17.48
N VAL A 334 22.13 -49.92 17.57
CA VAL A 334 21.55 -49.04 16.57
C VAL A 334 21.48 -47.63 17.14
N PHE A 335 21.85 -46.65 16.32
CA PHE A 335 21.71 -45.24 16.62
C PHE A 335 21.12 -44.54 15.40
N PHE A 336 20.23 -43.58 15.61
CA PHE A 336 19.74 -42.71 14.55
C PHE A 336 20.33 -41.32 14.73
N HIS A 337 20.82 -40.74 13.63
CA HIS A 337 21.56 -39.48 13.68
C HIS A 337 20.71 -38.26 13.34
N GLU A 338 19.95 -38.28 12.24
CA GLU A 338 19.17 -37.11 11.87
C GLU A 338 17.95 -37.49 11.05
N ILE A 339 17.04 -36.52 10.91
CA ILE A 339 15.95 -36.57 9.94
C ILE A 339 16.10 -35.39 8.98
N ASN A 340 15.48 -35.55 7.82
CA ASN A 340 15.39 -34.49 6.82
C ASN A 340 13.99 -34.55 6.25
N ALA A 341 13.16 -33.56 6.57
CA ALA A 341 11.82 -33.40 5.98
C ALA A 341 11.94 -32.72 4.61
N ARG A 342 12.32 -33.52 3.60
CA ARG A 342 12.51 -33.08 2.22
C ARG A 342 12.84 -34.31 1.37
N TRP A 343 13.04 -34.14 0.05
CA TRP A 343 13.50 -35.27 -0.76
C TRP A 343 14.85 -35.73 -0.28
N SER A 344 15.02 -37.04 -0.08
CA SER A 344 16.38 -37.53 -0.01
C SER A 344 17.03 -37.41 -1.38
N GLY A 345 18.37 -37.37 -1.40
CA GLY A 345 19.06 -37.49 -2.67
C GLY A 345 18.82 -38.83 -3.38
N GLY A 346 18.33 -39.83 -2.65
CA GLY A 346 18.03 -41.14 -3.21
C GLY A 346 16.59 -41.40 -3.57
N LEU A 347 15.70 -40.42 -3.37
CA LEU A 347 14.29 -40.64 -3.71
C LEU A 347 14.10 -40.85 -5.21
N ILE A 348 14.88 -40.15 -6.05
CA ILE A 348 14.79 -40.33 -7.50
C ILE A 348 15.31 -41.70 -7.92
N TYR A 349 16.40 -42.18 -7.29
CA TYR A 349 16.90 -43.53 -7.59
C TYR A 349 15.81 -44.56 -7.39
N HIS A 350 15.15 -44.50 -6.23
CA HIS A 350 14.03 -45.37 -5.92
C HIS A 350 12.88 -45.16 -6.91
N THR A 351 12.65 -43.91 -7.30
CA THR A 351 11.59 -43.60 -8.28
C THR A 351 11.86 -44.24 -9.63
N VAL A 352 13.10 -44.16 -10.14
CA VAL A 352 13.25 -44.80 -11.45
C VAL A 352 13.37 -46.31 -11.30
N ALA A 353 13.90 -46.78 -10.18
CA ALA A 353 13.90 -48.23 -9.95
C ALA A 353 12.49 -48.79 -9.99
N GLU A 354 11.56 -48.09 -9.34
CA GLU A 354 10.17 -48.57 -9.28
C GLU A 354 9.49 -48.50 -10.64
N ARG A 355 9.80 -47.45 -11.43
CA ARG A 355 9.17 -47.27 -12.72
C ARG A 355 9.72 -48.23 -13.79
N LEU A 356 11.00 -48.58 -13.72
CA LEU A 356 11.57 -49.47 -14.73
C LEU A 356 11.45 -50.94 -14.34
N LEU A 357 11.44 -51.24 -13.05
CA LEU A 357 11.49 -52.60 -12.57
C LEU A 357 10.26 -53.01 -11.79
N GLY A 358 9.38 -52.06 -11.48
CA GLY A 358 8.19 -52.40 -10.74
C GLY A 358 8.34 -52.18 -9.24
N HIS A 359 7.19 -52.04 -8.57
CA HIS A 359 7.16 -51.74 -7.14
C HIS A 359 7.95 -52.74 -6.31
N ASP A 360 8.03 -53.99 -6.77
CA ASP A 360 8.67 -55.09 -6.07
C ASP A 360 10.20 -55.09 -6.18
N TYR A 361 10.81 -54.09 -6.85
CA TYR A 361 12.16 -54.30 -7.39
C TYR A 361 13.17 -54.69 -6.32
N ALA A 362 12.96 -54.24 -5.08
CA ALA A 362 13.96 -54.49 -4.05
C ALA A 362 14.07 -55.98 -3.70
N ARG A 363 13.03 -56.77 -3.99
CA ARG A 363 13.13 -58.20 -3.75
C ARG A 363 14.26 -58.83 -4.56
N ASN A 364 14.34 -58.52 -5.86
CA ASN A 364 15.29 -59.22 -6.72
C ASN A 364 16.30 -58.32 -7.42
N ASN A 365 16.37 -57.04 -7.09
CA ASN A 365 17.25 -56.13 -7.81
C ASN A 365 18.09 -55.30 -6.85
N PHE A 366 19.18 -54.77 -7.38
CA PHE A 366 20.08 -53.88 -6.68
C PHE A 366 20.32 -52.66 -7.56
N PHE A 367 20.52 -51.49 -6.96
CA PHE A 367 20.97 -50.36 -7.74
C PHE A 367 22.11 -49.66 -7.01
N SER A 368 22.87 -48.89 -7.78
CA SER A 368 23.96 -48.10 -7.23
C SER A 368 24.19 -46.91 -8.13
N SER A 369 24.56 -45.79 -7.53
CA SER A 369 24.81 -44.57 -8.29
C SER A 369 26.30 -44.28 -8.32
N ILE A 370 26.71 -43.63 -9.40
CA ILE A 370 28.05 -43.07 -9.55
C ILE A 370 27.86 -41.57 -9.72
N LEU A 371 28.47 -40.80 -8.84
CA LEU A 371 28.38 -39.35 -8.93
C LEU A 371 29.55 -38.77 -9.68
N ASN A 372 30.47 -39.64 -10.10
CA ASN A 372 31.90 -39.42 -10.26
C ASN A 372 32.39 -39.48 -11.71
N VAL A 373 31.50 -39.73 -12.66
CA VAL A 373 31.91 -39.93 -14.05
C VAL A 373 32.35 -38.61 -14.66
N VAL A 374 33.30 -38.67 -15.58
CA VAL A 374 33.78 -37.44 -16.23
C VAL A 374 32.64 -36.81 -17.02
N PRO A 375 32.33 -35.54 -16.81
CA PRO A 375 31.23 -34.92 -17.54
C PRO A 375 31.47 -35.00 -19.04
N ALA A 376 30.41 -35.36 -19.76
CA ALA A 376 30.39 -35.25 -21.22
C ALA A 376 28.95 -34.98 -21.63
N GLY A 377 28.76 -34.50 -22.85
CA GLY A 377 27.42 -34.39 -23.38
C GLY A 377 26.70 -35.72 -23.39
N LEU A 378 25.37 -35.65 -23.44
CA LEU A 378 24.53 -36.84 -23.33
C LEU A 378 24.82 -37.86 -24.44
N ALA A 379 25.10 -37.39 -25.66
CA ALA A 379 25.43 -38.32 -26.73
C ALA A 379 26.68 -39.14 -26.41
N ASP A 380 27.68 -38.50 -25.81
CA ASP A 380 28.92 -39.22 -25.54
C ASP A 380 28.78 -40.13 -24.32
N LEU A 381 28.06 -39.69 -23.30
CA LEU A 381 27.78 -40.55 -22.15
C LEU A 381 27.13 -41.85 -22.59
N LEU A 382 26.04 -41.76 -23.35
CA LEU A 382 25.35 -42.97 -23.76
C LEU A 382 26.24 -43.83 -24.64
N ARG A 383 27.10 -43.19 -25.44
CA ARG A 383 28.00 -43.97 -26.29
C ARG A 383 28.94 -44.82 -25.45
N SER A 384 29.43 -44.27 -24.32
CA SER A 384 30.35 -44.99 -23.44
C SER A 384 29.66 -46.11 -22.68
N LEU A 385 28.38 -45.93 -22.32
CA LEU A 385 27.63 -47.03 -21.71
C LEU A 385 27.44 -48.16 -22.71
N GLU A 386 27.18 -47.81 -23.98
CA GLU A 386 27.09 -48.82 -25.03
C GLU A 386 28.45 -49.41 -25.36
N ARG A 387 29.49 -48.57 -25.45
CA ARG A 387 30.84 -49.10 -25.64
C ARG A 387 31.20 -50.08 -24.52
N ALA A 388 30.72 -49.81 -23.32
CA ALA A 388 30.96 -50.71 -22.19
C ALA A 388 30.01 -51.89 -22.17
N GLY A 389 28.95 -51.88 -22.98
CA GLY A 389 27.97 -52.95 -22.94
C GLY A 389 27.01 -52.89 -21.77
N VAL A 390 26.85 -51.73 -21.12
CA VAL A 390 26.02 -51.71 -19.93
C VAL A 390 24.97 -50.61 -20.00
N ARG A 391 24.65 -50.13 -21.20
CA ARG A 391 23.54 -49.19 -21.32
C ARG A 391 22.23 -49.88 -20.98
N TYR A 392 21.38 -49.21 -20.20
CA TYR A 392 20.17 -49.83 -19.69
C TYR A 392 19.33 -50.45 -20.81
N ASP A 393 18.96 -51.72 -20.60
CA ASP A 393 18.30 -52.59 -21.58
C ASP A 393 16.97 -53.01 -20.98
N LYS A 394 15.87 -52.56 -21.59
CA LYS A 394 14.56 -52.86 -21.02
C LYS A 394 14.29 -54.37 -20.94
N ASP A 395 14.84 -55.15 -21.87
CA ASP A 395 14.51 -56.58 -21.92
C ASP A 395 15.16 -57.36 -20.78
N SER A 396 16.32 -56.94 -20.30
CA SER A 396 16.93 -57.57 -19.14
C SER A 396 16.62 -56.85 -17.83
N GLY A 397 16.26 -55.58 -17.89
CA GLY A 397 16.14 -54.78 -16.70
C GLY A 397 17.46 -54.41 -16.07
N GLU A 398 18.57 -54.52 -16.81
CA GLU A 398 19.92 -54.32 -16.30
C GLU A 398 20.65 -53.27 -17.12
N GLY A 399 21.63 -52.64 -16.47
CA GLY A 399 22.42 -51.57 -17.03
C GLY A 399 22.16 -50.23 -16.35
N ALA A 400 22.58 -49.17 -17.05
CA ALA A 400 22.72 -47.85 -16.45
C ALA A 400 21.93 -46.79 -17.22
N VAL A 401 21.43 -45.80 -16.48
CA VAL A 401 20.77 -44.63 -17.04
C VAL A 401 21.47 -43.36 -16.55
N VAL A 402 21.29 -42.26 -17.31
CA VAL A 402 21.91 -40.98 -17.00
C VAL A 402 20.94 -40.11 -16.18
N LEU A 403 21.42 -39.62 -15.03
CA LEU A 403 20.68 -38.63 -14.26
C LEU A 403 21.23 -37.21 -14.41
N GLY A 404 22.47 -37.06 -14.83
CA GLY A 404 23.07 -35.75 -15.09
C GLY A 404 24.35 -35.88 -15.90
N CYS A 405 24.50 -35.03 -16.92
CA CYS A 405 25.71 -35.02 -17.73
C CYS A 405 26.82 -34.22 -17.11
N ASN A 406 26.49 -33.29 -16.21
CA ASN A 406 27.47 -32.38 -15.67
C ASN A 406 26.97 -31.75 -14.38
N SER A 407 26.88 -32.55 -13.31
CA SER A 407 26.24 -32.16 -12.06
C SER A 407 27.27 -31.85 -10.97
N ASP A 408 26.83 -31.07 -9.98
CA ASP A 408 27.66 -30.75 -8.83
C ASP A 408 27.58 -31.78 -7.73
N LEU A 409 26.69 -32.77 -7.85
CA LEU A 409 26.46 -33.72 -6.78
C LEU A 409 27.75 -34.34 -6.27
N GLY A 410 28.57 -34.85 -7.18
CA GLY A 410 29.86 -35.36 -6.81
C GLY A 410 30.82 -34.96 -7.90
N PRO A 411 31.08 -33.65 -8.00
CA PRO A 411 31.12 -32.98 -9.31
C PRO A 411 31.37 -33.96 -10.46
N GLY A 412 30.40 -34.12 -11.34
CA GLY A 412 30.56 -35.00 -12.48
C GLY A 412 29.22 -35.41 -13.04
N ALA A 413 29.29 -36.32 -14.02
CA ALA A 413 28.08 -36.91 -14.55
C ALA A 413 27.58 -37.95 -13.55
N GLU A 414 26.27 -38.08 -13.45
CA GLU A 414 25.64 -38.97 -12.47
C GLU A 414 24.99 -40.12 -13.22
N LEU A 415 25.32 -41.34 -12.81
CA LEU A 415 24.74 -42.52 -13.42
C LEU A 415 24.06 -43.38 -12.36
N LEU A 416 22.98 -44.05 -12.76
CA LEU A 416 22.25 -45.01 -11.94
C LEU A 416 22.32 -46.37 -12.64
N VAL A 417 22.85 -47.38 -11.94
CA VAL A 417 23.10 -48.70 -12.52
C VAL A 417 22.23 -49.74 -11.81
N PHE A 418 21.68 -50.68 -12.59
CA PHE A 418 20.76 -51.71 -12.14
C PHE A 418 21.31 -53.10 -12.44
N SER A 419 21.07 -54.05 -11.53
CA SER A 419 21.39 -55.45 -11.78
C SER A 419 20.61 -56.35 -10.84
N LYS A 420 20.30 -57.55 -11.30
CA LYS A 420 19.72 -58.55 -10.42
C LYS A 420 20.77 -59.29 -9.60
N ASP A 421 22.04 -58.93 -9.73
CA ASP A 421 23.09 -59.60 -9.01
C ASP A 421 24.12 -58.59 -8.56
N TRP A 422 24.43 -58.58 -7.26
CA TRP A 422 25.26 -57.52 -6.70
C TRP A 422 26.68 -57.53 -7.27
N ASP A 423 27.25 -58.70 -7.53
CA ASP A 423 28.61 -58.74 -8.05
C ASP A 423 28.66 -58.32 -9.51
N ARG A 424 27.59 -58.57 -10.28
CA ARG A 424 27.59 -58.07 -11.64
C ARG A 424 27.41 -56.56 -11.67
N LEU A 425 26.77 -56.00 -10.65
CA LEU A 425 26.66 -54.55 -10.55
C LEU A 425 28.02 -53.92 -10.35
N THR A 426 28.83 -54.50 -9.47
CA THR A 426 30.17 -53.99 -9.23
C THR A 426 30.99 -54.02 -10.52
N ALA A 427 30.83 -55.10 -11.31
CA ALA A 427 31.57 -55.21 -12.56
C ALA A 427 31.16 -54.13 -13.54
N MET A 428 29.85 -53.91 -13.68
CA MET A 428 29.39 -52.84 -14.57
C MET A 428 29.99 -51.51 -14.16
N LYS A 429 30.02 -51.22 -12.86
CA LYS A 429 30.59 -49.97 -12.38
C LYS A 429 32.06 -49.86 -12.72
N ASP A 430 32.81 -50.96 -12.70
CA ASP A 430 34.20 -50.91 -13.15
C ASP A 430 34.31 -50.54 -14.61
N GLU A 431 33.51 -51.20 -15.46
CA GLU A 431 33.61 -50.95 -16.90
C GLU A 431 33.13 -49.54 -17.25
N ILE A 432 32.14 -49.00 -16.53
CA ILE A 432 31.76 -47.61 -16.74
C ILE A 432 32.93 -46.70 -16.42
N ALA A 433 33.54 -46.91 -15.23
CA ALA A 433 34.69 -46.13 -14.81
C ALA A 433 35.84 -46.25 -15.80
N THR A 434 36.04 -47.46 -16.33
CA THR A 434 37.07 -47.68 -17.33
C THR A 434 36.79 -46.92 -18.61
N THR A 435 35.57 -47.02 -19.14
CA THR A 435 35.21 -46.52 -20.46
C THR A 435 34.68 -45.07 -20.44
N ALA A 436 33.95 -44.67 -19.41
CA ALA A 436 33.53 -43.28 -19.35
C ALA A 436 34.51 -42.41 -18.58
N GLY A 437 35.24 -42.98 -17.62
CA GLY A 437 36.17 -42.22 -16.82
C GLY A 437 35.56 -41.74 -15.51
N THR A 438 36.44 -41.47 -14.54
CA THR A 438 36.03 -40.92 -13.25
C THR A 438 36.95 -39.75 -12.90
N LEU A 439 36.42 -38.82 -12.10
CA LEU A 439 37.20 -37.65 -11.65
C LEU A 439 38.10 -37.97 -10.46
N SER A 440 38.74 -39.14 -10.49
CA SER A 440 39.72 -39.59 -9.50
C SER A 440 39.04 -39.90 -8.16
N PRO B 2 10.53 -37.14 51.17
CA PRO B 2 10.50 -35.68 51.08
C PRO B 2 10.80 -35.19 49.66
N LYS B 3 10.73 -33.88 49.42
CA LYS B 3 11.04 -33.35 48.11
C LYS B 3 11.70 -31.99 48.25
N ILE B 4 12.55 -31.67 47.28
CA ILE B 4 13.10 -30.33 47.16
C ILE B 4 12.20 -29.54 46.23
N ILE B 5 11.62 -28.43 46.72
CA ILE B 5 10.81 -27.55 45.88
C ILE B 5 11.73 -26.50 45.29
N LEU B 6 11.74 -26.41 43.95
CA LEU B 6 12.74 -25.64 43.23
C LEU B 6 12.09 -24.69 42.24
N PRO B 7 11.83 -23.47 42.65
CA PRO B 7 11.32 -22.44 41.71
C PRO B 7 12.42 -21.81 40.85
N ASN B 8 12.81 -22.54 39.80
CA ASN B 8 13.85 -22.07 38.85
C ASN B 8 13.24 -21.52 37.56
N THR B 27 19.31 -8.97 43.33
CA THR B 27 19.09 -9.93 44.40
C THR B 27 17.70 -9.71 45.01
N ALA B 28 17.54 -10.16 46.27
CA ALA B 28 16.27 -10.18 46.97
C ALA B 28 15.45 -8.90 46.80
N SER B 29 16.13 -7.75 46.93
CA SER B 29 15.47 -6.45 47.09
C SER B 29 14.41 -6.54 48.18
N SER B 30 14.58 -7.50 49.10
CA SER B 30 13.64 -7.76 50.20
C SER B 30 12.25 -8.13 49.71
N THR B 31 12.18 -8.90 48.62
CA THR B 31 10.91 -9.42 48.14
C THR B 31 10.74 -10.87 48.60
N ASP B 32 9.50 -11.34 48.60
CA ASP B 32 9.20 -12.71 49.05
C ASP B 32 8.37 -13.44 47.99
N THR B 33 8.71 -13.19 46.73
CA THR B 33 7.91 -13.71 45.62
C THR B 33 7.85 -15.23 45.63
N THR B 34 8.97 -15.90 45.83
CA THR B 34 8.97 -17.35 45.72
C THR B 34 8.64 -18.02 47.04
N ALA B 35 8.27 -17.24 48.06
CA ALA B 35 7.80 -17.86 49.28
C ALA B 35 6.44 -18.53 49.06
N ARG B 36 5.71 -18.09 48.04
CA ARG B 36 4.42 -18.69 47.75
C ARG B 36 4.52 -20.19 47.60
N PHE B 37 5.70 -20.71 47.27
CA PHE B 37 5.79 -22.14 46.98
C PHE B 37 5.88 -23.00 48.23
N LEU B 38 5.97 -22.38 49.41
CA LEU B 38 5.90 -23.10 50.67
C LEU B 38 4.62 -23.90 50.80
N TRP B 39 3.50 -23.43 50.22
CA TRP B 39 2.25 -24.16 50.27
C TRP B 39 2.29 -25.49 49.54
N HIS B 40 3.40 -25.79 48.87
CA HIS B 40 3.63 -27.10 48.28
C HIS B 40 4.21 -28.10 49.29
N ALA B 41 4.59 -27.66 50.49
CA ALA B 41 5.43 -28.46 51.36
C ALA B 41 4.63 -29.53 52.09
N GLU B 42 5.31 -30.65 52.34
CA GLU B 42 4.85 -31.70 53.25
C GLU B 42 6.00 -32.00 54.20
N ASP B 43 5.70 -32.84 55.20
CA ASP B 43 6.65 -33.20 56.23
C ASP B 43 8.00 -33.59 55.62
N GLY B 44 9.04 -32.90 56.05
CA GLY B 44 10.40 -33.24 55.66
C GLY B 44 10.91 -32.57 54.42
N ASP B 45 10.11 -31.72 53.77
CA ASP B 45 10.51 -31.14 52.50
C ASP B 45 11.51 -30.01 52.68
N VAL B 46 12.27 -29.78 51.62
CA VAL B 46 13.20 -28.67 51.51
C VAL B 46 12.65 -27.71 50.49
N LEU B 47 12.78 -26.40 50.76
CA LEU B 47 12.38 -25.36 49.83
C LEU B 47 13.54 -24.44 49.57
N VAL B 48 13.99 -24.38 48.32
CA VAL B 48 15.08 -23.49 47.91
C VAL B 48 14.49 -22.17 47.46
N ILE B 49 15.05 -21.07 47.95
CA ILE B 49 14.58 -19.75 47.55
C ILE B 49 15.74 -18.82 47.20
N PRO B 50 15.65 -18.07 46.09
CA PRO B 50 16.40 -16.81 46.02
C PRO B 50 15.72 -15.85 46.96
N ASP B 51 15.81 -14.55 46.75
CA ASP B 51 15.14 -13.54 47.57
C ASP B 51 14.92 -13.92 49.04
N THR B 52 13.85 -13.42 49.67
CA THR B 52 13.80 -13.46 51.12
C THR B 52 12.37 -13.75 51.57
N VAL B 53 12.26 -14.29 52.78
CA VAL B 53 10.96 -14.65 53.34
C VAL B 53 10.99 -14.34 54.83
N ASP B 54 9.92 -13.71 55.31
CA ASP B 54 9.58 -13.60 56.72
C ASP B 54 9.87 -14.91 57.45
N PRO B 55 10.57 -14.88 58.58
CA PRO B 55 10.82 -16.14 59.31
C PRO B 55 9.57 -16.75 59.92
N ASP B 56 8.47 -16.00 60.01
CA ASP B 56 7.22 -16.57 60.52
C ASP B 56 6.46 -17.34 59.45
N PHE B 57 6.75 -17.07 58.19
CA PHE B 57 5.93 -17.58 57.10
C PHE B 57 5.90 -19.10 57.04
N PRO B 58 7.02 -19.82 57.18
CA PRO B 58 6.90 -21.30 57.24
C PRO B 58 5.96 -21.79 58.33
N GLY B 59 6.09 -21.29 59.56
CA GLY B 59 5.28 -21.82 60.64
C GLY B 59 3.80 -21.59 60.39
N TYR B 60 3.46 -20.40 59.91
CA TYR B 60 2.08 -20.08 59.61
C TYR B 60 1.52 -21.05 58.56
N VAL B 61 2.29 -21.33 57.51
CA VAL B 61 1.82 -22.24 56.46
C VAL B 61 1.70 -23.65 56.99
N ALA B 62 2.65 -24.08 57.83
CA ALA B 62 2.51 -25.34 58.54
C ALA B 62 1.26 -25.34 59.43
N ASP B 63 1.04 -24.25 60.17
CA ASP B 63 -0.16 -24.13 61.00
C ASP B 63 -1.41 -24.34 60.16
N THR B 64 -1.51 -23.61 59.07
CA THR B 64 -2.72 -23.62 58.26
C THR B 64 -2.87 -24.94 57.53
N LEU B 65 -1.75 -25.53 57.10
CA LEU B 65 -1.79 -26.79 56.37
C LEU B 65 -1.88 -28.00 57.28
N GLY B 66 -1.51 -27.87 58.55
CA GLY B 66 -1.57 -29.00 59.46
C GLY B 66 -0.45 -29.98 59.29
N ILE B 67 0.76 -29.50 59.03
CA ILE B 67 1.92 -30.37 58.92
C ILE B 67 2.92 -29.93 59.96
N ASP B 68 3.89 -30.80 60.22
CA ASP B 68 4.94 -30.56 61.21
C ASP B 68 5.93 -29.54 60.64
N GLY B 69 5.79 -28.28 61.07
CA GLY B 69 6.61 -27.21 60.53
C GLY B 69 8.09 -27.30 60.88
N THR B 70 8.43 -28.00 61.97
CA THR B 70 9.84 -28.15 62.31
C THR B 70 10.56 -29.05 61.31
N SER B 71 9.80 -29.86 60.57
CA SER B 71 10.34 -30.74 59.54
C SER B 71 10.75 -29.98 58.27
N VAL B 72 9.97 -28.97 57.88
CA VAL B 72 10.23 -28.25 56.63
C VAL B 72 11.48 -27.39 56.78
N HIS B 73 12.42 -27.54 55.85
CA HIS B 73 13.67 -26.81 55.85
C HIS B 73 13.71 -25.88 54.65
N VAL B 74 14.28 -24.69 54.85
CA VAL B 74 14.32 -23.61 53.86
C VAL B 74 15.78 -23.27 53.62
N GLU B 75 16.25 -23.50 52.39
CA GLU B 75 17.64 -23.28 52.01
C GLU B 75 17.72 -22.05 51.12
N ARG B 76 18.39 -21.01 51.60
CA ARG B 76 18.45 -19.73 50.90
C ARG B 76 19.68 -19.62 50.00
N THR B 77 19.49 -18.95 48.87
CA THR B 77 20.55 -18.51 47.99
C THR B 77 20.31 -17.04 47.68
N GLN B 78 21.36 -16.27 47.52
CA GLN B 78 21.15 -14.84 47.33
C GLN B 78 21.01 -14.45 45.87
N THR B 79 21.01 -15.41 44.96
CA THR B 79 20.87 -15.18 43.53
C THR B 79 19.75 -16.05 42.98
N PRO B 80 19.19 -15.68 41.83
CA PRO B 80 18.19 -16.55 41.19
C PRO B 80 18.75 -17.93 40.93
N LEU B 81 17.85 -18.91 40.82
CA LEU B 81 18.23 -20.30 40.66
C LEU B 81 18.51 -20.64 39.19
N SER B 82 19.52 -19.95 38.64
CA SER B 82 19.99 -20.15 37.28
C SER B 82 20.49 -21.58 37.06
N GLU B 83 20.87 -21.85 35.80
CA GLU B 83 21.56 -23.11 35.48
C GLU B 83 22.92 -23.17 36.17
N ALA B 84 23.61 -22.03 36.27
CA ALA B 84 24.92 -22.03 36.92
C ALA B 84 24.77 -22.41 38.40
N VAL B 85 23.78 -21.85 39.08
CA VAL B 85 23.58 -22.22 40.48
C VAL B 85 23.26 -23.70 40.62
N LEU B 86 22.40 -24.24 39.73
CA LEU B 86 22.04 -25.64 39.86
C LEU B 86 23.20 -26.58 39.62
N GLN B 87 24.24 -26.13 38.93
CA GLN B 87 25.45 -26.92 38.72
C GLN B 87 26.62 -26.37 39.53
N ASP B 88 26.32 -25.69 40.64
CA ASP B 88 27.34 -25.25 41.58
C ASP B 88 27.54 -26.35 42.61
N PRO B 89 28.74 -26.93 42.73
CA PRO B 89 28.91 -28.05 43.66
C PRO B 89 28.71 -27.65 45.11
N GLU B 90 28.85 -26.36 45.44
CA GLU B 90 28.53 -25.92 46.80
C GLU B 90 27.03 -25.80 47.00
N PHE B 91 26.29 -25.43 45.96
CA PHE B 91 24.83 -25.51 46.03
C PHE B 91 24.37 -26.96 46.11
N ILE B 92 24.95 -27.84 45.30
CA ILE B 92 24.66 -29.27 45.41
C ILE B 92 24.93 -29.74 46.84
N ASP B 93 26.05 -29.29 47.43
CA ASP B 93 26.48 -29.84 48.71
C ASP B 93 25.51 -29.48 49.83
N ARG B 94 25.05 -28.23 49.86
CA ARG B 94 24.03 -27.86 50.83
C ARG B 94 22.81 -28.76 50.69
N LEU B 95 22.43 -29.10 49.45
CA LEU B 95 21.26 -29.96 49.26
C LEU B 95 21.55 -31.38 49.71
N ALA B 96 22.79 -31.85 49.51
CA ALA B 96 23.14 -33.21 49.89
C ALA B 96 23.11 -33.41 51.40
N ALA B 97 23.17 -32.32 52.18
CA ALA B 97 23.06 -32.42 53.63
C ALA B 97 21.71 -32.96 54.07
N HIS B 98 20.66 -32.74 53.27
CA HIS B 98 19.33 -33.23 53.62
C HIS B 98 19.00 -34.57 52.99
N THR B 99 19.74 -34.97 51.96
CA THR B 99 19.38 -36.04 51.07
C THR B 99 20.11 -37.35 51.37
N GLY B 100 21.36 -37.27 51.82
CA GLY B 100 22.15 -38.44 52.16
C GLY B 100 22.49 -39.31 50.96
N THR B 101 22.09 -40.58 50.99
CA THR B 101 22.24 -41.49 49.85
C THR B 101 21.24 -41.20 48.73
N GLY B 102 20.26 -40.32 48.95
CA GLY B 102 19.22 -40.07 47.97
C GLY B 102 17.89 -40.75 48.24
N ALA B 103 17.84 -41.70 49.19
CA ALA B 103 16.69 -42.58 49.31
C ALA B 103 15.44 -41.84 49.79
N GLY B 104 14.32 -42.07 49.11
CA GLY B 104 13.05 -41.43 49.45
C GLY B 104 12.93 -39.96 49.14
N TRP B 105 13.83 -39.41 48.33
CA TRP B 105 13.84 -38.00 47.97
C TRP B 105 13.58 -37.83 46.48
N SER B 106 12.92 -36.73 46.12
CA SER B 106 12.73 -36.37 44.71
C SER B 106 12.95 -34.88 44.55
N LEU B 107 13.05 -34.45 43.30
CA LEU B 107 13.16 -33.04 42.96
C LEU B 107 11.82 -32.58 42.39
N PHE B 108 11.39 -31.38 42.77
CA PHE B 108 10.11 -30.80 42.39
C PHE B 108 10.37 -29.48 41.68
N PRO B 109 10.89 -29.52 40.45
CA PRO B 109 11.30 -28.29 39.78
C PRO B 109 10.17 -27.56 39.09
N CYS B 110 10.30 -26.23 39.04
CA CYS B 110 9.40 -25.41 38.24
C CYS B 110 9.62 -25.63 36.75
N VAL B 111 10.87 -25.70 36.32
CA VAL B 111 11.24 -25.90 34.91
C VAL B 111 12.20 -27.09 34.86
N SER B 112 11.76 -28.18 34.23
CA SER B 112 12.61 -29.34 34.02
C SER B 112 13.74 -29.05 33.03
N THR B 113 14.66 -28.17 33.41
CA THR B 113 15.82 -27.86 32.59
C THR B 113 16.82 -29.01 32.64
N ARG B 114 17.90 -28.86 31.87
CA ARG B 114 18.95 -29.87 31.81
C ARG B 114 19.70 -29.97 33.13
N ALA B 115 19.99 -28.81 33.76
CA ALA B 115 20.71 -28.84 35.02
C ALA B 115 19.85 -29.43 36.13
N ALA B 116 18.56 -29.06 36.18
CA ALA B 116 17.61 -29.76 37.04
C ALA B 116 17.71 -31.28 36.90
N ALA B 117 17.75 -31.76 35.66
CA ALA B 117 17.92 -33.20 35.45
C ALA B 117 19.30 -33.66 35.92
N GLN B 118 20.33 -32.86 35.65
CA GLN B 118 21.66 -33.21 36.14
C GLN B 118 21.67 -33.29 37.67
N LEU B 119 20.99 -32.36 38.33
CA LEU B 119 20.97 -32.32 39.79
C LEU B 119 20.40 -33.60 40.38
N THR B 120 19.33 -34.15 39.79
CA THR B 120 18.78 -35.40 40.29
C THR B 120 19.84 -36.50 40.26
N ARG B 121 20.69 -36.52 39.23
CA ARG B 121 21.74 -37.52 39.20
C ARG B 121 22.78 -37.27 40.26
N LYS B 122 23.22 -36.02 40.40
CA LYS B 122 24.31 -35.71 41.32
C LYS B 122 23.87 -35.73 42.78
N LEU B 123 22.57 -35.85 43.07
CA LEU B 123 22.10 -36.15 44.41
C LEU B 123 21.63 -37.59 44.56
N ASN B 124 21.70 -38.38 43.50
CA ASN B 124 21.17 -39.74 43.50
C ASN B 124 19.72 -39.81 43.98
N VAL B 125 18.96 -38.72 43.83
CA VAL B 125 17.53 -38.77 44.14
C VAL B 125 16.83 -39.43 42.98
N ALA B 126 15.53 -39.67 43.09
CA ALA B 126 14.79 -40.32 42.02
C ALA B 126 14.92 -39.53 40.74
N ALA B 127 15.17 -40.25 39.64
CA ALA B 127 15.44 -39.58 38.37
C ALA B 127 14.27 -38.66 38.00
N LEU B 128 14.62 -37.46 37.54
CA LEU B 128 13.63 -36.58 36.94
C LEU B 128 12.90 -37.32 35.83
N ASP B 129 11.57 -37.25 35.86
CA ASP B 129 10.78 -37.84 34.80
C ASP B 129 11.00 -37.08 33.50
N GLY B 130 11.15 -37.79 32.40
CA GLY B 130 11.53 -37.13 31.18
C GLY B 130 12.98 -36.70 31.19
N TYR B 131 13.85 -37.49 31.82
CA TYR B 131 15.26 -37.13 32.00
C TYR B 131 15.93 -36.80 30.68
N GLU B 132 15.90 -37.73 29.73
CA GLU B 132 16.67 -37.56 28.49
C GLU B 132 16.19 -36.36 27.70
N PHE B 133 14.87 -36.12 27.72
CA PHE B 133 14.31 -34.94 27.08
C PHE B 133 14.82 -33.66 27.74
N ALA B 134 14.86 -33.63 29.08
CA ALA B 134 15.35 -32.44 29.77
C ALA B 134 16.82 -32.20 29.45
N MET B 135 17.61 -33.27 29.38
CA MET B 135 19.04 -33.16 29.13
C MET B 135 19.33 -32.56 27.76
N GLN B 136 18.41 -32.72 26.80
CA GLN B 136 18.54 -32.06 25.50
C GLN B 136 17.89 -30.69 25.52
N ASN B 137 17.43 -30.24 26.68
CA ASN B 137 16.75 -28.97 26.84
C ASN B 137 15.50 -28.90 25.96
N GLY B 138 14.78 -30.01 25.92
CA GLY B 138 13.53 -30.08 25.19
C GLY B 138 12.49 -29.08 25.67
N ILE B 139 12.48 -28.78 26.97
CA ILE B 139 11.54 -27.79 27.50
C ILE B 139 11.75 -26.44 26.83
N ASP B 140 13.01 -26.06 26.57
CA ASP B 140 13.26 -24.85 25.82
C ASP B 140 12.54 -24.86 24.47
N LEU B 141 12.41 -26.04 23.84
CA LEU B 141 11.75 -26.11 22.53
C LEU B 141 10.25 -25.89 22.65
N LEU B 142 9.61 -26.49 23.65
CA LEU B 142 8.17 -26.32 23.79
C LEU B 142 7.77 -24.94 24.28
N ASN B 143 8.66 -24.23 24.95
CA ASN B 143 8.31 -22.95 25.53
C ASN B 143 8.54 -21.77 24.58
N MET B 144 8.55 -22.01 23.27
CA MET B 144 8.58 -20.98 22.24
C MET B 144 7.23 -20.89 21.54
N LYS B 145 6.75 -19.65 21.38
CA LYS B 145 5.47 -19.46 20.72
C LYS B 145 5.51 -19.94 19.27
N SER B 146 6.66 -19.84 18.60
CA SER B 146 6.75 -20.36 17.24
C SER B 146 6.43 -21.87 17.24
N THR B 147 7.02 -22.60 18.18
CA THR B 147 6.76 -24.04 18.29
C THR B 147 5.28 -24.31 18.48
N PHE B 148 4.61 -23.48 19.28
CA PHE B 148 3.19 -23.75 19.51
C PHE B 148 2.37 -23.58 18.23
N ARG B 149 2.62 -22.50 17.48
CA ARG B 149 1.94 -22.28 16.21
C ARG B 149 2.15 -23.45 15.26
N ARG B 150 3.39 -23.95 15.18
CA ARG B 150 3.71 -25.04 14.26
C ARG B 150 3.03 -26.34 14.68
N LEU B 151 3.16 -26.73 15.94
CA LEU B 151 2.51 -27.96 16.39
C LEU B 151 1.00 -27.82 16.32
N ALA B 152 0.49 -26.63 16.64
CA ALA B 152 -0.95 -26.43 16.64
C ALA B 152 -1.48 -26.56 15.22
N ALA B 153 -0.94 -25.78 14.30
CA ALA B 153 -1.18 -26.06 12.89
C ALA B 153 -0.69 -27.46 12.61
N GLY B 154 -1.27 -28.12 11.66
CA GLY B 154 -0.66 -29.46 11.56
C GLY B 154 -1.19 -30.54 12.48
N LEU B 155 -1.36 -30.25 13.76
CA LEU B 155 -2.23 -31.16 14.51
C LEU B 155 -3.69 -30.84 14.25
N GLY B 156 -4.01 -29.59 13.92
CA GLY B 156 -5.37 -29.16 13.69
C GLY B 156 -6.00 -28.39 14.82
N THR B 157 -5.24 -28.04 15.84
CA THR B 157 -5.76 -27.31 16.99
C THR B 157 -6.17 -25.90 16.57
N PRO B 158 -7.35 -25.44 16.98
CA PRO B 158 -7.75 -24.05 16.65
C PRO B 158 -6.70 -23.04 17.09
N LEU B 159 -6.40 -22.13 16.18
CA LEU B 159 -5.23 -21.27 16.22
C LEU B 159 -5.63 -19.99 15.50
N THR B 160 -5.40 -18.83 16.10
CA THR B 160 -5.74 -17.63 15.35
C THR B 160 -4.81 -17.53 14.13
N ASP B 161 -5.28 -16.78 13.14
CA ASP B 161 -4.45 -16.47 12.00
C ASP B 161 -3.17 -15.78 12.45
N GLY B 162 -2.04 -16.23 11.94
CA GLY B 162 -0.81 -15.62 12.39
C GLY B 162 0.35 -16.06 11.53
N VAL B 163 1.48 -15.38 11.77
CA VAL B 163 2.72 -15.63 11.04
C VAL B 163 3.85 -15.81 12.07
N VAL B 164 4.71 -16.80 11.83
CA VAL B 164 6.03 -16.86 12.46
C VAL B 164 6.98 -15.99 11.63
N ALA B 165 7.08 -14.72 12.01
CA ALA B 165 7.86 -13.73 11.27
C ALA B 165 9.37 -13.93 11.44
N ARG B 166 10.10 -13.77 10.33
CA ARG B 166 11.55 -13.98 10.32
C ARG B 166 12.35 -12.71 10.08
N GLY B 167 11.71 -11.59 9.75
CA GLY B 167 12.43 -10.34 9.58
C GLY B 167 11.51 -9.15 9.60
N PRO B 168 12.09 -7.93 9.58
CA PRO B 168 11.24 -6.75 9.60
C PRO B 168 10.25 -6.73 8.45
N ALA B 169 10.66 -7.18 7.26
CA ALA B 169 9.77 -7.17 6.10
C ALA B 169 8.63 -8.14 6.30
N GLU B 170 8.90 -9.31 6.88
CA GLU B 170 7.81 -10.24 7.17
C GLU B 170 6.93 -9.72 8.30
N VAL B 171 7.48 -9.06 9.32
CA VAL B 171 6.63 -8.39 10.30
C VAL B 171 5.69 -7.40 9.60
N ARG B 172 6.22 -6.71 8.59
CA ARG B 172 5.45 -5.68 7.89
C ARG B 172 4.27 -6.27 7.14
N SER B 173 4.51 -7.25 6.26
CA SER B 173 3.39 -7.80 5.50
C SER B 173 2.42 -8.55 6.40
N ALA B 174 2.93 -9.26 7.42
CA ALA B 174 2.06 -9.92 8.38
C ALA B 174 1.05 -8.93 8.95
N ILE B 175 1.52 -7.76 9.39
CA ILE B 175 0.62 -6.79 10.00
C ILE B 175 -0.41 -6.31 8.98
N GLN B 176 0.01 -6.13 7.73
CA GLN B 176 -0.91 -5.67 6.68
C GLN B 176 -2.04 -6.65 6.46
N GLU B 177 -1.69 -7.91 6.19
CA GLU B 177 -2.72 -8.93 5.96
C GLU B 177 -3.57 -9.13 7.21
N LEU B 178 -2.93 -9.25 8.37
CA LEU B 178 -3.65 -9.73 9.53
C LEU B 178 -4.52 -8.66 10.18
N ILE B 179 -4.31 -7.38 9.84
CA ILE B 179 -5.05 -6.31 10.48
C ILE B 179 -6.49 -6.25 10.02
N ALA B 180 -6.83 -6.87 8.89
CA ALA B 180 -8.16 -6.66 8.31
C ALA B 180 -9.26 -7.23 9.19
N GLU B 181 -9.08 -8.47 9.67
CA GLU B 181 -10.19 -9.22 10.26
C GLU B 181 -10.81 -8.50 11.43
N THR B 182 -9.98 -7.94 12.31
CA THR B 182 -10.46 -7.31 13.54
C THR B 182 -9.99 -5.88 13.73
N GLY B 183 -9.12 -5.36 12.88
CA GLY B 183 -8.48 -4.09 13.21
C GLY B 183 -7.52 -4.16 14.37
N MET B 184 -7.19 -5.37 14.85
CA MET B 184 -6.24 -5.57 15.94
C MET B 184 -5.27 -6.68 15.59
N VAL B 185 -3.99 -6.45 15.88
CA VAL B 185 -2.96 -7.46 15.75
C VAL B 185 -2.12 -7.42 17.02
N ILE B 186 -1.53 -8.57 17.37
CA ILE B 186 -0.62 -8.65 18.51
C ILE B 186 0.71 -9.25 18.04
N ALA B 187 1.81 -8.54 18.33
CA ALA B 187 3.16 -9.02 18.05
C ALA B 187 3.80 -9.51 19.33
N LYS B 188 4.31 -10.73 19.32
CA LYS B 188 4.76 -11.40 20.53
C LYS B 188 6.22 -11.82 20.44
N GLN B 189 6.96 -11.55 21.50
CA GLN B 189 8.29 -12.15 21.68
C GLN B 189 8.16 -13.67 21.73
N ASP B 190 9.13 -14.35 21.15
CA ASP B 190 9.02 -15.80 20.96
C ASP B 190 9.07 -16.56 22.29
N ARG B 191 9.84 -16.10 23.27
CA ARG B 191 9.99 -16.79 24.55
C ARG B 191 9.44 -16.02 25.75
N SER B 192 8.49 -15.10 25.52
CA SER B 192 8.18 -14.07 26.52
C SER B 192 7.59 -14.66 27.81
N GLY B 193 7.55 -13.81 28.83
CA GLY B 193 6.91 -14.15 30.08
C GLY B 193 5.62 -13.37 30.26
N GLY B 194 4.51 -13.98 29.87
CA GLY B 194 3.23 -13.30 29.79
C GLY B 194 3.31 -12.12 28.85
N GLY B 195 2.42 -11.16 29.03
CA GLY B 195 2.60 -9.86 28.42
C GLY B 195 3.85 -9.20 28.94
N HIS B 196 4.15 -8.03 28.38
CA HIS B 196 5.42 -7.32 28.56
C HIS B 196 6.49 -8.10 27.80
N GLY B 197 6.64 -7.78 26.52
CA GLY B 197 7.09 -8.73 25.52
C GLY B 197 6.04 -9.01 24.47
N ASN B 198 4.80 -8.58 24.68
CA ASN B 198 3.77 -8.65 23.65
C ASN B 198 3.22 -7.25 23.41
N ILE B 199 3.11 -6.87 22.15
CA ILE B 199 2.73 -5.51 21.76
C ILE B 199 1.51 -5.59 20.86
N GLY B 200 0.42 -4.95 21.28
CA GLY B 200 -0.76 -4.85 20.44
C GLY B 200 -0.64 -3.72 19.42
N ILE B 201 -1.30 -3.90 18.28
CA ILE B 201 -1.33 -2.90 17.22
C ILE B 201 -2.76 -2.78 16.75
N SER B 202 -3.24 -1.54 16.64
CA SER B 202 -4.67 -1.26 16.59
C SER B 202 -4.97 -0.13 15.62
N THR B 203 -5.99 -0.33 14.79
CA THR B 203 -6.49 0.79 14.00
C THR B 203 -7.30 1.75 14.86
N SER B 204 -8.06 1.24 15.83
CA SER B 204 -8.83 2.17 16.65
C SER B 204 -8.18 2.39 18.01
N PRO B 205 -8.25 3.62 18.55
CA PRO B 205 -7.65 3.90 19.86
C PRO B 205 -8.36 3.27 21.05
N GLU B 206 -9.58 2.74 20.91
CA GLU B 206 -10.33 2.30 22.08
C GLU B 206 -10.38 0.78 22.22
N SER B 207 -9.52 0.06 21.50
CA SER B 207 -9.37 -1.38 21.73
C SER B 207 -8.29 -1.65 22.78
N SER B 208 -8.47 -2.73 23.54
CA SER B 208 -7.89 -2.84 24.88
C SER B 208 -6.59 -3.64 24.96
N PHE B 209 -6.60 -4.91 24.54
CA PHE B 209 -5.45 -5.81 24.64
C PHE B 209 -5.03 -6.12 26.08
N PRO B 210 -5.81 -6.88 26.83
CA PRO B 210 -5.41 -7.25 28.20
C PRO B 210 -4.00 -7.83 28.25
N GLY B 211 -3.16 -7.24 29.11
CA GLY B 211 -1.88 -7.83 29.44
C GLY B 211 -0.72 -7.51 28.52
N THR B 212 -0.90 -6.68 27.49
CA THR B 212 0.21 -6.34 26.62
C THR B 212 1.15 -5.31 27.28
N ARG B 213 2.27 -5.05 26.62
CA ARG B 213 3.25 -4.06 27.01
C ARG B 213 2.82 -2.67 26.57
N GLU B 214 3.01 -2.39 25.29
CA GLU B 214 2.49 -1.20 24.63
C GLU B 214 1.31 -1.58 23.75
N VAL B 215 0.59 -0.56 23.28
CA VAL B 215 -0.39 -0.68 22.21
C VAL B 215 -0.09 0.42 21.21
N LEU B 216 0.30 0.05 20.01
CA LEU B 216 0.72 1.02 19.01
C LEU B 216 -0.38 1.23 17.98
N ALA B 217 -0.31 2.38 17.32
CA ALA B 217 -1.28 2.74 16.30
C ALA B 217 -0.90 2.15 14.96
N TYR B 218 -1.89 1.62 14.24
CA TYR B 218 -1.70 1.18 12.86
C TYR B 218 -2.03 2.35 11.94
N ALA B 219 -1.01 2.88 11.27
CA ALA B 219 -1.18 3.87 10.23
C ALA B 219 -0.26 3.48 9.09
N ASN B 220 -0.85 3.25 7.90
CA ASN B 220 -0.11 2.60 6.82
C ASN B 220 1.13 3.39 6.42
N ASP B 221 1.03 4.72 6.44
CA ASP B 221 2.13 5.59 6.05
C ASP B 221 3.33 5.49 6.99
N GLN B 222 3.24 4.74 8.08
CA GLN B 222 4.29 4.63 9.07
C GLN B 222 4.66 3.18 9.36
N LEU B 223 4.17 2.24 8.54
CA LEU B 223 4.35 0.82 8.82
C LEU B 223 5.81 0.38 8.75
N ASP B 224 6.53 0.86 7.73
CA ASP B 224 7.95 0.51 7.58
C ASP B 224 8.67 0.68 8.90
N THR B 225 8.44 1.82 9.56
CA THR B 225 9.10 2.11 10.83
C THR B 225 8.56 1.23 11.95
N LEU B 226 7.24 0.99 11.95
CA LEU B 226 6.66 0.10 12.93
C LEU B 226 7.35 -1.26 12.92
N ALA B 227 7.39 -1.91 11.74
CA ALA B 227 7.96 -3.26 11.64
C ALA B 227 9.43 -3.27 12.04
N ASP B 228 10.20 -2.27 11.58
CA ASP B 228 11.63 -2.20 11.87
C ASP B 228 11.89 -2.15 13.37
N THR B 229 11.15 -1.29 14.07
CA THR B 229 11.34 -1.11 15.50
C THR B 229 10.68 -2.24 16.29
N LEU B 230 9.51 -2.73 15.83
CA LEU B 230 8.93 -3.90 16.49
C LEU B 230 9.89 -5.08 16.47
N TRP B 231 10.55 -5.30 15.34
CA TRP B 231 11.52 -6.38 15.27
C TRP B 231 12.65 -6.15 16.28
N SER B 232 13.13 -4.92 16.38
CA SER B 232 14.26 -4.62 17.24
C SER B 232 13.90 -4.75 18.72
N GLN B 233 12.68 -4.36 19.10
CA GLN B 233 12.20 -4.59 20.46
C GLN B 233 12.15 -6.08 20.81
N LEU B 234 11.50 -6.88 19.97
CA LEU B 234 11.07 -8.21 20.41
C LEU B 234 12.04 -9.33 20.07
N THR B 235 13.17 -9.05 19.45
CA THR B 235 14.15 -10.09 19.18
C THR B 235 15.37 -9.91 20.08
N ASP B 236 16.19 -10.95 20.14
CA ASP B 236 17.54 -10.84 20.70
C ASP B 236 18.43 -11.84 19.97
N THR B 237 19.63 -12.05 20.50
CA THR B 237 20.61 -12.90 19.81
C THR B 237 20.07 -14.33 19.61
N GLN B 238 19.38 -14.88 20.61
CA GLN B 238 18.87 -16.25 20.52
C GLN B 238 17.43 -16.33 20.03
N ASN B 239 16.75 -15.20 19.87
CA ASN B 239 15.34 -15.09 19.44
C ASN B 239 15.28 -14.36 18.11
N GLN B 240 15.45 -15.08 17.00
CA GLN B 240 15.32 -14.48 15.67
C GLN B 240 13.96 -14.76 15.06
N PHE B 241 12.95 -15.03 15.88
CA PHE B 241 11.56 -15.12 15.43
C PHE B 241 10.72 -14.14 16.23
N ILE B 242 9.72 -13.59 15.55
CA ILE B 242 8.59 -12.90 16.13
C ILE B 242 7.34 -13.63 15.72
N THR B 243 6.35 -13.67 16.61
CA THR B 243 5.01 -14.11 16.25
C THR B 243 4.17 -12.86 16.02
N VAL B 244 3.30 -12.90 15.01
CA VAL B 244 2.38 -11.80 14.70
C VAL B 244 1.03 -12.46 14.41
N GLU B 245 0.01 -12.09 15.20
CA GLU B 245 -1.26 -12.78 15.20
C GLU B 245 -2.40 -11.79 15.05
N THR B 246 -3.39 -12.14 14.24
CA THR B 246 -4.70 -11.55 14.38
C THR B 246 -5.10 -11.64 15.85
N TYR B 247 -5.61 -10.54 16.40
CA TYR B 247 -6.02 -10.46 17.80
C TYR B 247 -7.54 -10.33 17.88
N HIS B 248 -8.17 -11.22 18.64
CA HIS B 248 -9.62 -11.24 18.73
C HIS B 248 -10.08 -10.74 20.09
N ARG B 249 -11.17 -9.99 20.10
CA ARG B 249 -11.82 -9.64 21.36
C ARG B 249 -12.53 -10.89 21.90
N ALA B 250 -12.28 -11.21 23.16
CA ALA B 250 -12.75 -12.46 23.74
C ALA B 250 -13.85 -12.23 24.76
N ASP B 251 -14.84 -13.13 24.74
CA ASP B 251 -15.80 -13.28 25.83
C ASP B 251 -15.17 -13.98 27.03
N GLN B 252 -14.78 -15.24 26.86
CA GLN B 252 -14.16 -16.02 27.92
C GLN B 252 -12.66 -16.12 27.66
N ARG B 253 -11.88 -15.93 28.71
CA ARG B 253 -10.47 -16.32 28.70
C ARG B 253 -10.30 -17.51 29.64
N PHE B 254 -9.30 -18.33 29.39
CA PHE B 254 -9.08 -19.47 30.27
C PHE B 254 -7.68 -20.01 30.02
N PHE B 255 -7.24 -20.83 30.96
CA PHE B 255 -6.15 -21.75 30.68
C PHE B 255 -6.40 -23.03 31.46
N PHE B 256 -5.92 -24.14 30.90
CA PHE B 256 -5.99 -25.45 31.53
C PHE B 256 -4.58 -25.86 31.94
N GLU B 257 -4.43 -26.38 33.16
CA GLU B 257 -3.18 -26.99 33.62
C GLU B 257 -3.32 -28.50 33.71
N TYR B 258 -2.23 -29.21 33.40
CA TYR B 258 -2.18 -30.67 33.40
C TYR B 258 -0.90 -31.17 34.06
N HIS B 259 -0.96 -32.40 34.54
CA HIS B 259 0.23 -33.13 34.96
C HIS B 259 0.46 -34.31 34.04
N LEU B 260 1.69 -34.43 33.51
CA LEU B 260 2.05 -35.39 32.47
C LEU B 260 3.10 -36.35 32.98
N ASP B 261 2.79 -37.64 32.95
CA ASP B 261 3.79 -38.66 33.27
C ASP B 261 3.74 -39.74 32.19
N GLY B 262 4.36 -40.89 32.49
CA GLY B 262 4.50 -41.92 31.48
C GLY B 262 3.21 -42.61 31.12
N ASP B 263 2.19 -42.49 31.97
CA ASP B 263 0.92 -43.17 31.80
C ASP B 263 -0.20 -42.26 31.32
N ARG B 264 -0.17 -40.95 31.61
CA ARG B 264 -1.36 -40.15 31.36
C ARG B 264 -1.08 -38.66 31.44
N ALA B 265 -2.01 -37.88 30.90
CA ALA B 265 -2.09 -36.45 31.14
C ALA B 265 -3.33 -36.21 32.01
N ARG B 266 -3.13 -35.78 33.25
CA ARG B 266 -4.25 -35.57 34.16
C ARG B 266 -4.61 -34.08 34.18
N PHE B 267 -5.83 -33.76 33.78
CA PHE B 267 -6.37 -32.42 33.91
C PHE B 267 -6.40 -32.01 35.38
N LEU B 268 -5.86 -30.83 35.69
CA LEU B 268 -5.76 -30.38 37.07
C LEU B 268 -6.84 -29.36 37.43
N HIS B 269 -6.95 -28.31 36.64
CA HIS B 269 -7.94 -27.26 36.86
C HIS B 269 -7.99 -26.40 35.62
N SER B 270 -9.06 -25.62 35.51
CA SER B 270 -9.13 -24.45 34.66
C SER B 270 -9.09 -23.19 35.52
N SER B 271 -8.62 -22.08 34.92
CA SER B 271 -8.61 -20.81 35.64
C SER B 271 -8.74 -19.65 34.66
N ILE B 272 -9.04 -18.48 35.20
CA ILE B 272 -9.28 -17.27 34.41
C ILE B 272 -8.28 -16.22 34.85
N LEU B 273 -7.48 -15.70 33.91
CA LEU B 273 -6.64 -14.56 34.22
C LEU B 273 -7.47 -13.29 34.20
N LYS B 274 -7.25 -12.44 35.19
CA LYS B 274 -8.10 -11.29 35.48
C LYS B 274 -7.33 -10.00 35.29
N TYR B 275 -8.00 -9.01 34.69
CA TYR B 275 -7.43 -7.70 34.40
C TYR B 275 -8.48 -6.64 34.71
N GLU B 276 -8.13 -5.38 34.50
CA GLU B 276 -9.13 -4.29 34.48
C GLU B 276 -8.90 -3.33 33.32
N SER B 285 -1.39 -1.17 29.05
CA SER B 285 -2.64 -1.83 28.75
C SER B 285 -3.17 -2.46 30.02
N ALA B 286 -4.27 -3.19 29.91
CA ALA B 286 -4.90 -3.78 31.10
C ALA B 286 -3.92 -4.67 31.85
N LYS B 287 -3.69 -4.35 33.12
CA LYS B 287 -2.74 -5.09 33.94
C LYS B 287 -3.38 -6.37 34.48
N TRP B 288 -2.57 -7.43 34.58
CA TRP B 288 -3.00 -8.69 35.20
C TRP B 288 -3.19 -8.47 36.69
N ILE B 289 -4.42 -8.57 37.18
CA ILE B 289 -4.66 -8.32 38.59
C ILE B 289 -4.78 -9.59 39.41
N GLY B 290 -5.06 -10.74 38.78
CA GLY B 290 -5.08 -11.99 39.52
C GLY B 290 -5.66 -13.10 38.69
N LEU B 291 -6.32 -14.03 39.36
CA LEU B 291 -7.03 -15.05 38.62
C LEU B 291 -8.08 -15.70 39.50
N ASP B 292 -9.18 -16.11 38.84
CA ASP B 292 -10.33 -16.73 39.46
C ASP B 292 -10.42 -18.19 39.00
N SER B 293 -11.04 -19.02 39.83
CA SER B 293 -11.03 -20.43 39.46
C SER B 293 -12.43 -21.03 39.54
N PRO B 294 -12.59 -22.30 39.24
CA PRO B 294 -13.39 -22.69 38.08
C PRO B 294 -13.43 -21.59 37.03
N SER B 295 -12.79 -21.82 35.87
CA SER B 295 -13.10 -20.99 34.72
C SER B 295 -14.54 -21.24 34.29
N ARG B 296 -14.99 -20.48 33.30
CA ARG B 296 -16.32 -20.65 32.75
C ARG B 296 -16.29 -21.32 31.39
N SER B 297 -15.21 -22.02 31.08
CA SER B 297 -14.94 -22.45 29.72
C SER B 297 -14.64 -23.95 29.66
N GLU B 298 -15.22 -24.73 30.55
CA GLU B 298 -14.99 -26.17 30.61
C GLU B 298 -16.15 -26.90 29.94
N PHE B 299 -16.09 -26.99 28.62
CA PHE B 299 -17.06 -27.77 27.86
C PHE B 299 -16.32 -28.47 26.74
N GLU B 300 -17.07 -29.33 26.01
CA GLU B 300 -16.48 -30.23 25.03
C GLU B 300 -15.65 -29.48 23.97
N ALA B 301 -16.10 -28.30 23.54
CA ALA B 301 -15.40 -27.61 22.45
C ALA B 301 -14.06 -27.03 22.88
N THR B 302 -13.79 -27.03 24.18
CA THR B 302 -12.52 -26.56 24.74
C THR B 302 -11.63 -27.70 25.21
N LEU B 303 -12.18 -28.56 26.07
CA LEU B 303 -11.43 -29.66 26.67
C LEU B 303 -10.86 -30.62 25.64
N LYS B 304 -11.65 -30.97 24.62
CA LYS B 304 -11.24 -32.01 23.68
C LYS B 304 -10.05 -31.57 22.83
N PRO B 305 -10.06 -30.42 22.15
CA PRO B 305 -8.84 -30.04 21.41
C PRO B 305 -7.65 -29.79 22.32
N ALA B 306 -7.86 -29.22 23.51
CA ALA B 306 -6.76 -29.05 24.46
C ALA B 306 -6.18 -30.41 24.85
N GLU B 307 -7.06 -31.36 25.20
CA GLU B 307 -6.59 -32.70 25.56
C GLU B 307 -5.82 -33.35 24.42
N GLU B 308 -6.23 -33.09 23.17
CA GLU B 308 -5.54 -33.67 22.03
C GLU B 308 -4.13 -33.12 21.90
N PHE B 309 -4.00 -31.79 21.91
CA PHE B 309 -2.69 -31.14 21.83
C PHE B 309 -1.78 -31.60 22.95
N ILE B 310 -2.32 -31.67 24.18
CA ILE B 310 -1.49 -31.98 25.34
C ILE B 310 -1.03 -33.43 25.27
N GLU B 311 -1.89 -34.32 24.80
CA GLU B 311 -1.50 -35.71 24.60
C GLU B 311 -0.36 -35.82 23.62
N MET B 312 -0.35 -34.96 22.61
CA MET B 312 0.77 -34.97 21.69
C MET B 312 2.03 -34.41 22.34
N ILE B 313 1.88 -33.44 23.25
CA ILE B 313 3.02 -32.97 24.05
C ILE B 313 3.60 -34.12 24.84
N ARG B 314 2.73 -34.89 25.50
CA ARG B 314 3.16 -36.06 26.25
C ARG B 314 3.86 -37.07 25.35
N THR B 315 3.28 -37.36 24.18
CA THR B 315 3.91 -38.30 23.25
C THR B 315 5.33 -37.85 22.88
N ILE B 316 5.53 -36.54 22.72
CA ILE B 316 6.85 -36.01 22.39
C ILE B 316 7.85 -36.30 23.51
N GLY B 317 7.39 -36.38 24.76
CA GLY B 317 8.28 -36.72 25.84
C GLY B 317 8.24 -35.80 27.05
N TYR B 318 7.50 -34.70 27.01
CA TYR B 318 7.46 -33.85 28.19
C TYR B 318 6.78 -34.56 29.35
N ARG B 319 7.43 -34.52 30.50
CA ARG B 319 6.90 -35.02 31.76
C ARG B 319 6.92 -33.87 32.75
N GLY B 320 5.81 -33.68 33.46
CA GLY B 320 5.66 -32.56 34.38
C GLY B 320 4.38 -31.77 34.18
N TYR B 321 4.39 -30.51 34.62
CA TYR B 321 3.23 -29.63 34.52
C TYR B 321 3.27 -28.81 33.25
N VAL B 322 2.12 -28.70 32.59
CA VAL B 322 2.01 -27.92 31.36
C VAL B 322 0.63 -27.27 31.33
N ASN B 323 0.55 -26.05 30.79
CA ASN B 323 -0.74 -25.39 30.72
C ASN B 323 -0.94 -24.85 29.32
N ILE B 324 -2.19 -24.60 28.94
CA ILE B 324 -2.52 -24.11 27.60
C ILE B 324 -3.57 -23.01 27.71
N ASP B 325 -3.31 -21.88 27.06
CA ASP B 325 -4.14 -20.68 27.09
C ASP B 325 -5.14 -20.70 25.95
N GLY B 326 -6.29 -20.07 26.17
CA GLY B 326 -7.25 -20.00 25.09
C GLY B 326 -8.31 -18.95 25.32
N ILE B 327 -9.14 -18.76 24.30
CA ILE B 327 -10.19 -17.76 24.31
C ILE B 327 -11.42 -18.34 23.62
N VAL B 328 -12.58 -17.89 24.08
CA VAL B 328 -13.84 -18.20 23.41
C VAL B 328 -14.49 -16.89 23.00
N LEU B 329 -14.79 -16.75 21.71
CA LEU B 329 -15.46 -15.55 21.22
C LEU B 329 -16.96 -15.63 21.46
N ASP B 330 -17.62 -14.48 21.31
CA ASP B 330 -19.07 -14.39 21.44
C ASP B 330 -19.78 -15.37 20.53
N ASP B 331 -19.22 -15.65 19.34
CA ASP B 331 -19.85 -16.52 18.35
C ASP B 331 -19.65 -18.00 18.63
N GLY B 332 -18.85 -18.36 19.63
CA GLY B 332 -18.62 -19.76 19.94
C GLY B 332 -17.33 -20.35 19.44
N ARG B 333 -16.53 -19.58 18.69
CA ARG B 333 -15.25 -20.07 18.18
C ARG B 333 -14.19 -20.11 19.29
N VAL B 334 -13.43 -21.19 19.32
CA VAL B 334 -12.34 -21.39 20.27
C VAL B 334 -11.02 -21.12 19.57
N PHE B 335 -10.09 -20.50 20.28
CA PHE B 335 -8.70 -20.48 19.85
C PHE B 335 -7.81 -20.74 21.05
N PHE B 336 -6.69 -21.41 20.80
CA PHE B 336 -5.63 -21.60 21.77
C PHE B 336 -4.41 -20.78 21.35
N HIS B 337 -3.74 -20.17 22.33
CA HIS B 337 -2.70 -19.16 22.10
C HIS B 337 -1.28 -19.65 22.34
N GLU B 338 -1.05 -20.40 23.42
CA GLU B 338 0.30 -20.85 23.73
C GLU B 338 0.22 -21.97 24.74
N ILE B 339 1.38 -22.61 24.94
CA ILE B 339 1.59 -23.53 26.05
C ILE B 339 2.80 -23.05 26.83
N ASN B 340 2.81 -23.41 28.11
CA ASN B 340 3.93 -23.18 28.99
C ASN B 340 4.21 -24.49 29.71
N ALA B 341 5.33 -25.13 29.36
CA ALA B 341 5.75 -26.37 30.02
C ALA B 341 6.58 -25.97 31.25
N ARG B 342 5.85 -25.63 32.31
CA ARG B 342 6.37 -25.25 33.62
C ARG B 342 5.15 -24.99 34.49
N TRP B 343 5.38 -24.80 35.80
CA TRP B 343 4.28 -24.45 36.70
C TRP B 343 3.59 -23.22 36.16
N SER B 344 2.27 -23.25 36.15
CA SER B 344 1.54 -22.02 35.89
C SER B 344 1.57 -21.18 37.16
N GLY B 345 1.23 -19.91 37.02
CA GLY B 345 1.19 -19.03 38.18
C GLY B 345 0.18 -19.48 39.21
N GLY B 346 -0.90 -20.11 38.76
CA GLY B 346 -1.99 -20.58 39.59
C GLY B 346 -1.96 -22.03 40.02
N LEU B 347 -0.86 -22.76 39.75
CA LEU B 347 -0.75 -24.13 40.26
C LEU B 347 -0.68 -24.14 41.78
N ILE B 348 -0.08 -23.12 42.39
CA ILE B 348 -0.04 -23.08 43.84
C ILE B 348 -1.45 -22.88 44.38
N TYR B 349 -2.28 -22.11 43.66
CA TYR B 349 -3.66 -21.90 44.09
C TYR B 349 -4.44 -23.21 44.08
N HIS B 350 -4.35 -23.97 42.99
CA HIS B 350 -5.02 -25.26 42.92
C HIS B 350 -4.51 -26.20 43.99
N THR B 351 -3.20 -26.17 44.25
CA THR B 351 -2.64 -27.03 45.28
C THR B 351 -3.23 -26.71 46.64
N VAL B 352 -3.24 -25.42 47.02
CA VAL B 352 -3.84 -25.00 48.28
C VAL B 352 -5.31 -25.37 48.32
N ALA B 353 -6.03 -25.16 47.22
CA ALA B 353 -7.45 -25.47 47.18
C ALA B 353 -7.69 -26.92 47.56
N GLU B 354 -6.90 -27.83 46.99
CA GLU B 354 -7.10 -29.25 47.26
C GLU B 354 -6.82 -29.58 48.72
N ARG B 355 -5.73 -29.03 49.28
CA ARG B 355 -5.36 -29.40 50.64
C ARG B 355 -6.31 -28.82 51.67
N LEU B 356 -6.79 -27.61 51.42
CA LEU B 356 -7.71 -26.98 52.36
C LEU B 356 -9.13 -27.47 52.17
N LEU B 357 -9.56 -27.62 50.92
CA LEU B 357 -10.97 -27.83 50.62
C LEU B 357 -11.31 -29.22 50.14
N GLY B 358 -10.33 -30.02 49.72
CA GLY B 358 -10.58 -31.37 49.23
C GLY B 358 -10.54 -31.44 47.71
N HIS B 359 -10.62 -32.68 47.19
CA HIS B 359 -10.13 -32.97 45.85
C HIS B 359 -11.03 -32.50 44.70
N ASP B 360 -12.35 -32.48 44.84
CA ASP B 360 -13.20 -31.94 43.78
C ASP B 360 -13.77 -30.57 44.16
N TYR B 361 -12.93 -29.73 44.80
CA TYR B 361 -13.38 -28.46 45.35
C TYR B 361 -14.10 -27.61 44.30
N ALA B 362 -13.62 -27.66 43.05
CA ALA B 362 -14.11 -26.76 42.00
C ALA B 362 -15.59 -26.93 41.73
N ARG B 363 -16.19 -28.02 42.16
CA ARG B 363 -17.62 -28.21 41.91
C ARG B 363 -18.49 -27.45 42.90
N ASN B 364 -17.97 -27.13 44.09
CA ASN B 364 -18.78 -26.47 45.11
C ASN B 364 -18.07 -25.28 45.75
N ASN B 365 -16.97 -24.82 45.17
CA ASN B 365 -16.18 -23.74 45.74
C ASN B 365 -15.59 -22.89 44.63
N PHE B 366 -15.33 -21.64 44.95
CA PHE B 366 -14.57 -20.75 44.09
C PHE B 366 -13.33 -20.27 44.82
N PHE B 367 -12.34 -19.84 44.04
CA PHE B 367 -11.21 -19.14 44.64
C PHE B 367 -10.77 -18.04 43.70
N SER B 368 -10.04 -17.10 44.28
CA SER B 368 -9.63 -15.92 43.56
C SER B 368 -8.45 -15.35 44.31
N SER B 369 -7.46 -14.88 43.57
CA SER B 369 -6.25 -14.36 44.18
C SER B 369 -6.19 -12.85 44.00
N ILE B 370 -5.40 -12.20 44.83
CA ILE B 370 -5.18 -10.77 44.76
C ILE B 370 -3.68 -10.53 44.83
N LEU B 371 -3.13 -9.86 43.81
CA LEU B 371 -1.69 -9.71 43.70
C LEU B 371 -1.16 -8.37 44.20
N ASN B 372 -2.03 -7.38 44.40
CA ASN B 372 -1.62 -5.99 44.58
C ASN B 372 -2.09 -5.39 45.90
N VAL B 373 -2.24 -6.22 46.95
CA VAL B 373 -2.55 -5.70 48.27
C VAL B 373 -1.34 -4.95 48.82
N VAL B 374 -1.60 -3.92 49.62
CA VAL B 374 -0.52 -3.06 50.11
C VAL B 374 0.44 -3.90 50.94
N PRO B 375 1.72 -3.94 50.56
CA PRO B 375 2.67 -4.82 51.26
C PRO B 375 2.73 -4.48 52.75
N ALA B 376 2.80 -5.53 53.56
CA ALA B 376 2.89 -5.40 55.00
C ALA B 376 3.44 -6.70 55.56
N GLY B 377 3.95 -6.63 56.78
CA GLY B 377 4.42 -7.83 57.45
C GLY B 377 3.32 -8.85 57.64
N LEU B 378 3.73 -10.11 57.78
CA LEU B 378 2.77 -11.21 57.89
C LEU B 378 1.80 -10.97 59.05
N ALA B 379 2.35 -10.62 60.22
CA ALA B 379 1.52 -10.30 61.37
C ALA B 379 0.47 -9.25 61.04
N ASP B 380 0.85 -8.22 60.28
CA ASP B 380 -0.08 -7.14 59.98
C ASP B 380 -1.10 -7.54 58.92
N LEU B 381 -0.69 -8.40 57.98
CA LEU B 381 -1.62 -8.91 56.98
C LEU B 381 -2.66 -9.82 57.62
N LEU B 382 -2.22 -10.74 58.49
CA LEU B 382 -3.19 -11.58 59.17
C LEU B 382 -4.15 -10.74 59.98
N ARG B 383 -3.63 -9.72 60.67
CA ARG B 383 -4.48 -8.87 61.50
C ARG B 383 -5.56 -8.19 60.66
N SER B 384 -5.19 -7.66 59.46
CA SER B 384 -6.20 -7.05 58.60
C SER B 384 -7.19 -8.08 58.09
N LEU B 385 -6.76 -9.33 57.90
CA LEU B 385 -7.71 -10.38 57.53
C LEU B 385 -8.69 -10.64 58.67
N GLU B 386 -8.20 -10.73 59.90
CA GLU B 386 -9.11 -10.86 61.04
C GLU B 386 -10.02 -9.65 61.16
N ARG B 387 -9.47 -8.44 60.97
CA ARG B 387 -10.29 -7.23 61.04
C ARG B 387 -11.38 -7.23 59.97
N ALA B 388 -11.05 -7.69 58.76
CA ALA B 388 -12.06 -7.88 57.72
C ALA B 388 -13.08 -8.95 58.08
N GLY B 389 -12.80 -9.78 59.08
CA GLY B 389 -13.63 -10.93 59.36
C GLY B 389 -13.53 -12.06 58.35
N VAL B 390 -12.43 -12.14 57.59
CA VAL B 390 -12.33 -13.16 56.54
C VAL B 390 -10.96 -13.87 56.54
N ARG B 391 -10.30 -13.92 57.69
CA ARG B 391 -9.13 -14.80 57.77
C ARG B 391 -9.58 -16.24 57.60
N TYR B 392 -8.80 -17.02 56.83
CA TYR B 392 -9.24 -18.35 56.45
C TYR B 392 -9.63 -19.17 57.66
N ASP B 393 -10.85 -19.72 57.61
CA ASP B 393 -11.52 -20.40 58.71
C ASP B 393 -11.77 -21.85 58.28
N LYS B 394 -10.97 -22.78 58.84
CA LYS B 394 -11.05 -24.18 58.43
C LYS B 394 -12.37 -24.86 58.84
N ASP B 395 -13.14 -24.28 59.76
CA ASP B 395 -14.47 -24.80 60.08
C ASP B 395 -15.47 -24.53 58.95
N SER B 396 -15.32 -23.41 58.24
CA SER B 396 -16.22 -23.05 57.16
C SER B 396 -15.66 -23.34 55.77
N GLY B 397 -14.35 -23.55 55.65
CA GLY B 397 -13.68 -23.57 54.37
C GLY B 397 -13.58 -22.23 53.66
N GLU B 398 -13.82 -21.12 54.35
CA GLU B 398 -13.96 -19.84 53.67
C GLU B 398 -12.98 -18.85 54.25
N GLY B 399 -12.48 -17.96 53.41
CA GLY B 399 -11.54 -16.98 53.88
C GLY B 399 -10.27 -16.97 53.07
N ALA B 400 -9.25 -16.30 53.61
CA ALA B 400 -8.09 -15.90 52.84
C ALA B 400 -6.82 -16.34 53.52
N VAL B 401 -5.86 -16.81 52.73
CA VAL B 401 -4.53 -17.15 53.21
C VAL B 401 -3.56 -16.26 52.47
N VAL B 402 -2.36 -16.14 53.05
CA VAL B 402 -1.33 -15.26 52.53
C VAL B 402 -0.34 -16.11 51.75
N LEU B 403 -0.08 -15.71 50.49
CA LEU B 403 0.91 -16.40 49.69
C LEU B 403 2.23 -15.66 49.67
N GLY B 404 2.19 -14.33 49.80
CA GLY B 404 3.40 -13.53 49.89
C GLY B 404 3.07 -12.20 50.54
N CYS B 405 3.97 -11.72 51.40
CA CYS B 405 3.76 -10.45 52.07
C CYS B 405 4.19 -9.27 51.24
N ASN B 406 5.13 -9.49 50.32
CA ASN B 406 5.73 -8.38 49.58
C ASN B 406 6.42 -8.93 48.34
N SER B 407 5.63 -9.27 47.33
CA SER B 407 6.13 -10.04 46.21
C SER B 407 6.11 -9.26 44.90
N ASP B 408 7.00 -9.66 44.00
CA ASP B 408 7.05 -9.16 42.63
C ASP B 408 6.18 -10.03 41.72
N LEU B 409 4.86 -9.92 41.91
CA LEU B 409 3.84 -10.50 41.03
C LEU B 409 2.84 -9.44 40.59
N GLY B 410 2.21 -8.78 41.57
CA GLY B 410 1.31 -7.69 41.30
C GLY B 410 1.95 -6.50 40.62
N PRO B 411 3.04 -5.95 41.20
CA PRO B 411 3.73 -6.38 42.43
C PRO B 411 2.86 -6.13 43.65
N GLY B 412 3.19 -6.77 44.76
CA GLY B 412 2.46 -6.53 46.00
C GLY B 412 2.46 -7.75 46.89
N ALA B 413 1.54 -7.73 47.84
CA ALA B 413 1.33 -8.89 48.68
C ALA B 413 0.24 -9.71 48.01
N GLU B 414 0.46 -11.01 47.91
CA GLU B 414 -0.45 -11.90 47.21
C GLU B 414 -1.26 -12.67 48.25
N LEU B 415 -2.57 -12.50 48.20
CA LEU B 415 -3.48 -13.31 48.99
C LEU B 415 -4.24 -14.22 48.06
N LEU B 416 -4.86 -15.25 48.64
CA LEU B 416 -5.73 -16.18 47.94
C LEU B 416 -6.97 -16.44 48.79
N VAL B 417 -8.14 -16.26 48.18
CA VAL B 417 -9.40 -16.14 48.90
C VAL B 417 -10.37 -17.23 48.43
N PHE B 418 -11.03 -17.90 49.39
CA PHE B 418 -11.95 -19.00 49.06
C PHE B 418 -13.38 -18.68 49.51
N SER B 419 -14.34 -19.18 48.74
CA SER B 419 -15.73 -19.13 49.16
C SER B 419 -16.53 -20.18 48.40
N LYS B 420 -17.57 -20.69 49.05
CA LYS B 420 -18.55 -21.55 48.41
C LYS B 420 -19.57 -20.77 47.58
N ASP B 421 -19.56 -19.45 47.66
CA ASP B 421 -20.53 -18.64 46.94
C ASP B 421 -19.77 -17.56 46.19
N TRP B 422 -20.01 -17.44 44.88
CA TRP B 422 -19.19 -16.51 44.11
C TRP B 422 -19.42 -15.08 44.60
N ASP B 423 -20.69 -14.66 44.72
CA ASP B 423 -20.96 -13.29 45.13
C ASP B 423 -20.41 -13.02 46.53
N ARG B 424 -20.35 -14.05 47.37
CA ARG B 424 -19.78 -13.89 48.70
C ARG B 424 -18.28 -13.63 48.61
N LEU B 425 -17.59 -14.39 47.76
CA LEU B 425 -16.15 -14.21 47.59
C LEU B 425 -15.84 -12.83 47.05
N THR B 426 -16.64 -12.33 46.12
CA THR B 426 -16.48 -10.96 45.66
C THR B 426 -16.66 -9.98 46.83
N ALA B 427 -17.65 -10.21 47.69
CA ALA B 427 -17.78 -9.37 48.87
C ALA B 427 -16.54 -9.43 49.75
N MET B 428 -15.97 -10.62 49.95
CA MET B 428 -14.80 -10.75 50.81
C MET B 428 -13.60 -10.01 50.23
N LYS B 429 -13.40 -10.10 48.92
CA LYS B 429 -12.28 -9.42 48.29
C LYS B 429 -12.39 -7.92 48.50
N ASP B 430 -13.62 -7.39 48.47
CA ASP B 430 -13.80 -5.97 48.71
C ASP B 430 -13.49 -5.61 50.16
N GLU B 431 -13.81 -6.50 51.11
CA GLU B 431 -13.43 -6.24 52.50
C GLU B 431 -11.92 -6.22 52.67
N ILE B 432 -11.21 -7.13 52.00
CA ILE B 432 -9.75 -7.07 52.03
C ILE B 432 -9.27 -5.75 51.47
N ALA B 433 -9.87 -5.28 50.38
CA ALA B 433 -9.47 -4.03 49.75
C ALA B 433 -9.62 -2.87 50.70
N THR B 434 -10.79 -2.75 51.33
CA THR B 434 -10.98 -1.73 52.33
C THR B 434 -9.97 -1.87 53.45
N THR B 435 -9.89 -3.05 54.06
CA THR B 435 -9.20 -3.20 55.34
C THR B 435 -7.68 -3.26 55.19
N ALA B 436 -7.18 -3.92 54.16
CA ALA B 436 -5.73 -4.03 53.97
C ALA B 436 -5.20 -3.06 52.93
N GLY B 437 -6.06 -2.54 52.06
CA GLY B 437 -5.60 -1.65 51.02
C GLY B 437 -5.01 -2.36 49.81
N THR B 438 -5.22 -1.80 48.62
CA THR B 438 -4.54 -2.25 47.42
C THR B 438 -3.92 -1.05 46.70
N LEU B 439 -3.08 -1.36 45.71
CA LEU B 439 -2.49 -0.35 44.84
C LEU B 439 -3.35 -0.16 43.59
N SER B 440 -3.24 1.03 42.99
CA SER B 440 -4.16 1.42 41.92
C SER B 440 -3.51 2.17 40.76
N MET C 1 50.49 10.37 35.96
CA MET C 1 49.85 10.02 37.23
C MET C 1 48.52 9.28 36.96
N PRO C 2 48.60 7.95 36.78
CA PRO C 2 47.40 7.21 36.39
C PRO C 2 46.39 7.13 37.51
N LYS C 3 45.14 6.97 37.12
CA LYS C 3 44.03 6.87 38.05
C LYS C 3 43.33 5.53 37.84
N ILE C 4 42.63 5.11 38.87
CA ILE C 4 41.71 3.99 38.79
C ILE C 4 40.31 4.58 38.60
N ILE C 5 39.71 4.31 37.45
CA ILE C 5 38.38 4.80 37.10
C ILE C 5 37.37 3.80 37.61
N LEU C 6 36.52 4.22 38.56
CA LEU C 6 35.75 3.30 39.40
C LEU C 6 34.28 3.66 39.41
N PRO C 7 33.49 3.09 38.50
CA PRO C 7 32.08 3.45 38.39
C PRO C 7 31.19 2.71 39.38
N ASN C 8 31.41 2.96 40.67
CA ASN C 8 30.63 2.25 41.67
C ASN C 8 29.17 2.72 41.66
N SER C 29 24.36 -7.94 32.95
CA SER C 29 25.81 -7.85 32.77
C SER C 29 26.23 -8.18 31.34
N SER C 30 25.26 -8.59 30.50
CA SER C 30 25.51 -8.74 29.07
C SER C 30 25.54 -7.40 28.35
N THR C 31 25.17 -6.32 29.04
CA THR C 31 25.22 -4.97 28.54
C THR C 31 26.64 -4.40 28.67
N ASP C 32 26.86 -3.19 28.15
CA ASP C 32 28.16 -2.53 28.32
C ASP C 32 28.00 -1.10 28.83
N THR C 33 27.04 -0.90 29.75
CA THR C 33 26.69 0.44 30.21
C THR C 33 27.88 1.19 30.79
N THR C 34 28.79 0.50 31.47
CA THR C 34 29.89 1.20 32.13
C THR C 34 31.11 1.37 31.22
N ALA C 35 30.99 1.03 29.94
CA ALA C 35 32.11 1.18 29.01
C ALA C 35 32.31 2.63 28.60
N ARG C 36 31.22 3.41 28.63
CA ARG C 36 31.32 4.84 28.39
C ARG C 36 32.44 5.46 29.18
N PHE C 37 32.76 4.92 30.36
CA PHE C 37 33.68 5.60 31.26
C PHE C 37 35.12 5.49 30.81
N LEU C 38 35.40 4.71 29.77
CA LEU C 38 36.73 4.65 29.18
C LEU C 38 37.12 5.97 28.52
N TRP C 39 36.16 6.85 28.22
CA TRP C 39 36.52 8.15 27.68
C TRP C 39 37.19 9.06 28.70
N HIS C 40 37.25 8.63 29.96
CA HIS C 40 38.04 9.30 31.00
C HIS C 40 39.52 8.90 30.97
N ALA C 41 39.85 7.78 30.33
CA ALA C 41 41.16 7.16 30.51
C ALA C 41 42.28 8.01 29.91
N GLU C 42 43.41 8.03 30.62
CA GLU C 42 44.67 8.53 30.09
C GLU C 42 45.70 7.40 30.23
N ASP C 43 46.87 7.62 29.66
CA ASP C 43 47.90 6.59 29.61
C ASP C 43 48.08 5.91 30.97
N GLY C 44 48.07 4.58 30.95
CA GLY C 44 48.33 3.84 32.16
C GLY C 44 47.15 3.65 33.09
N ASP C 45 45.99 4.21 32.76
CA ASP C 45 44.85 4.12 33.66
C ASP C 45 44.27 2.71 33.72
N VAL C 46 43.53 2.45 34.79
CA VAL C 46 42.81 1.21 34.98
C VAL C 46 41.33 1.56 35.09
N LEU C 47 40.50 0.95 34.25
CA LEU C 47 39.06 1.02 34.38
C LEU C 47 38.53 -0.27 35.00
N VAL C 48 37.71 -0.15 36.03
CA VAL C 48 37.00 -1.30 36.58
C VAL C 48 35.61 -1.30 35.97
N ILE C 49 35.19 -2.44 35.42
CA ILE C 49 33.83 -2.51 34.87
C ILE C 49 33.13 -3.74 35.41
N PRO C 50 31.86 -3.65 35.79
CA PRO C 50 31.15 -4.82 36.30
C PRO C 50 30.53 -5.65 35.20
N ASP C 51 30.29 -5.05 34.04
CA ASP C 51 29.59 -5.73 32.96
C ASP C 51 30.60 -6.29 31.97
N THR C 52 30.33 -6.18 30.68
CA THR C 52 31.28 -6.62 29.67
C THR C 52 31.25 -5.65 28.50
N VAL C 53 32.42 -5.21 28.10
CA VAL C 53 32.58 -4.24 27.04
C VAL C 53 33.00 -4.98 25.78
N ASP C 54 32.59 -4.45 24.63
CA ASP C 54 33.14 -4.91 23.37
C ASP C 54 34.66 -4.99 23.47
N PRO C 55 35.27 -6.12 23.11
CA PRO C 55 36.72 -6.24 23.24
C PRO C 55 37.48 -5.18 22.43
N ASP C 56 36.87 -4.64 21.38
CA ASP C 56 37.51 -3.64 20.53
C ASP C 56 37.36 -2.23 21.06
N PHE C 57 36.68 -2.07 22.20
CA PHE C 57 36.28 -0.73 22.61
C PHE C 57 37.45 0.10 23.12
N PRO C 58 38.27 -0.37 24.10
CA PRO C 58 39.43 0.43 24.50
C PRO C 58 40.16 1.01 23.31
N GLY C 59 40.47 0.11 22.36
CA GLY C 59 41.22 0.51 21.18
C GLY C 59 40.52 1.57 20.35
N TYR C 60 39.21 1.46 20.21
CA TYR C 60 38.49 2.45 19.43
C TYR C 60 38.52 3.80 20.12
N VAL C 61 38.45 3.81 21.46
CA VAL C 61 38.45 5.05 22.24
C VAL C 61 39.83 5.67 22.22
N ALA C 62 40.88 4.83 22.34
CA ALA C 62 42.23 5.36 22.35
C ALA C 62 42.64 5.94 20.98
N ASP C 63 42.21 5.33 19.88
CA ASP C 63 42.47 5.94 18.57
C ASP C 63 41.82 7.31 18.47
N THR C 64 40.58 7.40 18.92
CA THR C 64 39.82 8.64 18.78
C THR C 64 40.41 9.74 19.66
N LEU C 65 40.75 9.42 20.92
CA LEU C 65 41.39 10.34 21.85
C LEU C 65 42.88 10.56 21.58
N GLY C 66 43.55 9.64 20.88
CA GLY C 66 44.96 9.84 20.59
C GLY C 66 45.90 9.45 21.71
N ILE C 67 45.51 8.49 22.54
CA ILE C 67 46.36 8.02 23.63
C ILE C 67 46.80 6.59 23.35
N ASP C 68 47.77 6.12 24.11
CA ASP C 68 48.35 4.78 23.94
C ASP C 68 47.45 3.74 24.58
N GLY C 69 46.56 3.17 23.78
CA GLY C 69 45.60 2.19 24.28
C GLY C 69 46.21 0.92 24.84
N THR C 70 47.47 0.61 24.51
CA THR C 70 48.04 -0.60 25.10
C THR C 70 48.38 -0.42 26.57
N SER C 71 48.31 0.81 27.09
CA SER C 71 48.60 1.07 28.49
C SER C 71 47.35 1.21 29.35
N VAL C 72 46.19 1.47 28.74
CA VAL C 72 44.94 1.50 29.50
C VAL C 72 44.51 0.08 29.78
N HIS C 73 44.22 -0.21 31.05
CA HIS C 73 43.92 -1.56 31.49
C HIS C 73 42.47 -1.64 31.92
N VAL C 74 41.84 -2.76 31.63
CA VAL C 74 40.47 -3.02 32.00
C VAL C 74 40.49 -4.22 32.92
N GLU C 75 39.95 -4.05 34.13
CA GLU C 75 39.77 -5.13 35.08
C GLU C 75 38.29 -5.42 35.22
N ARG C 76 37.90 -6.65 34.92
CA ARG C 76 36.51 -7.06 34.96
C ARG C 76 36.14 -7.55 36.36
N THR C 77 34.93 -7.24 36.78
CA THR C 77 34.33 -7.89 37.94
C THR C 77 33.08 -8.63 37.48
N GLN C 78 32.61 -9.55 38.31
CA GLN C 78 31.37 -10.23 37.97
C GLN C 78 30.15 -9.41 38.38
N THR C 79 30.21 -8.75 39.52
CA THR C 79 29.10 -8.10 40.19
C THR C 79 29.16 -6.59 40.09
N PRO C 80 28.07 -5.91 40.40
CA PRO C 80 28.14 -4.46 40.62
C PRO C 80 29.23 -4.07 41.58
N LEU C 81 29.63 -2.81 41.51
CA LEU C 81 30.74 -2.31 42.33
C LEU C 81 30.20 -1.81 43.67
N SER C 82 29.69 -2.78 44.43
CA SER C 82 29.09 -2.56 45.74
C SER C 82 30.16 -2.29 46.79
N GLU C 83 29.72 -1.81 47.96
CA GLU C 83 30.65 -1.58 49.06
C GLU C 83 31.42 -2.85 49.38
N ALA C 84 30.71 -3.98 49.50
CA ALA C 84 31.36 -5.25 49.83
C ALA C 84 32.45 -5.61 48.83
N VAL C 85 32.18 -5.45 47.53
CA VAL C 85 33.23 -5.69 46.54
C VAL C 85 34.42 -4.76 46.82
N LEU C 86 34.14 -3.52 47.20
CA LEU C 86 35.23 -2.59 47.45
C LEU C 86 36.01 -2.97 48.72
N GLN C 87 35.43 -3.83 49.58
CA GLN C 87 36.06 -4.37 50.79
C GLN C 87 36.90 -5.62 50.52
N ASP C 88 36.36 -6.56 49.73
CA ASP C 88 36.94 -7.86 49.38
C ASP C 88 38.44 -7.75 49.08
N PRO C 89 39.29 -8.40 49.86
CA PRO C 89 40.74 -8.27 49.64
C PRO C 89 41.19 -8.80 48.29
N GLU C 90 40.42 -9.70 47.69
CA GLU C 90 40.72 -10.19 46.34
C GLU C 90 40.55 -9.09 45.31
N PHE C 91 39.49 -8.28 45.43
CA PHE C 91 39.36 -7.11 44.59
C PHE C 91 40.51 -6.14 44.81
N ILE C 92 40.87 -5.90 46.08
CA ILE C 92 41.97 -4.99 46.37
C ILE C 92 43.27 -5.49 45.75
N ASP C 93 43.64 -6.75 46.05
CA ASP C 93 44.82 -7.37 45.46
C ASP C 93 44.88 -7.15 43.95
N ARG C 94 43.77 -7.41 43.25
CA ARG C 94 43.72 -7.19 41.80
C ARG C 94 44.18 -5.78 41.45
N LEU C 95 43.70 -4.78 42.19
CA LEU C 95 44.12 -3.40 41.95
C LEU C 95 45.56 -3.16 42.38
N ALA C 96 46.04 -3.86 43.40
CA ALA C 96 47.39 -3.59 43.90
C ALA C 96 48.46 -3.98 42.90
N ALA C 97 48.19 -4.95 42.02
CA ALA C 97 49.16 -5.28 40.96
C ALA C 97 49.55 -4.05 40.17
N HIS C 98 48.57 -3.20 39.84
CA HIS C 98 48.88 -1.97 39.13
C HIS C 98 49.43 -0.91 40.07
N THR C 99 48.82 -0.77 41.23
CA THR C 99 49.09 0.38 42.06
C THR C 99 50.41 0.26 42.81
N GLY C 100 50.88 -0.96 43.06
CA GLY C 100 52.24 -1.14 43.57
C GLY C 100 52.49 -0.44 44.90
N THR C 101 53.39 0.55 44.90
CA THR C 101 53.70 1.30 46.12
C THR C 101 52.72 2.43 46.38
N GLY C 102 51.75 2.65 45.49
CA GLY C 102 50.84 3.77 45.59
C GLY C 102 51.35 5.06 45.00
N ALA C 103 52.67 5.21 44.82
CA ALA C 103 53.21 6.41 44.22
C ALA C 103 52.62 6.64 42.83
N GLY C 104 52.13 7.85 42.60
CA GLY C 104 51.63 8.26 41.29
C GLY C 104 50.24 7.81 40.91
N TRP C 105 49.47 7.24 41.83
CA TRP C 105 48.16 6.68 41.51
C TRP C 105 47.08 7.36 42.33
N SER C 106 45.84 7.26 41.84
CA SER C 106 44.72 7.83 42.59
C SER C 106 43.43 7.16 42.16
N LEU C 107 42.42 7.26 43.01
CA LEU C 107 41.11 6.69 42.74
C LEU C 107 40.17 7.75 42.19
N PHE C 108 39.42 7.40 41.14
CA PHE C 108 38.51 8.30 40.45
C PHE C 108 37.13 7.67 40.54
N PRO C 109 36.47 7.82 41.68
CA PRO C 109 35.19 7.13 41.90
C PRO C 109 34.00 7.97 41.46
N CYS C 110 32.97 7.26 41.01
CA CYS C 110 31.69 7.88 40.76
C CYS C 110 31.01 8.34 42.06
N VAL C 111 31.12 7.56 43.12
CA VAL C 111 30.62 7.97 44.44
C VAL C 111 31.75 7.84 45.45
N SER C 112 31.97 8.89 46.24
CA SER C 112 32.98 8.89 47.30
C SER C 112 32.39 8.30 48.58
N THR C 113 32.16 6.99 48.54
CA THR C 113 31.59 6.28 49.68
C THR C 113 32.67 5.99 50.71
N ARG C 114 32.24 5.34 51.80
CA ARG C 114 33.16 4.92 52.87
C ARG C 114 34.16 3.88 52.35
N ALA C 115 33.67 2.85 51.68
CA ALA C 115 34.58 1.83 51.17
C ALA C 115 35.56 2.43 50.17
N ALA C 116 35.09 3.35 49.31
CA ALA C 116 35.99 4.02 48.38
C ALA C 116 37.09 4.76 49.11
N ALA C 117 36.73 5.47 50.17
CA ALA C 117 37.75 6.15 50.95
C ALA C 117 38.69 5.12 51.58
N GLN C 118 38.13 4.04 52.15
CA GLN C 118 38.94 2.97 52.72
C GLN C 118 39.89 2.40 51.67
N LEU C 119 39.39 2.21 50.45
CA LEU C 119 40.21 1.71 49.36
C LEU C 119 41.45 2.56 49.15
N THR C 120 41.35 3.89 49.35
CA THR C 120 42.53 4.71 49.12
C THR C 120 43.59 4.48 50.19
N ARG C 121 43.19 4.22 51.44
CA ARG C 121 44.20 3.95 52.45
C ARG C 121 44.82 2.57 52.27
N LYS C 122 44.01 1.57 51.96
CA LYS C 122 44.52 0.21 51.81
C LYS C 122 45.48 0.11 50.62
N LEU C 123 45.16 0.76 49.51
CA LEU C 123 46.09 0.77 48.38
C LEU C 123 47.19 1.78 48.55
N ASN C 124 47.09 2.68 49.54
CA ASN C 124 48.06 3.75 49.75
C ASN C 124 48.22 4.60 48.49
N VAL C 125 47.09 4.98 47.90
CA VAL C 125 47.12 5.98 46.83
C VAL C 125 46.90 7.33 47.49
N ALA C 126 46.93 8.39 46.68
CA ALA C 126 46.51 9.70 47.15
C ALA C 126 45.20 9.59 47.90
N ALA C 127 45.15 10.20 49.08
CA ALA C 127 43.94 10.08 49.89
C ALA C 127 42.74 10.61 49.12
N LEU C 128 41.60 9.93 49.26
CA LEU C 128 40.38 10.46 48.69
C LEU C 128 40.12 11.85 49.27
N ASP C 129 40.01 12.85 48.40
CA ASP C 129 39.72 14.20 48.86
C ASP C 129 38.43 14.20 49.67
N GLY C 130 38.40 14.98 50.75
CA GLY C 130 37.28 14.85 51.67
C GLY C 130 37.19 13.49 52.34
N TYR C 131 38.35 12.90 52.67
CA TYR C 131 38.41 11.54 53.24
C TYR C 131 37.43 11.34 54.41
N GLU C 132 37.56 12.17 55.46
CA GLU C 132 36.76 11.98 56.68
C GLU C 132 35.26 12.11 56.42
N PHE C 133 34.87 13.03 55.53
CA PHE C 133 33.44 13.19 55.22
C PHE C 133 32.87 11.94 54.57
N ALA C 134 33.62 11.35 53.65
CA ALA C 134 33.23 10.06 53.09
C ALA C 134 33.15 8.99 54.16
N MET C 135 34.10 8.97 55.10
CA MET C 135 34.15 7.92 56.12
C MET C 135 32.90 7.89 57.00
N GLN C 136 32.21 9.02 57.14
CA GLN C 136 30.92 9.04 57.83
C GLN C 136 29.77 8.95 56.86
N ASN C 137 30.05 8.58 55.61
CA ASN C 137 29.04 8.50 54.55
C ASN C 137 28.27 9.81 54.44
N GLY C 138 29.01 10.91 54.39
CA GLY C 138 28.37 12.22 54.28
C GLY C 138 27.61 12.40 52.99
N ILE C 139 28.04 11.73 51.91
CA ILE C 139 27.34 11.87 50.65
C ILE C 139 25.96 11.23 50.72
N ASP C 140 25.78 10.23 51.61
CA ASP C 140 24.44 9.69 51.82
C ASP C 140 23.49 10.77 52.31
N LEU C 141 23.96 11.60 53.24
CA LEU C 141 23.22 12.78 53.67
C LEU C 141 22.83 13.65 52.48
N LEU C 142 23.82 14.04 51.67
CA LEU C 142 23.60 15.01 50.61
C LEU C 142 22.69 14.48 49.51
N ASN C 143 22.74 13.19 49.23
CA ASN C 143 21.93 12.64 48.15
C ASN C 143 20.50 12.34 48.57
N MET C 144 19.99 12.91 49.65
CA MET C 144 18.58 12.75 50.00
C MET C 144 17.80 13.97 49.54
N LYS C 145 16.72 13.74 48.79
CA LYS C 145 15.87 14.84 48.36
C LYS C 145 15.39 15.66 49.55
N SER C 146 15.10 15.00 50.67
CA SER C 146 14.69 15.74 51.87
C SER C 146 15.80 16.66 52.37
N THR C 147 17.06 16.24 52.23
CA THR C 147 18.16 17.11 52.65
C THR C 147 18.24 18.33 51.76
N PHE C 148 18.00 18.16 50.45
CA PHE C 148 18.13 19.33 49.58
C PHE C 148 17.05 20.35 49.91
N ARG C 149 15.83 19.91 50.12
CA ARG C 149 14.78 20.84 50.49
C ARG C 149 15.13 21.56 51.79
N ARG C 150 15.71 20.84 52.75
CA ARG C 150 16.06 21.44 54.03
C ARG C 150 17.16 22.46 53.86
N LEU C 151 18.26 22.06 53.22
CA LEU C 151 19.36 22.99 52.98
C LEU C 151 18.93 24.17 52.11
N ALA C 152 18.14 23.92 51.06
CA ALA C 152 17.73 25.03 50.20
C ALA C 152 16.84 26.00 50.95
N ALA C 153 15.86 25.46 51.70
CA ALA C 153 15.00 26.33 52.50
C ALA C 153 15.82 27.17 53.47
N GLY C 154 16.93 26.61 53.98
CA GLY C 154 17.76 27.31 54.93
C GLY C 154 18.46 28.50 54.32
N LEU C 155 19.07 28.32 53.16
CA LEU C 155 19.47 29.44 52.34
C LEU C 155 18.23 30.04 51.69
N GLY C 156 18.40 31.06 50.88
CA GLY C 156 17.19 31.52 50.21
C GLY C 156 16.94 30.81 48.91
N THR C 157 17.57 29.64 48.73
CA THR C 157 17.62 29.01 47.42
C THR C 157 16.21 28.78 46.87
N PRO C 158 15.90 29.25 45.67
CA PRO C 158 14.51 29.19 45.18
C PRO C 158 14.03 27.76 45.10
N LEU C 159 12.87 27.51 45.67
CA LEU C 159 12.38 26.17 45.91
C LEU C 159 10.90 26.11 45.60
N THR C 160 10.43 25.03 44.98
CA THR C 160 9.00 24.84 44.87
C THR C 160 8.41 24.57 46.25
N ASP C 161 7.14 24.92 46.39
CA ASP C 161 6.40 24.56 47.59
C ASP C 161 6.32 23.06 47.70
N GLY C 162 6.53 22.56 48.90
CA GLY C 162 6.53 21.13 49.09
C GLY C 162 6.73 20.86 50.55
N VAL C 163 6.62 19.59 50.91
CA VAL C 163 6.77 19.16 52.29
C VAL C 163 7.53 17.84 52.29
N VAL C 164 8.27 17.62 53.37
CA VAL C 164 8.93 16.35 53.62
C VAL C 164 7.94 15.51 54.42
N ALA C 165 7.19 14.66 53.73
CA ALA C 165 6.13 13.89 54.36
C ALA C 165 6.71 12.73 55.15
N ARG C 166 6.14 12.46 56.33
CA ARG C 166 6.66 11.46 57.27
C ARG C 166 5.74 10.26 57.46
N GLY C 167 4.58 10.23 56.81
CA GLY C 167 3.73 9.08 56.81
C GLY C 167 2.60 9.31 55.85
N PRO C 168 1.74 8.30 55.66
CA PRO C 168 0.62 8.44 54.72
C PRO C 168 -0.31 9.61 55.02
N ALA C 169 -0.53 9.94 56.28
CA ALA C 169 -1.45 11.03 56.59
C ALA C 169 -0.91 12.36 56.11
N GLU C 170 0.41 12.55 56.25
CA GLU C 170 1.03 13.80 55.78
C GLU C 170 1.12 13.83 54.25
N VAL C 171 1.38 12.69 53.61
CA VAL C 171 1.28 12.64 52.15
C VAL C 171 -0.12 13.05 51.70
N ARG C 172 -1.16 12.49 52.32
CA ARG C 172 -2.52 12.88 51.96
C ARG C 172 -2.71 14.37 52.12
N SER C 173 -2.32 14.91 53.27
CA SER C 173 -2.44 16.34 53.53
C SER C 173 -1.61 17.15 52.54
N ALA C 174 -0.35 16.78 52.34
CA ALA C 174 0.52 17.50 51.42
C ALA C 174 -0.13 17.67 50.05
N ILE C 175 -0.70 16.58 49.50
CA ILE C 175 -1.31 16.66 48.18
C ILE C 175 -2.48 17.64 48.15
N GLN C 176 -3.36 17.61 49.16
CA GLN C 176 -4.51 18.50 49.10
C GLN C 176 -4.09 19.96 49.12
N GLU C 177 -3.05 20.29 49.87
CA GLU C 177 -2.62 21.68 49.90
C GLU C 177 -1.86 22.07 48.64
N LEU C 178 -1.00 21.18 48.14
CA LEU C 178 -0.09 21.55 47.06
C LEU C 178 -0.76 21.56 45.70
N ILE C 179 -1.89 20.86 45.55
CA ILE C 179 -2.53 20.70 44.25
C ILE C 179 -3.14 21.99 43.71
N ALA C 180 -3.44 22.99 44.56
CA ALA C 180 -4.23 24.12 44.11
C ALA C 180 -3.46 25.11 43.24
N GLU C 181 -2.12 25.12 43.30
CA GLU C 181 -1.36 26.19 42.66
C GLU C 181 -1.23 25.98 41.16
N THR C 182 -1.06 24.74 40.70
CA THR C 182 -0.89 24.46 39.28
C THR C 182 -1.77 23.34 38.76
N GLY C 183 -2.46 22.62 39.63
CA GLY C 183 -3.12 21.40 39.23
C GLY C 183 -2.22 20.19 39.19
N MET C 184 -0.96 20.35 39.61
CA MET C 184 0.04 19.30 39.45
C MET C 184 0.90 19.18 40.70
N VAL C 185 1.18 17.95 41.09
CA VAL C 185 2.00 17.63 42.26
C VAL C 185 2.86 16.43 41.91
N ILE C 186 4.08 16.36 42.48
CA ILE C 186 4.95 15.22 42.26
C ILE C 186 5.39 14.65 43.60
N ALA C 187 5.36 13.34 43.73
CA ALA C 187 5.85 12.65 44.91
C ALA C 187 7.09 11.87 44.53
N LYS C 188 8.13 11.96 45.37
CA LYS C 188 9.42 11.36 45.04
C LYS C 188 10.00 10.61 46.23
N GLN C 189 10.53 9.44 45.95
CA GLN C 189 11.30 8.68 46.94
C GLN C 189 12.49 9.50 47.42
N ASP C 190 12.81 9.37 48.72
CA ASP C 190 13.84 10.23 49.29
C ASP C 190 15.22 9.95 48.71
N ARG C 191 15.57 8.67 48.53
CA ARG C 191 16.88 8.36 47.99
C ARG C 191 16.75 7.86 46.55
N GLY C 197 10.60 6.06 39.99
CA GLY C 197 11.31 6.84 41.01
C GLY C 197 10.39 7.92 41.51
N ASN C 198 9.70 8.56 40.58
CA ASN C 198 8.85 9.69 40.85
C ASN C 198 7.47 9.43 40.28
N ILE C 199 6.46 9.95 40.96
CA ILE C 199 5.07 9.72 40.63
C ILE C 199 4.37 11.06 40.60
N GLY C 200 3.76 11.38 39.47
CA GLY C 200 3.01 12.62 39.32
C GLY C 200 1.54 12.43 39.64
N ILE C 201 0.91 13.52 40.05
CA ILE C 201 -0.52 13.56 40.36
C ILE C 201 -1.09 14.75 39.64
N SER C 202 -2.26 14.57 39.02
CA SER C 202 -2.77 15.54 38.06
C SER C 202 -4.29 15.63 38.14
N THR C 203 -4.79 16.86 38.24
CA THR C 203 -6.22 17.10 38.12
C THR C 203 -6.68 17.09 36.68
N SER C 204 -5.78 17.25 35.73
CA SER C 204 -6.09 17.26 34.32
C SER C 204 -5.57 15.98 33.64
N PRO C 205 -6.13 15.62 32.49
CA PRO C 205 -5.57 14.47 31.75
C PRO C 205 -4.44 14.90 30.84
N GLU C 206 -4.53 16.11 30.27
CA GLU C 206 -3.48 16.66 29.41
C GLU C 206 -2.21 16.90 30.20
N SER C 207 -1.84 15.93 31.03
CA SER C 207 -0.72 16.04 31.96
C SER C 207 0.53 15.42 31.35
N SER C 208 1.69 16.01 31.65
CA SER C 208 2.95 15.52 31.09
C SER C 208 4.04 15.81 32.12
N PHE C 209 4.54 14.76 32.77
CA PHE C 209 5.61 14.84 33.76
C PHE C 209 6.84 14.12 33.22
N PRO C 210 7.74 14.80 32.50
CA PRO C 210 8.93 14.12 31.97
C PRO C 210 9.74 13.43 33.05
N GLY C 211 10.05 12.14 32.81
CA GLY C 211 10.90 11.37 33.71
C GLY C 211 10.21 10.72 34.88
N THR C 212 8.91 10.97 35.05
CA THR C 212 8.16 10.39 36.14
C THR C 212 7.74 8.98 35.77
N ARG C 213 7.77 8.07 36.75
CA ARG C 213 7.15 6.76 36.60
C ARG C 213 5.66 6.92 36.91
N GLU C 214 4.80 6.76 35.90
CA GLU C 214 3.35 6.83 36.08
C GLU C 214 2.85 8.23 36.42
N VAL C 215 1.58 8.53 36.09
CA VAL C 215 0.97 9.80 36.45
C VAL C 215 -0.45 9.52 36.93
N LEU C 216 -0.61 9.23 38.22
CA LEU C 216 -1.93 8.95 38.78
C LEU C 216 -2.81 10.19 38.67
N ALA C 217 -4.12 9.96 38.69
CA ALA C 217 -5.13 11.00 38.55
C ALA C 217 -5.63 11.44 39.92
N TYR C 218 -6.06 12.70 40.00
CA TYR C 218 -6.48 13.30 41.27
C TYR C 218 -8.00 13.38 41.37
N ALA C 219 -8.53 12.85 42.46
CA ALA C 219 -9.92 13.02 42.85
C ALA C 219 -9.97 13.05 44.37
N ASN C 220 -10.92 13.82 44.92
CA ASN C 220 -10.99 13.97 46.37
C ASN C 220 -11.16 12.63 47.06
N ASP C 221 -12.19 11.89 46.69
CA ASP C 221 -12.19 10.46 46.96
C ASP C 221 -11.03 9.82 46.21
N GLN C 222 -10.44 8.79 46.79
CA GLN C 222 -9.21 8.11 46.37
C GLN C 222 -7.97 8.80 46.95
N LEU C 223 -8.12 9.90 47.70
CA LEU C 223 -6.97 10.50 48.36
C LEU C 223 -6.43 9.62 49.49
N ASP C 224 -7.30 8.83 50.14
CA ASP C 224 -6.83 7.83 51.09
C ASP C 224 -5.97 6.77 50.40
N THR C 225 -6.47 6.26 49.28
CA THR C 225 -5.74 5.23 48.56
C THR C 225 -4.48 5.79 47.93
N LEU C 226 -4.57 7.00 47.35
CA LEU C 226 -3.42 7.68 46.78
C LEU C 226 -2.26 7.74 47.76
N ALA C 227 -2.53 8.34 48.94
CA ALA C 227 -1.49 8.51 49.95
C ALA C 227 -0.91 7.18 50.38
N ASP C 228 -1.79 6.25 50.76
CA ASP C 228 -1.35 4.91 51.15
C ASP C 228 -0.42 4.32 50.10
N THR C 229 -0.83 4.36 48.83
CA THR C 229 -0.07 3.67 47.80
C THR C 229 1.21 4.43 47.45
N LEU C 230 1.14 5.77 47.41
CA LEU C 230 2.34 6.57 47.26
C LEU C 230 3.35 6.24 48.36
N TRP C 231 2.86 6.14 49.60
CA TRP C 231 3.74 5.82 50.72
C TRP C 231 4.30 4.41 50.62
N SER C 232 3.51 3.45 50.12
CA SER C 232 3.99 2.07 50.03
C SER C 232 5.06 1.92 48.95
N GLN C 233 4.80 2.45 47.76
CA GLN C 233 5.72 2.26 46.65
C GLN C 233 6.98 3.10 46.78
N LEU C 234 6.93 4.22 47.50
CA LEU C 234 8.04 5.18 47.52
C LEU C 234 8.88 5.15 48.79
N THR C 235 8.55 4.28 49.75
CA THR C 235 9.29 4.14 50.99
C THR C 235 9.80 2.72 51.15
N ASP C 236 10.76 2.57 52.06
CA ASP C 236 11.29 1.25 52.40
C ASP C 236 11.86 1.32 53.82
N THR C 237 12.70 0.33 54.18
CA THR C 237 13.14 0.19 55.57
C THR C 237 13.97 1.39 56.02
N GLN C 238 14.92 1.81 55.19
CA GLN C 238 15.83 2.90 55.54
C GLN C 238 15.41 4.24 54.94
N ASN C 239 14.24 4.30 54.32
CA ASN C 239 13.73 5.52 53.68
C ASN C 239 12.30 5.75 54.15
N GLN C 240 12.17 6.53 55.22
CA GLN C 240 10.85 6.79 55.79
C GLN C 240 10.43 8.23 55.55
N PHE C 241 10.97 8.86 54.50
CA PHE C 241 10.55 10.19 54.08
C PHE C 241 10.07 10.13 52.64
N ILE C 242 9.04 10.91 52.34
CA ILE C 242 8.63 11.17 50.96
C ILE C 242 8.65 12.68 50.77
N THR C 243 9.15 13.11 49.63
CA THR C 243 8.98 14.51 49.25
C THR C 243 7.71 14.60 48.43
N VAL C 244 6.93 15.65 48.67
CA VAL C 244 5.71 15.92 47.92
C VAL C 244 5.72 17.39 47.56
N GLU C 245 5.59 17.71 46.27
CA GLU C 245 5.85 19.09 45.85
C GLU C 245 4.89 19.52 44.76
N THR C 246 4.59 20.84 44.75
CA THR C 246 3.97 21.45 43.59
C THR C 246 4.87 21.27 42.38
N TYR C 247 4.25 20.90 41.25
CA TYR C 247 4.95 20.64 40.00
C TYR C 247 4.57 21.72 38.97
N HIS C 248 5.54 22.45 38.46
CA HIS C 248 5.30 23.51 37.50
C HIS C 248 5.61 23.02 36.08
N ARG C 249 5.20 23.81 35.08
CA ARG C 249 5.28 23.34 33.70
C ARG C 249 6.71 23.30 33.19
N ALA C 250 7.47 24.38 33.37
CA ALA C 250 8.87 24.54 32.93
C ALA C 250 9.04 24.74 31.43
N ASP C 251 9.44 25.95 31.05
CA ASP C 251 9.83 26.24 29.67
C ASP C 251 11.27 25.80 29.40
N GLN C 252 12.16 25.98 30.37
CA GLN C 252 13.53 25.46 30.30
C GLN C 252 13.77 24.49 31.45
N ARG C 253 14.41 23.37 31.14
CA ARG C 253 14.97 22.47 32.14
C ARG C 253 16.47 22.46 31.94
N PHE C 254 17.21 22.18 33.01
CA PHE C 254 18.66 22.30 32.97
C PHE C 254 19.24 21.66 34.22
N PHE C 255 20.51 21.32 34.14
CA PHE C 255 21.30 21.08 35.34
C PHE C 255 22.69 21.62 35.14
N PHE C 256 23.33 21.97 36.24
CA PHE C 256 24.69 22.47 36.29
C PHE C 256 25.56 21.45 37.01
N GLU C 257 26.77 21.21 36.50
CA GLU C 257 27.72 20.27 37.11
C GLU C 257 28.99 20.99 37.55
N TYR C 258 29.46 20.66 38.75
CA TYR C 258 30.60 21.35 39.36
C TYR C 258 31.66 20.34 39.78
N HIS C 259 32.91 20.80 39.89
CA HIS C 259 33.92 20.04 40.62
C HIS C 259 34.37 20.85 41.85
N LEU C 260 34.31 20.20 43.00
CA LEU C 260 34.54 20.85 44.29
C LEU C 260 35.83 20.30 44.90
N ASP C 261 36.72 21.19 45.34
CA ASP C 261 37.88 20.81 46.12
C ASP C 261 38.07 21.81 47.26
N GLY C 262 39.23 21.78 47.90
CA GLY C 262 39.48 22.62 49.08
C GLY C 262 39.55 24.12 48.80
N ASP C 263 39.65 24.56 47.55
CA ASP C 263 39.69 25.99 47.27
C ASP C 263 38.45 26.55 46.59
N ARG C 264 37.69 25.75 45.86
CA ARG C 264 36.73 26.36 44.97
C ARG C 264 35.78 25.31 44.42
N ALA C 265 34.58 25.75 44.09
CA ALA C 265 33.68 24.98 43.23
C ALA C 265 33.85 25.50 41.82
N ARG C 266 34.21 24.62 40.89
CA ARG C 266 34.43 25.04 39.52
C ARG C 266 33.27 24.55 38.66
N PHE C 267 32.51 25.50 38.10
CA PHE C 267 31.44 25.16 37.16
C PHE C 267 31.98 24.44 35.93
N LEU C 268 31.40 23.31 35.59
CA LEU C 268 31.89 22.52 34.45
C LEU C 268 31.05 22.72 33.19
N HIS C 269 29.74 22.59 33.30
CA HIS C 269 28.86 22.77 32.15
C HIS C 269 27.43 22.83 32.64
N SER C 270 26.55 23.28 31.75
CA SER C 270 25.11 23.10 31.82
C SER C 270 24.65 22.21 30.67
N SER C 271 23.70 21.32 30.94
CA SER C 271 23.12 20.48 29.90
C SER C 271 21.62 20.45 30.09
N ILE C 272 20.91 19.82 29.15
CA ILE C 272 19.46 19.68 29.25
C ILE C 272 19.10 18.21 29.11
N LEU C 273 18.30 17.71 30.05
CA LEU C 273 17.71 16.39 29.92
C LEU C 273 16.62 16.43 28.86
N LYS C 274 16.60 15.40 28.01
CA LYS C 274 15.63 15.30 26.92
C LYS C 274 14.75 14.08 27.12
N TYR C 275 13.44 14.29 26.95
CA TYR C 275 12.44 13.27 27.17
C TYR C 275 11.63 13.05 25.90
N GLU C 276 11.12 11.82 25.74
CA GLU C 276 10.48 11.32 24.51
C GLU C 276 9.63 12.35 23.77
N GLY C 284 1.20 12.48 29.85
CA GLY C 284 1.66 11.52 30.83
C GLY C 284 3.15 11.55 31.17
N SER C 285 3.81 10.41 31.03
CA SER C 285 5.20 10.24 31.42
C SER C 285 6.08 9.99 30.20
N ALA C 286 7.12 10.79 30.05
CA ALA C 286 8.05 10.70 28.92
C ALA C 286 9.37 10.09 29.37
N LYS C 287 9.89 9.17 28.56
CA LYS C 287 11.11 8.44 28.87
C LYS C 287 12.34 9.25 28.44
N TRP C 288 13.43 9.09 29.18
CA TRP C 288 14.63 9.89 28.98
C TRP C 288 15.37 9.44 27.72
N ILE C 289 15.44 10.30 26.72
CA ILE C 289 16.05 9.89 25.46
C ILE C 289 17.51 10.32 25.35
N GLY C 290 17.90 11.41 25.99
CA GLY C 290 19.31 11.79 26.01
C GLY C 290 19.55 13.16 26.62
N LEU C 291 20.67 13.76 26.24
CA LEU C 291 21.11 15.04 26.77
C LEU C 291 21.55 15.96 25.64
N ASP C 292 21.15 17.24 25.73
CA ASP C 292 21.61 18.30 24.85
C ASP C 292 22.48 19.24 25.66
N SER C 293 23.51 19.79 25.05
CA SER C 293 24.32 20.69 25.86
C SER C 293 24.66 21.99 25.13
N PRO C 294 25.46 22.84 25.74
CA PRO C 294 24.96 24.13 26.18
C PRO C 294 23.50 24.06 26.57
N SER C 295 23.18 24.19 27.85
CA SER C 295 21.79 24.53 28.14
C SER C 295 21.50 25.92 27.60
N ARG C 296 20.26 26.36 27.74
CA ARG C 296 19.87 27.74 27.42
C ARG C 296 19.62 28.55 28.69
N SER C 297 20.04 28.04 29.84
CA SER C 297 19.68 28.61 31.13
C SER C 297 20.88 29.13 31.90
N GLU C 298 21.86 29.69 31.21
CA GLU C 298 23.03 30.27 31.86
C GLU C 298 22.86 31.78 31.90
N PHE C 299 22.28 32.28 32.99
CA PHE C 299 22.27 33.70 33.25
C PHE C 299 22.38 33.90 34.75
N GLU C 300 22.40 35.17 35.17
CA GLU C 300 22.61 35.45 36.59
C GLU C 300 21.54 34.80 37.44
N ALA C 301 20.29 34.78 36.96
CA ALA C 301 19.19 34.37 37.83
C ALA C 301 19.20 32.87 38.12
N THR C 302 19.86 32.07 37.29
CA THR C 302 20.09 30.68 37.66
C THR C 302 21.48 30.46 38.22
N LEU C 303 22.51 31.02 37.59
CA LEU C 303 23.89 30.70 37.99
C LEU C 303 24.20 31.22 39.38
N LYS C 304 23.65 32.38 39.77
CA LYS C 304 24.01 32.95 41.07
C LYS C 304 23.47 32.14 42.23
N PRO C 305 22.16 31.80 42.30
CA PRO C 305 21.72 30.97 43.43
C PRO C 305 22.34 29.58 43.42
N ALA C 306 22.65 29.03 42.24
CA ALA C 306 23.24 27.70 42.23
C ALA C 306 24.63 27.73 42.82
N GLU C 307 25.46 28.69 42.37
CA GLU C 307 26.80 28.83 42.93
C GLU C 307 26.74 28.97 44.44
N GLU C 308 25.82 29.81 44.95
CA GLU C 308 25.74 30.00 46.40
C GLU C 308 25.33 28.69 47.10
N PHE C 309 24.38 27.97 46.54
CA PHE C 309 24.06 26.69 47.13
C PHE C 309 25.23 25.71 46.98
N ILE C 310 25.95 25.78 45.86
CA ILE C 310 27.06 24.83 45.70
C ILE C 310 28.21 25.17 46.64
N GLU C 311 28.55 26.46 46.79
CA GLU C 311 29.65 26.79 47.70
C GLU C 311 29.38 26.29 49.11
N MET C 312 28.09 26.30 49.51
CA MET C 312 27.61 25.79 50.80
C MET C 312 27.86 24.29 50.94
N ILE C 313 27.49 23.49 49.93
CA ILE C 313 27.78 22.06 50.05
C ILE C 313 29.29 21.84 50.16
N ARG C 314 30.07 22.68 49.47
CA ARG C 314 31.53 22.57 49.58
C ARG C 314 32.00 22.91 51.00
N THR C 315 31.45 23.98 51.57
CA THR C 315 31.78 24.35 52.94
C THR C 315 31.50 23.21 53.93
N ILE C 316 30.42 22.46 53.73
CA ILE C 316 30.17 21.38 54.67
C ILE C 316 31.07 20.19 54.41
N GLY C 317 31.78 20.18 53.29
CA GLY C 317 32.89 19.25 53.15
C GLY C 317 32.81 18.29 51.97
N TYR C 318 31.77 18.32 51.14
CA TYR C 318 31.76 17.46 49.98
C TYR C 318 32.88 17.84 49.01
N ARG C 319 33.61 16.83 48.55
CA ARG C 319 34.62 17.02 47.52
C ARG C 319 34.37 16.01 46.40
N GLY C 320 34.54 16.42 45.15
CA GLY C 320 34.21 15.59 44.01
C GLY C 320 33.17 16.27 43.13
N TYR C 321 32.51 15.51 42.28
CA TYR C 321 31.53 16.04 41.34
C TYR C 321 30.13 16.12 41.98
N VAL C 322 29.38 17.14 41.61
CA VAL C 322 28.04 17.40 42.13
C VAL C 322 27.28 18.19 41.08
N ASN C 323 25.99 17.94 40.96
CA ASN C 323 25.16 18.67 40.00
C ASN C 323 23.85 19.05 40.66
N ILE C 324 23.24 20.12 40.17
CA ILE C 324 22.00 20.67 40.71
C ILE C 324 21.04 20.94 39.56
N ASP C 325 19.83 20.38 39.65
CA ASP C 325 18.78 20.46 38.63
C ASP C 325 17.89 21.66 38.90
N GLY C 326 17.39 22.26 37.81
CA GLY C 326 16.42 23.33 37.99
C GLY C 326 15.51 23.46 36.80
N ILE C 327 14.60 24.42 36.89
CA ILE C 327 13.75 24.81 35.77
C ILE C 327 13.64 26.33 35.74
N VAL C 328 13.16 26.85 34.62
CA VAL C 328 12.76 28.25 34.46
C VAL C 328 11.34 28.27 33.92
N LEU C 329 10.46 29.06 34.52
CA LEU C 329 9.09 29.13 34.04
C LEU C 329 8.92 30.21 32.95
N ASP C 330 7.72 30.26 32.38
CA ASP C 330 7.40 31.32 31.40
C ASP C 330 7.53 32.69 32.02
N ASP C 331 7.02 32.85 33.24
CA ASP C 331 7.10 34.14 33.93
C ASP C 331 8.51 34.51 34.33
N GLY C 332 9.50 33.68 34.01
CA GLY C 332 10.88 33.93 34.36
C GLY C 332 11.31 33.39 35.71
N ARG C 333 10.42 32.74 36.44
CA ARG C 333 10.73 32.27 37.80
C ARG C 333 11.62 31.04 37.75
N VAL C 334 12.54 30.96 38.71
CA VAL C 334 13.55 29.90 38.79
C VAL C 334 13.26 29.03 40.00
N PHE C 335 13.41 27.71 39.82
CA PHE C 335 13.34 26.78 40.94
C PHE C 335 14.44 25.74 40.78
N PHE C 336 15.11 25.40 41.87
CA PHE C 336 16.04 24.28 41.88
C PHE C 336 15.40 23.13 42.62
N HIS C 337 15.62 21.90 42.12
CA HIS C 337 14.87 20.70 42.48
C HIS C 337 15.64 19.74 43.39
N GLU C 338 16.88 19.41 43.03
CA GLU C 338 17.62 18.38 43.74
C GLU C 338 19.10 18.53 43.42
N ILE C 339 19.93 17.94 44.27
CA ILE C 339 21.36 17.82 44.00
C ILE C 339 21.73 16.34 43.98
N ASN C 340 22.89 16.09 43.38
CA ASN C 340 23.44 14.74 43.28
C ASN C 340 24.95 14.84 43.47
N ALA C 341 25.43 14.28 44.58
CA ALA C 341 26.88 14.24 44.87
C ALA C 341 27.45 12.93 44.31
N ARG C 342 27.72 12.95 43.01
CA ARG C 342 28.24 11.84 42.22
C ARG C 342 28.22 12.30 40.77
N TRP C 343 28.83 11.50 39.88
CA TRP C 343 28.81 11.82 38.47
C TRP C 343 27.38 12.03 37.96
N SER C 344 27.18 13.09 37.20
CA SER C 344 25.97 13.15 36.40
C SER C 344 26.13 12.21 35.20
N GLY C 345 25.03 11.94 34.50
CA GLY C 345 25.14 11.19 33.27
C GLY C 345 25.94 11.92 32.20
N GLY C 346 25.99 13.25 32.26
CA GLY C 346 26.61 14.05 31.23
C GLY C 346 28.04 14.46 31.46
N LEU C 347 28.62 14.07 32.59
CA LEU C 347 30.01 14.39 32.88
C LEU C 347 30.93 13.79 31.83
N ILE C 348 30.61 12.59 31.34
CA ILE C 348 31.48 12.00 30.35
C ILE C 348 31.25 12.69 29.02
N TYR C 349 30.05 13.21 28.77
CA TYR C 349 29.84 14.02 27.57
C TYR C 349 30.69 15.27 27.62
N HIS C 350 30.70 15.94 28.77
CA HIS C 350 31.51 17.13 28.90
C HIS C 350 32.99 16.78 28.77
N THR C 351 33.39 15.61 29.28
CA THR C 351 34.79 15.21 29.19
C THR C 351 35.22 14.97 27.74
N VAL C 352 34.42 14.23 26.96
CA VAL C 352 34.74 14.02 25.56
C VAL C 352 34.77 15.35 24.81
N ALA C 353 33.77 16.20 25.08
CA ALA C 353 33.72 17.51 24.44
C ALA C 353 35.05 18.23 24.62
N GLU C 354 35.57 18.26 25.84
CA GLU C 354 36.81 19.01 26.09
C GLU C 354 38.01 18.37 25.40
N ARG C 355 38.10 17.05 25.41
CA ARG C 355 39.25 16.38 24.82
C ARG C 355 39.24 16.47 23.30
N LEU C 356 38.05 16.47 22.70
CA LEU C 356 37.97 16.46 21.25
C LEU C 356 37.94 17.86 20.68
N LEU C 357 37.22 18.75 21.34
CA LEU C 357 37.01 20.11 20.85
C LEU C 357 37.71 21.17 21.67
N GLY C 358 38.19 20.88 22.88
CA GLY C 358 38.93 21.85 23.66
C GLY C 358 38.11 22.53 24.74
N HIS C 359 38.81 23.36 25.52
CA HIS C 359 38.37 23.78 26.85
C HIS C 359 37.23 24.80 26.86
N ASP C 360 37.01 25.56 25.81
CA ASP C 360 35.85 26.44 25.87
C ASP C 360 34.82 26.04 24.80
N TYR C 361 34.70 24.72 24.58
CA TYR C 361 33.90 24.19 23.49
C TYR C 361 32.48 24.75 23.49
N ALA C 362 31.91 24.98 24.69
CA ALA C 362 30.49 25.34 24.73
C ALA C 362 30.23 26.70 24.10
N ARG C 363 31.26 27.50 23.87
CA ARG C 363 31.00 28.79 23.27
C ARG C 363 30.87 28.72 21.75
N ASN C 364 31.35 27.64 21.13
CA ASN C 364 31.26 27.58 19.68
C ASN C 364 30.81 26.22 19.18
N ASN C 365 30.20 25.40 20.05
CA ASN C 365 29.85 24.03 19.70
C ASN C 365 28.58 23.59 20.41
N PHE C 366 27.99 22.53 19.87
CA PHE C 366 26.86 21.85 20.48
C PHE C 366 27.14 20.37 20.53
N PHE C 367 26.55 19.70 21.51
CA PHE C 367 26.59 18.26 21.49
C PHE C 367 25.27 17.75 22.03
N SER C 368 24.99 16.51 21.68
CA SER C 368 23.74 15.85 22.01
C SER C 368 23.98 14.36 22.04
N SER C 369 23.40 13.70 23.03
CA SER C 369 23.46 12.25 23.16
C SER C 369 22.17 11.65 22.63
N ILE C 370 22.26 10.38 22.21
CA ILE C 370 21.15 9.53 21.80
C ILE C 370 21.31 8.22 22.57
N LEU C 371 20.39 7.95 23.49
CA LEU C 371 20.48 6.73 24.26
C LEU C 371 19.76 5.59 23.55
N ASN C 372 19.11 5.90 22.44
CA ASN C 372 18.01 5.20 21.78
C ASN C 372 18.42 4.22 20.70
N VAL C 373 19.68 4.25 20.26
CA VAL C 373 20.04 3.56 19.03
C VAL C 373 19.85 2.06 19.18
N VAL C 374 19.46 1.42 18.09
CA VAL C 374 19.30 -0.04 18.06
C VAL C 374 20.65 -0.68 18.39
N PRO C 375 20.77 -1.46 19.46
CA PRO C 375 22.06 -2.04 19.82
C PRO C 375 22.72 -2.83 18.68
N ALA C 376 24.03 -2.68 18.54
CA ALA C 376 24.77 -3.41 17.53
C ALA C 376 26.20 -3.56 18.00
N GLY C 377 26.97 -4.37 17.26
CA GLY C 377 28.40 -4.47 17.53
C GLY C 377 29.13 -3.20 17.13
N LEU C 378 30.26 -2.94 17.81
CA LEU C 378 31.07 -1.76 17.52
C LEU C 378 31.39 -1.65 16.03
N ALA C 379 31.79 -2.76 15.41
CA ALA C 379 31.99 -2.79 13.96
C ALA C 379 30.80 -2.18 13.22
N ASP C 380 29.57 -2.62 13.55
CA ASP C 380 28.41 -2.21 12.76
C ASP C 380 27.97 -0.78 13.05
N LEU C 381 28.02 -0.36 14.32
CA LEU C 381 27.70 1.03 14.64
C LEU C 381 28.61 2.00 13.87
N LEU C 382 29.92 1.87 14.05
CA LEU C 382 30.86 2.67 13.27
C LEU C 382 30.55 2.64 11.78
N ARG C 383 30.22 1.44 11.25
CA ARG C 383 29.78 1.34 9.86
C ARG C 383 28.56 2.19 9.60
N SER C 384 27.58 2.19 10.52
CA SER C 384 26.36 2.98 10.31
C SER C 384 26.63 4.47 10.33
N LEU C 385 27.56 4.89 11.20
CA LEU C 385 27.94 6.30 11.23
C LEU C 385 28.64 6.71 9.93
N GLU C 386 29.47 5.85 9.34
CA GLU C 386 30.09 6.20 8.05
C GLU C 386 29.06 6.28 6.94
N ARG C 387 28.08 5.39 6.95
CA ARG C 387 27.06 5.39 5.91
C ARG C 387 26.23 6.67 5.93
N ALA C 388 26.00 7.23 7.11
CA ALA C 388 25.29 8.50 7.20
C ALA C 388 26.19 9.70 6.94
N GLY C 389 27.51 9.49 6.91
CA GLY C 389 28.45 10.58 6.75
C GLY C 389 28.67 11.39 8.00
N VAL C 390 28.55 10.78 9.18
CA VAL C 390 28.61 11.55 10.43
C VAL C 390 29.52 10.90 11.45
N ARG C 391 30.32 9.90 11.05
CA ARG C 391 31.34 9.40 11.97
C ARG C 391 32.22 10.58 12.38
N TYR C 392 32.53 10.68 13.67
CA TYR C 392 33.26 11.83 14.17
C TYR C 392 34.51 12.06 13.33
N ASP C 393 34.65 13.29 12.85
CA ASP C 393 35.73 13.74 11.98
C ASP C 393 36.62 14.71 12.76
N LYS C 394 37.85 14.28 13.05
CA LYS C 394 38.77 15.10 13.82
C LYS C 394 39.28 16.32 13.05
N ASP C 395 39.11 16.39 11.73
CA ASP C 395 39.53 17.59 11.03
C ASP C 395 38.48 18.69 11.11
N SER C 396 37.20 18.33 11.22
CA SER C 396 36.12 19.29 11.32
C SER C 396 35.55 19.45 12.73
N GLY C 397 35.77 18.48 13.61
CA GLY C 397 35.15 18.54 14.92
C GLY C 397 33.67 18.22 14.92
N GLU C 398 33.18 17.52 13.89
CA GLU C 398 31.76 17.25 13.73
C GLU C 398 31.52 15.76 13.71
N GLY C 399 30.36 15.36 14.19
CA GLY C 399 29.95 13.97 14.09
C GLY C 399 29.89 13.29 15.45
N ALA C 400 29.81 11.97 15.38
CA ALA C 400 29.37 11.14 16.49
C ALA C 400 30.47 10.17 16.90
N VAL C 401 30.49 9.85 18.20
CA VAL C 401 31.33 8.82 18.77
C VAL C 401 30.43 7.85 19.55
N VAL C 402 30.96 6.64 19.77
CA VAL C 402 30.24 5.57 20.43
C VAL C 402 30.63 5.52 21.90
N LEU C 403 29.65 5.66 22.80
CA LEU C 403 29.88 5.47 24.22
C LEU C 403 29.48 4.08 24.69
N GLY C 404 28.65 3.38 23.94
CA GLY C 404 28.18 2.07 24.36
C GLY C 404 27.46 1.37 23.22
N CYS C 405 27.76 0.08 23.03
CA CYS C 405 27.11 -0.69 21.97
C CYS C 405 25.79 -1.28 22.42
N ASN C 406 25.62 -1.52 23.72
CA ASN C 406 24.47 -2.25 24.25
C ASN C 406 24.26 -1.88 25.71
N SER C 407 23.79 -0.66 25.95
CA SER C 407 23.69 -0.08 27.28
C SER C 407 22.24 -0.06 27.75
N ASP C 408 22.03 -0.18 29.06
CA ASP C 408 20.70 0.03 29.61
C ASP C 408 20.44 1.45 30.04
N LEU C 409 21.33 2.40 29.70
CA LEU C 409 21.04 3.80 30.01
C LEU C 409 19.73 4.24 29.35
N GLY C 410 19.45 3.75 28.17
CA GLY C 410 18.13 3.92 27.61
C GLY C 410 17.63 2.59 27.16
N PRO C 411 16.82 2.61 26.17
CA PRO C 411 16.79 1.45 25.29
C PRO C 411 18.04 1.47 24.43
N GLY C 412 19.19 0.97 24.91
CA GLY C 412 20.19 0.50 23.93
C GLY C 412 21.59 1.10 23.73
N ALA C 413 21.86 1.60 22.53
CA ALA C 413 23.21 2.00 22.16
C ALA C 413 23.35 3.50 22.32
N GLU C 414 24.50 3.92 22.87
CA GLU C 414 24.68 5.30 23.31
C GLU C 414 25.68 5.99 22.40
N LEU C 415 25.22 7.03 21.70
CA LEU C 415 26.01 7.82 20.78
C LEU C 415 26.05 9.27 21.30
N LEU C 416 27.18 9.94 21.04
CA LEU C 416 27.37 11.34 21.36
C LEU C 416 27.77 12.07 20.07
N VAL C 417 27.09 13.17 19.77
CA VAL C 417 27.18 13.83 18.47
C VAL C 417 27.59 15.29 18.66
N PHE C 418 28.53 15.75 17.81
CA PHE C 418 29.11 17.10 17.89
C PHE C 418 28.85 17.91 16.63
N SER C 419 28.50 19.19 16.81
CA SER C 419 28.45 20.10 15.69
C SER C 419 28.72 21.51 16.16
N LYS C 420 29.28 22.32 15.25
CA LYS C 420 29.35 23.76 15.44
C LYS C 420 28.01 24.42 15.21
N ASP C 421 27.06 23.71 14.63
CA ASP C 421 25.77 24.26 14.25
C ASP C 421 24.66 23.37 14.80
N TRP C 422 23.69 23.98 15.49
CA TRP C 422 22.62 23.20 16.10
C TRP C 422 21.81 22.47 15.03
N ASP C 423 21.27 23.20 14.07
CA ASP C 423 20.42 22.57 13.06
C ASP C 423 21.17 21.52 12.27
N ARG C 424 22.47 21.71 12.11
CA ARG C 424 23.32 20.66 11.56
C ARG C 424 23.38 19.47 12.52
N LEU C 425 23.49 19.73 13.83
CA LEU C 425 23.49 18.66 14.80
C LEU C 425 22.17 17.90 14.77
N THR C 426 21.06 18.63 14.65
CA THR C 426 19.76 17.97 14.57
C THR C 426 19.67 17.13 13.30
N ALA C 427 20.24 17.62 12.19
CA ALA C 427 20.17 16.86 10.94
C ALA C 427 21.01 15.60 11.05
N MET C 428 22.23 15.72 11.59
CA MET C 428 23.06 14.57 11.84
C MET C 428 22.32 13.53 12.68
N LYS C 429 21.60 13.99 13.70
CA LYS C 429 20.92 13.06 14.61
C LYS C 429 19.88 12.25 13.86
N ASP C 430 19.21 12.87 12.88
CA ASP C 430 18.18 12.15 12.13
C ASP C 430 18.79 11.18 11.12
N GLU C 431 19.98 11.48 10.58
CA GLU C 431 20.63 10.49 9.72
C GLU C 431 21.04 9.25 10.52
N ILE C 432 21.34 9.41 11.82
CA ILE C 432 21.68 8.26 12.65
C ILE C 432 20.47 7.37 12.86
N ALA C 433 19.31 7.96 13.14
CA ALA C 433 18.07 7.19 13.23
C ALA C 433 17.80 6.44 11.93
N THR C 434 17.81 7.15 10.82
CA THR C 434 17.59 6.49 9.53
C THR C 434 18.58 5.36 9.29
N THR C 435 19.83 5.56 9.70
CA THR C 435 20.89 4.64 9.31
C THR C 435 21.16 3.55 10.34
N ALA C 436 21.06 3.87 11.63
CA ALA C 436 21.28 2.86 12.66
C ALA C 436 19.98 2.38 13.30
N GLY C 437 18.90 3.12 13.15
CA GLY C 437 17.63 2.80 13.80
C GLY C 437 17.59 3.25 15.25
N THR C 438 16.38 3.49 15.75
CA THR C 438 16.12 3.73 17.17
C THR C 438 15.00 2.80 17.66
N LEU C 439 14.76 2.84 18.97
CA LEU C 439 13.64 2.17 19.63
C LEU C 439 12.65 3.20 20.18
N SER C 440 11.37 2.85 20.17
CA SER C 440 10.30 3.82 20.50
C SER C 440 8.86 3.25 20.57
N MET D 1 33.40 13.18 -18.78
CA MET D 1 33.69 11.95 -19.52
C MET D 1 33.37 10.69 -18.70
N PRO D 2 32.10 10.52 -18.27
CA PRO D 2 31.76 9.33 -17.48
C PRO D 2 31.80 8.08 -18.34
N LYS D 3 31.98 6.94 -17.68
CA LYS D 3 32.25 5.72 -18.42
C LYS D 3 31.47 4.57 -17.79
N ILE D 4 31.20 3.54 -18.59
CA ILE D 4 30.61 2.28 -18.14
C ILE D 4 31.74 1.29 -17.92
N ILE D 5 32.04 0.97 -16.66
CA ILE D 5 33.12 0.04 -16.32
C ILE D 5 32.61 -1.39 -16.48
N LEU D 6 33.21 -2.13 -17.41
CA LEU D 6 32.62 -3.34 -17.96
C LEU D 6 33.57 -4.53 -17.80
N PRO D 7 33.54 -5.22 -16.66
CA PRO D 7 34.51 -6.30 -16.40
C PRO D 7 34.11 -7.62 -17.05
N ASN D 8 34.07 -7.64 -18.38
CA ASN D 8 33.68 -8.83 -19.13
C ASN D 8 34.88 -9.79 -19.26
N PHE D 9 35.28 -10.35 -18.12
CA PHE D 9 36.41 -11.29 -18.08
C PHE D 9 36.10 -12.43 -17.10
N ARG D 10 36.97 -13.46 -17.14
CA ARG D 10 37.10 -14.53 -16.13
C ARG D 10 36.08 -15.67 -16.31
N ALA D 11 36.35 -16.56 -17.25
CA ALA D 11 35.64 -17.85 -17.40
C ALA D 11 34.14 -17.72 -17.74
N SER D 30 26.94 -14.92 -4.24
CA SER D 30 27.21 -14.20 -2.98
C SER D 30 28.65 -13.60 -2.89
N THR D 31 29.58 -14.10 -3.71
CA THR D 31 30.92 -13.53 -3.73
C THR D 31 30.92 -12.19 -4.48
N ASP D 32 31.91 -11.36 -4.18
CA ASP D 32 32.01 -10.02 -4.76
C ASP D 32 33.33 -9.84 -5.52
N THR D 33 33.71 -10.84 -6.32
CA THR D 33 34.97 -10.81 -7.06
C THR D 33 35.08 -9.58 -7.94
N THR D 34 33.96 -8.98 -8.29
CA THR D 34 33.90 -7.92 -9.28
C THR D 34 33.79 -6.54 -8.65
N ALA D 35 33.53 -6.47 -7.34
CA ALA D 35 33.43 -5.17 -6.69
C ALA D 35 34.72 -4.37 -6.77
N ARG D 36 35.88 -5.06 -6.84
CA ARG D 36 37.15 -4.35 -6.88
C ARG D 36 37.23 -3.28 -7.96
N PHE D 37 36.40 -3.37 -9.01
CA PHE D 37 36.44 -2.42 -10.12
C PHE D 37 35.70 -1.12 -9.83
N LEU D 38 35.06 -1.00 -8.67
CA LEU D 38 34.50 0.30 -8.25
C LEU D 38 35.59 1.34 -8.11
N TRP D 39 36.81 0.93 -7.77
CA TRP D 39 37.92 1.86 -7.59
C TRP D 39 38.31 2.56 -8.89
N HIS D 40 37.70 2.16 -10.01
CA HIS D 40 37.76 2.91 -11.25
C HIS D 40 36.75 4.07 -11.31
N ALA D 41 35.73 4.07 -10.44
CA ALA D 41 34.60 4.98 -10.63
C ALA D 41 35.02 6.43 -10.47
N GLU D 42 34.54 7.27 -11.37
CA GLU D 42 34.48 8.71 -11.21
C GLU D 42 33.02 9.12 -11.14
N ASP D 43 32.79 10.39 -10.81
CA ASP D 43 31.45 10.94 -10.69
C ASP D 43 30.60 10.60 -11.90
N GLY D 44 29.43 10.04 -11.65
CA GLY D 44 28.50 9.69 -12.71
C GLY D 44 28.75 8.37 -13.40
N ASP D 45 29.85 7.68 -13.10
CA ASP D 45 30.15 6.42 -13.77
C ASP D 45 29.11 5.35 -13.43
N VAL D 46 29.08 4.33 -14.29
CA VAL D 46 28.26 3.13 -14.11
C VAL D 46 29.21 1.93 -14.04
N LEU D 47 29.04 1.11 -13.01
CA LEU D 47 29.75 -0.15 -12.92
C LEU D 47 28.77 -1.28 -13.15
N VAL D 48 29.14 -2.22 -14.03
CA VAL D 48 28.32 -3.39 -14.32
C VAL D 48 28.94 -4.57 -13.60
N ILE D 49 28.14 -5.27 -12.80
CA ILE D 49 28.70 -6.36 -12.00
C ILE D 49 27.91 -7.64 -12.22
N PRO D 50 28.57 -8.77 -12.50
CA PRO D 50 27.83 -10.02 -12.69
C PRO D 50 27.39 -10.69 -11.39
N ASP D 51 28.04 -10.40 -10.26
CA ASP D 51 27.78 -11.10 -9.01
C ASP D 51 27.12 -10.12 -8.03
N THR D 52 27.51 -10.08 -6.76
CA THR D 52 26.89 -9.19 -5.79
C THR D 52 27.93 -8.23 -5.22
N VAL D 53 27.46 -7.35 -4.35
CA VAL D 53 28.32 -6.34 -3.74
C VAL D 53 27.70 -5.95 -2.42
N ASP D 54 28.54 -5.81 -1.39
CA ASP D 54 28.07 -5.35 -0.08
C ASP D 54 27.38 -4.00 -0.25
N PRO D 55 26.13 -3.84 0.20
CA PRO D 55 25.47 -2.53 0.14
C PRO D 55 26.34 -1.35 0.59
N ASP D 56 27.20 -1.54 1.59
CA ASP D 56 28.04 -0.43 2.05
C ASP D 56 29.18 -0.13 1.08
N PHE D 57 29.48 -1.02 0.15
CA PHE D 57 30.74 -0.91 -0.59
C PHE D 57 30.87 0.35 -1.44
N PRO D 58 29.94 0.67 -2.35
CA PRO D 58 30.13 1.91 -3.14
C PRO D 58 30.32 3.13 -2.28
N GLY D 59 29.58 3.24 -1.18
CA GLY D 59 29.74 4.40 -0.32
C GLY D 59 31.14 4.50 0.25
N TYR D 60 31.71 3.36 0.63
CA TYR D 60 33.02 3.38 1.25
C TYR D 60 34.10 3.74 0.23
N VAL D 61 34.00 3.15 -0.96
CA VAL D 61 34.93 3.52 -2.03
C VAL D 61 34.82 5.01 -2.33
N ALA D 62 33.59 5.54 -2.36
CA ALA D 62 33.43 6.97 -2.61
C ALA D 62 34.07 7.82 -1.52
N ASP D 63 33.83 7.50 -0.24
CA ASP D 63 34.47 8.26 0.84
C ASP D 63 35.98 8.29 0.66
N THR D 64 36.56 7.16 0.25
CA THR D 64 38.01 7.08 0.18
C THR D 64 38.57 7.72 -1.07
N LEU D 65 37.76 7.86 -2.10
CA LEU D 65 38.18 8.49 -3.34
C LEU D 65 37.76 9.95 -3.43
N GLY D 66 37.06 10.46 -2.41
CA GLY D 66 36.54 11.82 -2.46
C GLY D 66 35.62 12.08 -3.63
N ILE D 67 34.80 11.11 -4.00
CA ILE D 67 33.86 11.27 -5.11
C ILE D 67 32.44 11.23 -4.55
N ASP D 68 31.48 11.61 -5.40
CA ASP D 68 30.06 11.62 -5.04
C ASP D 68 29.48 10.24 -5.38
N GLY D 69 29.44 9.36 -4.37
CA GLY D 69 29.02 8.00 -4.62
C GLY D 69 27.58 7.88 -5.06
N THR D 70 26.75 8.85 -4.69
CA THR D 70 25.37 8.90 -5.19
C THR D 70 25.33 9.11 -6.70
N SER D 71 26.42 9.58 -7.30
CA SER D 71 26.51 9.68 -8.74
C SER D 71 27.04 8.42 -9.41
N VAL D 72 27.54 7.46 -8.64
CA VAL D 72 28.00 6.19 -9.21
C VAL D 72 26.86 5.17 -9.18
N HIS D 73 26.68 4.46 -10.28
CA HIS D 73 25.56 3.54 -10.47
C HIS D 73 26.09 2.14 -10.71
N VAL D 74 25.70 1.20 -9.85
CA VAL D 74 26.05 -0.20 -10.00
C VAL D 74 24.90 -0.92 -10.71
N GLU D 75 25.15 -1.39 -11.93
CA GLU D 75 24.14 -2.10 -12.71
C GLU D 75 24.37 -3.59 -12.54
N ARG D 76 23.43 -4.25 -11.89
CA ARG D 76 23.57 -5.65 -11.49
C ARG D 76 22.95 -6.53 -12.56
N THR D 77 23.78 -7.26 -13.28
CA THR D 77 23.31 -8.40 -14.05
C THR D 77 23.55 -9.63 -13.20
N GLN D 78 22.63 -10.57 -13.24
CA GLN D 78 22.81 -11.72 -12.37
C GLN D 78 23.57 -12.84 -13.07
N THR D 79 24.06 -12.59 -14.28
CA THR D 79 24.83 -13.53 -15.08
C THR D 79 26.20 -12.95 -15.37
N PRO D 80 27.18 -13.77 -15.72
CA PRO D 80 28.46 -13.24 -16.22
C PRO D 80 28.25 -12.46 -17.51
N LEU D 81 29.21 -11.56 -17.79
CA LEU D 81 29.09 -10.60 -18.87
C LEU D 81 29.61 -11.21 -20.17
N SER D 82 28.90 -12.24 -20.62
CA SER D 82 29.32 -12.92 -21.83
C SER D 82 28.94 -12.08 -23.04
N GLU D 83 29.37 -12.54 -24.21
CA GLU D 83 29.03 -11.83 -25.44
C GLU D 83 27.52 -11.84 -25.69
N ALA D 84 26.85 -12.91 -25.28
CA ALA D 84 25.40 -12.97 -25.38
C ALA D 84 24.75 -11.86 -24.58
N VAL D 85 25.22 -11.66 -23.35
CA VAL D 85 24.67 -10.61 -22.50
C VAL D 85 24.91 -9.23 -23.10
N LEU D 86 26.17 -8.95 -23.50
CA LEU D 86 26.48 -7.64 -24.09
C LEU D 86 25.71 -7.38 -25.39
N GLN D 87 25.13 -8.40 -26.01
CA GLN D 87 24.27 -8.23 -27.19
C GLN D 87 22.78 -8.30 -26.87
N ASP D 88 22.40 -8.54 -25.60
CA ASP D 88 21.00 -8.69 -25.28
C ASP D 88 20.32 -7.32 -25.25
N PRO D 89 19.18 -7.16 -25.93
CA PRO D 89 18.53 -5.84 -25.95
C PRO D 89 18.03 -5.39 -24.60
N GLU D 90 17.61 -6.33 -23.73
CA GLU D 90 17.20 -5.95 -22.38
C GLU D 90 18.37 -5.35 -21.61
N PHE D 91 19.56 -5.92 -21.79
CA PHE D 91 20.76 -5.39 -21.14
C PHE D 91 21.13 -4.03 -21.74
N ILE D 92 21.02 -3.90 -23.06
CA ILE D 92 21.42 -2.66 -23.70
C ILE D 92 20.52 -1.51 -23.27
N ASP D 93 19.21 -1.78 -23.12
CA ASP D 93 18.31 -0.74 -22.65
C ASP D 93 18.62 -0.34 -21.22
N ARG D 94 19.13 -1.26 -20.40
CA ARG D 94 19.50 -0.91 -19.03
C ARG D 94 20.58 0.16 -19.01
N LEU D 95 21.69 -0.08 -19.72
CA LEU D 95 22.75 0.94 -19.78
C LEU D 95 22.30 2.17 -20.55
N ALA D 96 21.39 2.01 -21.51
CA ALA D 96 21.00 3.14 -22.35
C ALA D 96 20.27 4.21 -21.55
N ALA D 97 19.61 3.83 -20.46
CA ALA D 97 18.91 4.77 -19.57
C ALA D 97 19.85 5.55 -18.67
N HIS D 98 21.14 5.19 -18.64
CA HIS D 98 22.16 6.03 -18.03
C HIS D 98 22.86 6.91 -19.07
N THR D 99 23.07 6.36 -20.25
CA THR D 99 23.86 7.02 -21.28
C THR D 99 23.04 7.95 -22.16
N GLY D 100 21.72 7.77 -22.22
CA GLY D 100 20.87 8.68 -22.97
C GLY D 100 21.32 8.89 -24.40
N THR D 101 21.68 10.14 -24.74
CA THR D 101 22.26 10.42 -26.05
C THR D 101 23.59 9.72 -26.24
N GLY D 102 24.27 9.36 -25.15
CA GLY D 102 25.61 8.84 -25.23
C GLY D 102 26.72 9.88 -25.33
N ALA D 103 26.38 11.17 -25.37
CA ALA D 103 27.40 12.20 -25.48
C ALA D 103 28.21 12.26 -24.18
N GLY D 104 29.51 12.43 -24.31
CA GLY D 104 30.40 12.37 -23.18
C GLY D 104 30.58 10.99 -22.55
N TRP D 105 29.97 9.96 -23.11
CA TRP D 105 30.07 8.64 -22.52
C TRP D 105 31.07 7.78 -23.29
N SER D 106 31.51 6.72 -22.65
CA SER D 106 32.44 5.79 -23.27
C SER D 106 32.31 4.44 -22.59
N LEU D 107 32.69 3.39 -23.32
CA LEU D 107 32.77 2.05 -22.74
C LEU D 107 34.17 1.80 -22.22
N PHE D 108 34.27 1.26 -21.01
CA PHE D 108 35.56 0.94 -20.38
C PHE D 108 35.60 -0.57 -20.18
N PRO D 109 35.83 -1.34 -21.26
CA PRO D 109 35.76 -2.80 -21.16
C PRO D 109 37.07 -3.40 -20.72
N CYS D 110 36.96 -4.52 -19.99
CA CYS D 110 38.14 -5.29 -19.65
C CYS D 110 38.76 -5.93 -20.89
N VAL D 111 37.93 -6.60 -21.68
CA VAL D 111 38.30 -7.30 -22.89
C VAL D 111 37.57 -6.61 -24.04
N SER D 112 38.32 -6.09 -25.02
CA SER D 112 37.73 -5.39 -26.16
C SER D 112 37.23 -6.41 -27.19
N THR D 113 36.08 -7.01 -26.88
CA THR D 113 35.53 -8.03 -27.77
C THR D 113 34.70 -7.40 -28.87
N ARG D 114 34.32 -8.26 -29.83
CA ARG D 114 33.38 -7.86 -30.89
C ARG D 114 32.08 -7.32 -30.32
N ALA D 115 31.51 -8.00 -29.33
CA ALA D 115 30.28 -7.49 -28.73
C ALA D 115 30.51 -6.19 -27.97
N ALA D 116 31.67 -6.02 -27.33
CA ALA D 116 31.94 -4.76 -26.65
C ALA D 116 31.99 -3.61 -27.64
N ALA D 117 32.50 -3.88 -28.85
CA ALA D 117 32.52 -2.85 -29.88
C ALA D 117 31.12 -2.58 -30.40
N GLN D 118 30.34 -3.64 -30.66
CA GLN D 118 28.96 -3.45 -31.07
C GLN D 118 28.20 -2.66 -30.02
N LEU D 119 28.43 -2.99 -28.74
CA LEU D 119 27.76 -2.28 -27.65
C LEU D 119 27.99 -0.76 -27.74
N THR D 120 29.20 -0.32 -28.07
CA THR D 120 29.41 1.13 -28.15
C THR D 120 28.61 1.76 -29.28
N ARG D 121 28.39 1.03 -30.39
CA ARG D 121 27.56 1.61 -31.45
C ARG D 121 26.08 1.59 -31.09
N LYS D 122 25.62 0.53 -30.42
CA LYS D 122 24.22 0.47 -29.97
C LYS D 122 23.90 1.62 -29.02
N LEU D 123 24.83 1.99 -28.15
CA LEU D 123 24.59 3.03 -27.17
C LEU D 123 24.88 4.43 -27.70
N ASN D 124 25.50 4.56 -28.88
CA ASN D 124 25.95 5.86 -29.41
C ASN D 124 26.92 6.57 -28.46
N VAL D 125 27.70 5.81 -27.70
CA VAL D 125 28.72 6.43 -26.88
C VAL D 125 29.97 6.45 -27.75
N ALA D 126 31.06 7.07 -27.26
CA ALA D 126 32.31 7.08 -27.99
C ALA D 126 32.61 5.69 -28.54
N ALA D 127 32.97 5.65 -29.82
CA ALA D 127 33.29 4.37 -30.44
C ALA D 127 34.50 3.76 -29.75
N LEU D 128 34.41 2.47 -29.44
CA LEU D 128 35.53 1.76 -28.86
C LEU D 128 36.79 2.00 -29.67
N ASP D 129 37.87 2.38 -28.99
CA ASP D 129 39.11 2.57 -29.72
C ASP D 129 39.53 1.22 -30.32
N GLY D 130 39.96 1.24 -31.58
CA GLY D 130 40.26 0.01 -32.30
C GLY D 130 39.02 -0.80 -32.63
N TYR D 131 37.93 -0.11 -32.94
CA TYR D 131 36.64 -0.75 -33.18
C TYR D 131 36.75 -1.86 -34.22
N GLU D 132 37.35 -1.55 -35.38
CA GLU D 132 37.44 -2.54 -36.45
C GLU D 132 38.24 -3.76 -36.05
N PHE D 133 39.38 -3.56 -35.40
CA PHE D 133 40.16 -4.69 -34.91
C PHE D 133 39.31 -5.56 -33.97
N ALA D 134 38.55 -4.93 -33.08
CA ALA D 134 37.68 -5.71 -32.18
C ALA D 134 36.57 -6.40 -32.95
N MET D 135 36.01 -5.73 -33.98
CA MET D 135 34.93 -6.38 -34.74
C MET D 135 35.41 -7.66 -35.41
N GLN D 136 36.68 -7.77 -35.76
CA GLN D 136 37.22 -9.01 -36.28
C GLN D 136 37.68 -9.95 -35.17
N ASN D 137 37.34 -9.63 -33.92
CA ASN D 137 37.81 -10.35 -32.74
C ASN D 137 39.33 -10.43 -32.76
N GLY D 138 39.96 -9.27 -32.95
CA GLY D 138 41.41 -9.21 -32.96
C GLY D 138 42.03 -9.67 -31.66
N ILE D 139 41.40 -9.34 -30.53
CA ILE D 139 42.03 -9.62 -29.25
C ILE D 139 42.17 -11.13 -29.04
N ASP D 140 41.14 -11.90 -29.45
CA ASP D 140 41.22 -13.36 -29.41
C ASP D 140 42.53 -13.86 -29.97
N LEU D 141 42.93 -13.33 -31.14
CA LEU D 141 44.20 -13.70 -31.76
C LEU D 141 45.37 -13.38 -30.83
N LEU D 142 45.40 -12.17 -30.28
CA LEU D 142 46.57 -11.72 -29.52
C LEU D 142 46.72 -12.46 -28.20
N ASN D 143 45.62 -13.02 -27.67
CA ASN D 143 45.61 -13.72 -26.39
C ASN D 143 45.92 -15.21 -26.52
N MET D 144 46.32 -15.69 -27.71
CA MET D 144 46.76 -17.06 -27.84
C MET D 144 48.26 -17.11 -27.58
N LYS D 145 48.67 -18.05 -26.72
CA LYS D 145 50.08 -18.22 -26.41
C LYS D 145 50.91 -18.37 -27.69
N SER D 146 50.41 -19.14 -28.65
CA SER D 146 51.13 -19.38 -29.90
C SER D 146 51.37 -18.09 -30.69
N THR D 147 50.44 -17.13 -30.64
CA THR D 147 50.68 -15.87 -31.33
C THR D 147 51.85 -15.13 -30.71
N PHE D 148 51.91 -15.13 -29.38
CA PHE D 148 53.02 -14.47 -28.70
C PHE D 148 54.36 -15.04 -29.16
N ARG D 149 54.52 -16.36 -29.06
CA ARG D 149 55.75 -16.99 -29.49
C ARG D 149 56.06 -16.65 -30.95
N ARG D 150 55.03 -16.61 -31.79
CA ARG D 150 55.27 -16.33 -33.20
C ARG D 150 55.74 -14.90 -33.41
N LEU D 151 54.98 -13.93 -32.88
CA LEU D 151 55.37 -12.53 -32.97
C LEU D 151 56.74 -12.33 -32.33
N ALA D 152 56.94 -12.91 -31.15
CA ALA D 152 58.18 -12.68 -30.43
C ALA D 152 59.36 -13.19 -31.22
N ALA D 153 59.19 -14.34 -31.89
CA ALA D 153 60.31 -14.94 -32.59
C ALA D 153 60.62 -14.16 -33.87
N GLY D 154 59.59 -13.72 -34.59
CA GLY D 154 59.85 -12.94 -35.78
C GLY D 154 60.45 -11.60 -35.46
N LEU D 155 60.14 -11.07 -34.28
CA LEU D 155 60.62 -9.76 -33.89
C LEU D 155 62.01 -9.80 -33.28
N GLY D 156 62.44 -10.94 -32.76
CA GLY D 156 63.68 -11.00 -32.02
C GLY D 156 63.54 -10.73 -30.55
N THR D 157 62.31 -10.71 -30.03
CA THR D 157 62.08 -10.56 -28.60
C THR D 157 62.60 -11.77 -27.83
N PRO D 158 63.20 -11.57 -26.66
CA PRO D 158 63.76 -12.72 -25.92
C PRO D 158 62.66 -13.63 -25.39
N LEU D 159 62.70 -14.89 -25.81
CA LEU D 159 61.73 -15.89 -25.38
C LEU D 159 62.44 -17.23 -25.21
N THR D 160 61.92 -18.04 -24.28
CA THR D 160 62.53 -19.34 -24.02
C THR D 160 62.36 -20.25 -25.24
N ASP D 161 63.28 -21.20 -25.37
CA ASP D 161 63.12 -22.23 -26.38
C ASP D 161 61.79 -22.95 -26.17
N GLY D 162 61.07 -23.20 -27.24
CA GLY D 162 59.76 -23.84 -27.11
C GLY D 162 59.19 -24.17 -28.47
N VAL D 163 58.10 -24.92 -28.45
CA VAL D 163 57.41 -25.29 -29.68
C VAL D 163 55.91 -25.05 -29.53
N VAL D 164 55.28 -24.70 -30.64
CA VAL D 164 53.82 -24.75 -30.78
C VAL D 164 53.49 -26.14 -31.31
N ALA D 165 53.18 -27.04 -30.38
CA ALA D 165 52.91 -28.44 -30.71
C ALA D 165 51.48 -28.61 -31.25
N ARG D 166 51.36 -29.43 -32.29
CA ARG D 166 50.14 -29.62 -33.05
C ARG D 166 49.48 -30.98 -32.80
N GLY D 167 50.15 -31.88 -32.10
CA GLY D 167 49.60 -33.17 -31.73
C GLY D 167 50.38 -33.79 -30.59
N PRO D 168 49.93 -34.92 -30.07
CA PRO D 168 50.68 -35.55 -28.97
C PRO D 168 52.08 -35.97 -29.36
N ALA D 169 52.29 -36.44 -30.59
CA ALA D 169 53.63 -36.85 -31.01
C ALA D 169 54.61 -35.68 -30.94
N GLU D 170 54.18 -34.49 -31.37
CA GLU D 170 55.04 -33.32 -31.27
C GLU D 170 55.16 -32.78 -29.84
N VAL D 171 54.21 -33.08 -28.95
CA VAL D 171 54.48 -32.82 -27.55
C VAL D 171 55.59 -33.72 -27.03
N ARG D 172 55.59 -35.00 -27.45
CA ARG D 172 56.60 -35.95 -26.96
C ARG D 172 58.01 -35.48 -27.32
N SER D 173 58.25 -35.22 -28.62
CA SER D 173 59.55 -34.69 -29.02
C SER D 173 59.85 -33.36 -28.33
N ALA D 174 58.83 -32.54 -28.12
CA ALA D 174 59.02 -31.25 -27.44
C ALA D 174 59.61 -31.43 -26.06
N ILE D 175 58.96 -32.25 -25.23
CA ILE D 175 59.47 -32.50 -23.89
C ILE D 175 60.90 -33.03 -23.96
N GLN D 176 61.13 -34.01 -24.83
CA GLN D 176 62.42 -34.68 -24.87
C GLN D 176 63.55 -33.69 -25.14
N GLU D 177 63.34 -32.77 -26.08
CA GLU D 177 64.41 -31.83 -26.41
C GLU D 177 64.49 -30.66 -25.43
N LEU D 178 63.37 -30.20 -24.90
CA LEU D 178 63.36 -29.00 -24.06
C LEU D 178 63.65 -29.28 -22.59
N ILE D 179 63.64 -30.54 -22.14
CA ILE D 179 63.93 -30.88 -20.75
C ILE D 179 65.43 -30.80 -20.43
N ALA D 180 66.29 -30.83 -21.44
CA ALA D 180 67.73 -30.92 -21.19
C ALA D 180 68.25 -29.71 -20.42
N GLU D 181 67.88 -28.50 -20.83
CA GLU D 181 68.59 -27.30 -20.38
C GLU D 181 68.48 -27.10 -18.86
N THR D 182 67.30 -27.28 -18.30
CA THR D 182 67.06 -27.01 -16.88
C THR D 182 66.42 -28.17 -16.13
N GLY D 183 65.93 -29.19 -16.81
CA GLY D 183 65.15 -30.22 -16.15
C GLY D 183 63.70 -29.83 -15.89
N MET D 184 63.24 -28.70 -16.40
CA MET D 184 61.86 -28.28 -16.20
C MET D 184 61.29 -27.79 -17.52
N VAL D 185 60.06 -28.20 -17.79
CA VAL D 185 59.34 -27.87 -19.01
C VAL D 185 57.92 -27.56 -18.59
N ILE D 186 57.36 -26.50 -19.18
CA ILE D 186 56.00 -26.09 -18.85
C ILE D 186 55.18 -26.19 -20.13
N ALA D 187 53.99 -26.76 -20.01
CA ALA D 187 53.07 -26.93 -21.13
C ALA D 187 51.83 -26.08 -20.91
N LYS D 188 51.42 -25.34 -21.93
CA LYS D 188 50.40 -24.32 -21.75
C LYS D 188 49.22 -24.54 -22.70
N GLN D 189 48.02 -24.52 -22.13
CA GLN D 189 46.81 -24.34 -22.92
C GLN D 189 46.94 -23.05 -23.72
N ASP D 190 46.67 -23.15 -25.01
CA ASP D 190 46.95 -22.01 -25.88
C ASP D 190 46.20 -20.74 -25.49
N ARG D 191 45.07 -20.86 -24.78
CA ARG D 191 44.21 -19.71 -24.49
C ARG D 191 43.89 -19.53 -23.01
N SER D 192 44.71 -20.07 -22.09
CA SER D 192 44.42 -20.06 -20.64
C SER D 192 45.62 -19.49 -19.87
N GLY D 193 45.77 -18.16 -19.88
CA GLY D 193 46.99 -17.53 -19.39
C GLY D 193 46.97 -17.03 -17.95
N GLY D 194 46.86 -17.96 -16.99
CA GLY D 194 46.82 -17.58 -15.59
C GLY D 194 47.09 -18.72 -14.63
N GLY D 195 47.84 -19.72 -15.07
CA GLY D 195 48.29 -20.81 -14.20
C GLY D 195 47.44 -22.06 -14.17
N HIS D 196 46.11 -21.92 -14.13
CA HIS D 196 45.23 -23.08 -14.00
C HIS D 196 45.40 -24.05 -15.16
N GLY D 197 45.36 -23.54 -16.38
CA GLY D 197 45.49 -24.44 -17.48
C GLY D 197 46.95 -24.65 -17.80
N ASN D 198 47.80 -24.87 -16.78
CA ASN D 198 49.25 -25.02 -16.95
C ASN D 198 49.78 -26.24 -16.23
N ILE D 199 50.57 -27.07 -16.92
CA ILE D 199 51.11 -28.30 -16.36
C ILE D 199 52.62 -28.28 -16.52
N GLY D 200 53.34 -28.53 -15.43
CA GLY D 200 54.79 -28.55 -15.43
C GLY D 200 55.35 -29.95 -15.45
N ILE D 201 56.51 -30.11 -16.12
CA ILE D 201 57.23 -31.37 -16.17
C ILE D 201 58.60 -31.13 -15.57
N SER D 202 58.95 -31.92 -14.56
CA SER D 202 60.16 -31.65 -13.81
C SER D 202 60.91 -32.95 -13.51
N THR D 203 62.23 -32.86 -13.62
CA THR D 203 63.11 -33.86 -13.01
C THR D 203 63.32 -33.61 -11.52
N SER D 204 63.17 -32.36 -11.08
CA SER D 204 63.56 -32.01 -9.72
C SER D 204 62.32 -31.78 -8.86
N PRO D 205 61.94 -32.72 -7.97
CA PRO D 205 60.65 -32.63 -7.32
C PRO D 205 60.43 -31.41 -6.43
N GLU D 206 61.46 -30.59 -6.17
CA GLU D 206 61.26 -29.30 -5.52
C GLU D 206 60.03 -28.62 -6.11
N SER D 207 58.95 -28.53 -5.32
CA SER D 207 57.65 -28.19 -5.89
C SER D 207 57.62 -26.78 -6.47
N SER D 208 58.68 -25.99 -6.30
CA SER D 208 58.73 -24.59 -6.71
C SER D 208 58.53 -24.44 -8.20
N PHE D 209 57.29 -24.64 -8.65
CA PHE D 209 56.89 -24.49 -10.05
C PHE D 209 55.74 -23.50 -10.12
N PRO D 210 56.00 -22.21 -9.84
CA PRO D 210 54.92 -21.23 -9.88
C PRO D 210 54.36 -21.13 -11.28
N GLY D 211 53.05 -20.94 -11.36
CA GLY D 211 52.35 -20.82 -12.62
C GLY D 211 51.82 -22.11 -13.19
N THR D 212 51.87 -23.21 -12.44
CA THR D 212 51.34 -24.48 -12.90
C THR D 212 50.25 -24.95 -11.95
N ARG D 213 49.30 -25.72 -12.49
CA ARG D 213 48.30 -26.34 -11.63
C ARG D 213 48.79 -27.67 -11.07
N GLU D 214 49.69 -28.35 -11.79
CA GLU D 214 50.25 -29.61 -11.31
C GLU D 214 51.58 -29.84 -12.00
N VAL D 215 52.44 -30.61 -11.34
CA VAL D 215 53.79 -30.91 -11.80
C VAL D 215 53.92 -32.42 -11.94
N LEU D 216 54.51 -32.85 -13.06
CA LEU D 216 54.68 -34.27 -13.35
C LEU D 216 56.16 -34.61 -13.33
N ALA D 217 56.49 -35.80 -12.86
CA ALA D 217 57.87 -36.25 -12.81
C ALA D 217 58.31 -36.73 -14.18
N TYR D 218 59.55 -36.40 -14.55
CA TYR D 218 60.07 -36.73 -15.86
C TYR D 218 60.86 -38.03 -15.83
N ALA D 219 60.84 -38.72 -16.96
CA ALA D 219 61.67 -39.87 -17.31
C ALA D 219 61.39 -40.22 -18.75
N ASN D 220 62.42 -40.65 -19.49
CA ASN D 220 62.22 -41.05 -20.87
C ASN D 220 61.12 -42.10 -20.99
N ASP D 221 61.09 -43.05 -20.06
CA ASP D 221 60.13 -44.12 -20.22
C ASP D 221 58.72 -43.69 -19.82
N GLN D 222 58.55 -42.43 -19.42
CA GLN D 222 57.23 -41.83 -19.23
C GLN D 222 56.83 -40.91 -20.38
N LEU D 223 57.70 -40.71 -21.37
CA LEU D 223 57.48 -39.70 -22.41
C LEU D 223 56.15 -39.94 -23.13
N ASP D 224 55.80 -41.19 -23.42
CA ASP D 224 54.53 -41.46 -24.09
C ASP D 224 53.35 -41.01 -23.24
N THR D 225 53.34 -41.38 -21.97
CA THR D 225 52.21 -41.06 -21.10
C THR D 225 52.12 -39.57 -20.80
N LEU D 226 53.28 -38.89 -20.68
CA LEU D 226 53.29 -37.44 -20.49
C LEU D 226 52.65 -36.73 -21.67
N ALA D 227 53.14 -37.00 -22.88
CA ALA D 227 52.62 -36.40 -24.09
C ALA D 227 51.10 -36.58 -24.20
N ASP D 228 50.61 -37.79 -23.94
CA ASP D 228 49.19 -38.05 -24.02
C ASP D 228 48.42 -37.25 -22.98
N THR D 229 48.97 -37.16 -21.77
CA THR D 229 48.26 -36.49 -20.69
C THR D 229 48.18 -35.00 -20.93
N LEU D 230 49.27 -34.37 -21.39
CA LEU D 230 49.21 -32.94 -21.68
C LEU D 230 48.26 -32.65 -22.84
N TRP D 231 48.25 -33.53 -23.85
CA TRP D 231 47.44 -33.25 -25.04
C TRP D 231 45.94 -33.31 -24.76
N SER D 232 45.50 -34.33 -24.03
CA SER D 232 44.07 -34.45 -23.77
C SER D 232 43.58 -33.49 -22.70
N GLN D 233 44.47 -33.00 -21.84
CA GLN D 233 44.06 -32.10 -20.78
C GLN D 233 44.04 -30.64 -21.18
N LEU D 234 44.78 -30.24 -22.21
CA LEU D 234 44.95 -28.84 -22.52
C LEU D 234 44.41 -28.43 -23.89
N THR D 235 43.88 -29.36 -24.67
CA THR D 235 43.21 -29.05 -25.93
C THR D 235 41.73 -29.39 -25.83
N ASP D 236 40.92 -28.70 -26.65
CA ASP D 236 39.51 -29.04 -26.85
C ASP D 236 39.18 -28.77 -28.32
N THR D 237 37.89 -28.73 -28.64
CA THR D 237 37.44 -28.53 -30.02
C THR D 237 38.08 -27.29 -30.65
N GLN D 238 38.07 -26.17 -29.92
CA GLN D 238 38.52 -24.89 -30.45
C GLN D 238 40.02 -24.67 -30.33
N ASN D 239 40.67 -25.36 -29.40
CA ASN D 239 42.08 -25.16 -29.08
C ASN D 239 42.84 -26.40 -29.53
N GLN D 240 43.49 -26.30 -30.69
CA GLN D 240 44.20 -27.42 -31.27
C GLN D 240 45.72 -27.19 -31.29
N PHE D 241 46.20 -26.23 -30.51
CA PHE D 241 47.62 -26.04 -30.28
C PHE D 241 47.91 -26.16 -28.79
N ILE D 242 49.11 -26.60 -28.47
CA ILE D 242 49.66 -26.52 -27.12
C ILE D 242 51.05 -25.93 -27.24
N THR D 243 51.43 -25.12 -26.26
CA THR D 243 52.78 -24.59 -26.18
C THR D 243 53.58 -25.42 -25.18
N VAL D 244 54.83 -25.72 -25.54
CA VAL D 244 55.72 -26.55 -24.74
C VAL D 244 57.08 -25.86 -24.74
N GLU D 245 57.54 -25.47 -23.54
CA GLU D 245 58.64 -24.54 -23.41
C GLU D 245 59.61 -24.96 -22.31
N THR D 246 60.86 -24.59 -22.47
CA THR D 246 61.83 -24.71 -21.38
C THR D 246 61.48 -23.72 -20.27
N TYR D 247 61.43 -24.21 -19.05
CA TYR D 247 61.10 -23.40 -17.88
C TYR D 247 62.37 -23.08 -17.11
N HIS D 248 62.58 -21.81 -16.79
CA HIS D 248 63.76 -21.36 -16.06
C HIS D 248 63.37 -21.00 -14.63
N ARG D 249 64.18 -21.47 -13.68
CA ARG D 249 64.14 -20.92 -12.34
C ARG D 249 64.57 -19.48 -12.41
N ALA D 250 63.81 -18.59 -11.78
CA ALA D 250 63.98 -17.17 -12.04
C ALA D 250 64.18 -16.43 -10.73
N ASP D 251 65.16 -15.52 -10.74
CA ASP D 251 65.33 -14.56 -9.67
C ASP D 251 64.08 -13.67 -9.57
N GLN D 252 63.85 -12.85 -10.59
CA GLN D 252 62.80 -11.83 -10.58
C GLN D 252 61.70 -12.21 -11.55
N ARG D 253 60.47 -12.29 -11.05
CA ARG D 253 59.27 -12.44 -11.88
C ARG D 253 58.53 -11.11 -11.92
N PHE D 254 58.22 -10.64 -13.12
CA PHE D 254 57.67 -9.29 -13.29
C PHE D 254 56.64 -9.31 -14.41
N PHE D 255 55.81 -8.27 -14.45
CA PHE D 255 55.07 -7.94 -15.66
C PHE D 255 54.95 -6.43 -15.76
N PHE D 256 54.95 -5.93 -16.99
CA PHE D 256 54.77 -4.53 -17.32
C PHE D 256 53.37 -4.35 -17.89
N GLU D 257 52.73 -3.25 -17.58
CA GLU D 257 51.38 -2.99 -18.05
C GLU D 257 51.35 -1.67 -18.82
N TYR D 258 50.60 -1.63 -19.91
CA TYR D 258 50.58 -0.49 -20.83
C TYR D 258 49.17 -0.12 -21.22
N HIS D 259 48.97 1.16 -21.55
CA HIS D 259 47.78 1.64 -22.22
C HIS D 259 48.16 2.04 -23.65
N LEU D 260 47.45 1.51 -24.64
CA LEU D 260 47.73 1.74 -26.05
C LEU D 260 46.54 2.50 -26.63
N ASP D 261 46.80 3.60 -27.38
CA ASP D 261 45.67 4.38 -27.86
C ASP D 261 45.75 5.00 -29.25
N GLY D 262 46.80 4.83 -30.03
CA GLY D 262 46.82 5.50 -31.30
C GLY D 262 47.68 6.76 -31.36
N ASP D 263 48.01 7.34 -30.21
CA ASP D 263 49.14 8.25 -30.05
C ASP D 263 50.40 7.53 -29.58
N ARG D 264 50.25 6.53 -28.72
CA ARG D 264 51.40 6.00 -28.01
C ARG D 264 50.98 4.72 -27.30
N ALA D 265 51.99 3.97 -26.92
CA ALA D 265 51.87 2.97 -25.88
C ALA D 265 52.45 3.60 -24.62
N ARG D 266 51.63 3.75 -23.59
CA ARG D 266 52.06 4.38 -22.35
C ARG D 266 52.39 3.29 -21.35
N PHE D 267 53.66 3.25 -20.89
CA PHE D 267 54.02 2.44 -19.75
C PHE D 267 53.30 2.95 -18.49
N LEU D 268 52.61 2.06 -17.79
CA LEU D 268 51.83 2.40 -16.60
C LEU D 268 52.52 1.97 -15.31
N HIS D 269 52.95 0.71 -15.20
CA HIS D 269 53.58 0.22 -13.98
C HIS D 269 54.21 -1.14 -14.25
N SER D 270 55.23 -1.46 -13.45
CA SER D 270 55.75 -2.81 -13.29
C SER D 270 55.26 -3.34 -11.94
N SER D 271 54.97 -4.65 -11.89
CA SER D 271 54.49 -5.30 -10.69
C SER D 271 55.03 -6.71 -10.62
N ILE D 272 55.04 -7.29 -9.42
CA ILE D 272 55.62 -8.59 -9.14
C ILE D 272 54.52 -9.56 -8.74
N LEU D 273 54.48 -10.72 -9.39
CA LEU D 273 53.57 -11.78 -8.99
C LEU D 273 54.18 -12.57 -7.83
N LYS D 274 53.41 -12.74 -6.77
CA LYS D 274 53.86 -13.45 -5.59
C LYS D 274 53.18 -14.81 -5.55
N TYR D 275 53.96 -15.86 -5.29
CA TYR D 275 53.45 -17.20 -5.13
C TYR D 275 53.75 -17.71 -3.72
N GLU D 276 53.00 -18.73 -3.30
CA GLU D 276 53.16 -19.26 -1.95
C GLU D 276 54.52 -19.93 -1.78
N GLN D 277 55.01 -19.94 -0.53
CA GLN D 277 56.20 -20.72 -0.17
C GLN D 277 55.79 -21.99 0.57
N GLY D 283 45.15 -28.93 -5.43
CA GLY D 283 45.88 -28.50 -6.61
C GLY D 283 46.20 -27.02 -6.58
N GLY D 284 47.49 -26.70 -6.60
CA GLY D 284 47.96 -25.33 -6.57
C GLY D 284 49.38 -25.17 -7.06
N SER D 285 50.29 -25.98 -6.50
CA SER D 285 51.66 -26.15 -7.00
C SER D 285 52.43 -24.83 -6.99
N ALA D 286 52.38 -24.16 -5.83
CA ALA D 286 52.73 -22.74 -5.69
C ALA D 286 51.66 -21.89 -6.39
N LYS D 287 50.62 -21.55 -5.65
CA LYS D 287 49.51 -20.76 -6.20
C LYS D 287 49.78 -19.26 -6.08
N TRP D 288 48.89 -18.49 -6.70
CA TRP D 288 48.98 -17.03 -6.69
C TRP D 288 48.36 -16.48 -5.41
N ILE D 289 49.10 -15.60 -4.74
CA ILE D 289 48.67 -15.08 -3.45
C ILE D 289 48.50 -13.56 -3.45
N GLY D 290 48.99 -12.85 -4.45
CA GLY D 290 48.83 -11.42 -4.54
C GLY D 290 49.91 -10.85 -5.46
N LEU D 291 50.09 -9.54 -5.38
CA LEU D 291 51.20 -8.97 -6.13
C LEU D 291 51.80 -7.77 -5.40
N ASP D 292 53.08 -7.53 -5.68
CA ASP D 292 53.84 -6.39 -5.18
C ASP D 292 54.11 -5.43 -6.33
N SER D 293 54.21 -4.15 -5.99
CA SER D 293 54.49 -3.20 -7.06
C SER D 293 55.51 -2.18 -6.59
N PRO D 294 55.87 -1.26 -7.45
CA PRO D 294 57.27 -1.21 -7.88
C PRO D 294 57.94 -2.59 -7.94
N SER D 295 57.91 -3.24 -9.11
CA SER D 295 58.79 -4.38 -9.35
C SER D 295 60.24 -3.91 -9.27
N ARG D 296 61.16 -4.87 -9.22
CA ARG D 296 62.58 -4.52 -9.17
C ARG D 296 63.28 -4.74 -10.52
N SER D 297 62.51 -4.85 -11.60
CA SER D 297 63.04 -5.30 -12.89
C SER D 297 62.94 -4.24 -13.98
N GLU D 298 62.91 -2.96 -13.62
CA GLU D 298 62.74 -1.88 -14.60
C GLU D 298 64.12 -1.33 -14.98
N PHE D 299 64.80 -2.04 -15.88
CA PHE D 299 66.06 -1.57 -16.43
C PHE D 299 66.06 -1.82 -17.94
N GLU D 300 67.13 -1.37 -18.61
CA GLU D 300 67.11 -1.28 -20.06
C GLU D 300 66.85 -2.63 -20.72
N ALA D 301 67.50 -3.69 -20.24
CA ALA D 301 67.40 -4.98 -20.92
C ALA D 301 66.02 -5.61 -20.76
N THR D 302 65.13 -5.03 -19.97
CA THR D 302 63.73 -5.49 -19.93
C THR D 302 62.77 -4.52 -20.58
N LEU D 303 62.94 -3.22 -20.32
CA LEU D 303 62.02 -2.18 -20.79
C LEU D 303 62.07 -2.04 -22.31
N LYS D 304 63.26 -2.13 -22.88
CA LYS D 304 63.42 -1.79 -24.28
C LYS D 304 62.89 -2.91 -25.18
N PRO D 305 63.24 -4.18 -24.96
CA PRO D 305 62.53 -5.23 -25.71
C PRO D 305 61.02 -5.22 -25.49
N ALA D 306 60.56 -5.07 -24.23
CA ALA D 306 59.12 -4.95 -23.99
C ALA D 306 58.52 -3.81 -24.81
N GLU D 307 59.08 -2.59 -24.68
CA GLU D 307 58.60 -1.44 -25.44
C GLU D 307 58.49 -1.75 -26.93
N GLU D 308 59.50 -2.44 -27.48
CA GLU D 308 59.50 -2.74 -28.91
C GLU D 308 58.42 -3.75 -29.28
N PHE D 309 58.23 -4.77 -28.44
CA PHE D 309 57.15 -5.73 -28.69
C PHE D 309 55.80 -5.06 -28.56
N ILE D 310 55.58 -4.36 -27.45
CA ILE D 310 54.33 -3.63 -27.22
C ILE D 310 54.03 -2.68 -28.39
N GLU D 311 55.05 -1.98 -28.88
CA GLU D 311 54.80 -1.04 -29.98
C GLU D 311 54.34 -1.77 -31.23
N MET D 312 54.81 -3.00 -31.42
CA MET D 312 54.35 -3.76 -32.57
C MET D 312 52.90 -4.16 -32.44
N ILE D 313 52.42 -4.50 -31.23
CA ILE D 313 51.02 -4.88 -31.16
C ILE D 313 50.13 -3.66 -31.35
N ARG D 314 50.57 -2.49 -30.88
CA ARG D 314 49.90 -1.23 -31.22
C ARG D 314 49.88 -1.01 -32.73
N THR D 315 50.99 -1.30 -33.40
CA THR D 315 51.02 -1.18 -34.85
C THR D 315 49.96 -2.07 -35.50
N ILE D 316 49.77 -3.30 -35.02
CA ILE D 316 48.80 -4.18 -35.67
C ILE D 316 47.37 -3.87 -35.28
N GLY D 317 47.14 -2.91 -34.38
CA GLY D 317 45.81 -2.36 -34.18
C GLY D 317 45.21 -2.52 -32.80
N TYR D 318 45.91 -3.05 -31.81
CA TYR D 318 45.27 -3.22 -30.51
C TYR D 318 45.17 -1.88 -29.79
N ARG D 319 43.99 -1.60 -29.21
CA ARG D 319 43.76 -0.40 -28.43
C ARG D 319 43.20 -0.80 -27.06
N GLY D 320 43.73 -0.20 -26.00
CA GLY D 320 43.34 -0.61 -24.67
C GLY D 320 44.51 -1.09 -23.84
N TYR D 321 44.24 -1.88 -22.80
CA TYR D 321 45.27 -2.32 -21.87
C TYR D 321 45.91 -3.63 -22.32
N VAL D 322 47.23 -3.72 -22.15
CA VAL D 322 47.99 -4.93 -22.42
C VAL D 322 49.16 -5.03 -21.44
N ASN D 323 49.52 -6.26 -21.08
CA ASN D 323 50.66 -6.48 -20.19
C ASN D 323 51.50 -7.63 -20.71
N ILE D 324 52.80 -7.61 -20.36
CA ILE D 324 53.75 -8.63 -20.77
C ILE D 324 54.47 -9.18 -19.53
N ASP D 325 54.37 -10.49 -19.31
CA ASP D 325 55.09 -11.22 -18.25
C ASP D 325 56.53 -11.46 -18.67
N GLY D 326 57.42 -11.54 -17.69
CA GLY D 326 58.79 -11.92 -17.98
C GLY D 326 59.57 -12.27 -16.72
N ILE D 327 60.85 -12.58 -16.92
CA ILE D 327 61.73 -12.99 -15.84
C ILE D 327 63.15 -12.54 -16.15
N VAL D 328 63.95 -12.44 -15.09
CA VAL D 328 65.40 -12.23 -15.20
C VAL D 328 66.09 -13.37 -14.47
N LEU D 329 67.11 -13.94 -15.10
CA LEU D 329 67.92 -14.98 -14.47
C LEU D 329 69.09 -14.35 -13.72
N ASP D 330 69.65 -15.13 -12.79
CA ASP D 330 70.84 -14.70 -12.05
C ASP D 330 71.97 -14.28 -12.98
N ASP D 331 72.13 -15.01 -14.10
CA ASP D 331 73.16 -14.68 -15.08
C ASP D 331 72.82 -13.41 -15.87
N GLY D 332 71.72 -12.73 -15.56
CA GLY D 332 71.36 -11.51 -16.23
C GLY D 332 70.55 -11.69 -17.51
N ARG D 333 70.33 -12.92 -17.96
CA ARG D 333 69.49 -13.13 -19.13
C ARG D 333 68.04 -12.79 -18.82
N VAL D 334 67.34 -12.28 -19.83
CA VAL D 334 65.96 -11.85 -19.71
C VAL D 334 65.10 -12.67 -20.66
N PHE D 335 63.94 -13.11 -20.17
CA PHE D 335 62.96 -13.81 -20.99
C PHE D 335 61.58 -13.18 -20.79
N PHE D 336 60.84 -13.01 -21.88
CA PHE D 336 59.43 -12.67 -21.83
C PHE D 336 58.60 -13.89 -22.18
N HIS D 337 57.49 -14.08 -21.45
CA HIS D 337 56.74 -15.34 -21.48
C HIS D 337 55.39 -15.25 -22.17
N GLU D 338 54.71 -14.10 -22.10
CA GLU D 338 53.36 -14.02 -22.65
C GLU D 338 52.79 -12.62 -22.52
N ILE D 339 51.76 -12.36 -23.30
CA ILE D 339 51.03 -11.11 -23.26
C ILE D 339 49.56 -11.41 -22.98
N ASN D 340 48.89 -10.44 -22.38
CA ASN D 340 47.45 -10.47 -22.17
C ASN D 340 46.91 -9.13 -22.63
N ALA D 341 46.05 -9.17 -23.66
CA ALA D 341 45.36 -7.99 -24.18
C ALA D 341 44.03 -7.92 -23.44
N ARG D 342 44.07 -7.27 -22.27
CA ARG D 342 42.97 -7.12 -21.31
C ARG D 342 43.55 -6.56 -20.01
N TRP D 343 42.70 -6.08 -19.10
CA TRP D 343 43.21 -5.64 -17.80
C TRP D 343 44.06 -6.74 -17.18
N SER D 344 45.19 -6.35 -16.61
CA SER D 344 45.88 -7.27 -15.73
C SER D 344 45.13 -7.35 -14.41
N GLY D 345 45.56 -8.29 -13.56
CA GLY D 345 45.01 -8.34 -12.21
C GLY D 345 45.36 -7.12 -11.37
N GLY D 346 46.50 -6.50 -11.66
CA GLY D 346 46.99 -5.37 -10.88
C GLY D 346 46.65 -3.98 -11.39
N LEU D 347 45.77 -3.86 -12.39
CA LEU D 347 45.47 -2.55 -12.94
C LEU D 347 44.70 -1.71 -11.95
N ILE D 348 43.76 -2.31 -11.22
CA ILE D 348 43.06 -1.57 -10.17
C ILE D 348 44.04 -1.12 -9.10
N TYR D 349 45.02 -1.96 -8.75
CA TYR D 349 45.96 -1.55 -7.71
C TYR D 349 46.72 -0.32 -8.16
N HIS D 350 47.28 -0.37 -9.37
CA HIS D 350 47.92 0.82 -9.92
C HIS D 350 46.96 2.00 -9.90
N THR D 351 45.68 1.76 -10.21
CA THR D 351 44.70 2.84 -10.31
C THR D 351 44.45 3.49 -8.95
N VAL D 352 44.13 2.68 -7.94
CA VAL D 352 44.00 3.18 -6.57
C VAL D 352 45.26 3.92 -6.18
N ALA D 353 46.43 3.34 -6.48
CA ALA D 353 47.69 3.96 -6.10
C ALA D 353 47.79 5.38 -6.62
N GLU D 354 47.50 5.59 -7.91
CA GLU D 354 47.72 6.94 -8.45
C GLU D 354 46.63 7.90 -8.02
N ARG D 355 45.41 7.40 -7.78
CA ARG D 355 44.34 8.28 -7.33
C ARG D 355 44.55 8.69 -5.88
N LEU D 356 45.02 7.76 -5.05
CA LEU D 356 45.25 8.06 -3.63
C LEU D 356 46.58 8.77 -3.40
N LEU D 357 47.60 8.40 -4.17
CA LEU D 357 48.94 8.87 -3.91
C LEU D 357 49.50 9.79 -4.98
N GLY D 358 48.91 9.81 -6.18
CA GLY D 358 49.41 10.65 -7.24
C GLY D 358 50.16 9.86 -8.30
N HIS D 359 50.22 10.44 -9.51
CA HIS D 359 50.84 9.76 -10.65
C HIS D 359 52.29 9.38 -10.36
N ASP D 360 52.93 10.10 -9.45
CA ASP D 360 54.33 9.90 -9.13
C ASP D 360 54.57 8.82 -8.08
N TYR D 361 53.52 8.11 -7.64
CA TYR D 361 53.60 7.33 -6.39
C TYR D 361 54.76 6.34 -6.37
N ALA D 362 55.14 5.77 -7.53
CA ALA D 362 56.14 4.70 -7.53
C ALA D 362 57.53 5.19 -7.13
N ARG D 363 57.77 6.50 -7.17
CA ARG D 363 59.08 7.02 -6.79
C ARG D 363 59.36 6.81 -5.30
N ASN D 364 58.32 6.92 -4.46
CA ASN D 364 58.49 6.91 -3.01
C ASN D 364 57.55 5.94 -2.30
N ASN D 365 56.77 5.13 -3.01
CA ASN D 365 55.74 4.34 -2.38
C ASN D 365 55.78 2.91 -2.90
N PHE D 366 55.32 2.00 -2.06
CA PHE D 366 55.15 0.60 -2.39
C PHE D 366 53.72 0.19 -2.13
N PHE D 367 53.29 -0.88 -2.79
CA PHE D 367 52.05 -1.53 -2.37
C PHE D 367 52.12 -3.03 -2.61
N SER D 368 51.15 -3.71 -2.04
CA SER D 368 51.16 -5.16 -1.98
C SER D 368 49.75 -5.58 -1.64
N SER D 369 49.26 -6.62 -2.30
CA SER D 369 47.92 -7.10 -2.07
C SER D 369 47.96 -8.42 -1.30
N ILE D 370 46.90 -8.65 -0.53
CA ILE D 370 46.62 -9.93 0.09
C ILE D 370 45.32 -10.42 -0.53
N LEU D 371 45.37 -11.61 -1.12
CA LEU D 371 44.14 -12.28 -1.51
C LEU D 371 43.62 -13.25 -0.45
N ASN D 372 44.40 -13.50 0.61
CA ASN D 372 44.24 -14.60 1.56
C ASN D 372 43.33 -14.30 2.74
N VAL D 373 42.95 -13.04 2.97
CA VAL D 373 42.26 -12.67 4.22
C VAL D 373 41.00 -13.49 4.40
N VAL D 374 40.73 -13.91 5.64
CA VAL D 374 39.45 -14.58 5.90
C VAL D 374 38.31 -13.67 5.47
N PRO D 375 37.31 -14.17 4.75
CA PRO D 375 36.18 -13.32 4.35
C PRO D 375 35.40 -12.80 5.55
N ALA D 376 34.95 -11.54 5.44
CA ALA D 376 34.07 -10.93 6.42
C ALA D 376 33.34 -9.78 5.75
N GLY D 377 32.22 -9.38 6.34
CA GLY D 377 31.52 -8.21 5.82
C GLY D 377 32.41 -6.98 5.86
N LEU D 378 31.97 -5.96 5.15
CA LEU D 378 32.77 -4.73 5.05
C LEU D 378 33.07 -4.15 6.44
N ALA D 379 32.02 -4.03 7.28
CA ALA D 379 32.16 -3.42 8.60
C ALA D 379 33.20 -4.16 9.43
N ASP D 380 33.13 -5.50 9.45
CA ASP D 380 34.08 -6.27 10.23
C ASP D 380 35.49 -6.16 9.65
N LEU D 381 35.61 -6.18 8.31
CA LEU D 381 36.90 -5.99 7.68
C LEU D 381 37.51 -4.65 8.06
N LEU D 382 36.76 -3.56 7.86
CA LEU D 382 37.27 -2.25 8.27
C LEU D 382 37.60 -2.20 9.76
N ARG D 383 36.76 -2.83 10.60
CA ARG D 383 37.03 -2.84 12.03
C ARG D 383 38.31 -3.59 12.35
N SER D 384 38.63 -4.65 11.60
CA SER D 384 39.89 -5.37 11.80
C SER D 384 41.09 -4.52 11.39
N LEU D 385 40.97 -3.79 10.27
CA LEU D 385 42.03 -2.87 9.87
C LEU D 385 42.31 -1.83 10.95
N GLU D 386 41.26 -1.26 11.53
CA GLU D 386 41.45 -0.31 12.62
C GLU D 386 42.06 -1.00 13.85
N ARG D 387 41.57 -2.19 14.20
CA ARG D 387 42.17 -2.96 15.29
C ARG D 387 43.67 -3.14 15.11
N ALA D 388 44.12 -3.46 13.90
CA ALA D 388 45.55 -3.60 13.66
C ALA D 388 46.26 -2.26 13.51
N GLY D 389 45.50 -1.17 13.39
CA GLY D 389 46.09 0.15 13.23
C GLY D 389 46.67 0.43 11.86
N VAL D 390 46.02 -0.06 10.81
CA VAL D 390 46.52 0.14 9.45
C VAL D 390 45.41 0.44 8.44
N ARG D 391 44.24 0.86 8.91
CA ARG D 391 43.24 1.33 7.95
C ARG D 391 43.80 2.53 7.19
N TYR D 392 43.58 2.54 5.86
CA TYR D 392 44.18 3.58 5.03
C TYR D 392 43.88 4.96 5.61
N ASP D 393 44.89 5.82 5.55
CA ASP D 393 44.91 7.09 6.30
C ASP D 393 45.33 8.18 5.31
N LYS D 394 44.38 8.99 4.87
CA LYS D 394 44.72 10.04 3.90
C LYS D 394 45.75 11.05 4.45
N ASP D 395 46.01 11.08 5.75
CA ASP D 395 47.00 12.04 6.27
C ASP D 395 48.42 11.56 6.04
N SER D 396 48.66 10.26 6.14
CA SER D 396 49.97 9.69 5.86
C SER D 396 50.05 9.04 4.50
N GLY D 397 48.92 8.69 3.90
CA GLY D 397 48.94 7.93 2.66
C GLY D 397 49.46 6.54 2.86
N GLU D 398 49.23 5.96 4.04
CA GLU D 398 49.66 4.62 4.38
C GLU D 398 48.48 3.82 4.92
N GLY D 399 48.52 2.52 4.71
CA GLY D 399 47.47 1.65 5.20
C GLY D 399 46.86 0.84 4.10
N ALA D 400 45.73 0.21 4.43
CA ALA D 400 45.07 -0.76 3.57
C ALA D 400 43.70 -0.24 3.17
N VAL D 401 43.27 -0.59 1.97
CA VAL D 401 41.89 -0.41 1.55
C VAL D 401 41.37 -1.78 1.10
N VAL D 402 40.05 -1.91 1.16
CA VAL D 402 39.40 -3.17 0.87
C VAL D 402 38.95 -3.15 -0.60
N LEU D 403 39.40 -4.15 -1.36
CA LEU D 403 38.90 -4.32 -2.73
C LEU D 403 37.82 -5.38 -2.84
N GLY D 404 37.79 -6.34 -1.91
CA GLY D 404 36.79 -7.39 -1.91
C GLY D 404 36.59 -7.98 -0.53
N CYS D 405 35.33 -8.19 -0.14
CA CYS D 405 35.00 -8.79 1.14
C CYS D 405 34.96 -10.31 1.07
N ASN D 406 34.65 -10.86 -0.09
CA ASN D 406 34.51 -12.30 -0.27
C ASN D 406 34.64 -12.64 -1.74
N SER D 407 35.87 -12.66 -2.25
CA SER D 407 36.09 -12.79 -3.68
C SER D 407 36.69 -14.16 -3.99
N ASP D 408 36.73 -14.48 -5.28
CA ASP D 408 37.31 -15.73 -5.73
C ASP D 408 38.78 -15.62 -6.09
N LEU D 409 39.36 -14.41 -6.02
CA LEU D 409 40.73 -14.21 -6.48
C LEU D 409 41.69 -15.14 -5.76
N GLY D 410 41.68 -15.12 -4.44
CA GLY D 410 42.46 -16.07 -3.69
C GLY D 410 41.53 -17.07 -3.03
N PRO D 411 41.56 -17.12 -1.70
CA PRO D 411 40.48 -17.82 -0.96
C PRO D 411 39.45 -16.88 -0.35
N GLY D 412 39.50 -15.57 -0.62
CA GLY D 412 38.54 -14.72 0.07
C GLY D 412 38.59 -13.21 -0.10
N ALA D 413 38.89 -12.49 0.98
CA ALA D 413 38.81 -11.04 1.00
C ALA D 413 40.11 -10.47 0.49
N GLU D 414 40.02 -9.37 -0.25
CA GLU D 414 41.16 -8.80 -0.96
C GLU D 414 41.44 -7.42 -0.40
N LEU D 415 42.66 -7.19 0.02
CA LEU D 415 43.13 -5.95 0.63
C LEU D 415 44.33 -5.43 -0.13
N LEU D 416 44.42 -4.11 -0.24
CA LEU D 416 45.56 -3.43 -0.87
C LEU D 416 46.21 -2.49 0.13
N VAL D 417 47.52 -2.69 0.37
CA VAL D 417 48.24 -2.05 1.47
C VAL D 417 49.37 -1.21 0.89
N PHE D 418 49.44 0.06 1.32
CA PHE D 418 50.42 1.05 0.88
C PHE D 418 51.35 1.41 2.03
N SER D 419 52.57 1.78 1.67
CA SER D 419 53.55 2.24 2.64
C SER D 419 54.71 2.85 1.89
N LYS D 420 55.35 3.83 2.52
CA LYS D 420 56.54 4.43 1.93
C LYS D 420 57.79 3.63 2.26
N ASP D 421 57.70 2.70 3.19
CA ASP D 421 58.81 1.83 3.54
C ASP D 421 58.39 0.39 3.30
N TRP D 422 59.25 -0.37 2.63
CA TRP D 422 58.89 -1.74 2.30
C TRP D 422 58.84 -2.61 3.55
N ASP D 423 59.75 -2.38 4.50
CA ASP D 423 59.75 -3.15 5.74
C ASP D 423 58.49 -2.87 6.56
N ARG D 424 58.04 -1.62 6.58
CA ARG D 424 56.78 -1.28 7.25
C ARG D 424 55.58 -1.91 6.57
N LEU D 425 55.53 -1.86 5.23
CA LEU D 425 54.47 -2.56 4.50
C LEU D 425 54.35 -3.99 4.98
N THR D 426 55.47 -4.70 5.01
CA THR D 426 55.47 -6.08 5.47
C THR D 426 54.84 -6.19 6.86
N ALA D 427 55.29 -5.35 7.80
CA ALA D 427 54.77 -5.42 9.17
C ALA D 427 53.25 -5.23 9.18
N MET D 428 52.76 -4.30 8.36
CA MET D 428 51.32 -4.13 8.22
C MET D 428 50.64 -5.40 7.71
N LYS D 429 51.29 -6.13 6.78
CA LYS D 429 50.69 -7.35 6.27
C LYS D 429 50.62 -8.42 7.36
N ASP D 430 51.69 -8.59 8.14
CA ASP D 430 51.61 -9.51 9.27
C ASP D 430 50.48 -9.13 10.21
N GLU D 431 50.43 -7.84 10.59
CA GLU D 431 49.41 -7.41 11.53
C GLU D 431 48.02 -7.68 10.97
N ILE D 432 47.86 -7.51 9.65
CA ILE D 432 46.56 -7.75 9.06
C ILE D 432 46.19 -9.23 9.17
N ALA D 433 47.17 -10.11 8.96
CA ALA D 433 46.89 -11.54 9.07
C ALA D 433 46.67 -11.92 10.53
N THR D 434 47.48 -11.38 11.44
CA THR D 434 47.25 -11.56 12.87
C THR D 434 45.81 -11.23 13.26
N THR D 435 45.27 -10.14 12.70
CA THR D 435 44.03 -9.55 13.17
C THR D 435 42.81 -9.92 12.35
N ALA D 436 42.91 -9.90 11.03
CA ALA D 436 41.78 -10.35 10.20
C ALA D 436 41.83 -11.84 9.91
N GLY D 437 43.01 -12.46 10.01
CA GLY D 437 43.12 -13.89 9.80
C GLY D 437 43.18 -14.24 8.33
N THR D 438 43.91 -15.31 8.00
CA THR D 438 44.06 -15.69 6.60
C THR D 438 43.68 -17.15 6.42
N LEU D 439 43.26 -17.48 5.20
CA LEU D 439 42.97 -18.85 4.81
C LEU D 439 44.27 -19.46 4.31
N SER D 440 45.00 -20.08 5.23
CA SER D 440 46.26 -20.79 4.96
C SER D 440 47.36 -19.88 4.42
N PRO E 2 -1.77 27.93 11.96
CA PRO E 2 -1.72 29.02 12.94
C PRO E 2 -1.19 30.32 12.33
N LYS E 3 -1.94 31.40 12.53
CA LYS E 3 -1.53 32.72 12.05
C LYS E 3 -1.75 33.73 13.16
N ILE E 4 -0.98 34.82 13.09
CA ILE E 4 -1.16 35.98 13.95
C ILE E 4 -1.99 37.00 13.18
N ILE E 5 -3.19 37.28 13.70
CA ILE E 5 -4.13 38.21 13.10
C ILE E 5 -3.82 39.59 13.66
N LEU E 6 -3.41 40.52 12.79
CA LEU E 6 -2.77 41.77 13.20
C LEU E 6 -3.51 42.97 12.64
N PRO E 7 -4.50 43.58 13.41
CA PRO E 7 -5.29 44.69 12.90
C PRO E 7 -4.59 46.05 12.97
N ASN E 8 -3.38 46.12 12.42
CA ASN E 8 -2.59 47.33 12.51
C ASN E 8 -3.19 48.40 11.60
N PHE E 9 -4.39 48.86 11.95
CA PHE E 9 -5.12 49.86 11.16
C PHE E 9 -4.25 51.06 10.86
N ARG E 10 -3.88 51.80 11.92
CA ARG E 10 -3.13 53.04 11.81
C ARG E 10 -1.63 52.76 11.81
N ALA E 11 -1.24 51.86 10.92
CA ALA E 11 0.17 51.65 10.67
C ALA E 11 0.65 52.47 9.47
N ASP E 12 -0.09 52.44 8.36
CA ASP E 12 0.21 53.25 7.18
C ASP E 12 -0.40 54.65 7.27
N SER E 29 -11.06 52.89 25.36
CA SER E 29 -10.94 51.99 26.51
C SER E 29 -11.79 50.73 26.33
N SER E 30 -12.98 50.72 26.95
CA SER E 30 -13.88 49.57 26.96
C SER E 30 -14.34 49.17 25.56
N THR E 31 -14.09 50.02 24.55
CA THR E 31 -14.49 49.79 23.17
C THR E 31 -13.88 48.50 22.62
N ASP E 32 -14.66 47.73 21.83
CA ASP E 32 -14.17 46.46 21.29
C ASP E 32 -14.10 46.45 19.77
N THR E 33 -13.62 47.56 19.19
CA THR E 33 -13.65 47.72 17.73
C THR E 33 -12.88 46.64 17.01
N THR E 34 -11.82 46.10 17.62
CA THR E 34 -11.00 45.11 16.93
C THR E 34 -11.40 43.67 17.24
N ALA E 35 -12.43 43.47 18.07
CA ALA E 35 -12.84 42.12 18.41
C ALA E 35 -13.40 41.39 17.19
N ARG E 36 -14.01 42.13 16.28
CA ARG E 36 -14.61 41.55 15.09
C ARG E 36 -13.66 40.65 14.32
N PHE E 37 -12.35 40.86 14.45
CA PHE E 37 -11.42 40.11 13.65
C PHE E 37 -11.17 38.71 14.21
N LEU E 38 -11.66 38.41 15.41
CA LEU E 38 -11.71 37.03 15.87
C LEU E 38 -12.37 36.11 14.85
N TRP E 39 -13.34 36.63 14.09
CA TRP E 39 -14.02 35.78 13.12
C TRP E 39 -13.08 35.24 12.02
N HIS E 40 -11.86 35.77 11.92
CA HIS E 40 -10.79 35.19 11.11
C HIS E 40 -10.11 33.97 11.75
N ALA E 41 -10.35 33.70 13.04
CA ALA E 41 -9.57 32.68 13.75
C ALA E 41 -9.88 31.26 13.31
N GLU E 42 -8.82 30.48 13.10
CA GLU E 42 -8.81 29.03 13.05
C GLU E 42 -8.05 28.51 14.27
N ASP E 43 -8.07 27.18 14.45
CA ASP E 43 -7.34 26.56 15.56
C ASP E 43 -5.88 27.03 15.60
N GLY E 44 -5.41 27.44 16.78
CA GLY E 44 -4.03 27.81 16.97
C GLY E 44 -3.74 29.29 16.85
N ASP E 45 -4.67 30.06 16.30
CA ASP E 45 -4.39 31.44 15.94
C ASP E 45 -4.22 32.32 17.17
N VAL E 46 -3.60 33.47 16.93
CA VAL E 46 -3.45 34.53 17.91
C VAL E 46 -4.09 35.79 17.34
N LEU E 47 -4.85 36.49 18.17
CA LEU E 47 -5.39 37.79 17.79
C LEU E 47 -4.79 38.85 18.70
N VAL E 48 -4.18 39.86 18.11
CA VAL E 48 -3.59 40.98 18.83
C VAL E 48 -4.57 42.14 18.72
N ILE E 49 -4.86 42.81 19.84
CA ILE E 49 -5.89 43.85 19.84
C ILE E 49 -5.48 45.06 20.68
N PRO E 50 -5.74 46.28 20.19
CA PRO E 50 -5.44 47.46 21.00
C PRO E 50 -6.41 47.69 22.13
N ASP E 51 -7.53 46.97 22.17
CA ASP E 51 -8.62 47.29 23.08
C ASP E 51 -9.37 46.03 23.50
N THR E 52 -9.61 45.89 24.79
CA THR E 52 -10.09 44.64 25.39
C THR E 52 -11.45 44.19 24.85
N VAL E 53 -11.62 42.87 24.71
CA VAL E 53 -12.85 42.26 24.22
C VAL E 53 -13.60 41.59 25.38
N ASP E 54 -14.93 41.49 25.22
CA ASP E 54 -15.79 40.78 26.15
C ASP E 54 -15.21 39.40 26.44
N PRO E 55 -14.97 39.04 27.71
CA PRO E 55 -14.38 37.73 28.01
C PRO E 55 -15.16 36.56 27.44
N ASP E 56 -16.47 36.72 27.19
CA ASP E 56 -17.27 35.66 26.57
C ASP E 56 -17.00 35.54 25.06
N PHE E 57 -16.54 36.62 24.42
CA PHE E 57 -16.51 36.65 22.96
C PHE E 57 -15.73 35.51 22.35
N PRO E 58 -14.46 35.27 22.69
CA PRO E 58 -13.73 34.17 22.03
C PRO E 58 -14.52 32.86 21.95
N GLY E 59 -15.13 32.43 23.06
CA GLY E 59 -15.88 31.20 23.04
C GLY E 59 -17.15 31.27 22.23
N TYR E 60 -17.82 32.43 22.24
CA TYR E 60 -19.02 32.58 21.41
C TYR E 60 -18.68 32.46 19.92
N VAL E 61 -17.54 33.00 19.50
CA VAL E 61 -17.19 32.92 18.09
C VAL E 61 -16.81 31.49 17.71
N ALA E 62 -16.05 30.80 18.57
CA ALA E 62 -15.65 29.43 18.27
C ALA E 62 -16.85 28.49 18.21
N ASP E 63 -17.82 28.66 19.12
CA ASP E 63 -19.06 27.87 19.10
C ASP E 63 -19.82 28.07 17.78
N THR E 64 -19.79 29.28 17.23
CA THR E 64 -20.54 29.55 16.01
C THR E 64 -19.82 29.02 14.78
N LEU E 65 -18.49 29.10 14.76
CA LEU E 65 -17.69 28.61 13.67
C LEU E 65 -17.32 27.14 13.81
N GLY E 66 -17.51 26.55 15.00
CA GLY E 66 -17.17 25.16 15.22
C GLY E 66 -15.67 24.92 15.28
N ILE E 67 -14.97 25.60 16.18
CA ILE E 67 -13.53 25.45 16.32
C ILE E 67 -13.16 25.43 17.79
N ASP E 68 -12.04 24.77 18.09
CA ASP E 68 -11.52 24.66 19.44
C ASP E 68 -11.11 26.03 19.96
N GLY E 69 -12.04 26.74 20.57
CA GLY E 69 -11.73 28.06 21.08
C GLY E 69 -10.47 28.07 21.93
N THR E 70 -10.31 27.06 22.78
CA THR E 70 -9.16 27.00 23.69
C THR E 70 -7.83 26.93 22.96
N SER E 71 -7.83 26.65 21.67
CA SER E 71 -6.61 26.72 20.87
C SER E 71 -6.37 28.10 20.30
N VAL E 72 -7.23 29.06 20.62
CA VAL E 72 -7.13 30.44 20.16
C VAL E 72 -6.65 31.29 21.32
N HIS E 73 -5.66 32.14 21.06
CA HIS E 73 -5.12 33.03 22.06
C HIS E 73 -5.33 34.49 21.65
N VAL E 74 -5.64 35.33 22.64
CA VAL E 74 -5.78 36.77 22.43
C VAL E 74 -4.65 37.46 23.19
N GLU E 75 -3.94 38.36 22.50
CA GLU E 75 -2.76 39.04 23.04
C GLU E 75 -3.07 40.54 23.08
N ARG E 76 -3.19 41.09 24.29
CA ARG E 76 -3.62 42.48 24.42
C ARG E 76 -2.43 43.44 24.27
N THR E 77 -2.75 44.69 23.94
CA THR E 77 -1.80 45.79 24.00
C THR E 77 -2.53 47.00 24.52
N GLN E 78 -1.78 47.92 25.12
CA GLN E 78 -2.38 49.11 25.71
C GLN E 78 -2.48 50.28 24.72
N THR E 79 -2.08 50.09 23.46
CA THR E 79 -2.05 51.18 22.50
C THR E 79 -2.28 50.62 21.12
N PRO E 80 -2.73 51.45 20.17
CA PRO E 80 -2.88 51.01 18.79
C PRO E 80 -1.61 50.35 18.27
N LEU E 81 -1.79 49.47 17.29
CA LEU E 81 -0.68 48.70 16.74
C LEU E 81 0.05 49.55 15.71
N SER E 82 0.81 50.50 16.25
CA SER E 82 1.63 51.39 15.46
C SER E 82 2.85 50.66 14.91
N GLU E 83 3.52 51.28 13.94
CA GLU E 83 4.85 50.84 13.57
C GLU E 83 5.72 50.62 14.81
N ALA E 84 5.72 51.57 15.75
CA ALA E 84 6.68 51.49 16.85
C ALA E 84 6.41 50.28 17.72
N VAL E 85 5.13 49.94 17.92
CA VAL E 85 4.79 48.77 18.72
C VAL E 85 5.20 47.48 18.01
N LEU E 86 4.95 47.39 16.70
CA LEU E 86 5.37 46.21 15.95
C LEU E 86 6.88 46.06 15.95
N GLN E 87 7.62 47.13 16.25
CA GLN E 87 9.06 47.06 16.40
C GLN E 87 9.50 46.80 17.84
N ASP E 88 8.58 46.92 18.81
CA ASP E 88 8.96 46.86 20.23
C ASP E 88 9.40 45.45 20.62
N PRO E 89 10.62 45.28 21.13
CA PRO E 89 11.12 43.92 21.39
C PRO E 89 10.35 43.18 22.46
N GLU E 90 9.69 43.90 23.37
CA GLU E 90 8.74 43.28 24.29
C GLU E 90 7.58 42.65 23.53
N PHE E 91 6.86 43.47 22.76
CA PHE E 91 5.79 42.98 21.90
C PHE E 91 6.23 41.82 21.04
N ILE E 92 7.47 41.87 20.55
CA ILE E 92 7.98 40.77 19.74
C ILE E 92 8.18 39.51 20.60
N ASP E 93 8.50 39.68 21.88
CA ASP E 93 8.65 38.49 22.71
C ASP E 93 7.32 37.86 23.08
N ARG E 94 6.28 38.68 23.29
CA ARG E 94 4.96 38.11 23.54
C ARG E 94 4.48 37.28 22.35
N LEU E 95 4.79 37.72 21.13
CA LEU E 95 4.42 36.95 19.93
C LEU E 95 5.28 35.69 19.79
N ALA E 96 6.59 35.80 20.03
CA ALA E 96 7.46 34.64 19.80
C ALA E 96 7.14 33.50 20.74
N ALA E 97 6.61 33.81 21.93
CA ALA E 97 6.18 32.75 22.84
C ALA E 97 5.16 31.84 22.18
N HIS E 98 4.43 32.33 21.18
CA HIS E 98 3.50 31.47 20.43
C HIS E 98 4.15 30.84 19.21
N THR E 99 5.03 31.56 18.51
CA THR E 99 5.55 31.07 17.24
C THR E 99 6.77 30.18 17.39
N GLY E 100 7.48 30.27 18.51
CA GLY E 100 8.57 29.35 18.78
C GLY E 100 9.67 29.49 17.75
N THR E 101 9.92 28.42 17.00
CA THR E 101 10.82 28.51 15.86
C THR E 101 10.18 29.16 14.65
N GLY E 102 8.94 29.65 14.78
CA GLY E 102 8.19 30.21 13.67
C GLY E 102 7.72 29.21 12.62
N ALA E 103 8.11 27.94 12.70
CA ALA E 103 7.69 26.97 11.70
C ALA E 103 6.18 26.76 11.77
N GLY E 104 5.54 26.79 10.61
CA GLY E 104 4.11 26.68 10.52
C GLY E 104 3.32 27.96 10.74
N TRP E 105 3.97 29.07 11.08
CA TRP E 105 3.21 30.28 11.36
C TRP E 105 3.31 31.26 10.20
N SER E 106 2.36 32.20 10.18
CA SER E 106 2.32 33.29 9.23
C SER E 106 1.78 34.53 9.93
N LEU E 107 2.22 35.70 9.48
CA LEU E 107 1.61 36.95 9.91
C LEU E 107 0.45 37.26 8.97
N PHE E 108 -0.69 37.67 9.55
CA PHE E 108 -1.90 38.02 8.82
C PHE E 108 -2.26 39.46 9.15
N PRO E 109 -1.61 40.44 8.49
CA PRO E 109 -1.76 41.85 8.90
C PRO E 109 -2.79 42.64 8.11
N CYS E 110 -3.43 43.62 8.75
CA CYS E 110 -4.35 44.47 8.02
C CYS E 110 -3.64 45.22 6.91
N VAL E 111 -2.44 45.71 7.20
CA VAL E 111 -1.67 46.53 6.29
C VAL E 111 -0.29 45.93 6.26
N SER E 112 0.22 45.67 5.05
CA SER E 112 1.56 45.13 4.91
C SER E 112 2.57 46.28 4.96
N THR E 113 2.75 46.82 6.17
CA THR E 113 3.72 47.89 6.34
C THR E 113 5.14 47.35 6.42
N ARG E 114 6.11 48.26 6.37
CA ARG E 114 7.51 47.92 6.60
C ARG E 114 7.70 47.21 7.94
N ALA E 115 7.12 47.74 9.01
CA ALA E 115 7.33 47.10 10.31
C ALA E 115 6.66 45.74 10.37
N ALA E 116 5.54 45.57 9.66
CA ALA E 116 4.93 44.25 9.53
C ALA E 116 5.85 43.26 8.84
N ALA E 117 6.54 43.71 7.79
CA ALA E 117 7.43 42.78 7.09
C ALA E 117 8.62 42.44 7.97
N GLN E 118 9.14 43.42 8.70
CA GLN E 118 10.23 43.15 9.61
C GLN E 118 9.80 42.15 10.69
N LEU E 119 8.55 42.24 11.16
CA LEU E 119 8.06 41.32 12.18
C LEU E 119 8.12 39.87 11.72
N THR E 120 7.81 39.61 10.43
CA THR E 120 7.95 38.24 9.93
C THR E 120 9.41 37.80 9.89
N ARG E 121 10.37 38.74 9.86
CA ARG E 121 11.76 38.29 9.91
C ARG E 121 12.26 38.13 11.35
N LYS E 122 11.84 38.99 12.27
CA LYS E 122 12.19 38.81 13.68
C LYS E 122 11.74 37.43 14.16
N LEU E 123 10.44 37.20 14.29
CA LEU E 123 9.94 35.83 14.32
C LEU E 123 10.39 35.12 13.05
N ASN E 124 10.56 33.81 13.11
CA ASN E 124 11.02 33.14 11.88
C ASN E 124 9.83 32.56 11.10
N VAL E 125 8.84 33.44 10.96
CA VAL E 125 7.54 33.16 10.36
C VAL E 125 7.67 33.13 8.83
N ALA E 126 6.66 32.59 8.14
CA ALA E 126 6.65 32.65 6.70
C ALA E 126 6.76 34.11 6.26
N ALA E 127 7.73 34.38 5.39
CA ALA E 127 7.98 35.74 4.96
C ALA E 127 6.70 36.38 4.44
N LEU E 128 6.40 37.58 4.93
CA LEU E 128 5.31 38.35 4.36
C LEU E 128 5.38 38.37 2.85
N ASP E 129 4.28 37.96 2.19
CA ASP E 129 4.23 38.03 0.76
C ASP E 129 4.40 39.50 0.34
N GLY E 130 5.18 39.71 -0.70
CA GLY E 130 5.50 41.06 -1.12
C GLY E 130 6.47 41.77 -0.19
N TYR E 131 7.26 41.01 0.56
CA TYR E 131 8.16 41.54 1.58
C TYR E 131 8.94 42.79 1.14
N GLU E 132 9.58 42.73 -0.04
CA GLU E 132 10.45 43.84 -0.46
C GLU E 132 9.65 45.09 -0.78
N PHE E 133 8.49 44.95 -1.43
CA PHE E 133 7.60 46.09 -1.64
C PHE E 133 7.21 46.72 -0.31
N ALA E 134 6.89 45.88 0.68
CA ALA E 134 6.51 46.39 2.00
C ALA E 134 7.70 47.08 2.69
N MET E 135 8.91 46.55 2.52
CA MET E 135 10.07 47.14 3.15
C MET E 135 10.31 48.57 2.69
N GLN E 136 9.93 48.88 1.45
CA GLN E 136 10.01 50.22 0.91
C GLN E 136 8.71 51.01 1.14
N ASN E 137 7.81 50.51 1.99
CA ASN E 137 6.51 51.11 2.24
C ASN E 137 5.75 51.39 0.94
N GLY E 138 5.72 50.38 0.07
CA GLY E 138 5.00 50.50 -1.18
C GLY E 138 3.52 50.79 -1.03
N ILE E 139 2.90 50.30 0.05
CA ILE E 139 1.46 50.50 0.14
C ILE E 139 1.12 51.93 0.56
N ASP E 140 2.06 52.65 1.21
CA ASP E 140 1.95 54.11 1.31
C ASP E 140 1.75 54.75 -0.06
N LEU E 141 2.44 54.21 -1.08
CA LEU E 141 2.30 54.73 -2.42
C LEU E 141 0.90 54.45 -2.96
N LEU E 142 0.45 53.20 -2.86
CA LEU E 142 -0.85 52.81 -3.42
C LEU E 142 -2.02 53.48 -2.69
N ASN E 143 -1.87 53.79 -1.41
CA ASN E 143 -3.00 54.31 -0.65
C ASN E 143 -3.11 55.82 -0.70
N MET E 144 -2.55 56.46 -1.72
CA MET E 144 -2.76 57.88 -1.94
C MET E 144 -3.80 58.09 -3.04
N LYS E 145 -4.64 59.09 -2.86
CA LYS E 145 -5.65 59.34 -3.89
C LYS E 145 -5.00 59.85 -5.16
N SER E 146 -3.91 60.63 -5.02
CA SER E 146 -3.17 61.09 -6.19
C SER E 146 -2.65 59.93 -7.03
N THR E 147 -2.08 58.92 -6.38
CA THR E 147 -1.60 57.75 -7.11
C THR E 147 -2.72 57.05 -7.86
N PHE E 148 -3.87 56.83 -7.19
CA PHE E 148 -4.96 56.20 -7.91
C PHE E 148 -5.30 56.99 -9.17
N ARG E 149 -5.51 58.30 -9.04
CA ARG E 149 -5.89 59.08 -10.20
C ARG E 149 -4.86 58.95 -11.31
N ARG E 150 -3.57 58.88 -10.95
CA ARG E 150 -2.51 58.84 -11.95
C ARG E 150 -2.44 57.49 -12.65
N LEU E 151 -2.38 56.41 -11.87
CA LEU E 151 -2.44 55.08 -12.46
C LEU E 151 -3.72 54.89 -13.25
N ALA E 152 -4.86 55.32 -12.71
CA ALA E 152 -6.11 55.14 -13.45
C ALA E 152 -6.09 55.94 -14.75
N ALA E 153 -5.64 57.20 -14.68
CA ALA E 153 -5.50 57.99 -15.89
C ALA E 153 -4.46 57.37 -16.81
N GLY E 154 -3.37 56.85 -16.25
CA GLY E 154 -2.38 56.19 -17.08
C GLY E 154 -2.93 54.97 -17.78
N LEU E 155 -3.79 54.20 -17.09
CA LEU E 155 -4.24 52.92 -17.64
C LEU E 155 -5.43 53.03 -18.56
N GLY E 156 -6.26 54.06 -18.38
CA GLY E 156 -7.56 54.11 -19.02
C GLY E 156 -8.72 53.63 -18.17
N THR E 157 -8.50 53.43 -16.87
CA THR E 157 -9.62 53.09 -16.01
C THR E 157 -10.61 54.26 -15.97
N PRO E 158 -11.91 53.99 -16.01
CA PRO E 158 -12.90 55.08 -15.98
C PRO E 158 -12.79 55.91 -14.71
N LEU E 159 -12.63 57.22 -14.88
CA LEU E 159 -12.21 58.14 -13.82
C LEU E 159 -12.96 59.46 -13.96
N THR E 160 -13.46 60.00 -12.85
CA THR E 160 -14.15 61.28 -12.94
C THR E 160 -13.18 62.40 -13.34
N ASP E 161 -13.73 63.45 -13.92
CA ASP E 161 -12.96 64.69 -14.14
C ASP E 161 -12.35 65.16 -12.84
N GLY E 162 -11.02 65.35 -12.81
CA GLY E 162 -10.41 65.79 -11.57
C GLY E 162 -8.99 66.30 -11.74
N VAL E 163 -8.46 66.86 -10.66
CA VAL E 163 -7.10 67.36 -10.63
C VAL E 163 -6.41 66.81 -9.38
N VAL E 164 -5.10 66.57 -9.50
CA VAL E 164 -4.24 66.37 -8.35
C VAL E 164 -3.64 67.74 -8.03
N ALA E 165 -4.23 68.44 -7.04
CA ALA E 165 -3.93 69.84 -6.78
C ALA E 165 -2.79 70.01 -5.80
N ARG E 166 -1.86 70.90 -6.13
CA ARG E 166 -0.59 71.03 -5.42
C ARG E 166 -0.50 72.30 -4.58
N GLY E 167 -1.51 73.14 -4.61
CA GLY E 167 -1.55 74.33 -3.81
C GLY E 167 -2.93 74.92 -3.89
N PRO E 168 -3.20 75.95 -3.08
CA PRO E 168 -4.55 76.56 -3.09
C PRO E 168 -4.89 77.26 -4.39
N ALA E 169 -3.91 77.76 -5.15
CA ALA E 169 -4.26 78.37 -6.43
C ALA E 169 -4.76 77.31 -7.41
N GLU E 170 -4.21 76.09 -7.35
CA GLU E 170 -4.73 75.02 -8.21
C GLU E 170 -6.09 74.57 -7.74
N VAL E 171 -6.36 74.62 -6.44
CA VAL E 171 -7.70 74.31 -5.97
C VAL E 171 -8.70 75.32 -6.52
N ARG E 172 -8.31 76.60 -6.53
CA ARG E 172 -9.14 77.64 -7.11
C ARG E 172 -9.43 77.38 -8.59
N SER E 173 -8.39 77.16 -9.40
CA SER E 173 -8.57 76.75 -10.80
C SER E 173 -9.50 75.56 -10.90
N ALA E 174 -9.20 74.50 -10.13
CA ALA E 174 -9.85 73.21 -10.32
C ALA E 174 -11.34 73.30 -10.00
N ILE E 175 -11.69 74.00 -8.92
CA ILE E 175 -13.07 74.03 -8.48
C ILE E 175 -13.94 74.81 -9.47
N GLN E 176 -13.42 75.93 -9.97
CA GLN E 176 -14.12 76.66 -11.03
C GLN E 176 -14.39 75.75 -12.21
N GLU E 177 -13.37 75.02 -12.68
CA GLU E 177 -13.51 74.19 -13.87
C GLU E 177 -14.44 73.00 -13.63
N LEU E 178 -14.42 72.42 -12.44
CA LEU E 178 -15.05 71.11 -12.23
C LEU E 178 -16.49 71.18 -11.73
N ILE E 179 -16.97 72.33 -11.25
CA ILE E 179 -18.30 72.39 -10.66
C ILE E 179 -19.40 72.71 -11.66
N ALA E 180 -19.05 73.00 -12.90
CA ALA E 180 -20.09 73.33 -13.88
C ALA E 180 -20.95 72.13 -14.21
N GLU E 181 -20.34 70.94 -14.29
CA GLU E 181 -20.99 69.78 -14.91
C GLU E 181 -22.22 69.33 -14.12
N THR E 182 -22.03 68.99 -12.85
CA THR E 182 -23.13 68.49 -12.03
C THR E 182 -23.59 69.50 -10.99
N GLY E 183 -22.83 70.55 -10.75
CA GLY E 183 -23.10 71.44 -9.65
C GLY E 183 -22.44 71.05 -8.35
N MET E 184 -21.57 70.04 -8.37
CA MET E 184 -20.99 69.47 -7.14
C MET E 184 -19.56 69.03 -7.39
N VAL E 185 -18.72 69.28 -6.40
CA VAL E 185 -17.31 68.97 -6.46
C VAL E 185 -16.92 68.43 -5.09
N ILE E 186 -16.02 67.45 -5.07
CA ILE E 186 -15.57 66.86 -3.82
C ILE E 186 -14.06 67.01 -3.75
N ALA E 187 -13.57 67.50 -2.62
CA ALA E 187 -12.14 67.68 -2.38
C ALA E 187 -11.72 66.68 -1.31
N LYS E 188 -10.67 65.91 -1.59
CA LYS E 188 -10.33 64.83 -0.71
C LYS E 188 -8.89 64.95 -0.25
N GLN E 189 -8.70 64.72 1.03
CA GLN E 189 -7.37 64.51 1.60
C GLN E 189 -6.69 63.34 0.89
N ASP E 190 -5.38 63.45 0.69
CA ASP E 190 -4.73 62.48 -0.19
C ASP E 190 -4.60 61.12 0.46
N ARG E 191 -4.42 61.06 1.78
CA ARG E 191 -4.26 59.80 2.48
C ARG E 191 -5.46 59.51 3.38
N SER E 192 -5.40 58.34 4.03
CA SER E 192 -6.42 57.79 4.91
C SER E 192 -7.63 57.30 4.12
N GLY E 193 -8.60 58.19 3.88
CA GLY E 193 -9.93 57.82 3.48
C GLY E 193 -10.91 57.70 4.62
N GLY E 194 -10.42 57.71 5.87
CA GLY E 194 -11.25 57.64 7.04
C GLY E 194 -11.46 59.00 7.70
N GLY E 195 -12.19 58.98 8.81
CA GLY E 195 -12.59 60.22 9.48
C GLY E 195 -13.23 61.22 8.54
N HIS E 196 -14.08 60.72 7.63
CA HIS E 196 -14.53 61.45 6.46
C HIS E 196 -13.29 61.87 5.64
N GLY E 197 -12.68 63.01 5.98
CA GLY E 197 -11.50 63.45 5.26
C GLY E 197 -11.76 64.06 3.91
N ASN E 198 -13.02 64.30 3.55
CA ASN E 198 -13.40 64.92 2.30
C ASN E 198 -14.39 66.04 2.57
N ILE E 199 -14.38 67.07 1.72
CA ILE E 199 -15.33 68.17 1.83
C ILE E 199 -16.06 68.34 0.50
N GLY E 200 -17.40 68.46 0.55
CA GLY E 200 -18.16 68.76 -0.64
C GLY E 200 -18.26 70.26 -0.92
N ILE E 201 -18.49 70.57 -2.20
CA ILE E 201 -18.72 71.94 -2.67
C ILE E 201 -19.89 71.89 -3.62
N SER E 202 -20.88 72.76 -3.40
CA SER E 202 -22.14 72.65 -4.11
C SER E 202 -22.65 74.02 -4.56
N THR E 203 -23.36 74.02 -5.68
CA THR E 203 -24.01 75.23 -6.17
C THR E 203 -25.46 75.35 -5.70
N SER E 204 -26.04 74.28 -5.11
CA SER E 204 -27.40 74.31 -4.58
C SER E 204 -27.38 74.53 -3.08
N PRO E 205 -28.21 75.42 -2.53
CA PRO E 205 -28.20 75.62 -1.07
C PRO E 205 -28.53 74.36 -0.30
N GLU E 206 -29.48 73.58 -0.79
CA GLU E 206 -29.61 72.19 -0.33
C GLU E 206 -28.32 71.45 -0.68
N SER E 207 -27.65 70.92 0.35
CA SER E 207 -26.30 70.39 0.12
C SER E 207 -26.05 69.23 1.10
N SER E 208 -26.13 68.00 0.61
CA SER E 208 -25.66 66.86 1.40
C SER E 208 -25.36 65.69 0.47
N PHE E 209 -24.11 65.23 0.49
CA PHE E 209 -23.63 64.15 -0.37
C PHE E 209 -22.88 63.13 0.48
N PRO E 210 -23.24 61.85 0.43
CA PRO E 210 -22.63 60.87 1.33
C PRO E 210 -21.15 60.70 1.05
N GLY E 211 -20.39 60.38 2.10
CA GLY E 211 -18.95 60.24 2.00
C GLY E 211 -18.15 61.51 2.23
N THR E 212 -18.75 62.52 2.87
CA THR E 212 -18.11 63.80 3.11
C THR E 212 -18.55 64.31 4.48
N ARG E 213 -17.66 65.08 5.12
CA ARG E 213 -17.98 65.60 6.45
C ARG E 213 -18.83 66.85 6.38
N GLU E 214 -18.65 67.68 5.34
CA GLU E 214 -19.44 68.89 5.18
C GLU E 214 -19.42 69.31 3.73
N VAL E 215 -20.30 70.26 3.40
CA VAL E 215 -20.48 70.73 2.04
C VAL E 215 -20.52 72.26 1.99
N LEU E 216 -19.38 72.88 1.71
CA LEU E 216 -19.34 74.32 1.56
C LEU E 216 -20.17 74.75 0.35
N ALA E 217 -20.49 76.04 0.31
CA ALA E 217 -21.22 76.62 -0.81
C ALA E 217 -20.23 77.19 -1.81
N TYR E 218 -20.45 76.93 -3.09
CA TYR E 218 -19.61 77.54 -4.11
C TYR E 218 -19.94 79.02 -4.22
N ALA E 219 -18.92 79.82 -4.52
CA ALA E 219 -19.06 81.28 -4.54
C ALA E 219 -18.06 81.85 -5.54
N ASN E 220 -18.55 82.32 -6.69
CA ASN E 220 -17.68 82.84 -7.73
C ASN E 220 -16.86 84.04 -7.28
N ASP E 221 -17.27 84.72 -6.21
CA ASP E 221 -16.64 85.96 -5.77
C ASP E 221 -15.68 85.75 -4.61
N GLN E 222 -15.74 84.61 -3.92
CA GLN E 222 -14.84 84.30 -2.84
C GLN E 222 -14.09 82.99 -3.11
N LEU E 223 -13.61 82.85 -4.34
CA LEU E 223 -12.84 81.68 -4.71
C LEU E 223 -11.58 81.56 -3.88
N ASP E 224 -10.93 82.70 -3.60
CA ASP E 224 -9.68 82.72 -2.85
C ASP E 224 -9.83 82.13 -1.47
N THR E 225 -10.84 82.61 -0.72
CA THR E 225 -11.06 82.13 0.65
C THR E 225 -11.49 80.66 0.67
N LEU E 226 -12.20 80.20 -0.35
CA LEU E 226 -12.73 78.84 -0.39
C LEU E 226 -11.63 77.83 -0.70
N ALA E 227 -10.84 78.11 -1.74
CA ALA E 227 -9.65 77.32 -1.99
C ALA E 227 -8.77 77.27 -0.75
N ASP E 228 -8.64 78.41 -0.05
CA ASP E 228 -7.81 78.45 1.15
C ASP E 228 -8.37 77.51 2.21
N THR E 229 -9.66 77.59 2.49
CA THR E 229 -10.26 76.71 3.50
C THR E 229 -10.02 75.24 3.17
N LEU E 230 -10.07 74.89 1.90
CA LEU E 230 -9.93 73.49 1.53
C LEU E 230 -8.49 73.02 1.66
N TRP E 231 -7.53 73.87 1.27
CA TRP E 231 -6.12 73.50 1.39
C TRP E 231 -5.69 73.36 2.85
N SER E 232 -6.02 74.35 3.69
CA SER E 232 -5.61 74.29 5.09
C SER E 232 -6.27 73.14 5.87
N GLN E 233 -7.41 72.65 5.41
CA GLN E 233 -8.11 71.63 6.16
C GLN E 233 -7.74 70.22 5.73
N LEU E 234 -7.22 70.02 4.52
CA LEU E 234 -6.97 68.69 3.99
C LEU E 234 -5.50 68.38 3.75
N THR E 235 -4.57 69.28 4.09
CA THR E 235 -3.14 69.08 3.96
C THR E 235 -2.47 69.15 5.33
N ASP E 236 -1.33 68.48 5.45
CA ASP E 236 -0.50 68.54 6.65
C ASP E 236 0.96 68.53 6.20
N THR E 237 1.88 68.30 7.13
CA THR E 237 3.30 68.30 6.77
C THR E 237 3.63 67.18 5.78
N GLN E 238 2.97 66.04 5.90
CA GLN E 238 3.27 64.90 5.04
C GLN E 238 2.42 64.86 3.77
N ASN E 239 1.35 65.65 3.71
CA ASN E 239 0.39 65.54 2.60
C ASN E 239 0.23 66.91 1.95
N GLN E 240 0.94 67.08 0.85
CA GLN E 240 0.96 68.35 0.14
C GLN E 240 0.22 68.24 -1.19
N PHE E 241 -0.70 67.26 -1.30
CA PHE E 241 -1.61 67.11 -2.42
C PHE E 241 -3.03 67.10 -1.89
N ILE E 242 -3.96 67.56 -2.73
CA ILE E 242 -5.38 67.45 -2.47
C ILE E 242 -6.05 67.04 -3.77
N THR E 243 -6.96 66.09 -3.70
CA THR E 243 -7.67 65.67 -4.89
C THR E 243 -8.97 66.47 -4.97
N VAL E 244 -9.29 66.93 -6.19
CA VAL E 244 -10.45 67.79 -6.46
C VAL E 244 -11.17 67.19 -7.65
N GLU E 245 -12.45 66.82 -7.47
CA GLU E 245 -13.16 66.07 -8.50
C GLU E 245 -14.61 66.51 -8.68
N THR E 246 -15.11 66.34 -9.91
CA THR E 246 -16.54 66.43 -10.18
C THR E 246 -17.28 65.33 -9.44
N TYR E 247 -18.31 65.70 -8.67
CA TYR E 247 -19.07 64.76 -7.85
C TYR E 247 -20.37 64.38 -8.57
N HIS E 248 -20.68 63.09 -8.58
CA HIS E 248 -21.93 62.60 -9.15
C HIS E 248 -22.74 61.94 -8.05
N ARG E 249 -24.02 62.26 -7.98
CA ARG E 249 -24.93 61.42 -7.21
C ARG E 249 -25.09 60.09 -7.94
N ALA E 250 -25.09 58.99 -7.19
CA ALA E 250 -24.93 57.69 -7.82
C ALA E 250 -26.19 56.84 -7.71
N ASP E 251 -26.40 56.02 -8.74
CA ASP E 251 -27.43 54.98 -8.67
C ASP E 251 -27.00 53.85 -7.77
N GLN E 252 -25.72 53.48 -7.83
CA GLN E 252 -25.19 52.39 -7.04
C GLN E 252 -23.72 52.66 -6.79
N ARG E 253 -23.27 52.36 -5.57
CA ARG E 253 -21.98 52.81 -5.05
C ARG E 253 -21.19 51.61 -4.48
N PHE E 254 -20.84 50.68 -5.37
CA PHE E 254 -20.19 49.43 -5.01
C PHE E 254 -18.73 49.60 -4.58
N PHE E 255 -18.22 48.55 -3.92
CA PHE E 255 -16.79 48.27 -3.95
C PHE E 255 -16.60 46.78 -4.16
N PHE E 256 -15.49 46.45 -4.84
CA PHE E 256 -15.00 45.09 -5.04
C PHE E 256 -13.74 44.88 -4.21
N GLU E 257 -13.62 43.71 -3.60
CA GLU E 257 -12.45 43.34 -2.82
C GLU E 257 -11.81 42.14 -3.48
N TYR E 258 -10.47 42.09 -3.43
CA TYR E 258 -9.64 41.09 -4.08
C TYR E 258 -8.55 40.63 -3.13
N HIS E 259 -8.02 39.44 -3.43
CA HIS E 259 -6.81 38.93 -2.80
C HIS E 259 -5.77 38.68 -3.88
N LEU E 260 -4.57 39.24 -3.68
CA LEU E 260 -3.48 39.17 -4.63
C LEU E 260 -2.34 38.35 -4.04
N ASP E 261 -1.89 37.34 -4.78
CA ASP E 261 -0.67 36.62 -4.44
C ASP E 261 0.16 36.51 -5.73
N GLY E 262 1.15 35.61 -5.71
CA GLY E 262 2.03 35.39 -6.86
C GLY E 262 1.39 34.76 -8.08
N ASP E 263 0.16 34.24 -7.96
CA ASP E 263 -0.50 33.52 -9.04
C ASP E 263 -1.63 34.30 -9.70
N ARG E 264 -2.32 35.13 -8.94
CA ARG E 264 -3.63 35.58 -9.37
C ARG E 264 -4.06 36.68 -8.42
N ALA E 265 -4.89 37.56 -8.94
CA ALA E 265 -5.67 38.50 -8.16
C ALA E 265 -7.09 37.94 -8.14
N ARG E 266 -7.55 37.55 -6.97
CA ARG E 266 -8.78 36.79 -6.87
C ARG E 266 -9.92 37.70 -6.42
N PHE E 267 -10.93 37.86 -7.28
CA PHE E 267 -12.17 38.53 -6.89
C PHE E 267 -12.77 37.84 -5.66
N LEU E 268 -13.10 38.62 -4.63
CA LEU E 268 -13.64 38.04 -3.40
C LEU E 268 -15.13 38.29 -3.23
N HIS E 269 -15.55 39.54 -3.31
CA HIS E 269 -16.96 39.88 -3.14
C HIS E 269 -17.13 41.29 -3.64
N SER E 270 -18.37 41.64 -3.97
CA SER E 270 -18.79 43.03 -4.13
C SER E 270 -19.75 43.36 -3.00
N SER E 271 -19.64 44.58 -2.47
CA SER E 271 -20.53 45.05 -1.41
C SER E 271 -21.00 46.47 -1.71
N ILE E 272 -21.89 46.96 -0.86
CA ILE E 272 -22.49 48.29 -1.03
C ILE E 272 -22.31 49.03 0.29
N LEU E 273 -21.64 50.18 0.24
CA LEU E 273 -21.59 51.05 1.40
C LEU E 273 -22.94 51.75 1.55
N LYS E 274 -23.51 51.70 2.76
CA LYS E 274 -24.86 52.20 3.01
C LYS E 274 -24.78 53.37 3.98
N TYR E 275 -25.60 54.39 3.72
CA TYR E 275 -25.48 55.68 4.40
C TYR E 275 -26.81 56.11 5.02
N GLU E 276 -26.76 57.25 5.71
CA GLU E 276 -27.94 57.92 6.26
C GLU E 276 -28.64 57.05 7.29
N SER E 285 -23.92 65.70 7.16
CA SER E 285 -23.97 64.86 5.97
C SER E 285 -24.08 63.39 6.37
N ALA E 286 -24.10 62.50 5.38
CA ALA E 286 -24.54 61.12 5.59
C ALA E 286 -23.50 60.31 6.35
N LYS E 287 -23.88 59.79 7.51
CA LYS E 287 -22.98 58.95 8.28
C LYS E 287 -23.11 57.50 7.83
N TRP E 288 -22.00 56.77 7.94
CA TRP E 288 -21.90 55.39 7.48
C TRP E 288 -22.51 54.44 8.52
N ILE E 289 -23.45 53.60 8.06
CA ILE E 289 -24.24 52.78 8.98
C ILE E 289 -24.09 51.29 8.72
N GLY E 290 -23.48 50.88 7.62
CA GLY E 290 -23.22 49.47 7.39
C GLY E 290 -23.03 49.18 5.92
N LEU E 291 -23.08 47.89 5.60
CA LEU E 291 -23.03 47.53 4.18
C LEU E 291 -23.93 46.35 3.89
N ASP E 292 -24.41 46.31 2.65
CA ASP E 292 -25.19 45.22 2.13
C ASP E 292 -24.31 44.43 1.18
N SER E 293 -24.57 43.11 1.07
CA SER E 293 -23.73 42.38 0.13
C SER E 293 -24.52 41.62 -0.91
N PRO E 294 -23.86 40.79 -1.73
CA PRO E 294 -23.86 41.04 -3.17
C PRO E 294 -24.28 42.45 -3.52
N SER E 295 -23.36 43.22 -4.09
CA SER E 295 -23.75 44.49 -4.68
C SER E 295 -24.61 44.25 -5.91
N ARG E 296 -25.18 45.33 -6.44
CA ARG E 296 -25.99 45.26 -7.66
C ARG E 296 -25.17 45.63 -8.89
N SER E 297 -23.85 45.44 -8.85
CA SER E 297 -23.00 46.02 -9.89
C SER E 297 -21.94 45.07 -10.45
N GLU E 298 -22.15 43.75 -10.37
CA GLU E 298 -21.21 42.81 -10.97
C GLU E 298 -21.63 42.52 -12.41
N PHE E 299 -21.30 43.46 -13.31
CA PHE E 299 -21.45 43.22 -14.75
C PHE E 299 -20.20 43.70 -15.47
N GLU E 300 -20.09 43.31 -16.74
CA GLU E 300 -18.82 43.49 -17.45
C GLU E 300 -18.32 44.93 -17.38
N ALA E 301 -19.23 45.91 -17.46
CA ALA E 301 -18.80 47.31 -17.51
C ALA E 301 -18.13 47.76 -16.22
N THR E 302 -18.29 47.03 -15.13
CA THR E 302 -17.56 47.33 -13.89
C THR E 302 -16.49 46.30 -13.57
N LEU E 303 -16.75 45.01 -13.80
CA LEU E 303 -15.80 43.99 -13.40
C LEU E 303 -14.55 44.05 -14.27
N LYS E 304 -14.74 44.16 -15.59
CA LYS E 304 -13.62 44.06 -16.52
C LYS E 304 -12.64 45.21 -16.36
N PRO E 305 -13.07 46.49 -16.29
CA PRO E 305 -12.07 47.54 -15.97
C PRO E 305 -11.45 47.39 -14.58
N ALA E 306 -12.23 47.06 -13.55
CA ALA E 306 -11.65 46.88 -12.23
C ALA E 306 -10.60 45.77 -12.24
N GLU E 307 -10.88 44.68 -12.97
CA GLU E 307 -9.92 43.57 -13.04
C GLU E 307 -8.60 44.03 -13.66
N GLU E 308 -8.67 44.81 -14.74
CA GLU E 308 -7.48 45.31 -15.41
C GLU E 308 -6.65 46.19 -14.47
N PHE E 309 -7.30 47.06 -13.70
CA PHE E 309 -6.59 47.91 -12.76
C PHE E 309 -6.01 47.09 -11.59
N ILE E 310 -6.81 46.22 -10.97
CA ILE E 310 -6.26 45.35 -9.94
C ILE E 310 -5.08 44.53 -10.47
N GLU E 311 -5.17 44.03 -11.72
CA GLU E 311 -4.06 43.23 -12.25
C GLU E 311 -2.79 44.07 -12.37
N MET E 312 -2.94 45.35 -12.63
CA MET E 312 -1.81 46.25 -12.71
C MET E 312 -1.21 46.48 -11.34
N ILE E 313 -2.08 46.56 -10.32
CA ILE E 313 -1.59 46.67 -8.95
C ILE E 313 -0.79 45.42 -8.57
N ARG E 314 -1.28 44.24 -8.96
CA ARG E 314 -0.53 43.02 -8.71
C ARG E 314 0.80 43.02 -9.47
N THR E 315 0.81 43.53 -10.70
CA THR E 315 2.05 43.57 -11.47
C THR E 315 3.07 44.50 -10.81
N ILE E 316 2.65 45.67 -10.31
CA ILE E 316 3.65 46.48 -9.63
C ILE E 316 4.09 45.87 -8.32
N GLY E 317 3.43 44.81 -7.83
CA GLY E 317 4.03 44.01 -6.78
C GLY E 317 3.37 43.95 -5.40
N TYR E 318 2.17 44.51 -5.28
CA TYR E 318 1.46 44.40 -4.02
C TYR E 318 0.87 43.00 -3.83
N ARG E 319 0.86 42.56 -2.58
CA ARG E 319 0.37 41.23 -2.21
C ARG E 319 -0.51 41.38 -0.98
N GLY E 320 -1.69 40.80 -1.01
CA GLY E 320 -2.61 40.95 0.10
C GLY E 320 -3.98 41.39 -0.40
N TYR E 321 -4.76 41.97 0.50
CA TYR E 321 -6.10 42.44 0.18
C TYR E 321 -6.09 43.87 -0.34
N VAL E 322 -6.86 44.11 -1.41
CA VAL E 322 -7.08 45.45 -1.94
C VAL E 322 -8.52 45.55 -2.44
N ASN E 323 -9.13 46.72 -2.25
CA ASN E 323 -10.47 46.94 -2.75
C ASN E 323 -10.51 48.21 -3.59
N ILE E 324 -11.36 48.23 -4.60
CA ILE E 324 -11.51 49.40 -5.45
C ILE E 324 -12.96 49.88 -5.39
N ASP E 325 -13.12 51.19 -5.27
CA ASP E 325 -14.38 51.86 -4.99
C ASP E 325 -14.99 52.39 -6.29
N GLY E 326 -16.31 52.38 -6.41
CA GLY E 326 -16.88 52.83 -7.68
C GLY E 326 -18.36 53.14 -7.65
N ILE E 327 -18.83 53.72 -8.77
CA ILE E 327 -20.24 54.07 -8.91
C ILE E 327 -20.71 53.82 -10.33
N VAL E 328 -22.04 53.73 -10.46
CA VAL E 328 -22.72 53.70 -11.74
C VAL E 328 -23.75 54.82 -11.76
N LEU E 329 -23.83 55.53 -12.88
CA LEU E 329 -24.79 56.59 -13.04
C LEU E 329 -26.07 56.05 -13.68
N ASP E 330 -27.16 56.80 -13.52
CA ASP E 330 -28.43 56.45 -14.15
C ASP E 330 -28.25 56.13 -15.63
N ASP E 331 -27.42 56.91 -16.33
CA ASP E 331 -27.17 56.67 -17.75
C ASP E 331 -26.18 55.52 -17.98
N GLY E 332 -25.83 54.76 -16.95
CA GLY E 332 -24.97 53.60 -17.12
C GLY E 332 -23.48 53.88 -17.19
N ARG E 333 -23.03 55.09 -16.87
CA ARG E 333 -21.60 55.39 -16.85
C ARG E 333 -20.98 54.88 -15.55
N VAL E 334 -19.81 54.25 -15.68
CA VAL E 334 -19.07 53.72 -14.55
C VAL E 334 -17.89 54.62 -14.28
N PHE E 335 -17.64 54.90 -13.00
CA PHE E 335 -16.44 55.59 -12.55
C PHE E 335 -15.89 54.87 -11.33
N PHE E 336 -14.57 54.71 -11.26
CA PHE E 336 -13.88 54.24 -10.07
C PHE E 336 -13.21 55.40 -9.34
N HIS E 337 -13.29 55.38 -8.01
CA HIS E 337 -12.90 56.53 -7.19
C HIS E 337 -11.56 56.36 -6.50
N GLU E 338 -11.33 55.23 -5.83
CA GLU E 338 -10.08 55.04 -5.10
C GLU E 338 -9.83 53.55 -4.92
N ILE E 339 -8.64 53.25 -4.41
CA ILE E 339 -8.29 51.92 -3.97
C ILE E 339 -7.71 52.01 -2.57
N ASN E 340 -7.91 50.94 -1.80
CA ASN E 340 -7.28 50.78 -0.50
C ASN E 340 -6.55 49.44 -0.48
N ALA E 341 -5.23 49.48 -0.34
CA ALA E 341 -4.42 48.28 -0.22
C ALA E 341 -4.34 47.92 1.26
N ARG E 342 -5.36 47.21 1.74
CA ARG E 342 -5.52 46.79 3.13
C ARG E 342 -6.88 46.15 3.29
N TRP E 343 -7.21 45.65 4.49
CA TRP E 343 -8.52 45.03 4.67
C TRP E 343 -9.59 46.08 4.44
N SER E 344 -10.59 45.74 3.63
CA SER E 344 -11.79 46.56 3.67
C SER E 344 -12.51 46.26 4.96
N GLY E 345 -13.33 47.22 5.42
CA GLY E 345 -14.19 46.97 6.56
C GLY E 345 -15.16 45.82 6.37
N GLY E 346 -15.37 45.39 5.13
CA GLY E 346 -16.26 44.28 4.86
C GLY E 346 -15.59 42.95 4.65
N LEU E 347 -14.26 42.89 4.63
CA LEU E 347 -13.59 41.61 4.44
C LEU E 347 -14.07 40.59 5.46
N ILE E 348 -14.18 40.99 6.72
CA ILE E 348 -14.62 40.06 7.76
C ILE E 348 -16.05 39.58 7.48
N TYR E 349 -16.90 40.44 6.91
CA TYR E 349 -18.27 40.05 6.62
C TYR E 349 -18.30 38.91 5.61
N HIS E 350 -17.56 39.09 4.51
CA HIS E 350 -17.36 38.03 3.54
C HIS E 350 -16.73 36.80 4.19
N THR E 351 -15.76 36.99 5.08
CA THR E 351 -15.16 35.88 5.81
C THR E 351 -16.21 35.08 6.59
N VAL E 352 -17.10 35.76 7.29
CA VAL E 352 -18.09 35.01 8.06
C VAL E 352 -19.08 34.33 7.12
N ALA E 353 -19.55 35.05 6.10
CA ALA E 353 -20.49 34.44 5.16
C ALA E 353 -19.90 33.18 4.54
N GLU E 354 -18.60 33.20 4.24
CA GLU E 354 -17.98 32.06 3.57
C GLU E 354 -17.82 30.89 4.52
N ARG E 355 -17.55 31.17 5.80
CA ARG E 355 -17.33 30.11 6.77
C ARG E 355 -18.64 29.45 7.18
N LEU E 356 -19.72 30.21 7.27
CA LEU E 356 -20.99 29.65 7.72
C LEU E 356 -21.86 29.17 6.57
N LEU E 357 -21.77 29.79 5.40
CA LEU E 357 -22.65 29.47 4.29
C LEU E 357 -21.93 28.88 3.09
N GLY E 358 -20.60 28.74 3.13
CA GLY E 358 -19.89 28.15 2.02
C GLY E 358 -19.45 29.19 0.99
N HIS E 359 -18.47 28.77 0.17
CA HIS E 359 -17.86 29.69 -0.80
C HIS E 359 -18.87 30.29 -1.76
N ASP E 360 -19.90 29.53 -2.13
CA ASP E 360 -20.90 29.94 -3.10
C ASP E 360 -22.02 30.79 -2.49
N TYR E 361 -21.85 31.36 -1.29
CA TYR E 361 -22.97 31.95 -0.57
C TYR E 361 -23.68 33.03 -1.36
N ALA E 362 -22.93 33.83 -2.13
CA ALA E 362 -23.54 34.97 -2.80
C ALA E 362 -24.55 34.57 -3.87
N ARG E 363 -24.57 33.30 -4.27
CA ARG E 363 -25.53 32.88 -5.28
C ARG E 363 -26.96 32.89 -4.75
N ASN E 364 -27.16 32.50 -3.49
CA ASN E 364 -28.50 32.50 -2.91
C ASN E 364 -28.64 33.23 -1.60
N ASN E 365 -27.61 33.92 -1.11
CA ASN E 365 -27.68 34.53 0.21
C ASN E 365 -27.32 36.01 0.13
N PHE E 366 -27.86 36.77 1.08
CA PHE E 366 -27.51 38.16 1.28
C PHE E 366 -27.06 38.34 2.72
N PHE E 367 -26.23 39.35 2.94
CA PHE E 367 -25.95 39.74 4.30
C PHE E 367 -25.97 41.26 4.38
N SER E 368 -26.24 41.73 5.59
CA SER E 368 -26.32 43.15 5.89
C SER E 368 -25.78 43.36 7.30
N SER E 369 -24.98 44.40 7.46
CA SER E 369 -24.42 44.72 8.74
C SER E 369 -25.16 45.93 9.30
N ILE E 370 -25.23 45.98 10.62
CA ILE E 370 -25.73 47.11 11.38
C ILE E 370 -24.59 47.56 12.29
N LEU E 371 -24.14 48.78 12.13
CA LEU E 371 -23.10 49.33 12.97
C LEU E 371 -23.67 50.06 14.18
N ASN E 372 -24.98 50.18 14.22
CA ASN E 372 -25.70 51.20 14.98
C ASN E 372 -26.29 50.72 16.30
N VAL E 373 -26.53 49.42 16.48
CA VAL E 373 -27.32 48.98 17.63
C VAL E 373 -26.68 49.43 18.96
N VAL E 374 -27.53 49.72 19.94
CA VAL E 374 -27.13 50.19 21.28
C VAL E 374 -26.15 49.21 21.91
N PRO E 375 -25.01 49.69 22.40
CA PRO E 375 -24.01 48.79 22.97
C PRO E 375 -24.52 48.09 24.22
N ALA E 376 -24.32 46.77 24.26
CA ALA E 376 -24.59 46.00 25.45
C ALA E 376 -23.52 44.92 25.58
N GLY E 377 -23.40 44.35 26.77
CA GLY E 377 -22.62 43.14 26.93
C GLY E 377 -23.11 42.03 26.01
N LEU E 378 -22.21 41.07 25.76
CA LEU E 378 -22.51 39.99 24.82
C LEU E 378 -23.77 39.22 25.23
N ALA E 379 -23.91 38.90 26.53
CA ALA E 379 -25.11 38.18 26.98
C ALA E 379 -26.40 38.95 26.67
N ASP E 380 -26.43 40.26 26.90
CA ASP E 380 -27.62 41.05 26.61
C ASP E 380 -27.89 41.13 25.12
N LEU E 381 -26.84 41.26 24.31
CA LEU E 381 -27.02 41.33 22.85
C LEU E 381 -27.61 40.04 22.28
N LEU E 382 -27.00 38.89 22.62
CA LEU E 382 -27.48 37.61 22.06
C LEU E 382 -28.94 37.37 22.44
N ARG E 383 -29.33 37.79 23.63
CA ARG E 383 -30.74 37.78 24.01
C ARG E 383 -31.65 38.49 23.05
N SER E 384 -31.44 39.80 22.91
CA SER E 384 -32.31 40.62 22.08
C SER E 384 -32.46 39.99 20.72
N LEU E 385 -31.39 39.34 20.23
CA LEU E 385 -31.49 38.53 19.03
C LEU E 385 -32.50 37.41 19.20
N GLU E 386 -32.50 36.77 20.37
CA GLU E 386 -33.44 35.69 20.65
C GLU E 386 -34.86 36.21 20.86
N ARG E 387 -35.00 37.26 21.68
CA ARG E 387 -36.29 37.91 21.82
C ARG E 387 -36.86 38.34 20.47
N ALA E 388 -35.99 38.69 19.50
CA ALA E 388 -36.50 39.05 18.18
C ALA E 388 -36.73 37.84 17.28
N GLY E 389 -36.21 36.68 17.65
CA GLY E 389 -36.31 35.50 16.81
C GLY E 389 -35.34 35.42 15.64
N VAL E 390 -34.20 36.14 15.69
CA VAL E 390 -33.30 36.13 14.53
C VAL E 390 -31.85 35.83 14.90
N ARG E 391 -31.56 35.43 16.15
CA ARG E 391 -30.22 34.96 16.46
C ARG E 391 -29.81 33.89 15.46
N TYR E 392 -28.54 33.89 15.06
CA TYR E 392 -28.14 33.04 13.93
C TYR E 392 -28.28 31.56 14.28
N ASP E 393 -28.96 30.83 13.39
CA ASP E 393 -29.36 29.43 13.59
C ASP E 393 -28.63 28.58 12.55
N LYS E 394 -27.80 27.65 13.03
CA LYS E 394 -27.10 26.70 12.18
C LYS E 394 -27.99 26.14 11.07
N ASP E 395 -29.18 25.67 11.44
CA ASP E 395 -29.94 24.78 10.57
C ASP E 395 -30.71 25.53 9.48
N SER E 396 -30.86 26.84 9.60
CA SER E 396 -31.44 27.63 8.53
C SER E 396 -30.40 28.42 7.75
N GLY E 397 -29.27 28.75 8.37
CA GLY E 397 -28.35 29.69 7.76
C GLY E 397 -28.82 31.13 7.79
N GLU E 398 -29.80 31.46 8.64
CA GLU E 398 -30.45 32.77 8.68
C GLU E 398 -30.30 33.39 10.07
N GLY E 399 -30.16 34.70 10.10
CA GLY E 399 -30.07 35.42 11.34
C GLY E 399 -28.77 36.16 11.54
N ALA E 400 -28.54 36.60 12.77
CA ALA E 400 -27.56 37.62 13.07
C ALA E 400 -26.47 37.07 13.98
N VAL E 401 -25.26 37.58 13.77
CA VAL E 401 -24.11 37.26 14.59
C VAL E 401 -23.47 38.57 15.03
N VAL E 402 -22.86 38.55 16.22
CA VAL E 402 -22.29 39.73 16.83
C VAL E 402 -20.81 39.82 16.49
N LEU E 403 -20.40 40.95 15.93
CA LEU E 403 -19.00 41.21 15.72
C LEU E 403 -18.42 42.18 16.74
N GLY E 404 -19.28 42.89 17.48
CA GLY E 404 -18.83 43.86 18.45
C GLY E 404 -19.89 44.28 19.44
N CYS E 405 -19.52 44.30 20.71
CA CYS E 405 -20.49 44.71 21.72
C CYS E 405 -20.56 46.23 21.84
N ASN E 406 -19.47 46.93 21.52
CA ASN E 406 -19.33 48.35 21.80
C ASN E 406 -18.17 48.91 20.97
N SER E 407 -18.38 49.05 19.68
CA SER E 407 -17.33 49.41 18.75
C SER E 407 -17.50 50.87 18.36
N ASP E 408 -16.41 51.53 18.01
CA ASP E 408 -16.56 52.88 17.50
C ASP E 408 -16.83 52.92 16.00
N LEU E 409 -16.91 51.76 15.34
CA LEU E 409 -17.16 51.70 13.90
C LEU E 409 -18.38 52.53 13.51
N GLY E 410 -19.50 52.29 14.15
CA GLY E 410 -20.67 53.12 13.98
C GLY E 410 -21.22 53.45 15.33
N PRO E 411 -20.54 54.36 16.03
CA PRO E 411 -20.45 54.28 17.50
C PRO E 411 -21.50 53.40 18.16
N GLY E 412 -21.42 52.10 17.95
CA GLY E 412 -22.36 51.20 18.59
C GLY E 412 -21.88 49.75 18.59
N ALA E 413 -22.84 48.84 18.80
CA ALA E 413 -22.61 47.41 18.67
C ALA E 413 -22.83 47.02 17.21
N GLU E 414 -22.04 46.07 16.74
CA GLU E 414 -21.98 45.69 15.34
C GLU E 414 -22.58 44.31 15.16
N LEU E 415 -23.58 44.19 14.29
CA LEU E 415 -24.17 42.90 13.99
C LEU E 415 -24.08 42.64 12.49
N LEU E 416 -23.93 41.36 12.13
CA LEU E 416 -24.02 40.91 10.74
C LEU E 416 -25.19 39.95 10.61
N VAL E 417 -26.03 40.16 9.60
CA VAL E 417 -27.34 39.54 9.51
C VAL E 417 -27.50 38.86 8.16
N PHE E 418 -27.95 37.60 8.17
CA PHE E 418 -27.95 36.72 7.00
C PHE E 418 -29.37 36.31 6.62
N SER E 419 -29.68 36.32 5.32
CA SER E 419 -30.96 35.76 4.84
C SER E 419 -30.89 35.34 3.38
N LYS E 420 -31.67 34.30 3.04
CA LYS E 420 -31.79 33.89 1.64
C LYS E 420 -32.76 34.74 0.84
N ASP E 421 -33.49 35.65 1.49
CA ASP E 421 -34.42 36.52 0.80
C ASP E 421 -34.17 37.95 1.27
N TRP E 422 -33.99 38.87 0.32
CA TRP E 422 -33.58 40.23 0.68
C TRP E 422 -34.64 40.94 1.51
N ASP E 423 -35.92 40.70 1.23
CA ASP E 423 -36.96 41.33 2.03
C ASP E 423 -37.04 40.72 3.43
N ARG E 424 -36.83 39.41 3.54
CA ARG E 424 -36.78 38.80 4.87
C ARG E 424 -35.59 39.35 5.67
N LEU E 425 -34.51 39.74 5.01
CA LEU E 425 -33.40 40.35 5.71
C LEU E 425 -33.78 41.71 6.27
N THR E 426 -34.46 42.52 5.46
CA THR E 426 -34.88 43.84 5.89
C THR E 426 -35.73 43.78 7.16
N ALA E 427 -36.68 42.83 7.20
CA ALA E 427 -37.50 42.69 8.39
C ALA E 427 -36.67 42.29 9.59
N MET E 428 -35.69 41.40 9.39
CA MET E 428 -34.84 41.00 10.50
C MET E 428 -34.16 42.23 11.10
N LYS E 429 -33.68 43.14 10.25
CA LYS E 429 -33.02 44.34 10.73
C LYS E 429 -33.97 45.21 11.55
N ASP E 430 -35.20 45.40 11.06
CA ASP E 430 -36.21 46.15 11.81
C ASP E 430 -36.51 45.50 13.15
N GLU E 431 -36.69 44.18 13.16
CA GLU E 431 -36.92 43.48 14.42
C GLU E 431 -35.76 43.69 15.37
N ILE E 432 -34.53 43.64 14.84
CA ILE E 432 -33.34 43.87 15.68
C ILE E 432 -33.36 45.27 16.24
N ALA E 433 -33.64 46.27 15.40
CA ALA E 433 -33.66 47.65 15.88
C ALA E 433 -34.72 47.86 16.95
N THR E 434 -35.91 47.33 16.74
CA THR E 434 -36.95 47.38 17.77
C THR E 434 -36.47 46.76 19.07
N THR E 435 -35.91 45.56 18.99
CA THR E 435 -35.55 44.81 20.18
C THR E 435 -34.30 45.37 20.84
N ALA E 436 -33.20 45.48 20.08
CA ALA E 436 -31.94 45.89 20.69
C ALA E 436 -31.80 47.39 20.76
N GLY E 437 -32.49 48.12 19.89
CA GLY E 437 -32.40 49.57 19.92
C GLY E 437 -31.26 50.09 19.07
N THR E 438 -31.49 51.22 18.41
CA THR E 438 -30.49 51.84 17.54
C THR E 438 -30.13 53.20 18.10
N LEU E 439 -28.82 53.49 18.11
CA LEU E 439 -28.32 54.84 18.38
C LEU E 439 -28.59 55.73 17.17
N SER E 440 -29.46 56.71 17.33
CA SER E 440 -29.85 57.57 16.22
C SER E 440 -28.90 58.76 16.08
N MET F 1 -30.83 -7.46 -68.79
CA MET F 1 -31.36 -7.36 -67.45
C MET F 1 -30.47 -6.52 -66.53
N PRO F 2 -30.66 -5.20 -66.54
CA PRO F 2 -29.91 -4.37 -65.60
C PRO F 2 -30.28 -4.70 -64.17
N LYS F 3 -29.32 -4.53 -63.28
CA LYS F 3 -29.55 -4.75 -61.86
C LYS F 3 -28.99 -3.56 -61.10
N ILE F 4 -29.60 -3.25 -59.97
CA ILE F 4 -29.07 -2.23 -59.06
C ILE F 4 -28.16 -2.95 -58.06
N ILE F 5 -26.86 -2.67 -58.11
CA ILE F 5 -25.91 -3.31 -57.20
C ILE F 5 -25.88 -2.54 -55.88
N LEU F 6 -26.34 -3.18 -54.80
CA LEU F 6 -26.65 -2.47 -53.55
C LEU F 6 -25.82 -3.01 -52.40
N PRO F 7 -24.68 -2.37 -52.06
CA PRO F 7 -23.85 -2.86 -50.96
C PRO F 7 -24.24 -2.33 -49.59
N ASN F 8 -25.16 -2.98 -48.90
CA ASN F 8 -25.65 -2.50 -47.62
C ASN F 8 -24.98 -3.27 -46.48
N PHE F 9 -23.67 -3.05 -46.33
CA PHE F 9 -22.94 -3.50 -45.15
C PHE F 9 -23.66 -3.12 -43.85
N THR F 31 -12.40 7.55 -48.80
CA THR F 31 -12.12 6.15 -49.08
C THR F 31 -13.02 5.60 -50.19
N ASP F 32 -12.63 4.48 -50.80
CA ASP F 32 -13.37 3.91 -51.91
C ASP F 32 -13.57 2.42 -51.70
N THR F 33 -14.06 2.08 -50.50
CA THR F 33 -14.24 0.68 -50.13
C THR F 33 -15.22 -0.03 -51.06
N THR F 34 -16.30 0.65 -51.44
CA THR F 34 -17.35 -0.06 -52.18
C THR F 34 -17.09 -0.09 -53.67
N ALA F 35 -16.06 0.61 -54.14
CA ALA F 35 -15.79 0.63 -55.57
C ALA F 35 -15.51 -0.77 -56.10
N ARG F 36 -15.04 -1.66 -55.22
CA ARG F 36 -14.78 -3.03 -55.63
C ARG F 36 -16.03 -3.68 -56.20
N PHE F 37 -17.22 -3.25 -55.78
CA PHE F 37 -18.41 -3.90 -56.29
C PHE F 37 -18.71 -3.53 -57.73
N LEU F 38 -18.02 -2.53 -58.29
CA LEU F 38 -18.14 -2.21 -59.71
C LEU F 38 -17.88 -3.44 -60.60
N TRP F 39 -17.01 -4.34 -60.16
CA TRP F 39 -16.71 -5.52 -60.96
C TRP F 39 -17.89 -6.48 -61.08
N HIS F 40 -19.04 -6.17 -60.45
CA HIS F 40 -20.26 -6.91 -60.72
C HIS F 40 -20.98 -6.42 -61.96
N ALA F 41 -20.67 -5.22 -62.43
CA ALA F 41 -21.52 -4.52 -63.38
C ALA F 41 -21.55 -5.22 -64.74
N GLU F 42 -22.72 -5.24 -65.35
CA GLU F 42 -22.87 -5.44 -66.77
C GLU F 42 -23.60 -4.22 -67.32
N ASP F 43 -23.72 -4.18 -68.66
CA ASP F 43 -24.33 -3.06 -69.37
C ASP F 43 -25.63 -2.62 -68.72
N GLY F 44 -25.76 -1.32 -68.48
CA GLY F 44 -26.96 -0.74 -67.94
C GLY F 44 -27.06 -0.73 -66.43
N ASP F 45 -26.18 -1.45 -65.74
CA ASP F 45 -26.30 -1.62 -64.29
C ASP F 45 -26.11 -0.30 -63.55
N VAL F 46 -26.62 -0.29 -62.34
CA VAL F 46 -26.51 0.85 -61.44
C VAL F 46 -25.77 0.39 -60.20
N LEU F 47 -24.74 1.15 -59.81
CA LEU F 47 -24.01 0.88 -58.57
C LEU F 47 -24.25 2.01 -57.60
N VAL F 48 -24.85 1.70 -56.45
CA VAL F 48 -25.03 2.65 -55.36
C VAL F 48 -23.83 2.58 -54.42
N ILE F 49 -23.18 3.72 -54.16
CA ILE F 49 -22.03 3.74 -53.26
C ILE F 49 -22.22 4.80 -52.18
N PRO F 50 -21.88 4.51 -50.93
CA PRO F 50 -21.99 5.51 -49.86
C PRO F 50 -20.78 6.43 -49.70
N ASP F 51 -19.70 6.19 -50.44
CA ASP F 51 -18.42 6.87 -50.23
C ASP F 51 -17.86 7.50 -51.49
N THR F 52 -16.54 7.52 -51.63
CA THR F 52 -15.90 8.09 -52.80
C THR F 52 -15.49 6.97 -53.73
N VAL F 53 -15.14 7.32 -54.96
CA VAL F 53 -14.72 6.26 -55.87
C VAL F 53 -13.41 6.65 -56.52
N ASP F 54 -13.44 7.68 -57.38
CA ASP F 54 -12.48 8.05 -58.43
C ASP F 54 -13.24 7.99 -59.75
N PRO F 55 -13.39 9.11 -60.46
CA PRO F 55 -14.22 9.09 -61.66
C PRO F 55 -13.66 8.18 -62.74
N ASP F 56 -12.36 7.88 -62.70
CA ASP F 56 -11.75 6.98 -63.68
C ASP F 56 -11.99 5.50 -63.39
N PHE F 57 -12.27 5.13 -62.15
CA PHE F 57 -12.48 3.72 -61.82
C PHE F 57 -13.53 3.04 -62.67
N PRO F 58 -14.73 3.60 -62.92
CA PRO F 58 -15.71 2.88 -63.77
C PRO F 58 -15.18 2.50 -65.14
N GLY F 59 -14.63 3.46 -65.88
CA GLY F 59 -14.16 3.16 -67.22
C GLY F 59 -13.07 2.11 -67.24
N TYR F 60 -12.15 2.18 -66.26
CA TYR F 60 -11.11 1.17 -66.15
C TYR F 60 -11.71 -0.22 -65.99
N VAL F 61 -12.64 -0.38 -65.04
CA VAL F 61 -13.34 -1.66 -64.87
C VAL F 61 -14.03 -2.08 -66.16
N ALA F 62 -14.75 -1.13 -66.78
CA ALA F 62 -15.45 -1.41 -68.04
C ALA F 62 -14.48 -1.85 -69.14
N ASP F 63 -13.36 -1.14 -69.30
CA ASP F 63 -12.32 -1.55 -70.23
C ASP F 63 -11.88 -2.98 -69.94
N THR F 64 -11.61 -3.25 -68.66
CA THR F 64 -11.03 -4.54 -68.31
C THR F 64 -12.02 -5.68 -68.48
N LEU F 65 -13.30 -5.44 -68.23
CA LEU F 65 -14.33 -6.46 -68.34
C LEU F 65 -14.89 -6.61 -69.74
N GLY F 66 -14.81 -5.56 -70.56
CA GLY F 66 -15.28 -5.62 -71.94
C GLY F 66 -16.74 -5.26 -72.11
N ILE F 67 -17.21 -4.29 -71.32
CA ILE F 67 -18.60 -3.87 -71.37
C ILE F 67 -18.64 -2.40 -71.75
N ASP F 68 -19.84 -1.86 -71.92
CA ASP F 68 -20.02 -0.44 -72.25
C ASP F 68 -20.02 0.34 -70.94
N GLY F 69 -18.89 0.99 -70.64
CA GLY F 69 -18.83 1.86 -69.48
C GLY F 69 -19.83 3.00 -69.53
N THR F 70 -20.11 3.52 -70.72
CA THR F 70 -21.02 4.65 -70.80
C THR F 70 -22.40 4.27 -70.27
N SER F 71 -22.73 2.97 -70.24
CA SER F 71 -24.01 2.46 -69.78
C SER F 71 -24.03 2.12 -68.31
N VAL F 72 -22.90 2.16 -67.61
CA VAL F 72 -22.83 1.82 -66.20
C VAL F 72 -22.97 3.11 -65.39
N HIS F 73 -23.95 3.14 -64.50
CA HIS F 73 -24.30 4.34 -63.75
C HIS F 73 -23.91 4.18 -62.29
N VAL F 74 -23.35 5.25 -61.72
CA VAL F 74 -22.89 5.25 -60.34
C VAL F 74 -23.70 6.30 -59.58
N GLU F 75 -24.60 5.85 -58.69
CA GLU F 75 -25.44 6.72 -57.87
C GLU F 75 -24.79 6.86 -56.50
N ARG F 76 -24.34 8.06 -56.16
CA ARG F 76 -23.59 8.31 -54.93
C ARG F 76 -24.53 8.79 -53.84
N THR F 77 -24.62 8.04 -52.75
CA THR F 77 -25.34 8.49 -51.57
C THR F 77 -24.35 9.11 -50.60
N GLN F 78 -24.83 10.05 -49.81
CA GLN F 78 -23.94 10.76 -48.93
C GLN F 78 -23.64 9.97 -47.66
N THR F 79 -24.43 8.95 -47.36
CA THR F 79 -24.40 8.23 -46.10
C THR F 79 -24.34 6.74 -46.34
N PRO F 80 -24.02 5.96 -45.30
CA PRO F 80 -24.08 4.50 -45.44
C PRO F 80 -25.48 4.03 -45.80
N LEU F 81 -25.54 2.85 -46.39
CA LEU F 81 -26.76 2.34 -47.01
C LEU F 81 -27.65 1.64 -45.98
N SER F 82 -27.97 2.37 -44.92
CA SER F 82 -28.78 1.83 -43.84
C SER F 82 -30.21 1.54 -44.31
N GLU F 83 -31.01 0.97 -43.41
CA GLU F 83 -32.41 0.73 -43.74
C GLU F 83 -33.13 2.05 -43.99
N ALA F 84 -32.79 3.09 -43.23
CA ALA F 84 -33.51 4.35 -43.41
C ALA F 84 -33.22 4.94 -44.79
N VAL F 85 -31.96 4.92 -45.21
CA VAL F 85 -31.64 5.33 -46.58
C VAL F 85 -32.45 4.52 -47.59
N LEU F 86 -32.49 3.20 -47.42
CA LEU F 86 -33.25 2.36 -48.34
C LEU F 86 -34.74 2.67 -48.32
N GLN F 87 -35.26 3.23 -47.22
CA GLN F 87 -36.65 3.64 -47.16
C GLN F 87 -36.88 5.11 -47.54
N ASP F 88 -35.83 5.93 -47.49
CA ASP F 88 -35.94 7.36 -47.82
C ASP F 88 -36.54 7.56 -49.21
N PRO F 89 -37.69 8.22 -49.34
CA PRO F 89 -38.31 8.37 -50.67
C PRO F 89 -37.47 9.18 -51.64
N GLU F 90 -36.61 10.08 -51.17
CA GLU F 90 -35.71 10.76 -52.09
C GLU F 90 -34.70 9.80 -52.71
N PHE F 91 -34.21 8.84 -51.91
CA PHE F 91 -33.33 7.79 -52.44
C PHE F 91 -34.07 6.90 -53.43
N ILE F 92 -35.32 6.56 -53.12
CA ILE F 92 -36.12 5.73 -54.02
C ILE F 92 -36.30 6.42 -55.35
N ASP F 93 -36.54 7.73 -55.33
CA ASP F 93 -36.86 8.41 -56.58
C ASP F 93 -35.65 8.44 -57.50
N ARG F 94 -34.45 8.58 -56.94
CA ARG F 94 -33.24 8.57 -57.75
C ARG F 94 -33.00 7.23 -58.42
N LEU F 95 -33.39 6.13 -57.77
CA LEU F 95 -33.38 4.84 -58.45
C LEU F 95 -34.53 4.71 -59.43
N ALA F 96 -35.66 5.34 -59.14
CA ALA F 96 -36.79 5.27 -60.06
C ALA F 96 -36.44 5.95 -61.39
N ALA F 97 -35.52 6.92 -61.34
CA ALA F 97 -35.04 7.54 -62.57
C ALA F 97 -34.50 6.49 -63.54
N HIS F 98 -33.71 5.55 -63.02
CA HIS F 98 -33.12 4.53 -63.89
C HIS F 98 -34.12 3.42 -64.21
N THR F 99 -34.73 2.85 -63.18
CA THR F 99 -35.53 1.66 -63.40
C THR F 99 -36.83 1.99 -64.11
N GLY F 100 -37.30 3.22 -63.98
CA GLY F 100 -38.53 3.66 -64.61
C GLY F 100 -39.73 2.82 -64.24
N THR F 101 -40.19 1.99 -65.17
CA THR F 101 -41.32 1.10 -64.93
C THR F 101 -40.97 -0.06 -63.99
N GLY F 102 -39.69 -0.36 -63.79
CA GLY F 102 -39.27 -1.56 -63.12
C GLY F 102 -39.03 -2.74 -64.05
N ALA F 103 -39.65 -2.77 -65.23
CA ALA F 103 -39.52 -3.90 -66.14
C ALA F 103 -38.07 -4.13 -66.53
N GLY F 104 -37.64 -5.39 -66.50
CA GLY F 104 -36.29 -5.74 -66.86
C GLY F 104 -35.24 -5.45 -65.81
N TRP F 105 -35.60 -4.90 -64.66
CA TRP F 105 -34.65 -4.56 -63.61
C TRP F 105 -34.75 -5.51 -62.43
N SER F 106 -33.66 -5.64 -61.69
CA SER F 106 -33.67 -6.41 -60.45
C SER F 106 -32.75 -5.75 -59.42
N LEU F 107 -33.01 -6.05 -58.15
CA LEU F 107 -32.16 -5.61 -57.06
C LEU F 107 -31.10 -6.67 -56.80
N PHE F 108 -29.84 -6.23 -56.60
CA PHE F 108 -28.71 -7.10 -56.30
C PHE F 108 -28.13 -6.65 -54.98
N PRO F 109 -28.77 -7.00 -53.86
CA PRO F 109 -28.35 -6.48 -52.57
C PRO F 109 -27.36 -7.41 -51.90
N CYS F 110 -26.47 -6.79 -51.11
CA CYS F 110 -25.55 -7.56 -50.29
C CYS F 110 -26.29 -8.28 -49.16
N VAL F 111 -27.10 -7.56 -48.41
CA VAL F 111 -27.89 -8.14 -47.33
C VAL F 111 -29.34 -8.00 -47.72
N SER F 112 -30.06 -9.12 -47.76
CA SER F 112 -31.48 -9.13 -48.12
C SER F 112 -32.32 -8.74 -46.90
N THR F 113 -32.28 -7.45 -46.56
CA THR F 113 -32.95 -6.95 -45.38
C THR F 113 -34.41 -6.66 -45.69
N ARG F 114 -35.16 -6.29 -44.65
CA ARG F 114 -36.56 -5.89 -44.82
C ARG F 114 -36.69 -4.76 -45.84
N ALA F 115 -35.96 -3.67 -45.61
CA ALA F 115 -36.07 -2.49 -46.47
C ALA F 115 -35.75 -2.84 -47.91
N ALA F 116 -34.62 -3.53 -48.12
CA ALA F 116 -34.29 -4.07 -49.44
C ALA F 116 -35.49 -4.72 -50.08
N ALA F 117 -36.09 -5.69 -49.39
CA ALA F 117 -37.27 -6.36 -49.93
C ALA F 117 -38.35 -5.35 -50.29
N GLN F 118 -38.65 -4.44 -49.36
CA GLN F 118 -39.60 -3.36 -49.62
C GLN F 118 -39.18 -2.53 -50.82
N LEU F 119 -37.88 -2.27 -50.97
CA LEU F 119 -37.42 -1.49 -52.12
C LEU F 119 -37.84 -2.14 -53.42
N THR F 120 -37.77 -3.47 -53.51
CA THR F 120 -38.16 -4.15 -54.73
C THR F 120 -39.63 -3.92 -55.04
N ARG F 121 -40.45 -3.76 -54.00
CA ARG F 121 -41.87 -3.55 -54.22
C ARG F 121 -42.17 -2.10 -54.56
N LYS F 122 -41.46 -1.16 -53.93
CA LYS F 122 -41.75 0.26 -54.17
C LYS F 122 -41.40 0.65 -55.61
N LEU F 123 -40.17 0.40 -56.05
CA LEU F 123 -39.91 0.21 -57.48
C LEU F 123 -40.76 -0.96 -57.97
N ASN F 124 -40.85 -1.18 -59.26
CA ASN F 124 -41.59 -2.35 -59.71
C ASN F 124 -40.64 -3.37 -60.33
N VAL F 125 -39.48 -3.55 -59.71
CA VAL F 125 -38.45 -4.46 -60.21
C VAL F 125 -38.79 -5.87 -59.75
N ALA F 126 -37.99 -6.85 -60.21
CA ALA F 126 -38.21 -8.24 -59.81
C ALA F 126 -38.26 -8.35 -58.29
N ALA F 127 -39.27 -9.07 -57.81
CA ALA F 127 -39.41 -9.25 -56.37
C ALA F 127 -38.16 -9.93 -55.82
N LEU F 128 -37.65 -9.41 -54.70
CA LEU F 128 -36.54 -10.04 -54.01
C LEU F 128 -36.87 -11.51 -53.76
N ASP F 129 -35.95 -12.41 -54.15
CA ASP F 129 -36.12 -13.82 -53.85
C ASP F 129 -36.04 -14.03 -52.33
N GLY F 130 -36.96 -14.83 -51.80
CA GLY F 130 -37.08 -14.95 -50.36
C GLY F 130 -37.69 -13.72 -49.74
N TYR F 131 -38.64 -13.10 -50.44
CA TYR F 131 -39.23 -11.82 -50.00
C TYR F 131 -39.84 -11.92 -48.61
N GLU F 132 -40.76 -12.87 -48.41
CA GLU F 132 -41.45 -12.95 -47.13
C GLU F 132 -40.46 -13.16 -45.98
N PHE F 133 -39.50 -14.05 -46.17
CA PHE F 133 -38.45 -14.25 -45.17
C PHE F 133 -37.74 -12.92 -44.87
N ALA F 134 -37.44 -12.13 -45.91
CA ALA F 134 -36.72 -10.87 -45.69
C ALA F 134 -37.59 -9.86 -44.96
N MET F 135 -38.90 -9.82 -45.26
CA MET F 135 -39.83 -8.90 -44.61
C MET F 135 -39.94 -9.13 -43.10
N GLN F 136 -39.67 -10.35 -42.64
CA GLN F 136 -39.66 -10.65 -41.22
C GLN F 136 -38.27 -10.49 -40.58
N ASN F 137 -37.31 -9.91 -41.30
CA ASN F 137 -35.92 -9.80 -40.83
C ASN F 137 -35.30 -11.19 -40.59
N GLY F 138 -35.63 -12.15 -41.46
CA GLY F 138 -35.17 -13.51 -41.23
C GLY F 138 -33.66 -13.62 -41.32
N ILE F 139 -33.05 -12.74 -42.11
CA ILE F 139 -31.60 -12.73 -42.28
C ILE F 139 -30.91 -12.42 -40.97
N ASP F 140 -31.53 -11.59 -40.12
CA ASP F 140 -30.95 -11.26 -38.83
C ASP F 140 -30.90 -12.47 -37.91
N LEU F 141 -31.84 -13.41 -38.06
CA LEU F 141 -31.85 -14.65 -37.28
C LEU F 141 -30.59 -15.47 -37.57
N LEU F 142 -30.41 -15.86 -38.83
CA LEU F 142 -29.11 -16.27 -39.28
C LEU F 142 -28.19 -15.07 -39.09
N ASN F 143 -26.90 -15.26 -39.21
CA ASN F 143 -25.94 -14.18 -38.97
C ASN F 143 -25.76 -13.90 -37.48
N MET F 144 -26.48 -14.59 -36.60
CA MET F 144 -26.15 -14.58 -35.18
C MET F 144 -25.30 -15.80 -34.88
N LYS F 145 -24.20 -15.59 -34.17
CA LYS F 145 -23.37 -16.73 -33.84
C LYS F 145 -24.12 -17.75 -32.99
N SER F 146 -25.01 -17.28 -32.14
CA SER F 146 -25.76 -18.21 -31.29
C SER F 146 -26.64 -19.12 -32.15
N THR F 147 -27.22 -18.56 -33.21
CA THR F 147 -28.09 -19.32 -34.10
C THR F 147 -27.30 -20.37 -34.84
N PHE F 148 -26.07 -20.06 -35.25
CA PHE F 148 -25.23 -21.06 -35.90
C PHE F 148 -24.93 -22.23 -34.96
N ARG F 149 -24.54 -21.93 -33.71
CA ARG F 149 -24.29 -23.01 -32.76
C ARG F 149 -25.51 -23.87 -32.57
N ARG F 150 -26.69 -23.25 -32.51
CA ARG F 150 -27.92 -23.97 -32.25
C ARG F 150 -28.27 -24.86 -33.44
N LEU F 151 -28.34 -24.28 -34.65
CA LEU F 151 -28.60 -25.06 -35.85
C LEU F 151 -27.57 -26.16 -36.04
N ALA F 152 -26.29 -25.86 -35.79
CA ALA F 152 -25.29 -26.87 -36.10
C ALA F 152 -25.29 -27.98 -35.06
N ALA F 153 -25.49 -27.63 -33.79
CA ALA F 153 -25.62 -28.68 -32.77
C ALA F 153 -26.82 -29.56 -33.05
N GLY F 154 -27.93 -28.96 -33.48
CA GLY F 154 -29.11 -29.74 -33.77
C GLY F 154 -28.92 -30.64 -34.97
N LEU F 155 -28.19 -30.17 -35.98
CA LEU F 155 -28.09 -30.93 -37.22
C LEU F 155 -27.03 -32.00 -37.13
N GLY F 156 -26.01 -31.80 -36.29
CA GLY F 156 -24.86 -32.68 -36.18
C GLY F 156 -23.61 -32.14 -36.84
N THR F 157 -23.62 -30.90 -37.30
CA THR F 157 -22.47 -30.31 -37.96
C THR F 157 -21.31 -30.20 -36.96
N PRO F 158 -20.08 -30.51 -37.37
CA PRO F 158 -18.94 -30.48 -36.44
C PRO F 158 -18.71 -29.09 -35.86
N LEU F 159 -18.79 -28.99 -34.54
CA LEU F 159 -18.72 -27.76 -33.77
C LEU F 159 -17.63 -27.83 -32.71
N THR F 160 -16.90 -26.73 -32.50
CA THR F 160 -16.06 -26.69 -31.31
C THR F 160 -16.95 -26.58 -30.07
N ASP F 161 -16.47 -27.14 -28.97
CA ASP F 161 -17.20 -26.99 -27.71
C ASP F 161 -17.38 -25.50 -27.41
N GLY F 162 -18.53 -25.14 -26.89
CA GLY F 162 -18.79 -23.75 -26.56
C GLY F 162 -20.17 -23.60 -25.97
N VAL F 163 -20.47 -22.37 -25.53
CA VAL F 163 -21.74 -22.07 -24.87
C VAL F 163 -22.30 -20.73 -25.35
N VAL F 164 -23.63 -20.66 -25.43
CA VAL F 164 -24.32 -19.40 -25.70
C VAL F 164 -24.55 -18.76 -24.34
N ALA F 165 -23.61 -17.89 -23.94
CA ALA F 165 -23.60 -17.29 -22.62
C ALA F 165 -24.66 -16.20 -22.48
N ARG F 166 -25.31 -16.17 -21.32
CA ARG F 166 -26.42 -15.27 -21.05
C ARG F 166 -26.13 -14.21 -20.00
N GLY F 167 -24.98 -14.24 -19.37
CA GLY F 167 -24.60 -13.18 -18.47
C GLY F 167 -23.14 -13.34 -18.11
N PRO F 168 -22.60 -12.40 -17.35
CA PRO F 168 -21.18 -12.53 -16.99
C PRO F 168 -20.90 -13.79 -16.19
N ALA F 169 -21.83 -14.25 -15.36
CA ALA F 169 -21.58 -15.47 -14.59
C ALA F 169 -21.49 -16.69 -15.50
N GLU F 170 -22.26 -16.73 -16.59
CA GLU F 170 -22.12 -17.84 -17.53
C GLU F 170 -20.91 -17.66 -18.43
N VAL F 171 -20.52 -16.42 -18.73
CA VAL F 171 -19.23 -16.22 -19.35
C VAL F 171 -18.11 -16.79 -18.48
N ARG F 172 -18.20 -16.58 -17.17
CA ARG F 172 -17.12 -16.98 -16.27
C ARG F 172 -16.97 -18.50 -16.22
N SER F 173 -18.08 -19.23 -16.10
CA SER F 173 -17.98 -20.68 -16.00
C SER F 173 -17.61 -21.30 -17.34
N ALA F 174 -18.09 -20.71 -18.45
CA ALA F 174 -17.70 -21.18 -19.78
C ALA F 174 -16.20 -21.08 -19.96
N ILE F 175 -15.62 -19.93 -19.63
CA ILE F 175 -14.19 -19.77 -19.78
C ILE F 175 -13.45 -20.86 -19.01
N GLN F 176 -13.87 -21.09 -17.75
CA GLN F 176 -13.21 -22.11 -16.93
C GLN F 176 -13.35 -23.49 -17.54
N GLU F 177 -14.57 -23.84 -17.96
CA GLU F 177 -14.83 -25.16 -18.54
C GLU F 177 -14.12 -25.37 -19.88
N LEU F 178 -14.01 -24.33 -20.71
CA LEU F 178 -13.53 -24.50 -22.07
C LEU F 178 -12.04 -24.25 -22.27
N ILE F 179 -11.36 -23.65 -21.28
CA ILE F 179 -9.95 -23.29 -21.49
C ILE F 179 -9.01 -24.46 -21.29
N ALA F 180 -9.45 -25.55 -20.67
CA ALA F 180 -8.51 -26.61 -20.29
C ALA F 180 -7.98 -27.38 -21.51
N GLU F 181 -8.82 -27.61 -22.52
CA GLU F 181 -8.46 -28.54 -23.59
C GLU F 181 -7.25 -28.07 -24.40
N THR F 182 -7.20 -26.77 -24.76
CA THR F 182 -6.10 -26.20 -25.55
C THR F 182 -5.37 -25.06 -24.86
N GLY F 183 -5.85 -24.56 -23.73
CA GLY F 183 -5.34 -23.33 -23.19
C GLY F 183 -5.81 -22.08 -23.89
N MET F 184 -6.82 -22.17 -24.76
CA MET F 184 -7.29 -21.03 -25.53
C MET F 184 -8.82 -21.06 -25.67
N VAL F 185 -9.41 -19.90 -25.48
CA VAL F 185 -10.84 -19.71 -25.63
C VAL F 185 -11.02 -18.41 -26.40
N ILE F 186 -12.08 -18.34 -27.20
CA ILE F 186 -12.44 -17.15 -27.95
C ILE F 186 -13.84 -16.74 -27.55
N ALA F 187 -14.03 -15.45 -27.25
CA ALA F 187 -15.32 -14.88 -26.93
C ALA F 187 -15.75 -13.98 -28.08
N LYS F 188 -17.02 -14.07 -28.50
CA LYS F 188 -17.46 -13.45 -29.74
C LYS F 188 -18.77 -12.68 -29.55
N GLN F 189 -18.81 -11.46 -30.07
CA GLN F 189 -20.08 -10.74 -30.26
C GLN F 189 -21.08 -11.64 -30.98
N ASP F 190 -22.35 -11.54 -30.60
CA ASP F 190 -23.33 -12.42 -31.24
C ASP F 190 -23.61 -12.03 -32.70
N ARG F 191 -23.71 -10.74 -33.01
CA ARG F 191 -24.13 -10.40 -34.36
C ARG F 191 -22.94 -10.18 -35.27
N SER F 192 -23.13 -10.51 -36.55
CA SER F 192 -22.03 -10.67 -37.50
C SER F 192 -21.15 -9.43 -37.54
N GLY F 193 -19.84 -9.66 -37.50
CA GLY F 193 -18.86 -8.59 -37.52
C GLY F 193 -17.55 -9.17 -38.02
N GLY F 194 -16.65 -8.28 -38.40
CA GLY F 194 -15.43 -8.71 -39.04
C GLY F 194 -14.25 -8.90 -38.12
N GLY F 195 -14.22 -10.02 -37.38
CA GLY F 195 -13.08 -10.39 -36.56
C GLY F 195 -12.85 -9.46 -35.37
N HIS F 196 -13.40 -8.24 -35.48
CA HIS F 196 -13.22 -7.17 -34.51
C HIS F 196 -14.14 -7.28 -33.32
N GLY F 197 -15.15 -8.14 -33.38
CA GLY F 197 -15.99 -8.36 -32.22
C GLY F 197 -15.61 -9.63 -31.49
N ASN F 198 -14.38 -10.10 -31.66
CA ASN F 198 -13.93 -11.37 -31.11
C ASN F 198 -12.70 -11.14 -30.23
N ILE F 199 -12.65 -11.82 -29.09
CA ILE F 199 -11.56 -11.64 -28.15
C ILE F 199 -11.04 -13.01 -27.76
N GLY F 200 -9.73 -13.22 -27.93
CA GLY F 200 -9.10 -14.45 -27.51
C GLY F 200 -8.68 -14.38 -26.06
N ILE F 201 -8.71 -15.53 -25.39
CA ILE F 201 -8.29 -15.65 -23.99
C ILE F 201 -7.37 -16.86 -23.90
N SER F 202 -6.18 -16.65 -23.34
CA SER F 202 -5.13 -17.65 -23.35
C SER F 202 -4.45 -17.78 -22.00
N THR F 203 -4.15 -19.02 -21.62
CA THR F 203 -3.24 -19.21 -20.49
C THR F 203 -1.82 -18.77 -20.86
N SER F 204 -1.38 -19.08 -22.09
CA SER F 204 0.01 -18.84 -22.48
C SER F 204 0.13 -17.59 -23.34
N PRO F 205 1.11 -16.71 -23.08
CA PRO F 205 1.28 -15.54 -23.96
C PRO F 205 1.75 -15.90 -25.37
N GLU F 206 2.21 -17.13 -25.59
CA GLU F 206 2.65 -17.55 -26.91
C GLU F 206 1.49 -17.95 -27.82
N SER F 207 0.27 -17.95 -27.29
CA SER F 207 -0.87 -18.36 -28.09
C SER F 207 -1.33 -17.18 -28.95
N SER F 208 -1.57 -17.45 -30.23
CA SER F 208 -1.96 -16.40 -31.17
C SER F 208 -3.34 -16.72 -31.75
N PHE F 209 -4.11 -15.67 -32.02
CA PHE F 209 -5.50 -15.78 -32.49
C PHE F 209 -5.71 -14.92 -33.73
N PRO F 210 -5.53 -15.49 -34.92
CA PRO F 210 -5.68 -14.71 -36.16
C PRO F 210 -6.98 -13.91 -36.23
N GLY F 211 -6.84 -12.60 -36.49
CA GLY F 211 -7.97 -11.73 -36.81
C GLY F 211 -8.84 -11.28 -35.66
N THR F 212 -8.58 -11.71 -34.43
CA THR F 212 -9.36 -11.24 -33.30
C THR F 212 -9.03 -9.77 -32.98
N ARG F 213 -9.93 -9.15 -32.20
CA ARG F 213 -9.72 -7.79 -31.73
C ARG F 213 -8.49 -7.71 -30.84
N GLU F 214 -8.40 -8.61 -29.86
CA GLU F 214 -7.21 -8.70 -29.06
C GLU F 214 -7.18 -10.05 -28.36
N VAL F 215 -6.16 -10.22 -27.53
CA VAL F 215 -5.85 -11.46 -26.82
C VAL F 215 -5.60 -11.13 -25.37
N LEU F 216 -6.40 -11.68 -24.47
CA LEU F 216 -6.25 -11.44 -23.04
C LEU F 216 -5.69 -12.69 -22.35
N ALA F 217 -5.14 -12.47 -21.16
CA ALA F 217 -4.57 -13.56 -20.38
C ALA F 217 -5.61 -14.08 -19.42
N TYR F 218 -5.67 -15.40 -19.29
CA TYR F 218 -6.49 -16.01 -18.25
C TYR F 218 -5.76 -15.99 -16.91
N ALA F 219 -6.48 -15.63 -15.86
CA ALA F 219 -5.94 -15.63 -14.52
C ALA F 219 -7.08 -15.78 -13.53
N ASN F 220 -6.94 -16.70 -12.57
CA ASN F 220 -8.02 -17.02 -11.66
C ASN F 220 -8.53 -15.79 -10.92
N ASP F 221 -7.64 -15.02 -10.32
CA ASP F 221 -8.02 -13.88 -9.51
C ASP F 221 -8.40 -12.66 -10.33
N GLN F 222 -8.31 -12.74 -11.65
CA GLN F 222 -8.83 -11.72 -12.54
C GLN F 222 -10.10 -12.17 -13.24
N LEU F 223 -10.52 -13.42 -13.03
CA LEU F 223 -11.62 -13.96 -13.80
C LEU F 223 -12.92 -13.18 -13.60
N ASP F 224 -13.17 -12.74 -12.36
CA ASP F 224 -14.45 -12.09 -12.05
C ASP F 224 -14.62 -10.82 -12.87
N THR F 225 -13.62 -9.92 -12.84
CA THR F 225 -13.74 -8.69 -13.61
C THR F 225 -13.56 -8.93 -15.11
N LEU F 226 -12.80 -9.96 -15.49
CA LEU F 226 -12.74 -10.33 -16.90
C LEU F 226 -14.14 -10.55 -17.47
N ALA F 227 -14.90 -11.48 -16.87
CA ALA F 227 -16.21 -11.82 -17.43
C ALA F 227 -17.16 -10.65 -17.41
N ASP F 228 -17.13 -9.82 -16.35
CA ASP F 228 -17.98 -8.63 -16.35
C ASP F 228 -17.61 -7.68 -17.49
N THR F 229 -16.31 -7.41 -17.64
CA THR F 229 -15.85 -6.51 -18.69
C THR F 229 -16.07 -7.11 -20.07
N LEU F 230 -15.79 -8.41 -20.23
CA LEU F 230 -16.05 -9.08 -21.51
C LEU F 230 -17.53 -8.98 -21.88
N TRP F 231 -18.39 -9.25 -20.91
CA TRP F 231 -19.84 -9.16 -21.12
C TRP F 231 -20.26 -7.78 -21.62
N SER F 232 -19.86 -6.71 -20.92
CA SER F 232 -20.34 -5.38 -21.30
C SER F 232 -19.74 -4.93 -22.64
N GLN F 233 -18.49 -5.31 -22.92
CA GLN F 233 -17.86 -4.94 -24.19
C GLN F 233 -18.51 -5.62 -25.41
N LEU F 234 -18.90 -6.88 -25.28
CA LEU F 234 -19.37 -7.63 -26.43
C LEU F 234 -20.90 -7.74 -26.49
N THR F 235 -21.61 -7.04 -25.61
CA THR F 235 -23.06 -7.02 -25.66
C THR F 235 -23.53 -5.59 -25.90
N ASP F 236 -24.78 -5.48 -26.36
CA ASP F 236 -25.46 -4.19 -26.45
C ASP F 236 -26.95 -4.42 -26.18
N THR F 237 -27.75 -3.37 -26.34
CA THR F 237 -29.16 -3.45 -25.98
C THR F 237 -29.87 -4.55 -26.75
N GLN F 238 -29.49 -4.77 -28.02
CA GLN F 238 -30.19 -5.77 -28.82
C GLN F 238 -29.57 -7.15 -28.73
N ASN F 239 -28.31 -7.25 -28.33
CA ASN F 239 -27.58 -8.51 -28.33
C ASN F 239 -27.16 -8.84 -26.90
N GLN F 240 -28.01 -9.62 -26.23
CA GLN F 240 -27.77 -10.06 -24.87
C GLN F 240 -27.21 -11.48 -24.82
N PHE F 241 -26.58 -11.92 -25.90
CA PHE F 241 -25.90 -13.20 -25.96
C PHE F 241 -24.43 -12.97 -26.29
N ILE F 242 -23.58 -13.76 -25.67
CA ILE F 242 -22.19 -13.91 -26.06
C ILE F 242 -21.93 -15.39 -26.31
N THR F 243 -21.06 -15.63 -27.29
CA THR F 243 -20.56 -16.95 -27.63
C THR F 243 -19.15 -17.10 -27.03
N VAL F 244 -18.92 -18.21 -26.34
CA VAL F 244 -17.64 -18.56 -25.73
C VAL F 244 -17.29 -19.97 -26.18
N GLU F 245 -16.13 -20.14 -26.83
CA GLU F 245 -15.77 -21.41 -27.43
C GLU F 245 -14.32 -21.76 -27.16
N THR F 246 -14.06 -23.05 -27.15
CA THR F 246 -12.69 -23.52 -27.17
C THR F 246 -12.06 -23.14 -28.50
N TYR F 247 -10.86 -22.56 -28.44
CA TYR F 247 -10.14 -22.14 -29.64
C TYR F 247 -9.09 -23.18 -30.00
N HIS F 248 -9.07 -23.61 -31.26
CA HIS F 248 -8.10 -24.59 -31.73
C HIS F 248 -7.10 -23.92 -32.67
N ARG F 249 -5.85 -24.33 -32.57
CA ARG F 249 -4.85 -23.93 -33.55
C ARG F 249 -5.13 -24.67 -34.87
N ALA F 250 -5.15 -23.92 -35.97
CA ALA F 250 -5.66 -24.43 -37.23
C ALA F 250 -4.52 -24.75 -38.19
N ASP F 251 -4.55 -25.95 -38.76
CA ASP F 251 -3.67 -26.26 -39.88
C ASP F 251 -4.06 -25.47 -41.12
N GLN F 252 -5.36 -25.41 -41.39
CA GLN F 252 -5.85 -24.65 -42.53
C GLN F 252 -7.19 -24.02 -42.19
N ARG F 253 -7.41 -22.82 -42.70
CA ARG F 253 -8.57 -21.99 -42.39
C ARG F 253 -9.26 -21.61 -43.68
N PHE F 254 -10.48 -22.11 -43.88
CA PHE F 254 -11.20 -22.01 -45.14
C PHE F 254 -12.60 -21.44 -44.94
N PHE F 255 -13.20 -21.06 -46.06
CA PHE F 255 -14.65 -20.92 -46.11
C PHE F 255 -15.14 -21.32 -47.49
N PHE F 256 -16.41 -21.70 -47.53
CA PHE F 256 -17.13 -22.01 -48.75
C PHE F 256 -18.23 -20.97 -48.92
N GLU F 257 -18.43 -20.49 -50.13
CA GLU F 257 -19.53 -19.58 -50.45
C GLU F 257 -20.49 -20.26 -51.43
N TYR F 258 -21.78 -20.03 -51.23
CA TYR F 258 -22.84 -20.65 -52.05
C TYR F 258 -23.84 -19.59 -52.49
N HIS F 259 -24.56 -19.89 -53.58
CA HIS F 259 -25.73 -19.13 -53.97
C HIS F 259 -26.98 -20.00 -53.85
N LEU F 260 -28.03 -19.47 -53.22
CA LEU F 260 -29.22 -20.25 -52.87
C LEU F 260 -30.45 -19.65 -53.51
N ASP F 261 -31.26 -20.49 -54.20
CA ASP F 261 -32.50 -19.95 -54.77
C ASP F 261 -33.72 -20.86 -54.71
N GLY F 262 -33.71 -21.95 -53.97
CA GLY F 262 -34.97 -22.69 -53.92
C GLY F 262 -35.18 -23.70 -55.03
N ASP F 263 -34.40 -23.64 -56.11
CA ASP F 263 -34.12 -24.85 -56.85
C ASP F 263 -32.92 -25.59 -56.25
N ARG F 264 -31.89 -24.87 -55.78
CA ARG F 264 -30.60 -25.48 -55.50
C ARG F 264 -29.76 -24.59 -54.56
N ALA F 265 -28.83 -25.23 -53.88
CA ALA F 265 -27.72 -24.55 -53.24
C ALA F 265 -26.48 -24.84 -54.08
N ARG F 266 -25.95 -23.83 -54.75
CA ARG F 266 -24.85 -24.05 -55.69
C ARG F 266 -23.54 -23.60 -55.05
N PHE F 267 -22.57 -24.51 -55.00
CA PHE F 267 -21.23 -24.20 -54.52
C PHE F 267 -20.55 -23.26 -55.52
N LEU F 268 -20.02 -22.15 -55.01
CA LEU F 268 -19.31 -21.20 -55.86
C LEU F 268 -17.79 -21.38 -55.79
N HIS F 269 -17.22 -21.26 -54.59
CA HIS F 269 -15.77 -21.33 -54.45
C HIS F 269 -15.44 -21.62 -53.01
N SER F 270 -14.18 -22.05 -52.79
CA SER F 270 -13.58 -22.11 -51.47
C SER F 270 -12.41 -21.15 -51.47
N SER F 271 -12.19 -20.52 -50.31
CA SER F 271 -11.13 -19.53 -50.20
C SER F 271 -10.46 -19.66 -48.85
N ILE F 272 -9.20 -19.22 -48.79
CA ILE F 272 -8.39 -19.24 -47.57
C ILE F 272 -8.20 -17.82 -47.07
N LEU F 273 -8.68 -17.52 -45.87
CA LEU F 273 -8.35 -16.24 -45.25
C LEU F 273 -6.88 -16.26 -44.83
N LYS F 274 -6.16 -15.22 -45.20
CA LYS F 274 -4.73 -15.14 -44.93
C LYS F 274 -4.44 -14.14 -43.82
N TYR F 275 -3.54 -14.51 -42.94
CA TYR F 275 -3.22 -13.72 -41.76
C TYR F 275 -1.72 -13.54 -41.62
N GLU F 276 -1.35 -12.50 -40.85
CA GLU F 276 -0.09 -12.44 -40.11
C GLU F 276 0.01 -11.16 -39.31
N GLN F 277 0.64 -11.26 -38.14
CA GLN F 277 0.69 -10.22 -37.08
C GLN F 277 0.65 -8.78 -37.59
N GLY F 284 -1.17 -12.46 -29.18
CA GLY F 284 -0.90 -12.41 -30.61
C GLY F 284 -2.15 -12.41 -31.46
N SER F 285 -2.53 -11.24 -31.99
CA SER F 285 -3.67 -11.08 -32.90
C SER F 285 -3.13 -10.74 -34.29
N ALA F 286 -3.12 -11.70 -35.20
CA ALA F 286 -2.63 -11.46 -36.54
C ALA F 286 -3.66 -10.71 -37.38
N LYS F 287 -3.22 -9.66 -38.06
CA LYS F 287 -4.07 -8.87 -38.95
C LYS F 287 -4.49 -9.71 -40.15
N TRP F 288 -5.69 -9.40 -40.69
CA TRP F 288 -6.18 -10.04 -41.92
C TRP F 288 -5.61 -9.34 -43.15
N ILE F 289 -4.90 -10.09 -44.00
CA ILE F 289 -4.14 -9.47 -45.08
C ILE F 289 -4.52 -9.99 -46.48
N GLY F 290 -5.66 -10.67 -46.61
CA GLY F 290 -6.19 -11.04 -47.93
C GLY F 290 -6.75 -12.44 -47.91
N LEU F 291 -6.93 -13.02 -49.11
CA LEU F 291 -7.29 -14.43 -49.22
C LEU F 291 -6.79 -15.03 -50.53
N ASP F 292 -6.58 -16.35 -50.54
CA ASP F 292 -5.93 -17.04 -51.66
C ASP F 292 -6.85 -17.96 -52.46
N SER F 293 -8.10 -18.11 -52.06
CA SER F 293 -9.13 -18.83 -52.81
C SER F 293 -8.92 -20.34 -52.89
N PRO F 294 -8.60 -21.03 -54.11
CA PRO F 294 -8.79 -22.49 -54.11
C PRO F 294 -8.13 -22.94 -52.83
N SER F 295 -8.93 -23.46 -51.92
CA SER F 295 -8.61 -23.47 -50.50
C SER F 295 -7.77 -24.63 -50.05
N ARG F 296 -7.46 -25.60 -50.89
CA ARG F 296 -6.70 -26.76 -50.41
C ARG F 296 -7.44 -27.51 -49.31
N SER F 297 -8.75 -27.27 -49.17
CA SER F 297 -9.56 -27.83 -48.10
C SER F 297 -10.88 -28.41 -48.63
N GLU F 298 -10.93 -28.71 -49.93
CA GLU F 298 -12.15 -29.24 -50.54
C GLU F 298 -12.05 -30.76 -50.56
N PHE F 299 -12.68 -31.41 -49.59
CA PHE F 299 -12.73 -32.86 -49.55
C PHE F 299 -13.97 -33.25 -48.76
N GLU F 300 -14.32 -34.55 -48.82
CA GLU F 300 -15.62 -34.99 -48.35
C GLU F 300 -15.87 -34.55 -46.90
N ALA F 301 -14.83 -34.62 -46.07
CA ALA F 301 -14.96 -34.35 -44.64
C ALA F 301 -15.31 -32.89 -44.36
N THR F 302 -15.05 -31.98 -45.29
CA THR F 302 -15.50 -30.60 -45.16
C THR F 302 -16.73 -30.32 -46.00
N LEU F 303 -16.73 -30.72 -47.27
CA LEU F 303 -17.78 -30.32 -48.20
C LEU F 303 -19.11 -30.96 -47.86
N LYS F 304 -19.10 -32.22 -47.43
CA LYS F 304 -20.35 -32.92 -47.14
C LYS F 304 -21.09 -32.29 -45.97
N PRO F 305 -20.49 -32.12 -44.80
CA PRO F 305 -21.25 -31.44 -43.71
C PRO F 305 -21.66 -30.01 -44.08
N ALA F 306 -20.74 -29.24 -44.67
CA ALA F 306 -21.09 -27.88 -45.07
C ALA F 306 -22.31 -27.88 -46.00
N GLU F 307 -22.35 -28.80 -46.98
CA GLU F 307 -23.48 -28.82 -47.92
C GLU F 307 -24.79 -29.15 -47.19
N GLU F 308 -24.72 -30.09 -46.24
CA GLU F 308 -25.91 -30.47 -45.50
C GLU F 308 -26.41 -29.32 -44.62
N PHE F 309 -25.49 -28.60 -43.96
CA PHE F 309 -25.92 -27.43 -43.21
C PHE F 309 -26.53 -26.38 -44.14
N ILE F 310 -25.85 -26.08 -45.25
CA ILE F 310 -26.32 -25.03 -46.15
C ILE F 310 -27.68 -25.40 -46.70
N GLU F 311 -27.85 -26.68 -47.05
CA GLU F 311 -29.14 -27.16 -47.52
C GLU F 311 -30.21 -26.94 -46.47
N MET F 312 -29.86 -27.10 -45.20
CA MET F 312 -30.83 -26.80 -44.17
C MET F 312 -31.24 -25.33 -44.19
N ILE F 313 -30.30 -24.42 -44.45
CA ILE F 313 -30.72 -23.02 -44.36
C ILE F 313 -31.53 -22.62 -45.60
N ARG F 314 -31.35 -23.30 -46.74
CA ARG F 314 -32.23 -23.06 -47.90
C ARG F 314 -33.65 -23.56 -47.65
N THR F 315 -33.77 -24.69 -46.96
CA THR F 315 -35.07 -25.18 -46.51
C THR F 315 -35.75 -24.17 -45.61
N ILE F 316 -35.00 -23.65 -44.65
CA ILE F 316 -35.50 -22.58 -43.79
C ILE F 316 -36.03 -21.42 -44.63
N GLY F 317 -35.32 -21.08 -45.70
CA GLY F 317 -35.92 -20.20 -46.68
C GLY F 317 -35.02 -19.06 -47.09
N TYR F 318 -33.76 -19.11 -46.70
CA TYR F 318 -32.88 -18.04 -47.12
C TYR F 318 -32.61 -18.15 -48.62
N ARG F 319 -32.60 -17.01 -49.28
CA ARG F 319 -32.34 -16.89 -50.70
C ARG F 319 -31.24 -15.86 -50.90
N GLY F 320 -30.27 -16.16 -51.75
CA GLY F 320 -29.11 -15.29 -51.92
C GLY F 320 -27.79 -15.96 -51.59
N TYR F 321 -26.78 -15.16 -51.29
CA TYR F 321 -25.43 -15.65 -51.09
C TYR F 321 -25.18 -15.96 -49.62
N VAL F 322 -24.39 -17.00 -49.34
CA VAL F 322 -24.11 -17.38 -47.97
C VAL F 322 -22.78 -18.14 -47.90
N ASN F 323 -22.04 -17.95 -46.82
CA ASN F 323 -20.78 -18.66 -46.66
C ASN F 323 -20.68 -19.27 -45.25
N ILE F 324 -19.92 -20.36 -45.18
CA ILE F 324 -19.62 -21.05 -43.94
C ILE F 324 -18.10 -21.16 -43.86
N ASP F 325 -17.54 -20.85 -42.70
CA ASP F 325 -16.11 -20.94 -42.54
C ASP F 325 -15.79 -22.04 -41.54
N GLY F 326 -14.63 -22.65 -41.70
CA GLY F 326 -14.22 -23.72 -40.80
C GLY F 326 -12.72 -23.87 -40.79
N ILE F 327 -12.27 -24.87 -40.03
CA ILE F 327 -10.85 -25.15 -39.93
C ILE F 327 -10.65 -26.65 -39.99
N VAL F 328 -9.46 -27.07 -40.43
CA VAL F 328 -8.99 -28.43 -40.29
C VAL F 328 -7.80 -28.40 -39.34
N LEU F 329 -7.79 -29.30 -38.36
CA LEU F 329 -6.70 -29.40 -37.41
C LEU F 329 -5.60 -30.31 -37.97
N ASP F 330 -4.42 -30.28 -37.33
CA ASP F 330 -3.30 -31.11 -37.79
C ASP F 330 -3.68 -32.58 -37.84
N ASP F 331 -4.49 -33.03 -36.89
CA ASP F 331 -4.95 -34.42 -36.81
C ASP F 331 -6.15 -34.70 -37.70
N GLY F 332 -6.55 -33.76 -38.56
CA GLY F 332 -7.63 -34.01 -39.49
C GLY F 332 -9.03 -33.81 -38.96
N ARG F 333 -9.19 -33.26 -37.77
CA ARG F 333 -10.51 -32.92 -37.26
C ARG F 333 -11.00 -31.63 -37.89
N VAL F 334 -12.26 -31.63 -38.32
CA VAL F 334 -12.89 -30.51 -39.00
C VAL F 334 -13.86 -29.83 -38.04
N PHE F 335 -13.88 -28.50 -38.05
CA PHE F 335 -14.87 -27.72 -37.31
C PHE F 335 -15.39 -26.60 -38.18
N PHE F 336 -16.70 -26.32 -38.09
CA PHE F 336 -17.30 -25.17 -38.75
C PHE F 336 -17.63 -24.13 -37.69
N HIS F 337 -17.39 -22.86 -38.02
CA HIS F 337 -17.39 -21.77 -37.05
C HIS F 337 -18.59 -20.85 -37.14
N GLU F 338 -18.97 -20.38 -38.33
CA GLU F 338 -20.11 -19.49 -38.45
C GLU F 338 -20.59 -19.48 -39.89
N ILE F 339 -21.76 -18.91 -40.07
CA ILE F 339 -22.26 -18.64 -41.40
C ILE F 339 -22.51 -17.15 -41.50
N ASN F 340 -22.48 -16.66 -42.74
CA ASN F 340 -22.80 -15.27 -43.01
C ASN F 340 -23.71 -15.27 -44.22
N ALA F 341 -24.96 -14.89 -44.00
CA ALA F 341 -25.96 -14.77 -45.06
C ALA F 341 -25.86 -13.35 -45.61
N ARG F 342 -24.91 -13.16 -46.53
CA ARG F 342 -24.59 -11.90 -47.20
C ARG F 342 -23.38 -12.21 -48.07
N TRP F 343 -23.04 -11.25 -48.94
CA TRP F 343 -21.82 -11.39 -49.73
C TRP F 343 -20.63 -11.62 -48.82
N SER F 344 -19.86 -12.65 -49.11
CA SER F 344 -18.58 -12.71 -48.47
C SER F 344 -17.68 -11.60 -49.01
N GLY F 345 -16.60 -11.33 -48.29
CA GLY F 345 -15.58 -10.44 -48.85
C GLY F 345 -14.88 -11.00 -50.07
N GLY F 346 -14.92 -12.33 -50.27
CA GLY F 346 -14.30 -12.97 -51.41
C GLY F 346 -15.20 -13.22 -52.61
N LEU F 347 -16.48 -12.85 -52.51
CA LEU F 347 -17.41 -13.03 -53.63
C LEU F 347 -16.93 -12.26 -54.85
N ILE F 348 -16.54 -11.01 -54.65
CA ILE F 348 -16.12 -10.19 -55.78
C ILE F 348 -14.91 -10.78 -56.46
N TYR F 349 -14.01 -11.42 -55.69
CA TYR F 349 -12.84 -12.03 -56.29
C TYR F 349 -13.23 -13.21 -57.18
N HIS F 350 -14.09 -14.09 -56.65
CA HIS F 350 -14.60 -15.20 -57.44
C HIS F 350 -15.26 -14.71 -58.71
N THR F 351 -16.00 -13.60 -58.62
CA THR F 351 -16.65 -13.01 -59.80
C THR F 351 -15.64 -12.59 -60.87
N VAL F 352 -14.66 -11.77 -60.48
CA VAL F 352 -13.68 -11.29 -61.46
C VAL F 352 -12.94 -12.48 -62.09
N ALA F 353 -12.66 -13.51 -61.29
CA ALA F 353 -11.98 -14.69 -61.80
C ALA F 353 -12.80 -15.36 -62.89
N GLU F 354 -14.11 -15.50 -62.65
CA GLU F 354 -14.98 -16.11 -63.65
C GLU F 354 -14.97 -15.32 -64.95
N ARG F 355 -15.10 -14.00 -64.84
CA ARG F 355 -15.29 -13.14 -66.00
C ARG F 355 -13.99 -12.95 -66.77
N LEU F 356 -12.85 -12.92 -66.07
CA LEU F 356 -11.58 -12.79 -66.76
C LEU F 356 -11.00 -14.13 -67.16
N LEU F 357 -11.23 -15.19 -66.39
CA LEU F 357 -10.53 -16.45 -66.65
C LEU F 357 -11.42 -17.55 -67.18
N GLY F 358 -12.73 -17.47 -66.98
CA GLY F 358 -13.66 -18.51 -67.37
C GLY F 358 -14.25 -19.23 -66.17
N HIS F 359 -15.27 -20.04 -66.46
CA HIS F 359 -16.13 -20.53 -65.40
C HIS F 359 -15.55 -21.68 -64.59
N ASP F 360 -14.47 -22.31 -65.02
CA ASP F 360 -13.87 -23.34 -64.17
C ASP F 360 -12.45 -22.97 -63.77
N TYR F 361 -12.21 -21.67 -63.57
CA TYR F 361 -10.87 -21.15 -63.37
C TYR F 361 -10.12 -21.85 -62.24
N ALA F 362 -10.84 -22.31 -61.20
CA ALA F 362 -10.15 -22.80 -60.00
C ALA F 362 -9.47 -24.12 -60.25
N ARG F 363 -9.81 -24.83 -61.32
CA ARG F 363 -9.06 -26.03 -61.61
C ARG F 363 -7.68 -25.73 -62.19
N ASN F 364 -7.48 -24.55 -62.77
CA ASN F 364 -6.24 -24.27 -63.47
C ASN F 364 -5.56 -22.99 -63.05
N ASN F 365 -6.16 -22.21 -62.15
CA ASN F 365 -5.62 -20.92 -61.79
C ASN F 365 -5.68 -20.75 -60.28
N PHE F 366 -4.91 -19.76 -59.80
CA PHE F 366 -4.93 -19.33 -58.42
C PHE F 366 -5.13 -17.82 -58.39
N PHE F 367 -5.77 -17.35 -57.33
CA PHE F 367 -5.78 -15.92 -57.10
C PHE F 367 -5.55 -15.65 -55.63
N SER F 368 -5.20 -14.41 -55.36
CA SER F 368 -4.76 -13.97 -54.04
C SER F 368 -4.89 -12.46 -54.06
N SER F 369 -5.51 -11.91 -53.02
CA SER F 369 -5.71 -10.47 -52.90
C SER F 369 -4.68 -9.89 -51.95
N ILE F 370 -4.37 -8.61 -52.16
CA ILE F 370 -3.51 -7.80 -51.30
C ILE F 370 -4.34 -6.60 -50.85
N LEU F 371 -4.57 -6.49 -49.54
CA LEU F 371 -5.35 -5.37 -49.03
C LEU F 371 -4.48 -4.21 -48.58
N ASN F 372 -3.16 -4.41 -48.67
CA ASN F 372 -2.13 -3.75 -47.87
C ASN F 372 -1.43 -2.63 -48.58
N VAL F 373 -1.70 -2.42 -49.86
CA VAL F 373 -0.82 -1.65 -50.73
C VAL F 373 -0.99 -0.16 -50.42
N VAL F 374 0.11 0.58 -50.49
CA VAL F 374 0.10 2.00 -50.16
C VAL F 374 -0.94 2.74 -50.99
N PRO F 375 -1.91 3.39 -50.36
CA PRO F 375 -2.98 4.09 -51.09
C PRO F 375 -2.44 5.06 -52.12
N ALA F 376 -2.89 4.93 -53.35
CA ALA F 376 -2.43 5.87 -54.36
C ALA F 376 -3.52 6.03 -55.40
N GLY F 377 -3.42 7.10 -56.18
CA GLY F 377 -4.35 7.30 -57.27
C GLY F 377 -4.23 6.11 -58.17
N LEU F 378 -5.30 5.75 -58.88
CA LEU F 378 -5.26 4.57 -59.73
C LEU F 378 -4.02 4.49 -60.67
N ALA F 379 -2.88 5.13 -60.32
CA ALA F 379 -2.02 5.78 -61.32
C ALA F 379 -0.65 5.13 -61.34
N ASP F 380 0.36 5.77 -60.80
CA ASP F 380 0.96 5.21 -59.62
C ASP F 380 0.47 3.76 -59.47
N LEU F 381 -0.83 3.54 -59.21
CA LEU F 381 -1.34 2.18 -59.05
C LEU F 381 -1.21 1.37 -60.34
N LEU F 382 -1.88 1.78 -61.41
CA LEU F 382 -1.71 1.05 -62.67
C LEU F 382 -0.27 1.11 -63.17
N ARG F 383 0.38 2.29 -63.02
CA ARG F 383 1.74 2.45 -63.52
C ARG F 383 2.73 1.59 -62.74
N SER F 384 2.56 1.50 -61.41
CA SER F 384 3.36 0.57 -60.63
C SER F 384 3.12 -0.86 -61.07
N LEU F 385 1.87 -1.20 -61.41
CA LEU F 385 1.60 -2.54 -61.94
C LEU F 385 2.30 -2.74 -63.28
N GLU F 386 2.22 -1.75 -64.16
CA GLU F 386 2.99 -1.84 -65.39
C GLU F 386 4.48 -1.89 -65.09
N ARG F 387 4.95 -1.01 -64.18
CA ARG F 387 6.36 -1.02 -63.82
C ARG F 387 6.80 -2.38 -63.31
N ALA F 388 5.95 -3.05 -62.53
CA ALA F 388 6.30 -4.34 -61.95
C ALA F 388 6.24 -5.50 -62.95
N GLY F 389 5.71 -5.27 -64.16
CA GLY F 389 5.55 -6.35 -65.11
C GLY F 389 4.30 -7.19 -64.94
N VAL F 390 3.31 -6.73 -64.16
CA VAL F 390 2.25 -7.62 -63.69
C VAL F 390 0.85 -7.03 -63.82
N ARG F 391 0.67 -5.97 -64.61
CA ARG F 391 -0.68 -5.50 -64.82
C ARG F 391 -1.46 -6.56 -65.58
N TYR F 392 -2.67 -6.86 -65.11
CA TYR F 392 -3.44 -7.95 -65.69
C TYR F 392 -3.43 -7.85 -67.21
N ASP F 393 -3.19 -8.99 -67.85
CA ASP F 393 -2.91 -9.08 -69.28
C ASP F 393 -3.89 -10.11 -69.83
N LYS F 394 -4.95 -9.64 -70.50
CA LYS F 394 -6.01 -10.55 -70.95
C LYS F 394 -5.51 -11.62 -71.92
N ASP F 395 -4.30 -11.50 -72.46
CA ASP F 395 -3.76 -12.55 -73.32
C ASP F 395 -3.23 -13.73 -72.50
N SER F 396 -2.59 -13.46 -71.37
CA SER F 396 -2.03 -14.55 -70.58
C SER F 396 -2.96 -15.04 -69.48
N GLY F 397 -3.95 -14.25 -69.10
CA GLY F 397 -4.73 -14.56 -67.92
C GLY F 397 -3.98 -14.34 -66.62
N GLU F 398 -2.91 -13.57 -66.64
CA GLU F 398 -2.07 -13.42 -65.47
C GLU F 398 -1.81 -11.95 -65.20
N GLY F 399 -1.63 -11.61 -63.94
CA GLY F 399 -1.44 -10.24 -63.53
C GLY F 399 -2.54 -9.76 -62.60
N ALA F 400 -2.58 -8.46 -62.39
CA ALA F 400 -3.33 -7.89 -61.27
C ALA F 400 -4.30 -6.82 -61.74
N VAL F 401 -5.41 -6.73 -61.01
CA VAL F 401 -6.45 -5.74 -61.24
C VAL F 401 -6.65 -4.98 -59.95
N VAL F 402 -7.23 -3.78 -60.06
CA VAL F 402 -7.41 -2.88 -58.92
C VAL F 402 -8.88 -2.86 -58.53
N LEU F 403 -9.17 -3.29 -57.28
CA LEU F 403 -10.51 -3.23 -56.73
C LEU F 403 -10.74 -2.00 -55.89
N GLY F 404 -9.67 -1.37 -55.39
CA GLY F 404 -9.84 -0.16 -54.62
C GLY F 404 -8.56 0.63 -54.52
N CYS F 405 -8.66 1.95 -54.62
CA CYS F 405 -7.45 2.75 -54.56
C CYS F 405 -7.10 3.15 -53.15
N ASN F 406 -8.12 3.23 -52.30
CA ASN F 406 -8.03 3.89 -51.01
C ASN F 406 -9.08 3.27 -50.10
N SER F 407 -8.93 1.99 -49.81
CA SER F 407 -9.95 1.20 -49.14
C SER F 407 -9.60 1.02 -47.67
N ASP F 408 -10.63 0.89 -46.83
CA ASP F 408 -10.38 0.59 -45.44
C ASP F 408 -10.54 -0.89 -45.11
N LEU F 409 -10.64 -1.76 -46.13
CA LEU F 409 -10.45 -3.18 -45.89
C LEU F 409 -9.04 -3.40 -45.39
N GLY F 410 -8.90 -3.87 -44.13
CA GLY F 410 -7.66 -3.75 -43.38
C GLY F 410 -6.73 -2.78 -44.09
N PRO F 411 -6.82 -1.50 -43.79
CA PRO F 411 -6.87 -0.46 -44.84
C PRO F 411 -5.70 -0.50 -45.82
N GLY F 412 -5.93 0.12 -46.96
CA GLY F 412 -4.96 0.15 -48.04
C GLY F 412 -5.68 0.16 -49.36
N ALA F 413 -4.90 0.10 -50.44
CA ALA F 413 -5.45 -0.12 -51.76
C ALA F 413 -5.57 -1.62 -51.97
N GLU F 414 -6.70 -2.06 -52.52
CA GLU F 414 -7.00 -3.49 -52.66
C GLU F 414 -6.69 -3.91 -54.09
N LEU F 415 -5.82 -4.90 -54.24
CA LEU F 415 -5.56 -5.51 -55.53
C LEU F 415 -5.93 -6.98 -55.47
N LEU F 416 -6.02 -7.58 -56.66
CA LEU F 416 -6.29 -9.00 -56.85
C LEU F 416 -5.37 -9.52 -57.95
N VAL F 417 -4.68 -10.61 -57.68
CA VAL F 417 -3.64 -11.09 -58.59
C VAL F 417 -3.95 -12.52 -59.02
N PHE F 418 -3.78 -12.78 -60.31
CA PHE F 418 -4.10 -14.08 -60.89
C PHE F 418 -2.86 -14.70 -61.48
N SER F 419 -2.73 -16.02 -61.34
CA SER F 419 -1.70 -16.77 -62.07
C SER F 419 -2.15 -18.22 -62.27
N LYS F 420 -1.69 -18.82 -63.36
CA LYS F 420 -1.83 -20.27 -63.53
C LYS F 420 -0.84 -21.03 -62.66
N ASP F 421 0.07 -20.35 -62.00
CA ASP F 421 1.11 -21.03 -61.24
C ASP F 421 1.23 -20.42 -59.86
N TRP F 422 1.18 -21.25 -58.81
CA TRP F 422 1.10 -20.70 -57.46
C TRP F 422 2.38 -19.96 -57.07
N ASP F 423 3.54 -20.60 -57.22
CA ASP F 423 4.81 -19.94 -56.89
C ASP F 423 4.96 -18.65 -57.68
N ARG F 424 4.48 -18.63 -58.93
CA ARG F 424 4.51 -17.41 -59.73
C ARG F 424 3.60 -16.35 -59.13
N LEU F 425 2.46 -16.75 -58.56
CA LEU F 425 1.60 -15.77 -57.89
C LEU F 425 2.38 -15.06 -56.78
N THR F 426 3.09 -15.82 -55.94
CA THR F 426 3.82 -15.19 -54.85
C THR F 426 4.91 -14.27 -55.37
N ALA F 427 5.57 -14.67 -56.46
CA ALA F 427 6.56 -13.80 -57.09
C ALA F 427 5.93 -12.47 -57.52
N MET F 428 4.75 -12.51 -58.16
CA MET F 428 4.12 -11.25 -58.57
C MET F 428 3.79 -10.41 -57.35
N LYS F 429 3.23 -11.03 -56.30
CA LYS F 429 2.85 -10.27 -55.13
C LYS F 429 4.05 -9.56 -54.51
N ASP F 430 5.21 -10.24 -54.44
CA ASP F 430 6.42 -9.58 -53.92
C ASP F 430 6.86 -8.43 -54.81
N GLU F 431 6.70 -8.56 -56.14
CA GLU F 431 6.98 -7.46 -57.07
C GLU F 431 6.09 -6.26 -56.80
N ILE F 432 4.78 -6.50 -56.63
CA ILE F 432 3.84 -5.42 -56.36
C ILE F 432 4.24 -4.68 -55.10
N ALA F 433 4.53 -5.43 -54.02
CA ALA F 433 4.94 -4.83 -52.77
C ALA F 433 6.18 -3.97 -52.96
N THR F 434 7.19 -4.52 -53.62
CA THR F 434 8.36 -3.73 -53.97
C THR F 434 7.97 -2.51 -54.79
N THR F 435 7.20 -2.71 -55.85
CA THR F 435 6.97 -1.62 -56.78
C THR F 435 5.95 -0.62 -56.26
N ALA F 436 4.85 -1.10 -55.71
CA ALA F 436 3.78 -0.22 -55.25
C ALA F 436 3.91 0.16 -53.77
N GLY F 437 4.59 -0.68 -52.97
CA GLY F 437 4.68 -0.44 -51.53
C GLY F 437 3.50 -0.92 -50.71
N THR F 438 3.75 -1.58 -49.59
CA THR F 438 2.69 -2.01 -48.68
C THR F 438 2.79 -1.19 -47.40
N LEU F 439 1.71 -1.18 -46.64
CA LEU F 439 1.64 -0.49 -45.36
C LEU F 439 2.17 -1.40 -44.25
N SER F 440 3.25 -0.97 -43.59
CA SER F 440 3.96 -1.81 -42.63
C SER F 440 3.18 -2.03 -41.34
N PRO G 2 -27.94 35.56 -21.03
CA PRO G 2 -27.55 34.13 -21.08
C PRO G 2 -26.52 33.85 -22.17
N LYS G 3 -26.16 32.59 -22.35
CA LYS G 3 -25.19 32.21 -23.37
C LYS G 3 -25.64 30.94 -24.10
N ILE G 4 -25.28 30.86 -25.38
CA ILE G 4 -25.52 29.69 -26.22
C ILE G 4 -24.24 28.85 -26.24
N ILE G 5 -24.30 27.67 -25.64
CA ILE G 5 -23.15 26.76 -25.56
C ILE G 5 -23.11 25.90 -26.80
N LEU G 6 -21.98 25.95 -27.51
CA LEU G 6 -21.86 25.48 -28.89
C LEU G 6 -20.69 24.50 -29.03
N PRO G 7 -20.91 23.22 -28.75
CA PRO G 7 -19.80 22.27 -28.85
C PRO G 7 -19.48 21.90 -30.30
N ASN G 8 -18.94 22.85 -31.05
CA ASN G 8 -18.59 22.58 -32.44
C ASN G 8 -17.16 22.04 -32.53
N PHE G 9 -17.01 20.79 -32.07
CA PHE G 9 -15.73 20.08 -32.06
C PHE G 9 -14.96 20.28 -33.35
N ARG G 10 -15.60 19.94 -34.46
CA ARG G 10 -14.93 19.71 -35.72
C ARG G 10 -15.79 20.40 -36.77
N ALA G 11 -15.27 21.47 -37.36
CA ALA G 11 -16.07 22.23 -38.30
C ALA G 11 -15.60 22.08 -39.74
N SER G 29 -27.55 9.20 -33.70
CA SER G 29 -26.68 8.71 -32.64
C SER G 29 -27.44 8.03 -31.49
N SER G 30 -26.67 7.51 -30.53
CA SER G 30 -27.21 6.92 -29.31
C SER G 30 -26.45 7.49 -28.12
N THR G 31 -25.17 7.78 -28.35
CA THR G 31 -24.28 8.25 -27.30
C THR G 31 -24.67 9.66 -26.84
N ASP G 32 -24.05 10.10 -25.73
CA ASP G 32 -24.41 11.36 -25.08
C ASP G 32 -23.18 12.23 -24.83
N THR G 33 -22.19 12.11 -25.73
CA THR G 33 -20.86 12.68 -25.51
C THR G 33 -20.91 14.19 -25.23
N THR G 34 -21.74 14.93 -25.96
CA THR G 34 -21.78 16.37 -25.77
C THR G 34 -22.61 16.80 -24.57
N ALA G 35 -23.25 15.86 -23.87
CA ALA G 35 -24.07 16.23 -22.72
C ALA G 35 -23.24 16.86 -21.61
N ARG G 36 -21.95 16.51 -21.53
CA ARG G 36 -21.11 17.00 -20.45
C ARG G 36 -21.02 18.52 -20.41
N PHE G 37 -21.33 19.19 -21.51
CA PHE G 37 -21.15 20.63 -21.52
C PHE G 37 -22.32 21.36 -20.85
N LEU G 38 -23.37 20.63 -20.47
CA LEU G 38 -24.43 21.20 -19.64
C LEU G 38 -23.89 21.75 -18.32
N TRP G 39 -22.76 21.24 -17.84
CA TRP G 39 -22.17 21.76 -16.61
C TRP G 39 -21.69 23.21 -16.75
N HIS G 40 -21.62 23.73 -17.98
CA HIS G 40 -21.35 25.15 -18.18
C HIS G 40 -22.55 26.04 -17.90
N ALA G 41 -23.77 25.50 -17.90
CA ALA G 41 -24.95 26.34 -18.00
C ALA G 41 -25.19 27.17 -16.74
N GLU G 42 -25.58 28.42 -16.95
CA GLU G 42 -26.26 29.23 -15.95
C GLU G 42 -27.70 29.39 -16.41
N ASP G 43 -28.52 30.02 -15.57
CA ASP G 43 -29.95 30.07 -15.85
C ASP G 43 -30.21 30.81 -17.16
N GLY G 44 -31.18 30.31 -17.92
CA GLY G 44 -31.53 30.91 -19.17
C GLY G 44 -30.71 30.47 -20.36
N ASP G 45 -29.75 29.57 -20.16
CA ASP G 45 -28.80 29.24 -21.22
C ASP G 45 -29.42 28.24 -22.18
N VAL G 46 -28.87 28.23 -23.39
CA VAL G 46 -29.19 27.26 -24.41
C VAL G 46 -27.95 26.42 -24.65
N LEU G 47 -28.10 25.11 -24.59
CA LEU G 47 -27.06 24.18 -24.99
C LEU G 47 -27.48 23.55 -26.31
N VAL G 48 -26.63 23.61 -27.33
CA VAL G 48 -26.93 22.99 -28.62
C VAL G 48 -26.23 21.64 -28.67
N ILE G 49 -26.98 20.55 -28.88
CA ILE G 49 -26.39 19.21 -28.90
C ILE G 49 -26.61 18.51 -30.24
N PRO G 50 -25.62 17.78 -30.76
CA PRO G 50 -25.87 16.94 -31.94
C PRO G 50 -26.26 15.51 -31.58
N ASP G 51 -25.96 15.06 -30.36
CA ASP G 51 -26.30 13.69 -29.98
C ASP G 51 -27.60 13.69 -29.18
N THR G 52 -27.80 12.70 -28.33
CA THR G 52 -29.01 12.62 -27.53
C THR G 52 -28.65 12.37 -26.08
N VAL G 53 -29.33 13.10 -25.20
CA VAL G 53 -29.07 13.11 -23.78
C VAL G 53 -30.21 12.45 -23.02
N ASP G 54 -29.85 11.74 -21.95
CA ASP G 54 -30.78 11.26 -20.94
C ASP G 54 -31.80 12.34 -20.59
N PRO G 55 -33.09 12.08 -20.77
CA PRO G 55 -34.09 13.09 -20.43
C PRO G 55 -33.99 13.59 -18.99
N ASP G 56 -33.31 12.84 -18.11
CA ASP G 56 -33.15 13.31 -16.74
C ASP G 56 -31.91 14.14 -16.52
N PHE G 57 -30.93 14.05 -17.43
CA PHE G 57 -29.62 14.69 -17.23
C PHE G 57 -29.71 16.17 -16.93
N PRO G 58 -30.42 17.00 -17.71
CA PRO G 58 -30.45 18.45 -17.40
C PRO G 58 -30.94 18.77 -16.00
N GLY G 59 -31.95 18.06 -15.50
CA GLY G 59 -32.42 18.33 -14.15
C GLY G 59 -31.42 17.91 -13.09
N TYR G 60 -30.74 16.79 -13.30
CA TYR G 60 -29.72 16.34 -12.37
C TYR G 60 -28.59 17.36 -12.25
N VAL G 61 -28.18 17.94 -13.37
CA VAL G 61 -27.11 18.95 -13.35
C VAL G 61 -27.59 20.22 -12.68
N ALA G 62 -28.84 20.63 -12.91
CA ALA G 62 -29.34 21.80 -12.22
C ALA G 62 -29.47 21.55 -10.71
N ASP G 63 -29.89 20.34 -10.31
CA ASP G 63 -29.92 19.99 -8.89
C ASP G 63 -28.56 20.16 -8.24
N THR G 64 -27.51 19.68 -8.92
CA THR G 64 -26.18 19.67 -8.32
C THR G 64 -25.49 21.03 -8.43
N LEU G 65 -25.80 21.82 -9.46
CA LEU G 65 -25.23 23.15 -9.57
C LEU G 65 -25.96 24.17 -8.72
N GLY G 66 -27.24 23.92 -8.41
CA GLY G 66 -28.04 24.89 -7.69
C GLY G 66 -28.67 25.94 -8.59
N ILE G 67 -28.90 25.59 -9.86
CA ILE G 67 -29.42 26.54 -10.84
C ILE G 67 -30.82 26.11 -11.24
N ASP G 68 -31.54 27.04 -11.86
CA ASP G 68 -32.94 26.84 -12.24
C ASP G 68 -32.99 26.02 -13.51
N GLY G 69 -33.27 24.72 -13.38
CA GLY G 69 -33.22 23.83 -14.53
C GLY G 69 -34.31 24.08 -15.56
N THR G 70 -35.44 24.64 -15.14
CA THR G 70 -36.49 24.96 -16.10
C THR G 70 -36.07 26.07 -17.04
N SER G 71 -35.07 26.87 -16.67
CA SER G 71 -34.58 27.94 -17.53
C SER G 71 -33.50 27.49 -18.51
N VAL G 72 -32.88 26.33 -18.32
CA VAL G 72 -31.88 25.86 -19.28
C VAL G 72 -32.59 25.12 -20.41
N HIS G 73 -32.24 25.46 -21.65
CA HIS G 73 -32.87 24.89 -22.84
C HIS G 73 -31.85 24.06 -23.63
N VAL G 74 -32.32 22.95 -24.20
CA VAL G 74 -31.45 22.00 -24.90
C VAL G 74 -31.96 21.91 -26.33
N GLU G 75 -31.18 22.41 -27.30
CA GLU G 75 -31.57 22.37 -28.71
C GLU G 75 -30.87 21.19 -29.38
N ARG G 76 -31.65 20.21 -29.81
CA ARG G 76 -31.11 19.02 -30.45
C ARG G 76 -31.05 19.23 -31.96
N THR G 77 -29.88 18.99 -32.54
CA THR G 77 -29.70 18.91 -33.98
C THR G 77 -29.39 17.47 -34.35
N GLN G 78 -29.64 17.13 -35.60
CA GLN G 78 -29.51 15.75 -36.04
C GLN G 78 -28.18 15.44 -36.70
N THR G 79 -27.26 16.41 -36.76
CA THR G 79 -25.95 16.28 -37.37
C THR G 79 -24.91 16.94 -36.47
N PRO G 80 -23.63 16.59 -36.64
CA PRO G 80 -22.57 17.31 -35.92
C PRO G 80 -22.58 18.80 -36.27
N LEU G 81 -22.00 19.59 -35.38
CA LEU G 81 -22.09 21.04 -35.49
C LEU G 81 -20.99 21.54 -36.42
N SER G 82 -21.25 21.38 -37.72
CA SER G 82 -20.33 21.75 -38.78
C SER G 82 -20.49 23.22 -39.14
N GLU G 83 -19.57 23.72 -39.96
CA GLU G 83 -19.75 25.07 -40.51
C GLU G 83 -21.05 25.15 -41.29
N ALA G 84 -21.38 24.10 -42.04
CA ALA G 84 -22.64 24.08 -42.79
C ALA G 84 -23.83 24.29 -41.86
N VAL G 85 -23.93 23.43 -40.84
CA VAL G 85 -24.99 23.60 -39.83
C VAL G 85 -24.97 25.02 -39.26
N LEU G 86 -23.78 25.55 -38.96
CA LEU G 86 -23.75 26.86 -38.32
C LEU G 86 -24.22 27.97 -39.26
N GLN G 87 -24.22 27.73 -40.57
CA GLN G 87 -24.70 28.70 -41.55
C GLN G 87 -26.10 28.37 -42.05
N ASP G 88 -26.69 27.28 -41.58
CA ASP G 88 -27.99 26.86 -42.07
C ASP G 88 -29.07 27.82 -41.59
N PRO G 89 -29.88 28.38 -42.50
CA PRO G 89 -30.96 29.31 -42.08
C PRO G 89 -31.89 28.76 -41.01
N GLU G 90 -32.23 27.47 -41.11
CA GLU G 90 -33.15 26.89 -40.12
C GLU G 90 -32.49 26.78 -38.76
N PHE G 91 -31.19 26.46 -38.74
CA PHE G 91 -30.45 26.43 -37.47
C PHE G 91 -30.46 27.80 -36.82
N ILE G 92 -30.06 28.82 -37.57
CA ILE G 92 -30.05 30.19 -37.05
C ILE G 92 -31.45 30.60 -36.60
N ASP G 93 -32.49 30.16 -37.32
CA ASP G 93 -33.86 30.44 -36.91
C ASP G 93 -34.13 29.92 -35.51
N ARG G 94 -33.75 28.67 -35.25
CA ARG G 94 -33.98 28.05 -33.94
C ARG G 94 -33.36 28.88 -32.83
N LEU G 95 -32.09 29.26 -33.00
CA LEU G 95 -31.44 30.03 -31.96
C LEU G 95 -32.03 31.44 -31.87
N ALA G 96 -32.49 32.01 -32.99
CA ALA G 96 -33.06 33.35 -32.96
C ALA G 96 -34.32 33.40 -32.10
N ALA G 97 -35.04 32.28 -32.00
CA ALA G 97 -36.21 32.24 -31.13
C ALA G 97 -35.84 32.56 -29.68
N HIS G 98 -34.62 32.25 -29.28
CA HIS G 98 -34.15 32.58 -27.95
C HIS G 98 -33.47 33.94 -27.91
N THR G 99 -32.56 34.20 -28.86
CA THR G 99 -31.74 35.40 -28.76
C THR G 99 -32.57 36.64 -29.07
N GLY G 100 -33.46 36.55 -30.06
CA GLY G 100 -34.37 37.64 -30.42
C GLY G 100 -33.71 38.91 -30.90
N THR G 101 -33.70 39.95 -30.04
CA THR G 101 -32.95 41.17 -30.33
C THR G 101 -31.46 40.87 -30.45
N GLY G 102 -31.02 39.81 -29.78
CA GLY G 102 -29.63 39.61 -29.48
C GLY G 102 -29.20 40.20 -28.16
N ALA G 103 -29.95 41.19 -27.66
CA ALA G 103 -29.57 41.87 -26.43
C ALA G 103 -29.32 40.88 -25.30
N GLY G 104 -28.16 41.02 -24.65
CA GLY G 104 -27.84 40.22 -23.49
C GLY G 104 -27.47 38.78 -23.76
N TRP G 105 -27.28 38.40 -25.01
CA TRP G 105 -26.86 37.05 -25.37
C TRP G 105 -25.44 37.07 -25.90
N SER G 106 -24.82 35.89 -25.88
CA SER G 106 -23.49 35.73 -26.45
C SER G 106 -23.33 34.25 -26.77
N LEU G 107 -22.30 33.95 -27.56
CA LEU G 107 -22.06 32.60 -28.05
C LEU G 107 -20.82 32.06 -27.36
N PHE G 108 -20.91 30.82 -26.85
CA PHE G 108 -19.84 30.17 -26.10
C PHE G 108 -19.46 28.94 -26.92
N PRO G 109 -18.61 29.10 -27.94
CA PRO G 109 -18.29 27.98 -28.83
C PRO G 109 -17.01 27.26 -28.44
N CYS G 110 -16.90 25.99 -28.79
CA CYS G 110 -15.68 25.24 -28.56
C CYS G 110 -14.54 25.74 -29.47
N VAL G 111 -14.84 26.07 -30.72
CA VAL G 111 -13.84 26.55 -31.68
C VAL G 111 -14.36 27.84 -32.32
N SER G 112 -13.53 28.89 -32.28
CA SER G 112 -13.90 30.18 -32.86
C SER G 112 -13.67 30.19 -34.38
N THR G 113 -14.47 29.36 -35.07
CA THR G 113 -14.42 29.23 -36.52
C THR G 113 -14.98 30.47 -37.21
N ARG G 114 -14.87 30.49 -38.54
CA ARG G 114 -15.46 31.55 -39.36
C ARG G 114 -16.99 31.56 -39.23
N ALA G 115 -17.60 30.39 -39.34
CA ALA G 115 -19.05 30.32 -39.25
C ALA G 115 -19.55 30.68 -37.85
N ALA G 116 -18.80 30.36 -36.80
CA ALA G 116 -19.18 30.82 -35.46
C ALA G 116 -19.11 32.34 -35.37
N ALA G 117 -18.10 32.93 -35.99
CA ALA G 117 -18.04 34.39 -36.08
C ALA G 117 -19.25 34.95 -36.81
N GLN G 118 -19.56 34.41 -37.99
CA GLN G 118 -20.74 34.86 -38.72
C GLN G 118 -22.00 34.69 -37.89
N LEU G 119 -22.06 33.60 -37.12
CA LEU G 119 -23.23 33.31 -36.32
C LEU G 119 -23.53 34.43 -35.33
N THR G 120 -22.49 35.04 -34.74
CA THR G 120 -22.74 36.12 -33.79
C THR G 120 -23.34 37.33 -34.49
N ARG G 121 -22.94 37.57 -35.74
CA ARG G 121 -23.49 38.70 -36.47
C ARG G 121 -24.94 38.42 -36.89
N LYS G 122 -25.24 37.18 -37.29
CA LYS G 122 -26.58 36.86 -37.79
C LYS G 122 -27.64 36.83 -36.69
N LEU G 123 -27.26 36.60 -35.44
CA LEU G 123 -28.16 36.72 -34.32
C LEU G 123 -28.06 38.07 -33.63
N ASN G 124 -27.05 38.88 -33.98
CA ASN G 124 -26.79 40.18 -33.35
C ASN G 124 -26.51 40.04 -31.86
N VAL G 125 -25.94 38.91 -31.44
CA VAL G 125 -25.51 38.77 -30.06
C VAL G 125 -24.20 39.51 -29.91
N ALA G 126 -23.62 39.48 -28.72
CA ALA G 126 -22.28 40.04 -28.51
C ALA G 126 -21.32 39.50 -29.56
N ALA G 127 -20.57 40.39 -30.19
CA ALA G 127 -19.65 39.97 -31.24
C ALA G 127 -18.63 38.96 -30.70
N LEU G 128 -18.32 37.95 -31.52
CA LEU G 128 -17.30 36.98 -31.17
C LEU G 128 -15.97 37.69 -30.94
N ASP G 129 -15.37 37.47 -29.77
CA ASP G 129 -14.11 38.14 -29.48
C ASP G 129 -13.04 37.66 -30.46
N GLY G 130 -12.25 38.58 -30.96
CA GLY G 130 -11.37 38.20 -32.05
C GLY G 130 -12.13 37.85 -33.30
N TYR G 131 -13.21 38.61 -33.59
CA TYR G 131 -14.05 38.38 -34.76
C TYR G 131 -13.24 38.29 -36.06
N GLU G 132 -12.40 39.29 -36.33
CA GLU G 132 -11.73 39.32 -37.63
C GLU G 132 -10.75 38.16 -37.78
N PHE G 133 -10.05 37.79 -36.70
CA PHE G 133 -9.16 36.63 -36.74
C PHE G 133 -9.94 35.37 -37.08
N ALA G 134 -11.10 35.19 -36.45
CA ALA G 134 -11.91 34.01 -36.74
C ALA G 134 -12.38 34.02 -38.19
N MET G 135 -12.71 35.21 -38.71
CA MET G 135 -13.22 35.31 -40.08
C MET G 135 -12.20 34.84 -41.12
N GLN G 136 -10.91 35.04 -40.88
CA GLN G 136 -9.88 34.48 -41.77
C GLN G 136 -9.48 33.06 -41.36
N ASN G 137 -10.27 32.40 -40.51
CA ASN G 137 -9.95 31.08 -39.96
C ASN G 137 -8.53 31.06 -39.40
N GLY G 138 -8.23 32.06 -38.57
CA GLY G 138 -6.95 32.09 -37.91
C GLY G 138 -6.74 30.90 -37.00
N ILE G 139 -7.82 30.36 -36.45
CA ILE G 139 -7.69 29.27 -35.49
C ILE G 139 -7.15 28.01 -36.18
N ASP G 140 -7.52 27.79 -37.45
CA ASP G 140 -6.94 26.68 -38.20
C ASP G 140 -5.43 26.86 -38.41
N LEU G 141 -4.97 28.11 -38.55
CA LEU G 141 -3.53 28.35 -38.54
C LEU G 141 -2.88 27.83 -37.25
N LEU G 142 -3.43 28.20 -36.08
CA LEU G 142 -2.82 27.87 -34.79
C LEU G 142 -2.92 26.39 -34.42
N ASN G 143 -3.85 25.63 -34.98
CA ASN G 143 -4.03 24.23 -34.62
C ASN G 143 -3.27 23.27 -35.55
N MET G 144 -2.23 23.76 -36.21
CA MET G 144 -1.31 22.90 -36.93
C MET G 144 -0.07 22.68 -36.07
N LYS G 145 0.29 21.42 -35.87
CA LYS G 145 1.49 21.12 -35.09
C LYS G 145 2.73 21.71 -35.73
N SER G 146 2.72 21.84 -37.07
CA SER G 146 3.83 22.50 -37.75
C SER G 146 3.92 23.98 -37.36
N THR G 147 2.76 24.64 -37.23
CA THR G 147 2.77 26.04 -36.80
C THR G 147 3.33 26.16 -35.39
N PHE G 148 2.99 25.20 -34.52
CA PHE G 148 3.55 25.25 -33.17
C PHE G 148 5.07 25.14 -33.19
N ARG G 149 5.62 24.25 -34.02
CA ARG G 149 7.06 24.07 -34.02
C ARG G 149 7.77 25.33 -34.50
N ARG G 150 7.16 26.03 -35.46
CA ARG G 150 7.78 27.23 -36.00
C ARG G 150 7.70 28.38 -35.01
N LEU G 151 6.51 28.65 -34.46
CA LEU G 151 6.40 29.72 -33.47
C LEU G 151 7.28 29.45 -32.26
N ALA G 152 7.33 28.21 -31.79
CA ALA G 152 8.17 27.90 -30.63
C ALA G 152 9.64 28.05 -30.98
N ALA G 153 10.07 27.47 -32.10
CA ALA G 153 11.47 27.62 -32.52
C ALA G 153 11.85 29.08 -32.63
N GLY G 154 10.94 29.91 -33.14
CA GLY G 154 11.25 31.33 -33.30
C GLY G 154 11.34 32.06 -31.97
N LEU G 155 10.42 31.76 -31.06
CA LEU G 155 10.41 32.41 -29.75
C LEU G 155 11.48 31.88 -28.82
N GLY G 156 11.99 30.67 -29.05
CA GLY G 156 12.90 30.07 -28.12
C GLY G 156 12.25 29.19 -27.06
N THR G 157 10.95 28.90 -27.20
CA THR G 157 10.26 27.98 -26.31
C THR G 157 10.93 26.61 -26.35
N PRO G 158 11.12 25.94 -25.21
CA PRO G 158 11.80 24.64 -25.23
C PRO G 158 11.02 23.63 -26.05
N LEU G 159 11.74 22.89 -26.90
CA LEU G 159 11.11 22.15 -27.98
C LEU G 159 11.97 20.94 -28.34
N THR G 160 11.34 19.77 -28.53
CA THR G 160 12.11 18.60 -28.94
C THR G 160 12.68 18.81 -30.33
N ASP G 161 13.78 18.10 -30.60
CA ASP G 161 14.33 18.05 -31.95
C ASP G 161 13.32 17.41 -32.88
N GLY G 162 13.10 18.03 -34.03
CA GLY G 162 12.13 17.50 -34.96
C GLY G 162 12.20 18.23 -36.29
N VAL G 163 11.35 17.78 -37.21
CA VAL G 163 11.25 18.35 -38.55
C VAL G 163 9.78 18.48 -38.92
N VAL G 164 9.44 19.60 -39.54
CA VAL G 164 8.24 19.71 -40.35
C VAL G 164 8.58 19.11 -41.71
N ALA G 165 8.18 17.88 -41.96
CA ALA G 165 8.60 17.15 -43.15
C ALA G 165 7.60 17.37 -44.29
N ARG G 166 8.14 17.48 -45.51
CA ARG G 166 7.33 17.81 -46.68
C ARG G 166 7.21 16.63 -47.65
N GLY G 167 7.79 15.47 -47.35
CA GLY G 167 7.58 14.32 -48.19
C GLY G 167 8.19 13.06 -47.58
N PRO G 168 7.90 11.91 -48.21
CA PRO G 168 8.46 10.65 -47.71
C PRO G 168 9.97 10.69 -47.63
N ALA G 169 10.62 11.28 -48.63
CA ALA G 169 12.07 11.42 -48.55
C ALA G 169 12.47 12.20 -47.30
N GLU G 170 11.78 13.30 -46.99
CA GLU G 170 12.16 14.04 -45.81
C GLU G 170 11.79 13.29 -44.53
N VAL G 171 10.70 12.54 -44.55
CA VAL G 171 10.37 11.73 -43.38
C VAL G 171 11.43 10.68 -43.14
N ARG G 172 12.02 10.15 -44.23
CA ARG G 172 13.06 9.14 -44.09
C ARG G 172 14.34 9.74 -43.51
N SER G 173 14.80 10.86 -44.07
CA SER G 173 15.92 11.59 -43.49
C SER G 173 15.67 11.94 -42.03
N ALA G 174 14.45 12.36 -41.71
CA ALA G 174 14.15 12.81 -40.36
C ALA G 174 14.25 11.66 -39.35
N ILE G 175 13.63 10.52 -39.66
CA ILE G 175 13.68 9.37 -38.74
C ILE G 175 15.12 8.99 -38.44
N GLN G 176 15.95 8.90 -39.47
CA GLN G 176 17.33 8.47 -39.27
C GLN G 176 18.11 9.49 -38.44
N GLU G 177 17.91 10.78 -38.72
CA GLU G 177 18.54 11.80 -37.89
C GLU G 177 18.07 11.68 -36.44
N LEU G 178 16.76 11.66 -36.21
CA LEU G 178 16.18 11.84 -34.89
C LEU G 178 16.04 10.56 -34.08
N ILE G 179 16.29 9.39 -34.65
CA ILE G 179 16.13 8.16 -33.87
C ILE G 179 17.28 7.95 -32.90
N ALA G 180 18.44 8.54 -33.15
CA ALA G 180 19.62 8.26 -32.33
C ALA G 180 19.56 8.92 -30.95
N GLU G 181 18.71 9.92 -30.74
CA GLU G 181 18.75 10.62 -29.46
C GLU G 181 18.22 9.75 -28.32
N THR G 182 17.03 9.16 -28.50
CA THR G 182 16.43 8.34 -27.46
C THR G 182 16.01 6.97 -27.97
N GLY G 183 16.24 6.66 -29.25
CA GLY G 183 15.75 5.43 -29.84
C GLY G 183 14.26 5.42 -30.06
N MET G 184 13.60 6.55 -29.81
CA MET G 184 12.17 6.69 -29.99
C MET G 184 11.90 7.96 -30.78
N VAL G 185 10.96 7.87 -31.71
CA VAL G 185 10.54 8.98 -32.53
C VAL G 185 9.02 8.93 -32.63
N ILE G 186 8.38 10.10 -32.66
CA ILE G 186 6.95 10.16 -32.87
C ILE G 186 6.69 10.92 -34.17
N ALA G 187 5.75 10.42 -34.96
CA ALA G 187 5.31 11.05 -36.20
C ALA G 187 3.83 11.40 -36.07
N LYS G 188 3.48 12.65 -36.39
CA LYS G 188 2.14 13.16 -36.10
C LYS G 188 1.46 13.71 -37.34
N GLN G 189 0.14 13.54 -37.40
CA GLN G 189 -0.69 14.28 -38.34
C GLN G 189 -0.61 15.77 -38.04
N ASP G 190 -0.57 16.60 -39.09
CA ASP G 190 -0.35 18.02 -38.85
C ASP G 190 -1.53 18.70 -38.16
N ARG G 191 -2.78 18.29 -38.45
CA ARG G 191 -3.94 18.99 -37.91
C ARG G 191 -4.64 18.22 -36.80
N SER G 192 -5.15 17.02 -37.07
CA SER G 192 -6.12 16.41 -36.15
C SER G 192 -5.54 16.24 -34.75
N GLY G 193 -6.37 16.46 -33.75
CA GLY G 193 -6.09 16.11 -32.36
C GLY G 193 -6.62 14.73 -32.03
N GLY G 194 -7.12 14.58 -30.80
CA GLY G 194 -7.73 13.33 -30.37
C GLY G 194 -6.74 12.17 -30.36
N GLY G 195 -7.30 10.96 -30.30
CA GLY G 195 -6.50 9.76 -30.21
C GLY G 195 -6.45 8.92 -31.47
N HIS G 196 -6.44 9.58 -32.64
CA HIS G 196 -6.35 8.90 -33.93
C HIS G 196 -5.48 9.76 -34.84
N GLY G 197 -4.19 9.43 -34.95
CA GLY G 197 -3.32 10.10 -35.90
C GLY G 197 -1.92 10.47 -35.46
N ASN G 198 -1.33 9.69 -34.55
CA ASN G 198 0.07 9.79 -34.18
C ASN G 198 0.68 8.40 -34.21
N ILE G 199 1.88 8.27 -34.76
CA ILE G 199 2.52 6.97 -34.89
C ILE G 199 3.91 7.04 -34.28
N GLY G 200 4.19 6.11 -33.38
CA GLY G 200 5.51 6.01 -32.79
C GLY G 200 6.41 5.06 -33.56
N ILE G 201 7.70 5.26 -33.38
CA ILE G 201 8.75 4.44 -33.98
C ILE G 201 9.78 4.19 -32.89
N SER G 202 10.10 2.92 -32.66
CA SER G 202 10.97 2.54 -31.55
C SER G 202 12.03 1.57 -32.05
N THR G 203 13.22 1.68 -31.44
CA THR G 203 14.27 0.70 -31.64
C THR G 203 14.15 -0.45 -30.66
N SER G 204 13.51 -0.24 -29.51
CA SER G 204 13.38 -1.27 -28.50
C SER G 204 11.97 -1.85 -28.50
N PRO G 205 11.87 -3.15 -28.25
CA PRO G 205 10.56 -3.75 -28.05
C PRO G 205 9.90 -3.13 -26.83
N GLU G 206 8.58 -3.18 -26.83
CA GLU G 206 7.76 -2.84 -25.67
C GLU G 206 8.24 -1.56 -24.98
N SER G 207 8.46 -0.53 -25.78
CA SER G 207 8.46 0.83 -25.26
C SER G 207 7.07 1.39 -25.48
N SER G 208 6.67 2.32 -24.62
CA SER G 208 5.28 2.73 -24.53
C SER G 208 5.13 4.19 -24.97
N PHE G 209 4.19 4.42 -25.88
CA PHE G 209 3.93 5.74 -26.47
C PHE G 209 2.49 6.15 -26.17
N PRO G 210 2.23 6.80 -25.04
CA PRO G 210 0.88 7.36 -24.84
C PRO G 210 0.57 8.42 -25.88
N GLY G 211 -0.67 8.41 -26.38
CA GLY G 211 -1.11 9.30 -27.41
C GLY G 211 -1.06 8.71 -28.80
N THR G 212 -0.13 7.81 -29.07
CA THR G 212 0.01 7.20 -30.38
C THR G 212 -1.06 6.16 -30.64
N ARG G 213 -1.25 5.86 -31.92
CA ARG G 213 -2.20 4.84 -32.35
C ARG G 213 -1.55 3.49 -32.56
N GLU G 214 -0.24 3.45 -32.78
CA GLU G 214 0.55 2.23 -32.89
C GLU G 214 2.00 2.63 -32.91
N VAL G 215 2.87 1.65 -32.65
CA VAL G 215 4.31 1.85 -32.69
C VAL G 215 4.89 0.88 -33.71
N LEU G 216 5.73 1.40 -34.60
CA LEU G 216 6.36 0.61 -35.65
C LEU G 216 7.84 0.48 -35.34
N ALA G 217 8.35 -0.75 -35.35
CA ALA G 217 9.74 -0.97 -34.98
C ALA G 217 10.69 -0.41 -36.03
N TYR G 218 11.84 0.06 -35.55
CA TYR G 218 12.84 0.70 -36.40
C TYR G 218 13.88 -0.31 -36.86
N ALA G 219 14.14 -0.33 -38.16
CA ALA G 219 15.26 -1.05 -38.74
C ALA G 219 15.74 -0.28 -39.95
N ASN G 220 17.07 -0.21 -40.12
CA ASN G 220 17.66 0.59 -41.19
C ASN G 220 17.18 0.12 -42.57
N ASP G 221 16.98 -1.20 -42.74
CA ASP G 221 16.52 -1.72 -44.02
C ASP G 221 15.03 -1.51 -44.25
N GLN G 222 14.28 -1.07 -43.24
CA GLN G 222 12.85 -0.82 -43.41
C GLN G 222 12.55 0.67 -43.55
N LEU G 223 13.58 1.52 -43.68
CA LEU G 223 13.40 2.97 -43.64
C LEU G 223 12.51 3.45 -44.79
N ASP G 224 12.71 2.92 -46.00
CA ASP G 224 11.91 3.30 -47.16
C ASP G 224 10.42 3.09 -46.89
N THR G 225 10.07 1.93 -46.36
CA THR G 225 8.65 1.64 -46.20
C THR G 225 8.05 2.33 -45.00
N LEU G 226 8.83 2.52 -43.93
CA LEU G 226 8.38 3.33 -42.80
C LEU G 226 8.01 4.74 -43.26
N ALA G 227 8.90 5.37 -44.03
CA ALA G 227 8.64 6.72 -44.52
C ALA G 227 7.42 6.76 -45.43
N ASP G 228 7.36 5.81 -46.38
CA ASP G 228 6.18 5.69 -47.25
C ASP G 228 4.94 5.46 -46.42
N THR G 229 5.05 4.66 -45.37
CA THR G 229 3.89 4.31 -44.56
C THR G 229 3.41 5.51 -43.76
N LEU G 230 4.33 6.23 -43.14
CA LEU G 230 3.96 7.40 -42.34
C LEU G 230 3.40 8.50 -43.23
N TRP G 231 4.07 8.78 -44.35
CA TRP G 231 3.56 9.79 -45.25
C TRP G 231 2.16 9.44 -45.76
N SER G 232 1.90 8.16 -45.97
CA SER G 232 0.63 7.72 -46.53
C SER G 232 -0.51 7.97 -45.55
N GLN G 233 -0.36 7.52 -44.32
CA GLN G 233 -1.48 7.53 -43.40
C GLN G 233 -1.63 8.82 -42.63
N LEU G 234 -0.60 9.67 -42.58
CA LEU G 234 -0.64 10.90 -41.80
C LEU G 234 -0.86 12.13 -42.66
N THR G 235 -0.91 11.98 -43.98
CA THR G 235 -1.20 13.10 -44.88
C THR G 235 -2.54 12.88 -45.56
N ASP G 236 -3.12 13.97 -46.05
CA ASP G 236 -4.32 13.92 -46.88
C ASP G 236 -4.25 15.05 -47.89
N THR G 237 -5.39 15.34 -48.54
CA THR G 237 -5.44 16.41 -49.54
C THR G 237 -5.04 17.75 -48.95
N GLN G 238 -5.64 18.13 -47.81
CA GLN G 238 -5.41 19.43 -47.22
C GLN G 238 -4.18 19.48 -46.32
N ASN G 239 -3.51 18.35 -46.11
CA ASN G 239 -2.49 18.23 -45.07
C ASN G 239 -1.23 17.63 -45.67
N GLN G 240 -0.39 18.50 -46.23
CA GLN G 240 0.82 18.05 -46.91
C GLN G 240 2.07 18.28 -46.07
N PHE G 241 1.92 18.37 -44.75
CA PHE G 241 3.02 18.34 -43.80
C PHE G 241 2.81 17.18 -42.84
N ILE G 242 3.91 16.68 -42.31
CA ILE G 242 3.89 15.73 -41.21
C ILE G 242 4.99 16.18 -40.26
N THR G 243 4.76 16.00 -38.98
CA THR G 243 5.78 16.31 -38.00
C THR G 243 6.50 15.04 -37.59
N VAL G 244 7.84 15.09 -37.52
CA VAL G 244 8.65 13.96 -37.08
C VAL G 244 9.58 14.46 -35.97
N GLU G 245 9.56 13.77 -34.83
CA GLU G 245 10.12 14.33 -33.61
C GLU G 245 10.80 13.26 -32.77
N THR G 246 11.88 13.66 -32.10
CA THR G 246 12.42 12.82 -31.05
C THR G 246 11.46 12.77 -29.88
N TYR G 247 11.27 11.57 -29.34
CA TYR G 247 10.29 11.30 -28.29
C TYR G 247 11.05 10.90 -27.02
N HIS G 248 10.92 11.71 -25.98
CA HIS G 248 11.61 11.49 -24.73
C HIS G 248 10.73 10.73 -23.75
N ARG G 249 11.37 10.00 -22.83
CA ARG G 249 10.65 9.37 -21.73
C ARG G 249 10.30 10.45 -20.70
N ALA G 250 9.00 10.69 -20.53
CA ALA G 250 8.54 11.81 -19.72
C ALA G 250 8.35 11.37 -18.28
N ASP G 251 9.01 12.09 -17.35
CA ASP G 251 8.82 11.84 -15.93
C ASP G 251 7.41 12.20 -15.48
N GLN G 252 6.92 13.36 -15.92
CA GLN G 252 5.54 13.78 -15.70
C GLN G 252 5.05 14.47 -16.96
N ARG G 253 3.75 14.43 -17.17
CA ARG G 253 3.10 15.04 -18.32
C ARG G 253 2.14 16.09 -17.80
N PHE G 254 1.84 17.10 -18.61
CA PHE G 254 0.96 18.18 -18.13
C PHE G 254 0.39 18.94 -19.32
N PHE G 255 -0.71 19.63 -19.09
CA PHE G 255 -1.06 20.76 -19.94
C PHE G 255 -1.59 21.90 -19.07
N PHE G 256 -1.37 23.12 -19.55
CA PHE G 256 -1.90 24.32 -18.93
C PHE G 256 -3.01 24.85 -19.81
N GLU G 257 -4.14 25.22 -19.21
CA GLU G 257 -5.25 25.82 -19.94
C GLU G 257 -5.39 27.30 -19.55
N TYR G 258 -5.64 28.13 -20.56
CA TYR G 258 -5.70 29.58 -20.40
C TYR G 258 -6.96 30.11 -21.06
N HIS G 259 -7.45 31.25 -20.58
CA HIS G 259 -8.44 32.04 -21.30
C HIS G 259 -7.84 33.39 -21.70
N LEU G 260 -7.93 33.71 -23.00
CA LEU G 260 -7.26 34.86 -23.60
C LEU G 260 -8.31 35.87 -24.07
N ASP G 261 -8.13 37.14 -23.68
CA ASP G 261 -8.99 38.22 -24.17
C ASP G 261 -8.12 39.42 -24.51
N GLY G 262 -8.74 40.59 -24.73
CA GLY G 262 -8.02 41.78 -25.13
C GLY G 262 -7.14 42.38 -24.06
N ASP G 263 -7.19 41.86 -22.84
CA ASP G 263 -6.40 42.39 -21.74
C ASP G 263 -5.32 41.44 -21.25
N ARG G 264 -5.54 40.14 -21.27
CA ARG G 264 -4.68 39.29 -20.47
C ARG G 264 -4.84 37.83 -20.86
N ALA G 265 -3.82 37.05 -20.61
CA ALA G 265 -3.96 35.60 -20.63
C ALA G 265 -4.11 35.15 -19.18
N ARG G 266 -5.23 34.55 -18.85
CA ARG G 266 -5.44 34.09 -17.47
C ARG G 266 -5.23 32.59 -17.42
N PHE G 267 -4.26 32.18 -16.60
CA PHE G 267 -4.06 30.78 -16.30
C PHE G 267 -5.29 30.20 -15.60
N LEU G 268 -5.79 29.07 -16.10
CA LEU G 268 -6.97 28.44 -15.53
C LEU G 268 -6.58 27.27 -14.63
N HIS G 269 -5.85 26.29 -15.17
CA HIS G 269 -5.51 25.11 -14.42
C HIS G 269 -4.43 24.34 -15.15
N SER G 270 -3.76 23.46 -14.41
CA SER G 270 -2.92 22.45 -15.01
C SER G 270 -3.51 21.08 -14.73
N SER G 271 -3.30 20.16 -15.67
CA SER G 271 -3.88 18.84 -15.58
C SER G 271 -2.97 17.80 -16.24
N ILE G 272 -3.29 16.54 -15.98
CA ILE G 272 -2.48 15.41 -16.44
C ILE G 272 -3.38 14.46 -17.19
N LEU G 273 -3.07 14.22 -18.46
CA LEU G 273 -3.81 13.19 -19.20
C LEU G 273 -3.27 11.83 -18.79
N LYS G 274 -4.18 10.91 -18.50
CA LYS G 274 -3.80 9.60 -18.01
C LYS G 274 -4.11 8.55 -19.07
N TYR G 275 -3.28 7.50 -19.08
CA TYR G 275 -3.45 6.33 -19.94
C TYR G 275 -3.13 5.09 -19.12
N GLU G 276 -3.13 3.92 -19.77
CA GLU G 276 -2.64 2.70 -19.13
C GLU G 276 -1.53 2.08 -19.97
N GLN G 277 -1.28 0.79 -19.78
CA GLN G 277 -0.32 0.05 -20.63
C GLN G 277 -1.04 -0.99 -21.50
N SER G 285 -1.74 1.70 -28.49
CA SER G 285 -0.56 1.97 -27.68
C SER G 285 -0.96 2.55 -26.32
N ALA G 286 -2.16 3.11 -26.27
CA ALA G 286 -2.64 3.82 -25.08
C ALA G 286 -4.10 3.51 -24.79
N TRP G 288 -6.49 6.74 -23.91
CA TRP G 288 -6.85 7.85 -23.02
C TRP G 288 -8.00 7.42 -22.11
N ILE G 289 -7.76 7.42 -20.81
CA ILE G 289 -8.72 6.89 -19.86
C ILE G 289 -9.21 7.94 -18.86
N GLY G 290 -8.54 9.07 -18.72
CA GLY G 290 -9.03 10.12 -17.84
C GLY G 290 -7.99 11.21 -17.64
N LEU G 291 -8.25 12.06 -16.65
CA LEU G 291 -7.26 13.00 -16.16
C LEU G 291 -7.46 13.18 -14.65
N ASP G 292 -6.37 13.47 -13.95
CA ASP G 292 -6.24 13.11 -12.53
C ASP G 292 -5.67 14.27 -11.74
N SER G 293 -6.21 15.46 -11.91
CA SER G 293 -5.34 16.62 -12.07
C SER G 293 -5.67 17.99 -11.53
N PRO G 294 -5.13 18.32 -10.35
CA PRO G 294 -4.15 19.41 -10.28
C PRO G 294 -2.82 18.79 -10.67
N SER G 295 -2.17 19.32 -11.70
CA SER G 295 -0.93 18.68 -12.13
C SER G 295 0.15 18.82 -11.05
N ARG G 296 1.25 18.11 -11.25
CA ARG G 296 2.41 18.20 -10.38
C ARG G 296 3.52 19.08 -10.94
N SER G 297 3.25 19.84 -12.01
CA SER G 297 4.30 20.50 -12.77
C SER G 297 4.19 22.02 -12.77
N GLU G 298 3.46 22.60 -11.83
CA GLU G 298 3.31 24.06 -11.74
C GLU G 298 4.52 24.62 -11.01
N PHE G 299 5.51 25.09 -11.77
CA PHE G 299 6.64 25.82 -11.19
C PHE G 299 7.26 26.66 -12.30
N GLU G 300 8.26 27.45 -11.91
CA GLU G 300 8.76 28.50 -12.80
C GLU G 300 9.24 27.94 -14.14
N ALA G 301 9.96 26.82 -14.12
CA ALA G 301 10.57 26.33 -15.36
C ALA G 301 9.52 25.86 -16.38
N THR G 302 8.30 25.60 -15.96
CA THR G 302 7.22 25.33 -16.91
C THR G 302 6.32 26.54 -17.13
N LEU G 303 5.81 27.16 -16.06
CA LEU G 303 4.83 28.22 -16.22
C LEU G 303 5.40 29.40 -16.98
N LYS G 304 6.70 29.68 -16.82
CA LYS G 304 7.27 30.88 -17.41
C LYS G 304 7.40 30.76 -18.93
N PRO G 305 8.10 29.77 -19.50
CA PRO G 305 8.13 29.66 -20.97
C PRO G 305 6.74 29.50 -21.55
N ALA G 306 5.87 28.73 -20.88
CA ALA G 306 4.51 28.58 -21.37
C ALA G 306 3.78 29.92 -21.41
N GLU G 307 3.91 30.72 -20.33
CA GLU G 307 3.31 32.04 -20.29
C GLU G 307 3.83 32.92 -21.41
N GLU G 308 5.15 32.91 -21.61
CA GLU G 308 5.73 33.64 -22.73
C GLU G 308 5.05 33.27 -24.03
N PHE G 309 4.99 31.96 -24.32
CA PHE G 309 4.44 31.52 -25.59
C PHE G 309 2.96 31.86 -25.70
N ILE G 310 2.20 31.61 -24.63
CA ILE G 310 0.76 31.82 -24.75
C ILE G 310 0.49 33.31 -24.95
N GLU G 311 1.31 34.16 -24.33
CA GLU G 311 1.12 35.59 -24.50
C GLU G 311 1.38 36.01 -25.94
N MET G 312 2.27 35.31 -26.63
CA MET G 312 2.49 35.63 -28.03
C MET G 312 1.31 35.22 -28.88
N ILE G 313 0.65 34.09 -28.58
CA ILE G 313 -0.49 33.82 -29.44
C ILE G 313 -1.64 34.80 -29.13
N ARG G 314 -1.68 35.36 -27.91
CA ARG G 314 -2.63 36.44 -27.66
C ARG G 314 -2.29 37.68 -28.48
N THR G 315 -1.00 37.98 -28.60
CA THR G 315 -0.55 39.07 -29.46
C THR G 315 -0.94 38.84 -30.92
N ILE G 316 -0.82 37.61 -31.40
CA ILE G 316 -1.23 37.30 -32.77
C ILE G 316 -2.72 37.57 -32.97
N GLY G 317 -3.50 37.55 -31.91
CA GLY G 317 -4.92 37.88 -32.02
C GLY G 317 -5.87 36.79 -31.61
N TYR G 318 -5.40 35.63 -31.12
CA TYR G 318 -6.31 34.59 -30.65
C TYR G 318 -7.07 35.04 -29.41
N ARG G 319 -8.38 34.83 -29.41
CA ARG G 319 -9.19 35.11 -28.24
C ARG G 319 -9.98 33.85 -27.91
N GLY G 320 -10.09 33.52 -26.61
CA GLY G 320 -10.77 32.31 -26.18
C GLY G 320 -9.88 31.30 -25.45
N TYR G 321 -10.30 30.04 -25.39
CA TYR G 321 -9.59 29.04 -24.61
C TYR G 321 -8.48 28.40 -25.42
N VAL G 322 -7.30 28.28 -24.80
CA VAL G 322 -6.16 27.64 -25.44
C VAL G 322 -5.39 26.90 -24.36
N ASN G 323 -4.82 25.75 -24.73
CA ASN G 323 -3.93 25.03 -23.85
C ASN G 323 -2.68 24.63 -24.60
N ILE G 324 -1.65 24.30 -23.82
CA ILE G 324 -0.33 23.92 -24.31
C ILE G 324 0.15 22.76 -23.44
N ASP G 325 0.58 21.67 -24.05
CA ASP G 325 1.00 20.52 -23.27
C ASP G 325 2.51 20.36 -23.33
N GLY G 326 3.07 19.79 -22.28
CA GLY G 326 4.51 19.68 -22.16
C GLY G 326 4.90 18.46 -21.35
N ILE G 327 6.20 18.30 -21.16
CA ILE G 327 6.75 17.24 -20.33
C ILE G 327 7.95 17.75 -19.55
N VAL G 328 8.14 17.19 -18.36
CA VAL G 328 9.37 17.35 -17.60
C VAL G 328 10.12 16.03 -17.61
N LEU G 329 11.44 16.08 -17.79
CA LEU G 329 12.27 14.88 -17.70
C LEU G 329 12.92 14.78 -16.33
N ASP G 330 13.56 13.64 -16.07
CA ASP G 330 14.30 13.47 -14.82
C ASP G 330 15.47 14.44 -14.72
N ASP G 331 16.15 14.70 -15.82
CA ASP G 331 17.22 15.67 -15.68
C ASP G 331 16.71 17.13 -15.51
N GLY G 332 15.41 17.35 -15.25
CA GLY G 332 14.85 18.68 -15.07
C GLY G 332 14.41 19.39 -16.33
N ARG G 333 14.69 18.84 -17.51
CA ARG G 333 14.43 19.56 -18.75
C ARG G 333 12.94 19.55 -19.08
N VAL G 334 12.47 20.71 -19.53
CA VAL G 334 11.09 20.95 -19.93
C VAL G 334 11.03 20.99 -21.45
N PHE G 335 10.04 20.32 -22.03
CA PHE G 335 9.70 20.48 -23.45
C PHE G 335 8.20 20.75 -23.57
N PHE G 336 7.82 21.59 -24.54
CA PHE G 336 6.43 21.74 -24.91
C PHE G 336 6.24 21.11 -26.27
N HIS G 337 5.07 20.47 -26.45
CA HIS G 337 4.78 19.62 -27.60
C HIS G 337 3.84 20.25 -28.61
N GLU G 338 2.71 20.80 -28.18
CA GLU G 338 1.78 21.42 -29.10
C GLU G 338 0.83 22.32 -28.31
N ILE G 339 0.11 23.17 -29.06
CA ILE G 339 -0.97 24.00 -28.54
C ILE G 339 -2.27 23.64 -29.26
N ASN G 340 -3.39 23.90 -28.58
CA ASN G 340 -4.71 23.66 -29.11
C ASN G 340 -5.58 24.87 -28.80
N ALA G 341 -6.06 25.58 -29.83
CA ALA G 341 -6.89 26.76 -29.63
C ALA G 341 -8.37 26.37 -29.71
N ARG G 342 -8.89 25.86 -28.59
CA ARG G 342 -10.27 25.41 -28.42
C ARG G 342 -10.40 24.84 -27.01
N TRP G 343 -11.59 24.37 -26.61
CA TRP G 343 -11.72 23.75 -25.29
C TRP G 343 -10.76 22.58 -25.21
N SER G 344 -10.01 22.49 -24.11
CA SER G 344 -9.41 21.19 -23.84
C SER G 344 -10.49 20.23 -23.34
N GLY G 345 -10.18 18.94 -23.30
CA GLY G 345 -11.13 18.01 -22.72
C GLY G 345 -11.39 18.24 -21.23
N GLY G 346 -10.44 18.86 -20.52
CA GLY G 346 -10.59 19.09 -19.10
C GLY G 346 -11.19 20.42 -18.70
N LEU G 347 -11.48 21.30 -19.66
CA LEU G 347 -12.02 22.62 -19.31
C LEU G 347 -13.33 22.50 -18.52
N ILE G 348 -14.14 21.49 -18.81
CA ILE G 348 -15.37 21.31 -18.06
C ILE G 348 -15.09 20.85 -16.64
N TYR G 349 -14.11 19.95 -16.47
CA TYR G 349 -13.74 19.51 -15.13
C TYR G 349 -13.37 20.69 -14.25
N HIS G 350 -12.48 21.56 -14.76
CA HIS G 350 -12.06 22.74 -14.01
C HIS G 350 -13.27 23.63 -13.70
N THR G 351 -14.27 23.67 -14.59
CA THR G 351 -15.44 24.52 -14.38
C THR G 351 -16.31 23.97 -13.27
N VAL G 352 -16.63 22.67 -13.33
CA VAL G 352 -17.38 22.02 -12.27
C VAL G 352 -16.62 22.10 -10.96
N ALA G 353 -15.30 21.89 -11.03
CA ALA G 353 -14.49 22.01 -9.82
C ALA G 353 -14.62 23.40 -9.25
N GLU G 354 -14.54 24.43 -10.09
CA GLU G 354 -14.70 25.78 -9.58
C GLU G 354 -16.08 25.99 -8.95
N ARG G 355 -17.15 25.50 -9.60
CA ARG G 355 -18.50 25.79 -9.12
C ARG G 355 -18.81 25.03 -7.83
N LEU G 356 -18.38 23.76 -7.74
CA LEU G 356 -18.69 22.94 -6.58
C LEU G 356 -17.83 23.27 -5.37
N LEU G 357 -16.55 23.58 -5.58
CA LEU G 357 -15.63 23.73 -4.47
C LEU G 357 -14.98 25.10 -4.35
N GLY G 358 -15.11 26.00 -5.32
CA GLY G 358 -14.59 27.34 -5.15
C GLY G 358 -13.34 27.60 -5.99
N HIS G 359 -13.05 28.91 -6.19
CA HIS G 359 -12.16 29.37 -7.25
C HIS G 359 -10.71 28.89 -7.08
N ASP G 360 -10.23 28.70 -5.85
CA ASP G 360 -8.86 28.21 -5.66
C ASP G 360 -8.83 26.75 -5.20
N TYR G 361 -9.75 25.95 -5.74
CA TYR G 361 -9.90 24.56 -5.28
C TYR G 361 -8.60 23.79 -5.40
N ALA G 362 -7.76 24.12 -6.40
CA ALA G 362 -6.63 23.24 -6.70
C ALA G 362 -5.56 23.30 -5.63
N ARG G 363 -5.68 24.20 -4.66
CA ARG G 363 -4.72 24.25 -3.58
C ARG G 363 -5.04 23.27 -2.45
N ASN G 364 -6.27 22.81 -2.35
CA ASN G 364 -6.63 21.94 -1.24
C ASN G 364 -7.46 20.76 -1.69
N ASN G 365 -7.59 20.55 -2.99
CA ASN G 365 -8.44 19.48 -3.49
C ASN G 365 -7.77 18.82 -4.67
N PHE G 366 -8.33 17.68 -5.01
CA PHE G 366 -7.93 16.93 -6.19
C PHE G 366 -9.19 16.55 -6.94
N PHE G 367 -9.06 16.44 -8.26
CA PHE G 367 -10.11 15.78 -9.03
C PHE G 367 -9.51 14.84 -10.06
N SER G 368 -10.35 13.93 -10.52
CA SER G 368 -9.93 12.88 -11.41
C SER G 368 -11.16 12.33 -12.13
N SER G 369 -11.10 12.32 -13.44
CA SER G 369 -12.21 11.81 -14.23
C SER G 369 -11.91 10.39 -14.66
N ILE G 370 -12.98 9.63 -14.94
CA ILE G 370 -12.92 8.27 -15.47
C ILE G 370 -13.77 8.27 -16.72
N LEU G 371 -13.17 7.94 -17.86
CA LEU G 371 -13.91 7.96 -19.11
C LEU G 371 -14.45 6.59 -19.47
N ASN G 372 -14.26 5.65 -18.54
CA ASN G 372 -14.09 4.23 -18.77
C ASN G 372 -15.19 3.38 -18.17
N VAL G 373 -16.19 4.00 -17.53
CA VAL G 373 -17.17 3.26 -16.72
C VAL G 373 -18.14 2.53 -17.64
N VAL G 374 -18.67 1.40 -17.18
CA VAL G 374 -19.70 0.72 -17.98
C VAL G 374 -20.87 1.67 -18.18
N PRO G 375 -21.31 1.91 -19.42
CA PRO G 375 -22.41 2.86 -19.63
C PRO G 375 -23.73 2.30 -19.13
N ALA G 376 -24.53 3.19 -18.57
CA ALA G 376 -25.80 2.81 -17.97
C ALA G 376 -26.64 4.07 -17.87
N GLY G 377 -27.96 3.90 -17.80
CA GLY G 377 -28.85 5.03 -17.62
C GLY G 377 -28.50 5.81 -16.37
N LEU G 378 -28.91 7.09 -16.37
CA LEU G 378 -28.53 7.98 -15.27
C LEU G 378 -28.96 7.41 -13.92
N ALA G 379 -30.15 6.84 -13.85
CA ALA G 379 -30.65 6.33 -12.57
C ALA G 379 -29.76 5.23 -12.05
N ASP G 380 -29.24 4.40 -12.95
CA ASP G 380 -28.42 3.28 -12.50
C ASP G 380 -27.01 3.73 -12.16
N LEU G 381 -26.46 4.67 -12.93
CA LEU G 381 -25.17 5.26 -12.59
C LEU G 381 -25.21 5.91 -11.21
N LEU G 382 -26.21 6.78 -10.98
CA LEU G 382 -26.33 7.45 -9.70
C LEU G 382 -26.49 6.44 -8.56
N ARG G 383 -27.19 5.33 -8.83
CA ARG G 383 -27.39 4.33 -7.79
C ARG G 383 -26.07 3.61 -7.48
N SER G 384 -25.27 3.30 -8.51
CA SER G 384 -23.98 2.69 -8.28
C SER G 384 -23.09 3.60 -7.45
N LEU G 385 -23.13 4.91 -7.71
CA LEU G 385 -22.35 5.82 -6.89
C LEU G 385 -22.78 5.73 -5.42
N GLU G 386 -24.09 5.74 -5.16
CA GLU G 386 -24.57 5.67 -3.78
C GLU G 386 -24.19 4.36 -3.11
N ARG G 387 -24.25 3.26 -3.87
CA ARG G 387 -23.89 1.96 -3.32
C ARG G 387 -22.42 1.90 -2.90
N ALA G 388 -21.56 2.64 -3.58
CA ALA G 388 -20.15 2.70 -3.20
C ALA G 388 -19.87 3.75 -2.13
N GLY G 389 -20.83 4.59 -1.79
CA GLY G 389 -20.58 5.63 -0.81
C GLY G 389 -19.83 6.83 -1.36
N VAL G 390 -19.90 7.07 -2.68
CA VAL G 390 -19.09 8.14 -3.25
C VAL G 390 -19.91 9.10 -4.10
N ARG G 391 -21.23 9.11 -3.98
CA ARG G 391 -21.99 10.13 -4.69
C ARG G 391 -21.59 11.49 -4.16
N TYR G 392 -21.32 12.43 -5.06
CA TYR G 392 -20.86 13.76 -4.66
C TYR G 392 -21.71 14.30 -3.53
N ASP G 393 -21.05 14.65 -2.43
CA ASP G 393 -21.66 15.17 -1.20
C ASP G 393 -21.30 16.65 -1.10
N LYS G 394 -22.29 17.53 -1.27
CA LYS G 394 -22.02 18.96 -1.21
C LYS G 394 -21.60 19.42 0.18
N ASP G 395 -21.80 18.60 1.21
CA ASP G 395 -21.37 18.99 2.55
C ASP G 395 -19.90 18.69 2.81
N SER G 396 -19.33 17.67 2.18
CA SER G 396 -17.92 17.39 2.30
C SER G 396 -17.09 17.83 1.09
N GLY G 397 -17.74 18.17 -0.04
CA GLY G 397 -16.99 18.44 -1.24
C GLY G 397 -16.34 17.23 -1.88
N GLU G 398 -16.79 16.03 -1.52
CA GLU G 398 -16.14 14.79 -1.91
C GLU G 398 -17.08 13.93 -2.75
N GLY G 399 -16.48 13.16 -3.67
CA GLY G 399 -17.22 12.19 -4.43
C GLY G 399 -17.32 12.56 -5.89
N ALA G 400 -18.23 11.89 -6.57
CA ALA G 400 -18.28 11.89 -8.03
C ALA G 400 -19.61 12.41 -8.53
N VAL G 401 -19.55 13.11 -9.66
CA VAL G 401 -20.73 13.45 -10.45
C VAL G 401 -20.57 12.86 -11.84
N VAL G 402 -21.66 12.91 -12.60
CA VAL G 402 -21.79 12.17 -13.86
C VAL G 402 -21.71 13.18 -15.00
N LEU G 403 -20.66 13.07 -15.80
CA LEU G 403 -20.56 13.94 -16.95
C LEU G 403 -21.21 13.35 -18.19
N GLY G 404 -21.35 12.03 -18.23
CA GLY G 404 -21.97 11.39 -19.37
C GLY G 404 -22.40 9.97 -19.09
N CYS G 405 -23.57 9.58 -19.59
CA CYS G 405 -24.05 8.23 -19.36
C CYS G 405 -23.54 7.23 -20.37
N ASN G 406 -23.23 7.68 -21.59
CA ASN G 406 -22.94 6.74 -22.66
C ASN G 406 -22.17 7.46 -23.76
N SER G 407 -20.92 7.81 -23.46
CA SER G 407 -20.12 8.70 -24.30
C SER G 407 -19.09 7.90 -25.09
N ASP G 408 -18.75 8.40 -26.27
CA ASP G 408 -17.66 7.78 -26.99
C ASP G 408 -16.32 8.43 -26.70
N LEU G 409 -16.29 9.46 -25.84
CA LEU G 409 -15.06 9.96 -25.26
C LEU G 409 -14.31 8.80 -24.64
N GLY G 410 -13.24 8.31 -25.28
CA GLY G 410 -12.58 7.10 -24.84
C GLY G 410 -13.59 6.17 -24.19
N PRO G 411 -14.29 5.39 -25.02
CA PRO G 411 -15.74 5.23 -24.83
C PRO G 411 -16.17 4.73 -23.46
N GLY G 412 -17.36 5.16 -23.05
CA GLY G 412 -17.95 4.73 -21.80
C GLY G 412 -18.79 5.83 -21.16
N ALA G 413 -19.18 5.59 -19.92
CA ALA G 413 -19.78 6.64 -19.10
C ALA G 413 -18.64 7.41 -18.44
N GLU G 414 -18.84 8.71 -18.29
CA GLU G 414 -17.78 9.62 -17.87
C GLU G 414 -18.16 10.17 -16.51
N LEU G 415 -17.30 9.92 -15.52
CA LEU G 415 -17.44 10.43 -14.17
C LEU G 415 -16.27 11.36 -13.85
N LEU G 416 -16.51 12.23 -12.88
CA LEU G 416 -15.53 13.17 -12.39
C LEU G 416 -15.60 13.10 -10.87
N VAL G 417 -14.48 12.79 -10.22
CA VAL G 417 -14.48 12.55 -8.78
C VAL G 417 -13.55 13.54 -8.07
N PHE G 418 -14.05 14.10 -6.96
CA PHE G 418 -13.35 15.10 -6.16
C PHE G 418 -13.00 14.57 -4.79
N SER G 419 -11.84 14.97 -4.29
CA SER G 419 -11.44 14.63 -2.93
C SER G 419 -10.47 15.67 -2.41
N LYS G 420 -10.55 15.92 -1.10
CA LYS G 420 -9.49 16.65 -0.43
C LYS G 420 -8.24 15.83 -0.26
N ASP G 421 -8.23 14.57 -0.68
CA ASP G 421 -7.13 13.67 -0.35
C ASP G 421 -6.86 12.74 -1.53
N TRP G 422 -5.60 12.71 -2.00
CA TRP G 422 -5.32 11.97 -3.22
C TRP G 422 -5.49 10.47 -3.01
N ASP G 423 -4.92 9.93 -1.93
CA ASP G 423 -5.12 8.52 -1.64
C ASP G 423 -6.59 8.19 -1.49
N ARG G 424 -7.34 9.04 -0.79
CA ARG G 424 -8.78 8.86 -0.71
C ARG G 424 -9.42 8.96 -2.08
N LEU G 425 -8.86 9.79 -2.99
CA LEU G 425 -9.37 9.84 -4.37
C LEU G 425 -9.14 8.53 -5.10
N THR G 426 -7.95 7.94 -4.95
CA THR G 426 -7.69 6.65 -5.60
C THR G 426 -8.64 5.58 -5.08
N ALA G 427 -8.81 5.52 -3.75
CA ALA G 427 -9.72 4.55 -3.15
C ALA G 427 -11.14 4.70 -3.70
N MET G 428 -11.63 5.94 -3.73
CA MET G 428 -12.94 6.24 -4.30
C MET G 428 -13.07 5.74 -5.73
N LYS G 429 -12.01 5.92 -6.53
CA LYS G 429 -12.03 5.47 -7.92
C LYS G 429 -12.06 3.95 -8.02
N ASP G 430 -11.58 3.23 -6.99
CA ASP G 430 -11.66 1.77 -7.04
C ASP G 430 -13.04 1.26 -6.69
N GLU G 431 -13.69 1.85 -5.68
CA GLU G 431 -15.05 1.44 -5.39
C GLU G 431 -15.95 1.61 -6.61
N ILE G 432 -15.72 2.66 -7.41
CA ILE G 432 -16.53 2.84 -8.61
C ILE G 432 -16.29 1.70 -9.59
N ALA G 433 -15.03 1.26 -9.74
CA ALA G 433 -14.73 0.17 -10.65
C ALA G 433 -15.42 -1.10 -10.22
N THR G 434 -15.32 -1.44 -8.93
CA THR G 434 -16.08 -2.54 -8.34
C THR G 434 -17.59 -2.36 -8.53
N THR G 435 -18.09 -1.14 -8.31
CA THR G 435 -19.52 -0.98 -8.22
C THR G 435 -20.19 -0.78 -9.57
N ALA G 436 -19.57 -0.01 -10.45
CA ALA G 436 -20.16 0.32 -11.75
C ALA G 436 -19.55 -0.47 -12.89
N GLY G 437 -18.33 -0.99 -12.72
CA GLY G 437 -17.62 -1.70 -13.75
C GLY G 437 -16.79 -0.78 -14.64
N THR G 438 -15.87 -1.39 -15.37
CA THR G 438 -15.05 -0.70 -16.36
C THR G 438 -15.00 -1.47 -17.66
N LEU G 439 -14.85 -0.74 -18.76
CA LEU G 439 -14.28 -1.30 -19.98
C LEU G 439 -12.75 -1.30 -19.85
N SER G 440 -12.06 -1.95 -20.79
CA SER G 440 -10.58 -1.99 -20.71
C SER G 440 -9.90 -2.73 -21.86
N PRO H 2 -28.73 -6.21 20.21
CA PRO H 2 -29.53 -6.01 18.99
C PRO H 2 -30.83 -6.81 19.03
N LYS H 3 -31.65 -6.71 17.97
CA LYS H 3 -32.94 -7.39 17.98
C LYS H 3 -33.14 -8.11 16.66
N ILE H 4 -33.98 -9.15 16.69
CA ILE H 4 -34.38 -9.88 15.50
C ILE H 4 -35.75 -9.35 15.07
N ILE H 5 -35.78 -8.62 13.96
CA ILE H 5 -37.03 -8.13 13.39
C ILE H 5 -37.69 -9.29 12.64
N LEU H 6 -38.87 -9.70 13.10
CA LEU H 6 -39.47 -10.97 12.70
C LEU H 6 -40.91 -10.71 12.26
N PRO H 7 -41.09 -10.24 11.03
CA PRO H 7 -42.44 -9.85 10.57
C PRO H 7 -43.28 -11.08 10.25
N ASN H 8 -43.68 -11.79 11.30
CA ASN H 8 -44.49 -13.00 11.16
C ASN H 8 -45.97 -12.66 10.97
N PHE H 9 -46.29 -11.75 10.05
CA PHE H 9 -47.65 -11.20 9.94
C PHE H 9 -48.46 -11.99 8.92
N ARG H 10 -49.51 -12.65 9.42
CA ARG H 10 -50.52 -13.46 8.69
C ARG H 10 -50.31 -14.94 8.98
N SER H 29 -42.62 -15.40 -4.60
CA SER H 29 -42.57 -14.55 -5.79
C SER H 29 -41.59 -13.39 -5.56
N SER H 30 -41.61 -12.39 -6.43
CA SER H 30 -40.58 -11.35 -6.46
C SER H 30 -40.97 -10.08 -5.70
N THR H 31 -42.08 -10.09 -4.97
CA THR H 31 -42.46 -8.93 -4.19
C THR H 31 -41.47 -8.70 -3.05
N ASP H 32 -41.37 -7.44 -2.62
CA ASP H 32 -40.58 -7.06 -1.45
C ASP H 32 -41.50 -6.47 -0.38
N THR H 33 -42.64 -7.13 -0.14
CA THR H 33 -43.62 -6.61 0.79
C THR H 33 -43.06 -6.46 2.20
N THR H 34 -42.15 -7.33 2.59
CA THR H 34 -41.61 -7.24 3.96
C THR H 34 -40.38 -6.36 4.07
N ALA H 35 -39.91 -5.77 2.96
CA ALA H 35 -38.69 -4.96 3.03
C ALA H 35 -38.90 -3.70 3.85
N ARG H 36 -40.12 -3.16 3.88
CA ARG H 36 -40.37 -1.93 4.65
C ARG H 36 -39.86 -2.04 6.07
N PHE H 37 -39.78 -3.26 6.61
CA PHE H 37 -39.46 -3.43 8.02
C PHE H 37 -37.98 -3.22 8.30
N LEU H 38 -37.16 -3.14 7.27
CA LEU H 38 -35.78 -2.70 7.45
C LEU H 38 -35.70 -1.36 8.17
N TRP H 39 -36.72 -0.51 8.02
CA TRP H 39 -36.64 0.78 8.67
C TRP H 39 -36.75 0.71 10.18
N HIS H 40 -36.97 -0.48 10.75
CA HIS H 40 -36.81 -0.76 12.16
C HIS H 40 -35.36 -1.01 12.56
N ALA H 41 -34.46 -1.20 11.61
CA ALA H 41 -33.13 -1.76 11.90
C ALA H 41 -32.21 -0.77 12.60
N GLU H 42 -31.50 -1.28 13.60
CA GLU H 42 -30.39 -0.61 14.23
C GLU H 42 -29.14 -1.43 14.00
N ASP H 43 -28.00 -0.92 14.46
CA ASP H 43 -26.72 -1.62 14.33
C ASP H 43 -26.80 -3.05 14.88
N GLY H 44 -26.34 -4.00 14.09
CA GLY H 44 -26.28 -5.39 14.50
C GLY H 44 -27.57 -6.16 14.33
N ASP H 45 -28.69 -5.50 14.04
CA ASP H 45 -29.98 -6.19 13.96
C ASP H 45 -30.00 -7.20 12.83
N VAL H 46 -30.96 -8.12 12.94
CA VAL H 46 -31.23 -9.16 11.95
C VAL H 46 -32.64 -8.94 11.46
N LEU H 47 -32.81 -8.89 10.14
CA LEU H 47 -34.14 -8.83 9.56
C LEU H 47 -34.41 -10.16 8.87
N VAL H 48 -35.41 -10.88 9.36
CA VAL H 48 -35.86 -12.12 8.74
C VAL H 48 -36.93 -11.75 7.73
N ILE H 49 -36.74 -12.14 6.48
CA ILE H 49 -37.80 -11.85 5.52
C ILE H 49 -38.23 -13.14 4.81
N PRO H 50 -39.52 -13.27 4.45
CA PRO H 50 -39.95 -14.43 3.67
C PRO H 50 -39.88 -14.16 2.18
N ASP H 51 -39.87 -12.89 1.78
CA ASP H 51 -39.82 -12.58 0.36
C ASP H 51 -38.38 -12.36 -0.09
N THR H 52 -38.24 -11.45 -1.05
CA THR H 52 -36.95 -10.98 -1.55
C THR H 52 -36.91 -9.48 -1.42
N VAL H 53 -35.69 -8.94 -1.35
CA VAL H 53 -35.47 -7.51 -1.21
C VAL H 53 -34.50 -7.07 -2.30
N ASP H 54 -34.75 -5.91 -2.90
CA ASP H 54 -33.77 -5.27 -3.76
C ASP H 54 -32.42 -5.21 -3.04
N PRO H 55 -31.34 -5.70 -3.65
CA PRO H 55 -30.10 -5.89 -2.89
C PRO H 55 -29.43 -4.58 -2.51
N ASP H 56 -29.77 -3.48 -3.19
CA ASP H 56 -29.34 -2.14 -2.78
C ASP H 56 -30.17 -1.58 -1.64
N PHE H 57 -31.36 -2.15 -1.40
CA PHE H 57 -32.28 -1.57 -0.42
C PHE H 57 -31.72 -1.48 1.01
N PRO H 58 -31.04 -2.49 1.56
CA PRO H 58 -30.45 -2.28 2.91
C PRO H 58 -29.50 -1.10 2.96
N GLY H 59 -28.56 -1.01 2.03
CA GLY H 59 -27.64 0.11 2.03
C GLY H 59 -28.33 1.46 1.91
N TYR H 60 -29.42 1.53 1.15
CA TYR H 60 -30.16 2.77 1.02
C TYR H 60 -30.81 3.16 2.35
N VAL H 61 -31.41 2.19 3.03
CA VAL H 61 -32.07 2.44 4.32
C VAL H 61 -31.04 2.83 5.37
N ALA H 62 -29.89 2.15 5.39
CA ALA H 62 -28.79 2.55 6.28
C ALA H 62 -28.38 4.00 6.03
N ASP H 63 -28.04 4.36 4.78
CA ASP H 63 -27.63 5.74 4.48
C ASP H 63 -28.65 6.74 5.01
N THR H 64 -29.95 6.47 4.80
CA THR H 64 -30.96 7.43 5.21
C THR H 64 -31.10 7.46 6.72
N LEU H 65 -30.78 6.35 7.39
CA LEU H 65 -30.89 6.26 8.84
C LEU H 65 -29.61 6.65 9.59
N GLY H 66 -28.47 6.76 8.90
CA GLY H 66 -27.23 7.03 9.59
C GLY H 66 -26.70 5.86 10.39
N ILE H 67 -27.11 4.63 10.07
CA ILE H 67 -26.61 3.45 10.74
C ILE H 67 -25.61 2.77 9.80
N ASP H 68 -24.82 1.85 10.37
CA ASP H 68 -23.82 1.07 9.63
C ASP H 68 -24.50 -0.14 9.00
N GLY H 69 -24.84 -0.02 7.71
CA GLY H 69 -25.58 -1.07 7.03
C GLY H 69 -24.84 -2.40 6.94
N THR H 70 -23.51 -2.38 7.09
CA THR H 70 -22.76 -3.62 7.17
C THR H 70 -23.11 -4.40 8.43
N SER H 71 -23.68 -3.75 9.43
CA SER H 71 -24.07 -4.40 10.67
C SER H 71 -25.44 -5.06 10.59
N VAL H 72 -26.22 -4.78 9.54
CA VAL H 72 -27.58 -5.28 9.42
C VAL H 72 -27.59 -6.52 8.55
N HIS H 73 -28.16 -7.59 9.05
CA HIS H 73 -28.11 -8.90 8.38
C HIS H 73 -29.52 -9.28 7.95
N VAL H 74 -29.73 -9.36 6.64
CA VAL H 74 -30.99 -9.88 6.12
C VAL H 74 -30.89 -11.39 6.08
N GLU H 75 -31.93 -12.05 6.57
CA GLU H 75 -32.00 -13.50 6.63
C GLU H 75 -33.16 -13.91 5.74
N ARG H 76 -32.85 -14.53 4.62
CA ARG H 76 -33.89 -14.95 3.70
C ARG H 76 -34.44 -16.30 4.16
N THR H 77 -35.75 -16.40 4.22
CA THR H 77 -36.45 -17.66 4.05
C THR H 77 -37.15 -17.58 2.70
N GLN H 78 -37.64 -18.70 2.21
CA GLN H 78 -38.44 -18.66 1.00
C GLN H 78 -39.82 -19.20 1.28
N THR H 79 -40.26 -19.05 2.53
CA THR H 79 -41.58 -19.45 3.01
C THR H 79 -42.07 -18.38 3.98
N PRO H 80 -43.39 -18.13 3.99
CA PRO H 80 -43.96 -17.25 5.02
C PRO H 80 -43.60 -17.71 6.42
N LEU H 81 -43.37 -16.76 7.32
CA LEU H 81 -42.86 -17.06 8.65
C LEU H 81 -43.99 -17.63 9.53
N SER H 82 -44.48 -18.80 9.11
CA SER H 82 -45.50 -19.56 9.82
C SER H 82 -44.97 -20.05 11.16
N GLU H 83 -45.91 -20.48 12.01
CA GLU H 83 -45.51 -21.12 13.27
C GLU H 83 -44.49 -22.23 13.02
N ALA H 84 -44.75 -23.08 12.04
CA ALA H 84 -43.86 -24.21 11.76
C ALA H 84 -42.43 -23.73 11.50
N VAL H 85 -42.28 -22.66 10.73
CA VAL H 85 -40.95 -22.13 10.47
C VAL H 85 -40.27 -21.69 11.77
N LEU H 86 -41.00 -21.00 12.65
CA LEU H 86 -40.38 -20.56 13.91
C LEU H 86 -39.97 -21.72 14.81
N GLN H 87 -40.58 -22.89 14.65
CA GLN H 87 -40.16 -24.07 15.41
C GLN H 87 -39.09 -24.89 14.70
N ASP H 88 -38.84 -24.65 13.41
CA ASP H 88 -37.95 -25.49 12.62
C ASP H 88 -36.53 -25.46 13.18
N PRO H 89 -35.95 -26.62 13.54
CA PRO H 89 -34.55 -26.64 13.99
C PRO H 89 -33.57 -25.89 13.09
N GLU H 90 -33.68 -25.98 11.77
CA GLU H 90 -32.69 -25.31 10.91
C GLU H 90 -32.85 -23.80 10.93
N PHE H 91 -34.10 -23.32 10.98
CA PHE H 91 -34.33 -21.90 11.13
C PHE H 91 -33.71 -21.36 12.42
N ILE H 92 -33.82 -22.14 13.51
CA ILE H 92 -33.31 -21.70 14.79
C ILE H 92 -31.79 -21.66 14.77
N ASP H 93 -31.16 -22.59 14.07
CA ASP H 93 -29.71 -22.52 13.92
C ASP H 93 -29.32 -21.26 13.18
N ARG H 94 -30.03 -20.95 12.09
CA ARG H 94 -29.72 -19.76 11.31
C ARG H 94 -29.69 -18.51 12.19
N LEU H 95 -30.71 -18.34 13.05
CA LEU H 95 -30.72 -17.18 13.93
C LEU H 95 -29.67 -17.31 15.01
N ALA H 96 -29.44 -18.53 15.52
CA ALA H 96 -28.49 -18.72 16.61
C ALA H 96 -27.09 -18.25 16.22
N ALA H 97 -26.75 -18.37 14.92
CA ALA H 97 -25.46 -17.91 14.42
C ALA H 97 -25.23 -16.42 14.67
N HIS H 98 -26.29 -15.62 14.78
CA HIS H 98 -26.18 -14.20 15.02
C HIS H 98 -26.19 -13.84 16.50
N THR H 99 -27.03 -14.52 17.29
CA THR H 99 -27.24 -14.13 18.68
C THR H 99 -26.15 -14.65 19.61
N GLY H 100 -25.59 -15.81 19.30
CA GLY H 100 -24.52 -16.40 20.09
C GLY H 100 -25.05 -17.09 21.33
N THR H 101 -24.59 -16.65 22.50
CA THR H 101 -25.25 -17.05 23.73
C THR H 101 -26.67 -16.50 23.80
N GLY H 102 -26.92 -15.36 23.14
CA GLY H 102 -28.18 -14.65 23.20
C GLY H 102 -28.17 -13.43 24.10
N ALA H 103 -27.04 -13.11 24.73
CA ALA H 103 -26.99 -11.98 25.65
C ALA H 103 -27.07 -10.66 24.88
N GLY H 104 -27.84 -9.72 25.42
CA GLY H 104 -28.05 -8.47 24.73
C GLY H 104 -28.86 -8.56 23.45
N TRP H 105 -29.68 -9.59 23.30
CA TRP H 105 -30.51 -9.75 22.11
C TRP H 105 -31.98 -9.82 22.51
N SER H 106 -32.86 -9.56 21.55
CA SER H 106 -34.29 -9.72 21.82
C SER H 106 -34.99 -10.09 20.53
N LEU H 107 -36.23 -10.57 20.67
CA LEU H 107 -37.07 -10.88 19.54
C LEU H 107 -38.06 -9.75 19.37
N PHE H 108 -38.21 -9.26 18.13
CA PHE H 108 -39.10 -8.15 17.80
C PHE H 108 -40.14 -8.64 16.80
N PRO H 109 -41.17 -9.38 17.24
CA PRO H 109 -42.09 -10.03 16.31
C PRO H 109 -43.33 -9.19 16.05
N CYS H 110 -43.83 -9.33 14.81
CA CYS H 110 -45.07 -8.65 14.48
C CYS H 110 -46.22 -9.17 15.32
N VAL H 111 -46.25 -10.47 15.53
CA VAL H 111 -47.33 -11.19 16.18
C VAL H 111 -46.70 -12.02 17.29
N SER H 112 -47.09 -11.76 18.55
CA SER H 112 -46.49 -12.48 19.68
C SER H 112 -47.19 -13.82 19.85
N THR H 113 -46.87 -14.75 18.96
CA THR H 113 -47.51 -16.06 18.95
C THR H 113 -46.89 -16.97 19.99
N ARG H 114 -47.50 -18.15 20.15
CA ARG H 114 -46.89 -19.18 20.97
C ARG H 114 -45.49 -19.55 20.45
N ALA H 115 -45.34 -19.75 19.15
CA ALA H 115 -44.03 -20.14 18.61
C ALA H 115 -43.01 -19.00 18.71
N ALA H 116 -43.47 -17.75 18.61
CA ALA H 116 -42.57 -16.62 18.85
C ALA H 116 -42.04 -16.67 20.27
N ALA H 117 -42.90 -17.00 21.23
CA ALA H 117 -42.44 -17.08 22.62
C ALA H 117 -41.44 -18.22 22.79
N GLN H 118 -41.77 -19.42 22.28
CA GLN H 118 -40.82 -20.54 22.35
C GLN H 118 -39.48 -20.17 21.72
N LEU H 119 -39.51 -19.52 20.57
CA LEU H 119 -38.27 -19.11 19.90
C LEU H 119 -37.37 -18.31 20.81
N THR H 120 -37.93 -17.42 21.64
CA THR H 120 -37.08 -16.69 22.58
C THR H 120 -36.47 -17.63 23.60
N ARG H 121 -37.19 -18.67 24.00
CA ARG H 121 -36.62 -19.63 24.94
C ARG H 121 -35.53 -20.45 24.27
N LYS H 122 -35.77 -20.91 23.04
CA LYS H 122 -34.76 -21.75 22.39
C LYS H 122 -33.50 -20.96 22.07
N LEU H 123 -33.65 -19.71 21.64
CA LEU H 123 -32.49 -18.91 21.30
C LEU H 123 -31.69 -18.44 22.51
N ASN H 124 -32.23 -18.59 23.72
CA ASN H 124 -31.61 -18.01 24.92
C ASN H 124 -31.50 -16.49 24.79
N VAL H 125 -32.42 -15.92 24.02
CA VAL H 125 -32.60 -14.49 23.88
C VAL H 125 -33.49 -14.03 25.03
N ALA H 126 -33.57 -12.72 25.28
CA ALA H 126 -34.46 -12.20 26.29
C ALA H 126 -35.86 -12.76 26.12
N ALA H 127 -36.43 -13.24 27.22
CA ALA H 127 -37.76 -13.81 27.18
C ALA H 127 -38.73 -12.80 26.57
N LEU H 128 -39.59 -13.29 25.68
CA LEU H 128 -40.65 -12.49 25.11
C LEU H 128 -41.54 -11.94 26.22
N ASP H 129 -41.70 -10.61 26.26
CA ASP H 129 -42.60 -10.03 27.26
C ASP H 129 -44.01 -10.57 27.03
N GLY H 130 -44.71 -10.83 28.13
CA GLY H 130 -45.99 -11.50 28.05
C GLY H 130 -45.86 -12.94 27.65
N TYR H 131 -44.79 -13.60 28.10
CA TYR H 131 -44.41 -14.92 27.59
C TYR H 131 -45.52 -15.95 27.81
N GLU H 132 -46.04 -16.02 29.04
CA GLU H 132 -47.07 -17.02 29.36
C GLU H 132 -48.36 -16.79 28.58
N PHE H 133 -48.78 -15.52 28.44
CA PHE H 133 -49.95 -15.19 27.61
C PHE H 133 -49.77 -15.68 26.18
N ALA H 134 -48.59 -15.41 25.60
CA ALA H 134 -48.34 -15.89 24.25
C ALA H 134 -48.37 -17.41 24.17
N MET H 135 -47.88 -18.09 25.21
CA MET H 135 -47.80 -19.55 25.15
C MET H 135 -49.19 -20.18 25.07
N GLN H 136 -50.19 -19.51 25.64
CA GLN H 136 -51.58 -19.93 25.58
C GLN H 136 -52.29 -19.41 24.34
N ASN H 137 -51.53 -18.83 23.40
CA ASN H 137 -52.04 -18.17 22.22
C ASN H 137 -53.10 -17.13 22.60
N GLY H 138 -52.73 -16.27 23.54
CA GLY H 138 -53.63 -15.23 23.97
C GLY H 138 -54.04 -14.28 22.87
N ILE H 139 -53.09 -13.88 22.00
CA ILE H 139 -53.48 -12.81 21.08
C ILE H 139 -54.47 -13.31 20.04
N ASP H 140 -54.47 -14.61 19.73
CA ASP H 140 -55.54 -15.15 18.90
C ASP H 140 -56.90 -14.80 19.48
N LEU H 141 -57.05 -14.94 20.80
CA LEU H 141 -58.29 -14.54 21.45
C LEU H 141 -58.55 -13.04 21.30
N LEU H 142 -57.49 -12.23 21.39
CA LEU H 142 -57.68 -10.79 21.33
C LEU H 142 -57.98 -10.32 19.93
N ASN H 143 -57.54 -11.07 18.92
CA ASN H 143 -57.64 -10.67 17.53
C ASN H 143 -58.92 -11.18 16.86
N MET H 144 -59.92 -11.59 17.64
CA MET H 144 -61.23 -11.93 17.09
C MET H 144 -62.18 -10.74 17.25
N LYS H 145 -62.94 -10.45 16.20
CA LYS H 145 -63.87 -9.33 16.28
C LYS H 145 -64.94 -9.56 17.35
N SER H 146 -65.36 -10.80 17.54
CA SER H 146 -66.30 -11.10 18.63
C SER H 146 -65.76 -10.67 19.99
N THR H 147 -64.46 -10.88 20.24
CA THR H 147 -63.90 -10.52 21.55
C THR H 147 -63.94 -9.01 21.76
N PHE H 148 -63.55 -8.24 20.75
CA PHE H 148 -63.62 -6.79 20.90
C PHE H 148 -65.03 -6.37 21.24
N ARG H 149 -66.00 -6.91 20.51
CA ARG H 149 -67.38 -6.53 20.71
C ARG H 149 -67.83 -6.85 22.13
N ARG H 150 -67.37 -7.98 22.66
CA ARG H 150 -67.74 -8.41 24.01
C ARG H 150 -67.03 -7.57 25.06
N LEU H 151 -65.69 -7.50 24.96
CA LEU H 151 -64.96 -6.65 25.90
C LEU H 151 -65.48 -5.23 25.85
N ALA H 152 -65.76 -4.72 24.64
CA ALA H 152 -66.18 -3.32 24.55
C ALA H 152 -67.51 -3.09 25.25
N ALA H 153 -68.47 -3.99 25.03
CA ALA H 153 -69.80 -3.84 25.63
C ALA H 153 -69.75 -4.00 27.14
N GLY H 154 -68.91 -4.90 27.64
CA GLY H 154 -68.81 -5.07 29.07
C GLY H 154 -68.13 -3.89 29.75
N LEU H 155 -67.17 -3.27 29.07
CA LEU H 155 -66.43 -2.16 29.65
C LEU H 155 -67.21 -0.85 29.58
N GLY H 156 -68.12 -0.73 28.62
CA GLY H 156 -68.74 0.55 28.32
C GLY H 156 -68.12 1.30 27.16
N THR H 157 -67.18 0.70 26.43
CA THR H 157 -66.55 1.37 25.31
C THR H 157 -67.58 1.63 24.20
N PRO H 158 -67.57 2.80 23.58
CA PRO H 158 -68.58 3.10 22.56
C PRO H 158 -68.47 2.18 21.38
N LEU H 159 -69.63 1.73 20.91
CA LEU H 159 -69.74 0.53 20.09
C LEU H 159 -71.02 0.63 19.28
N THR H 160 -70.92 0.41 17.97
CA THR H 160 -72.12 0.46 17.15
C THR H 160 -72.98 -0.75 17.46
N ASP H 161 -74.28 -0.63 17.21
CA ASP H 161 -75.15 -1.77 17.45
C ASP H 161 -74.72 -2.92 16.55
N GLY H 162 -74.63 -4.11 17.13
CA GLY H 162 -74.22 -5.26 16.35
C GLY H 162 -74.47 -6.55 17.09
N VAL H 163 -74.31 -7.64 16.36
CA VAL H 163 -74.58 -8.98 16.85
C VAL H 163 -73.37 -9.86 16.56
N VAL H 164 -73.00 -10.69 17.53
CA VAL H 164 -72.10 -11.81 17.30
C VAL H 164 -72.99 -12.98 16.86
N ALA H 165 -73.07 -13.20 15.55
CA ALA H 165 -74.05 -14.11 14.97
C ALA H 165 -73.50 -15.53 14.92
N ARG H 166 -74.38 -16.49 15.22
CA ARG H 166 -73.97 -17.88 15.42
C ARG H 166 -74.42 -18.80 14.31
N GLY H 167 -75.28 -18.34 13.41
CA GLY H 167 -75.63 -19.09 12.23
C GLY H 167 -76.38 -18.25 11.21
N PRO H 168 -76.78 -18.87 10.09
CA PRO H 168 -77.58 -18.15 9.08
C PRO H 168 -78.76 -17.38 9.63
N ALA H 169 -79.56 -17.97 10.54
CA ALA H 169 -80.78 -17.29 10.99
C ALA H 169 -80.48 -16.10 11.89
N GLU H 170 -79.37 -16.13 12.61
CA GLU H 170 -79.02 -14.94 13.37
C GLU H 170 -78.51 -13.84 12.44
N VAL H 171 -77.81 -14.21 11.37
CA VAL H 171 -77.41 -13.21 10.40
C VAL H 171 -78.64 -12.55 9.79
N ARG H 172 -79.64 -13.36 9.44
CA ARG H 172 -80.87 -12.83 8.87
C ARG H 172 -81.55 -11.83 9.80
N SER H 173 -81.89 -12.27 11.02
CA SER H 173 -82.56 -11.36 11.96
C SER H 173 -81.68 -10.16 12.32
N ALA H 174 -80.36 -10.33 12.33
CA ALA H 174 -79.51 -9.19 12.66
C ALA H 174 -79.50 -8.19 11.52
N ILE H 175 -79.39 -8.67 10.26
CA ILE H 175 -79.44 -7.75 9.14
C ILE H 175 -80.74 -6.96 9.16
N GLN H 176 -81.85 -7.67 9.42
CA GLN H 176 -83.15 -7.00 9.41
C GLN H 176 -83.19 -5.87 10.45
N GLU H 177 -82.85 -6.18 11.70
CA GLU H 177 -82.92 -5.16 12.74
C GLU H 177 -81.83 -4.10 12.63
N LEU H 178 -80.70 -4.41 12.00
CA LEU H 178 -79.61 -3.44 11.98
C LEU H 178 -79.64 -2.49 10.79
N ILE H 179 -80.36 -2.86 9.72
CA ILE H 179 -80.37 -2.07 8.51
C ILE H 179 -81.18 -0.79 8.66
N ALA H 180 -82.06 -0.70 9.65
CA ALA H 180 -83.01 0.41 9.70
C ALA H 180 -82.36 1.74 10.09
N GLU H 181 -81.19 1.74 10.71
CA GLU H 181 -80.65 2.99 11.25
C GLU H 181 -79.99 3.84 10.17
N THR H 182 -79.08 3.25 9.40
CA THR H 182 -78.34 3.97 8.39
C THR H 182 -78.61 3.47 6.98
N GLY H 183 -79.30 2.35 6.83
CA GLY H 183 -79.39 1.70 5.53
C GLY H 183 -78.16 0.92 5.14
N MET H 184 -77.17 0.80 6.03
CA MET H 184 -75.95 0.05 5.73
C MET H 184 -75.62 -0.85 6.90
N VAL H 185 -75.29 -2.10 6.60
CA VAL H 185 -74.84 -3.08 7.57
C VAL H 185 -73.53 -3.63 7.07
N ILE H 186 -72.60 -3.86 7.97
CA ILE H 186 -71.33 -4.48 7.62
C ILE H 186 -71.23 -5.83 8.33
N ALA H 187 -70.83 -6.85 7.59
CA ALA H 187 -70.63 -8.20 8.12
C ALA H 187 -69.17 -8.60 7.96
N LYS H 188 -68.57 -9.09 9.04
CA LYS H 188 -67.12 -9.27 9.14
C LYS H 188 -66.79 -10.69 9.53
N GLN H 189 -65.83 -11.29 8.83
CA GLN H 189 -65.18 -12.51 9.29
C GLN H 189 -64.51 -12.28 10.64
N ASP H 190 -64.68 -13.24 11.55
CA ASP H 190 -64.33 -12.99 12.95
C ASP H 190 -62.85 -12.73 13.15
N ARG H 191 -61.97 -13.30 12.33
CA ARG H 191 -60.52 -13.17 12.53
C ARG H 191 -59.85 -12.47 11.36
N SER H 192 -58.73 -11.80 11.66
CA SER H 192 -57.78 -11.25 10.68
C SER H 192 -58.38 -10.08 9.90
N GLY H 193 -59.16 -10.35 8.85
CA GLY H 193 -59.87 -9.29 8.15
C GLY H 193 -59.03 -8.47 7.19
N GLY H 194 -58.71 -7.23 7.55
CA GLY H 194 -58.04 -6.33 6.64
C GLY H 194 -58.89 -5.89 5.45
N GLY H 195 -60.20 -5.75 5.66
CA GLY H 195 -61.12 -5.38 4.59
C GLY H 195 -61.56 -6.52 3.67
N HIS H 196 -60.64 -7.44 3.35
CA HIS H 196 -60.97 -8.55 2.45
C HIS H 196 -61.97 -9.52 3.07
N GLY H 197 -62.05 -9.59 4.40
CA GLY H 197 -63.01 -10.45 5.06
C GLY H 197 -64.23 -9.69 5.59
N ASN H 198 -64.68 -8.68 4.86
CA ASN H 198 -65.84 -7.88 5.21
C ASN H 198 -66.73 -7.66 4.00
N ILE H 199 -68.05 -7.74 4.21
CA ILE H 199 -69.02 -7.51 3.15
C ILE H 199 -70.05 -6.51 3.64
N GLY H 200 -70.39 -5.55 2.79
CA GLY H 200 -71.40 -4.56 3.11
C GLY H 200 -72.76 -4.97 2.58
N ILE H 201 -73.80 -4.46 3.23
CA ILE H 201 -75.18 -4.62 2.78
C ILE H 201 -75.80 -3.24 2.83
N SER H 202 -76.35 -2.78 1.71
CA SER H 202 -76.63 -1.36 1.53
C SER H 202 -77.97 -1.14 0.84
N THR H 203 -78.75 -0.21 1.36
CA THR H 203 -79.91 0.26 0.62
C THR H 203 -79.56 1.33 -0.38
N SER H 204 -78.28 1.66 -0.54
CA SER H 204 -77.89 2.73 -1.46
C SER H 204 -76.65 2.33 -2.22
N PRO H 205 -76.73 2.21 -3.55
CA PRO H 205 -75.50 1.99 -4.33
C PRO H 205 -74.59 3.20 -4.30
N GLU H 206 -75.17 4.41 -4.32
CA GLU H 206 -74.43 5.64 -4.17
C GLU H 206 -73.48 5.63 -2.97
N SER H 207 -73.69 4.70 -2.04
CA SER H 207 -72.95 4.70 -0.79
C SER H 207 -71.47 4.44 -1.01
N SER H 208 -70.64 5.16 -0.25
CA SER H 208 -69.24 4.82 -0.12
C SER H 208 -69.13 3.80 1.01
N PHE H 209 -68.57 2.62 0.70
CA PHE H 209 -68.42 1.54 1.68
C PHE H 209 -66.96 1.15 1.87
N PRO H 210 -66.10 2.07 2.35
CA PRO H 210 -64.71 1.71 2.61
C PRO H 210 -64.61 0.63 3.67
N GLY H 211 -63.74 -0.34 3.43
CA GLY H 211 -63.53 -1.44 4.35
C GLY H 211 -64.20 -2.75 3.98
N THR H 212 -64.60 -2.93 2.73
CA THR H 212 -65.36 -4.11 2.32
C THR H 212 -64.81 -4.59 0.99
N ARG H 213 -64.94 -5.89 0.73
CA ARG H 213 -64.60 -6.40 -0.59
C ARG H 213 -65.75 -6.28 -1.58
N GLU H 214 -67.00 -6.39 -1.11
CA GLU H 214 -68.15 -6.12 -1.97
C GLU H 214 -69.34 -5.68 -1.12
N VAL H 215 -70.32 -5.09 -1.80
CA VAL H 215 -71.53 -4.57 -1.20
C VAL H 215 -72.71 -5.22 -1.91
N LEU H 216 -73.72 -5.59 -1.13
CA LEU H 216 -74.90 -6.28 -1.64
C LEU H 216 -76.11 -5.36 -1.49
N ALA H 217 -77.00 -5.40 -2.47
CA ALA H 217 -78.24 -4.64 -2.39
C ALA H 217 -79.16 -5.25 -1.36
N TYR H 218 -79.72 -4.41 -0.49
CA TYR H 218 -80.64 -4.88 0.55
C TYR H 218 -82.08 -4.95 0.03
N ALA H 219 -82.78 -6.01 0.42
CA ALA H 219 -84.22 -6.11 0.27
C ALA H 219 -84.72 -7.20 1.20
N ASN H 220 -85.81 -6.91 1.91
CA ASN H 220 -86.47 -7.89 2.76
C ASN H 220 -86.57 -9.25 2.05
N ASP H 221 -86.98 -9.25 0.78
CA ASP H 221 -87.17 -10.51 0.09
C ASP H 221 -85.84 -11.14 -0.35
N GLN H 222 -84.71 -10.50 -0.07
CA GLN H 222 -83.39 -11.05 -0.32
C GLN H 222 -82.73 -11.55 0.97
N LEU H 223 -83.43 -11.46 2.10
CA LEU H 223 -82.77 -11.67 3.39
C LEU H 223 -82.23 -13.09 3.49
N ASP H 224 -82.98 -14.09 2.99
CA ASP H 224 -82.52 -15.47 3.03
C ASP H 224 -81.20 -15.62 2.31
N THR H 225 -81.15 -15.20 1.04
CA THR H 225 -79.93 -15.28 0.24
C THR H 225 -78.79 -14.52 0.91
N LEU H 226 -79.04 -13.26 1.29
CA LEU H 226 -78.05 -12.47 2.03
C LEU H 226 -77.41 -13.27 3.14
N ALA H 227 -78.24 -13.79 4.04
CA ALA H 227 -77.75 -14.53 5.20
C ALA H 227 -76.92 -15.74 4.78
N ASP H 228 -77.45 -16.57 3.89
CA ASP H 228 -76.68 -17.70 3.39
C ASP H 228 -75.37 -17.25 2.77
N THR H 229 -75.43 -16.21 1.93
CA THR H 229 -74.27 -15.66 1.26
C THR H 229 -73.21 -15.19 2.26
N LEU H 230 -73.63 -14.37 3.22
CA LEU H 230 -72.69 -13.89 4.23
C LEU H 230 -72.12 -15.07 5.03
N TRP H 231 -72.99 -15.97 5.48
CA TRP H 231 -72.50 -17.05 6.35
C TRP H 231 -71.55 -17.97 5.60
N SER H 232 -71.86 -18.29 4.34
CA SER H 232 -71.00 -19.22 3.64
C SER H 232 -69.65 -18.60 3.31
N GLN H 233 -69.65 -17.34 2.85
CA GLN H 233 -68.41 -16.69 2.45
C GLN H 233 -67.52 -16.30 3.64
N LEU H 234 -68.07 -16.21 4.85
CA LEU H 234 -67.35 -15.58 5.95
C LEU H 234 -67.08 -16.49 7.13
N THR H 235 -67.45 -17.78 7.06
CA THR H 235 -67.10 -18.75 8.10
C THR H 235 -66.38 -19.96 7.49
N ASP H 236 -65.54 -20.58 8.32
CA ASP H 236 -64.79 -21.80 7.99
C ASP H 236 -64.74 -22.68 9.24
N THR H 237 -63.88 -23.70 9.22
CA THR H 237 -63.84 -24.67 10.31
C THR H 237 -63.42 -24.01 11.63
N GLN H 238 -62.49 -23.06 11.59
CA GLN H 238 -61.96 -22.48 12.83
C GLN H 238 -62.86 -21.41 13.42
N ASN H 239 -63.66 -20.73 12.61
CA ASN H 239 -64.49 -19.61 13.07
C ASN H 239 -65.94 -19.89 12.71
N GLN H 240 -66.76 -20.09 13.73
CA GLN H 240 -68.20 -20.21 13.53
C GLN H 240 -68.95 -19.00 14.07
N PHE H 241 -68.27 -17.85 14.16
CA PHE H 241 -68.91 -16.59 14.46
C PHE H 241 -68.80 -15.68 13.26
N ILE H 242 -69.82 -14.87 13.07
CA ILE H 242 -69.79 -13.73 12.16
C ILE H 242 -70.19 -12.52 12.96
N THR H 243 -69.57 -11.37 12.68
CA THR H 243 -69.98 -10.11 13.29
C THR H 243 -70.85 -9.34 12.31
N VAL H 244 -71.99 -8.83 12.79
CA VAL H 244 -72.99 -8.11 11.98
C VAL H 244 -73.32 -6.82 12.70
N GLU H 245 -73.02 -5.67 12.07
CA GLU H 245 -73.10 -4.37 12.72
C GLU H 245 -73.69 -3.29 11.82
N THR H 246 -74.37 -2.34 12.44
CA THR H 246 -74.73 -1.11 11.75
C THR H 246 -73.48 -0.35 11.33
N TYR H 247 -73.49 0.17 10.11
CA TYR H 247 -72.36 0.88 9.54
C TYR H 247 -72.70 2.35 9.41
N HIS H 248 -71.91 3.22 10.05
CA HIS H 248 -72.15 4.65 10.01
C HIS H 248 -71.24 5.33 9.00
N ARG H 249 -71.81 6.27 8.23
CA ARG H 249 -71.00 7.21 7.45
C ARG H 249 -70.12 8.01 8.38
N ALA H 250 -68.82 8.01 8.14
CA ALA H 250 -67.85 8.60 9.05
C ALA H 250 -67.31 9.88 8.45
N ASP H 251 -67.25 10.94 9.26
CA ASP H 251 -66.41 12.07 8.90
C ASP H 251 -64.95 11.62 8.99
N GLN H 252 -64.50 11.36 10.21
CA GLN H 252 -63.12 10.99 10.49
C GLN H 252 -63.03 9.49 10.75
N ARG H 253 -62.15 8.79 10.01
CA ARG H 253 -61.82 7.38 10.25
C ARG H 253 -60.39 7.34 10.78
N PHE H 254 -60.23 7.07 12.07
CA PHE H 254 -58.93 7.12 12.71
C PHE H 254 -58.55 5.76 13.28
N PHE H 255 -57.29 5.66 13.73
CA PHE H 255 -56.89 4.59 14.62
C PHE H 255 -55.74 5.06 15.49
N PHE H 256 -55.71 4.56 16.71
CA PHE H 256 -54.66 4.84 17.70
C PHE H 256 -53.81 3.60 17.89
N GLU H 257 -52.48 3.79 17.97
CA GLU H 257 -51.56 2.68 18.14
C GLU H 257 -50.75 2.86 19.43
N TYR H 258 -50.53 1.76 20.15
CA TYR H 258 -49.92 1.76 21.48
C TYR H 258 -48.88 0.66 21.57
N HIS H 259 -47.90 0.88 22.45
CA HIS H 259 -46.98 -0.13 22.92
C HIS H 259 -47.30 -0.44 24.38
N LEU H 260 -47.42 -1.72 24.71
CA LEU H 260 -47.80 -2.15 26.05
C LEU H 260 -46.66 -2.99 26.63
N ASP H 261 -46.23 -2.62 27.83
CA ASP H 261 -45.29 -3.45 28.57
C ASP H 261 -45.80 -3.58 29.99
N GLY H 262 -44.97 -4.11 30.89
CA GLY H 262 -45.41 -4.25 32.27
C GLY H 262 -45.50 -2.94 33.03
N ASP H 263 -45.02 -1.84 32.48
CA ASP H 263 -45.10 -0.54 33.14
C ASP H 263 -46.28 0.31 32.67
N ARG H 264 -46.66 0.22 31.39
CA ARG H 264 -47.58 1.21 30.84
C ARG H 264 -48.06 0.77 29.46
N ALA H 265 -49.19 1.35 29.05
CA ALA H 265 -49.59 1.37 27.65
C ALA H 265 -49.16 2.73 27.08
N ARG H 266 -48.21 2.70 26.15
CA ARG H 266 -47.64 3.93 25.58
C ARG H 266 -48.44 4.31 24.34
N PHE H 267 -49.07 5.48 24.36
CA PHE H 267 -49.66 6.03 23.14
C PHE H 267 -48.55 6.46 22.18
N LEU H 268 -48.53 5.86 20.98
CA LEU H 268 -47.53 6.16 19.95
C LEU H 268 -47.99 7.21 18.94
N HIS H 269 -49.16 7.05 18.35
CA HIS H 269 -49.61 7.98 17.33
C HIS H 269 -51.07 7.71 16.98
N SER H 270 -51.70 8.70 16.37
CA SER H 270 -52.96 8.54 15.64
C SER H 270 -52.66 8.66 14.14
N SER H 271 -53.41 7.92 13.33
CA SER H 271 -53.26 7.98 11.87
C SER H 271 -54.62 7.79 11.20
N ILE H 272 -54.74 8.20 9.95
CA ILE H 272 -56.01 8.18 9.22
C ILE H 272 -55.89 7.21 8.06
N LEU H 273 -56.73 6.16 8.07
CA LEU H 273 -56.94 5.24 6.96
C LEU H 273 -57.48 5.96 5.74
N LYS H 274 -56.72 6.00 4.66
CA LYS H 274 -57.13 6.75 3.48
C LYS H 274 -57.58 5.74 2.43
N TYR H 275 -58.79 5.94 1.90
CA TYR H 275 -59.37 5.06 0.90
C TYR H 275 -59.55 5.81 -0.40
N GLU H 276 -59.68 5.07 -1.51
CA GLU H 276 -59.78 5.68 -2.83
C GLU H 276 -61.21 6.03 -3.19
N GLN H 277 -61.40 7.24 -3.74
CA GLN H 277 -62.69 7.66 -4.28
C GLN H 277 -62.81 7.25 -5.74
N SER H 285 -64.98 -2.11 -4.00
CA SER H 285 -65.79 -1.30 -3.08
C SER H 285 -65.15 0.06 -2.89
N ALA H 286 -64.33 0.17 -1.85
CA ALA H 286 -63.45 1.33 -1.68
C ALA H 286 -62.20 0.83 -0.97
N LYS H 287 -61.14 0.58 -1.74
CA LYS H 287 -59.98 -0.10 -1.21
C LYS H 287 -59.01 0.89 -0.54
N TRP H 288 -57.94 0.34 0.00
CA TRP H 288 -57.01 1.07 0.87
C TRP H 288 -55.83 1.58 0.06
N ILE H 289 -55.52 2.88 0.22
CA ILE H 289 -54.44 3.50 -0.55
C ILE H 289 -53.33 4.08 0.32
N GLY H 290 -53.53 4.23 1.63
CA GLY H 290 -52.45 4.68 2.50
C GLY H 290 -52.94 5.27 3.81
N LEU H 291 -51.98 5.77 4.58
CA LEU H 291 -52.28 6.45 5.84
C LEU H 291 -51.76 7.87 5.80
N ASP H 292 -52.53 8.79 6.39
CA ASP H 292 -52.07 10.12 6.74
C ASP H 292 -51.91 10.19 8.26
N SER H 293 -50.88 10.89 8.72
CA SER H 293 -50.74 10.97 10.17
C SER H 293 -50.50 12.39 10.61
N PRO H 294 -50.29 12.60 11.89
CA PRO H 294 -51.35 13.13 12.72
C PRO H 294 -52.74 12.87 12.16
N SER H 295 -53.52 12.03 12.83
CA SER H 295 -54.94 12.10 12.55
C SER H 295 -55.49 13.40 13.11
N ARG H 296 -56.74 13.71 12.78
CA ARG H 296 -57.42 14.89 13.29
C ARG H 296 -58.49 14.48 14.31
N SER H 297 -58.21 13.43 15.06
CA SER H 297 -59.22 12.85 15.94
C SER H 297 -58.72 12.63 17.36
N GLU H 298 -57.63 13.29 17.76
CA GLU H 298 -57.14 13.23 19.13
C GLU H 298 -57.86 14.29 19.97
N PHE H 299 -59.01 13.91 20.56
CA PHE H 299 -59.62 14.74 21.60
C PHE H 299 -60.11 13.84 22.73
N GLU H 300 -60.62 14.46 23.81
CA GLU H 300 -60.96 13.68 24.99
C GLU H 300 -61.95 12.57 24.69
N ALA H 301 -62.97 12.84 23.88
CA ALA H 301 -64.03 11.86 23.68
C ALA H 301 -63.55 10.65 22.90
N THR H 302 -62.38 10.72 22.27
CA THR H 302 -61.81 9.55 21.60
C THR H 302 -60.63 8.96 22.36
N LEU H 303 -59.74 9.81 22.88
CA LEU H 303 -58.56 9.29 23.55
C LEU H 303 -58.92 8.63 24.88
N LYS H 304 -59.86 9.23 25.62
CA LYS H 304 -60.16 8.72 26.96
C LYS H 304 -60.82 7.34 26.92
N PRO H 305 -61.88 7.08 26.16
CA PRO H 305 -62.38 5.69 26.11
C PRO H 305 -61.36 4.72 25.53
N ALA H 306 -60.56 5.16 24.57
CA ALA H 306 -59.55 4.28 23.99
C ALA H 306 -58.52 3.86 25.04
N GLU H 307 -58.03 4.83 25.82
CA GLU H 307 -57.06 4.54 26.87
C GLU H 307 -57.62 3.55 27.87
N GLU H 308 -58.91 3.69 28.20
CA GLU H 308 -59.51 2.75 29.15
C GLU H 308 -59.61 1.36 28.57
N PHE H 309 -59.97 1.25 27.29
CA PHE H 309 -60.04 -0.08 26.69
C PHE H 309 -58.65 -0.71 26.62
N ILE H 310 -57.69 0.03 26.04
CA ILE H 310 -56.32 -0.43 25.92
C ILE H 310 -55.75 -0.80 27.29
N GLU H 311 -56.12 -0.05 28.34
CA GLU H 311 -55.60 -0.39 29.66
C GLU H 311 -56.12 -1.73 30.15
N MET H 312 -57.35 -2.06 29.80
CA MET H 312 -57.90 -3.36 30.14
C MET H 312 -57.18 -4.46 29.37
N ILE H 313 -56.82 -4.20 28.11
CA ILE H 313 -56.06 -5.17 27.32
C ILE H 313 -54.74 -5.46 28.00
N ARG H 314 -54.10 -4.42 28.53
CA ARG H 314 -52.84 -4.62 29.24
C ARG H 314 -53.07 -5.40 30.53
N THR H 315 -54.18 -5.12 31.21
CA THR H 315 -54.54 -5.90 32.40
C THR H 315 -54.74 -7.37 32.07
N ILE H 316 -55.42 -7.67 30.96
CA ILE H 316 -55.59 -9.05 30.52
C ILE H 316 -54.24 -9.74 30.42
N GLY H 317 -53.20 -9.01 29.98
CA GLY H 317 -51.84 -9.54 29.91
C GLY H 317 -51.12 -9.41 28.59
N TYR H 318 -51.68 -8.66 27.65
CA TYR H 318 -51.04 -8.55 26.35
C TYR H 318 -49.84 -7.61 26.43
N ARG H 319 -48.74 -8.02 25.81
CA ARG H 319 -47.55 -7.17 25.75
C ARG H 319 -47.11 -7.07 24.30
N GLY H 320 -46.78 -5.86 23.87
CA GLY H 320 -46.44 -5.63 22.48
C GLY H 320 -47.32 -4.53 21.91
N TYR H 321 -47.37 -4.44 20.58
CA TYR H 321 -48.12 -3.37 19.93
C TYR H 321 -49.59 -3.76 19.72
N VAL H 322 -50.48 -2.78 19.92
CA VAL H 322 -51.92 -2.95 19.72
C VAL H 322 -52.45 -1.64 19.19
N ASN H 323 -53.48 -1.71 18.35
CA ASN H 323 -54.09 -0.50 17.84
C ASN H 323 -55.61 -0.65 17.86
N ILE H 324 -56.31 0.47 17.93
CA ILE H 324 -57.78 0.47 18.00
C ILE H 324 -58.31 1.41 16.92
N ASP H 325 -59.35 0.98 16.20
CA ASP H 325 -60.02 1.72 15.13
C ASP H 325 -61.28 2.39 15.66
N GLY H 326 -61.58 3.57 15.13
CA GLY H 326 -62.78 4.29 15.52
C GLY H 326 -63.24 5.23 14.44
N ILE H 327 -64.38 5.88 14.69
CA ILE H 327 -64.89 6.93 13.82
C ILE H 327 -65.51 8.03 14.68
N VAL H 328 -65.56 9.24 14.10
CA VAL H 328 -66.32 10.35 14.67
C VAL H 328 -67.36 10.77 13.65
N LEU H 329 -68.63 10.77 14.07
CA LEU H 329 -69.74 11.07 13.18
C LEU H 329 -69.86 12.57 12.96
N ASP H 330 -70.50 12.94 11.84
CA ASP H 330 -70.75 14.35 11.56
C ASP H 330 -71.48 15.02 12.71
N ASP H 331 -72.31 14.28 13.42
CA ASP H 331 -72.93 14.73 14.64
C ASP H 331 -72.04 14.51 15.88
N GLY H 332 -70.79 14.10 15.70
CA GLY H 332 -69.84 14.08 16.79
C GLY H 332 -69.94 12.92 17.76
N ARG H 333 -70.72 11.88 17.45
CA ARG H 333 -70.67 10.66 18.26
C ARG H 333 -69.46 9.83 17.86
N VAL H 334 -68.92 9.12 18.85
CA VAL H 334 -67.72 8.30 18.69
C VAL H 334 -68.12 6.83 18.73
N PHE H 335 -67.50 6.03 17.87
CA PHE H 335 -67.64 4.58 17.88
C PHE H 335 -66.26 3.99 17.63
N PHE H 336 -65.92 2.95 18.39
CA PHE H 336 -64.74 2.14 18.10
C PHE H 336 -65.16 0.82 17.46
N HIS H 337 -64.28 0.30 16.61
CA HIS H 337 -64.61 -0.76 15.64
C HIS H 337 -63.86 -2.05 15.88
N GLU H 338 -62.58 -2.01 16.25
CA GLU H 338 -61.79 -3.23 16.36
C GLU H 338 -60.43 -2.90 16.98
N ILE H 339 -59.77 -3.94 17.48
CA ILE H 339 -58.38 -3.84 17.89
C ILE H 339 -57.59 -4.91 17.15
N ASN H 340 -56.29 -4.65 17.00
CA ASN H 340 -55.36 -5.57 16.37
C ASN H 340 -54.13 -5.68 17.26
N ALA H 341 -53.96 -6.83 17.91
CA ALA H 341 -52.81 -7.06 18.77
C ALA H 341 -51.66 -7.56 17.91
N ARG H 342 -50.90 -6.61 17.34
CA ARG H 342 -49.82 -6.81 16.38
C ARG H 342 -49.47 -5.47 15.77
N TRP H 343 -48.40 -5.39 14.98
CA TRP H 343 -48.09 -4.11 14.33
C TRP H 343 -49.24 -3.68 13.43
N SER H 344 -49.65 -2.42 13.57
CA SER H 344 -50.46 -1.83 12.53
C SER H 344 -49.62 -1.66 11.26
N GLY H 345 -50.32 -1.40 10.15
CA GLY H 345 -49.60 -1.11 8.91
C GLY H 345 -48.78 0.17 8.99
N GLY H 346 -49.21 1.10 9.86
CA GLY H 346 -48.59 2.38 10.05
C GLY H 346 -47.61 2.48 11.20
N LEU H 347 -47.25 1.36 11.85
CA LEU H 347 -46.22 1.41 12.88
C LEU H 347 -44.90 1.86 12.27
N ILE H 348 -44.54 1.28 11.13
CA ILE H 348 -43.28 1.62 10.48
C ILE H 348 -43.27 3.09 10.06
N TYR H 349 -44.38 3.61 9.53
CA TYR H 349 -44.40 5.03 9.20
C TYR H 349 -44.06 5.85 10.44
N HIS H 350 -44.64 5.45 11.58
CA HIS H 350 -44.37 6.15 12.82
C HIS H 350 -42.90 6.06 13.21
N THR H 351 -42.28 4.89 13.04
CA THR H 351 -40.90 4.76 13.51
C THR H 351 -39.93 5.52 12.59
N VAL H 352 -40.17 5.48 11.28
CA VAL H 352 -39.40 6.32 10.36
C VAL H 352 -39.57 7.78 10.72
N ALA H 353 -40.80 8.21 11.00
CA ALA H 353 -40.99 9.62 11.34
C ALA H 353 -40.19 10.01 12.58
N GLU H 354 -40.21 9.14 13.60
CA GLU H 354 -39.48 9.41 14.84
C GLU H 354 -37.96 9.42 14.61
N ARG H 355 -37.44 8.45 13.85
CA ARG H 355 -35.99 8.35 13.65
C ARG H 355 -35.46 9.46 12.76
N LEU H 356 -36.28 10.02 11.86
CA LEU H 356 -35.82 11.05 10.94
C LEU H 356 -36.06 12.46 11.45
N LEU H 357 -37.10 12.67 12.25
CA LEU H 357 -37.49 14.01 12.65
C LEU H 357 -37.59 14.19 14.16
N GLY H 358 -37.46 13.13 14.95
CA GLY H 358 -37.47 13.25 16.39
C GLY H 358 -38.79 12.78 17.00
N HIS H 359 -38.75 12.53 18.31
CA HIS H 359 -39.90 11.92 18.98
C HIS H 359 -41.15 12.79 18.90
N ASP H 360 -41.01 14.11 18.90
CA ASP H 360 -42.19 14.96 18.86
C ASP H 360 -42.49 15.49 17.45
N TYR H 361 -42.20 14.67 16.42
CA TYR H 361 -42.45 15.08 15.04
C TYR H 361 -43.89 15.54 14.82
N ALA H 362 -44.86 14.93 15.52
CA ALA H 362 -46.27 15.16 15.18
C ALA H 362 -46.73 16.57 15.56
N ARG H 363 -45.98 17.24 16.42
CA ARG H 363 -46.27 18.63 16.75
C ARG H 363 -46.18 19.52 15.53
N ASN H 364 -45.19 19.27 14.67
CA ASN H 364 -44.89 20.15 13.56
C ASN H 364 -45.11 19.55 12.18
N ASN H 365 -45.20 18.24 12.07
CA ASN H 365 -44.99 17.61 10.78
C ASN H 365 -46.19 16.79 10.39
N PHE H 366 -46.20 16.43 9.12
CA PHE H 366 -47.20 15.53 8.59
C PHE H 366 -46.52 14.46 7.77
N PHE H 367 -47.20 13.33 7.63
CA PHE H 367 -46.74 12.36 6.66
C PHE H 367 -47.96 11.65 6.10
N SER H 368 -47.75 11.09 4.92
CA SER H 368 -48.79 10.41 4.18
C SER H 368 -48.06 9.38 3.31
N SER H 369 -48.62 8.18 3.20
CA SER H 369 -47.96 7.13 2.43
C SER H 369 -48.73 6.89 1.14
N ILE H 370 -48.04 6.26 0.18
CA ILE H 370 -48.62 5.94 -1.13
C ILE H 370 -48.23 4.50 -1.45
N LEU H 371 -49.22 3.62 -1.50
CA LEU H 371 -48.98 2.22 -1.85
C LEU H 371 -49.16 1.95 -3.34
N ASN H 372 -49.58 2.95 -4.12
CA ASN H 372 -50.08 2.76 -5.48
C ASN H 372 -49.01 2.92 -6.55
N VAL H 373 -47.79 3.35 -6.20
CA VAL H 373 -46.84 3.76 -7.21
C VAL H 373 -46.51 2.60 -8.12
N VAL H 374 -46.38 2.87 -9.42
CA VAL H 374 -45.97 1.87 -10.38
C VAL H 374 -44.69 1.21 -9.87
N PRO H 375 -44.61 -0.12 -9.81
CA PRO H 375 -43.39 -0.76 -9.33
C PRO H 375 -42.21 -0.47 -10.24
N ALA H 376 -41.05 -0.32 -9.63
CA ALA H 376 -39.81 -0.17 -10.38
C ALA H 376 -38.68 -0.41 -9.38
N GLY H 377 -37.52 -0.78 -9.91
CA GLY H 377 -36.37 -0.98 -9.06
C GLY H 377 -36.09 0.26 -8.22
N LEU H 378 -35.20 0.08 -7.25
CA LEU H 378 -34.85 1.20 -6.38
C LEU H 378 -34.29 2.38 -7.15
N ALA H 379 -33.36 2.09 -8.08
CA ALA H 379 -32.64 3.15 -8.80
C ALA H 379 -33.59 4.07 -9.53
N ASP H 380 -34.53 3.48 -10.29
CA ASP H 380 -35.54 4.27 -11.00
C ASP H 380 -36.46 5.01 -10.03
N LEU H 381 -36.88 4.36 -8.93
CA LEU H 381 -37.77 5.02 -7.98
C LEU H 381 -37.11 6.26 -7.37
N LEU H 382 -35.89 6.11 -6.84
CA LEU H 382 -35.15 7.27 -6.37
C LEU H 382 -34.92 8.29 -7.49
N ARG H 383 -34.66 7.83 -8.71
CA ARG H 383 -34.49 8.80 -9.80
C ARG H 383 -35.78 9.58 -10.02
N SER H 384 -36.94 8.90 -10.02
CA SER H 384 -38.21 9.61 -10.14
C SER H 384 -38.43 10.56 -8.98
N LEU H 385 -38.00 10.19 -7.77
CA LEU H 385 -38.11 11.09 -6.62
C LEU H 385 -37.33 12.37 -6.87
N GLU H 386 -36.10 12.22 -7.40
CA GLU H 386 -35.27 13.37 -7.71
C GLU H 386 -35.87 14.17 -8.87
N ARG H 387 -36.43 13.48 -9.86
CA ARG H 387 -37.02 14.21 -10.99
C ARG H 387 -38.20 15.08 -10.53
N ALA H 388 -38.92 14.63 -9.50
CA ALA H 388 -39.99 15.44 -8.95
C ALA H 388 -39.50 16.54 -8.01
N GLY H 389 -38.25 16.48 -7.55
CA GLY H 389 -37.79 17.38 -6.51
C GLY H 389 -38.32 17.10 -5.11
N VAL H 390 -38.48 15.83 -4.73
CA VAL H 390 -39.13 15.50 -3.45
C VAL H 390 -38.44 14.35 -2.74
N ARG H 391 -37.30 13.91 -3.23
CA ARG H 391 -36.52 12.91 -2.49
C ARG H 391 -36.19 13.41 -1.09
N TYR H 392 -36.42 12.57 -0.09
CA TYR H 392 -36.24 13.00 1.29
C TYR H 392 -34.88 13.67 1.47
N ASP H 393 -34.87 14.83 2.12
CA ASP H 393 -33.73 15.72 2.22
C ASP H 393 -33.39 15.90 3.70
N LYS H 394 -32.23 15.43 4.11
CA LYS H 394 -31.66 15.62 5.44
C LYS H 394 -31.87 17.03 6.00
N ASP H 395 -31.74 18.07 5.17
CA ASP H 395 -31.63 19.42 5.72
C ASP H 395 -32.97 20.10 5.90
N SER H 396 -34.01 19.66 5.19
CA SER H 396 -35.34 20.18 5.39
C SER H 396 -36.25 19.23 6.15
N GLY H 397 -35.87 17.95 6.27
CA GLY H 397 -36.79 16.96 6.81
C GLY H 397 -38.05 16.79 6.00
N GLU H 398 -37.99 17.05 4.70
CA GLU H 398 -39.16 17.04 3.84
C GLU H 398 -38.89 16.15 2.62
N GLY H 399 -39.93 15.47 2.14
CA GLY H 399 -39.86 14.63 0.96
C GLY H 399 -40.07 13.16 1.30
N ALA H 400 -39.83 12.32 0.30
CA ALA H 400 -40.25 10.92 0.29
C ALA H 400 -39.09 9.95 0.51
N VAL H 401 -39.39 8.84 1.19
CA VAL H 401 -38.53 7.68 1.24
C VAL H 401 -39.31 6.47 0.71
N VAL H 402 -38.56 5.44 0.31
CA VAL H 402 -39.09 4.23 -0.31
C VAL H 402 -39.19 3.13 0.73
N LEU H 403 -40.35 2.48 0.81
CA LEU H 403 -40.54 1.36 1.72
C LEU H 403 -40.64 0.01 1.03
N GLY H 404 -41.01 0.01 -0.26
CA GLY H 404 -41.05 -1.16 -1.09
C GLY H 404 -41.00 -0.73 -2.56
N CYS H 405 -40.20 -1.43 -3.36
CA CYS H 405 -40.18 -1.24 -4.80
C CYS H 405 -41.26 -2.03 -5.51
N ASN H 406 -41.72 -3.13 -4.92
CA ASN H 406 -42.68 -4.00 -5.59
C ASN H 406 -43.48 -4.77 -4.55
N SER H 407 -44.43 -4.10 -3.90
CA SER H 407 -45.12 -4.64 -2.73
C SER H 407 -46.54 -5.06 -3.05
N ASP H 408 -47.06 -5.95 -2.21
CA ASP H 408 -48.43 -6.43 -2.25
C ASP H 408 -49.39 -5.54 -1.48
N LEU H 409 -48.89 -4.59 -0.67
CA LEU H 409 -49.78 -3.68 0.06
C LEU H 409 -50.58 -2.85 -0.94
N GLY H 410 -51.89 -2.76 -0.74
CA GLY H 410 -52.77 -2.50 -1.87
C GLY H 410 -52.34 -3.52 -2.91
N PRO H 411 -51.87 -3.09 -4.11
CA PRO H 411 -50.54 -3.55 -4.58
C PRO H 411 -49.70 -2.35 -5.03
N GLY H 412 -48.36 -2.49 -5.17
CA GLY H 412 -47.53 -1.50 -5.84
C GLY H 412 -46.25 -1.16 -5.06
N ALA H 413 -45.59 -0.09 -5.48
CA ALA H 413 -44.47 0.45 -4.70
C ALA H 413 -45.00 1.37 -3.62
N GLU H 414 -44.35 1.32 -2.46
CA GLU H 414 -44.77 2.08 -1.29
C GLU H 414 -43.72 3.14 -0.96
N LEU H 415 -44.12 4.40 -1.04
CA LEU H 415 -43.34 5.53 -0.59
C LEU H 415 -44.03 6.15 0.62
N LEU H 416 -43.23 6.82 1.45
CA LEU H 416 -43.72 7.57 2.60
C LEU H 416 -43.23 9.00 2.45
N VAL H 417 -44.13 9.97 2.59
CA VAL H 417 -43.83 11.35 2.23
C VAL H 417 -44.08 12.25 3.44
N PHE H 418 -43.09 13.10 3.74
CA PHE H 418 -43.09 14.00 4.89
C PHE H 418 -43.14 15.45 4.44
N SER H 419 -43.66 16.30 5.32
CA SER H 419 -43.66 17.73 5.09
C SER H 419 -44.09 18.43 6.37
N LYS H 420 -43.53 19.62 6.60
CA LYS H 420 -44.01 20.44 7.70
C LYS H 420 -45.33 21.13 7.37
N ASP H 421 -45.80 21.05 6.14
CA ASP H 421 -47.00 21.74 5.71
C ASP H 421 -47.89 20.79 4.95
N TRP H 422 -49.14 20.65 5.39
CA TRP H 422 -50.01 19.63 4.83
C TRP H 422 -50.30 19.86 3.36
N ASP H 423 -50.56 21.11 2.95
CA ASP H 423 -50.86 21.35 1.54
C ASP H 423 -49.64 21.11 0.66
N ARG H 424 -48.44 21.42 1.16
CA ARG H 424 -47.23 21.08 0.44
C ARG H 424 -47.00 19.58 0.37
N LEU H 425 -47.39 18.83 1.41
CA LEU H 425 -47.35 17.37 1.34
C LEU H 425 -48.21 16.85 0.18
N THR H 426 -49.44 17.37 0.07
CA THR H 426 -50.31 16.94 -1.03
C THR H 426 -49.67 17.28 -2.38
N ALA H 427 -49.18 18.51 -2.54
CA ALA H 427 -48.50 18.87 -3.78
C ALA H 427 -47.34 17.92 -4.08
N MET H 428 -46.56 17.52 -3.08
CA MET H 428 -45.49 16.56 -3.34
C MET H 428 -46.06 15.23 -3.82
N LYS H 429 -47.18 14.79 -3.27
CA LYS H 429 -47.74 13.50 -3.68
C LYS H 429 -48.17 13.54 -5.15
N ASP H 430 -48.91 14.58 -5.53
CA ASP H 430 -49.31 14.75 -6.94
C ASP H 430 -48.11 14.66 -7.87
N GLU H 431 -47.06 15.44 -7.58
CA GLU H 431 -45.86 15.45 -8.39
C GLU H 431 -45.24 14.07 -8.50
N ILE H 432 -45.36 13.25 -7.44
CA ILE H 432 -44.83 11.90 -7.46
C ILE H 432 -45.63 11.02 -8.42
N ALA H 433 -46.96 11.01 -8.27
CA ALA H 433 -47.80 10.24 -9.18
C ALA H 433 -47.63 10.71 -10.61
N THR H 434 -47.44 12.01 -10.81
CA THR H 434 -47.13 12.54 -12.14
C THR H 434 -45.80 11.98 -12.65
N THR H 435 -44.75 12.07 -11.84
CA THR H 435 -43.42 11.63 -12.28
C THR H 435 -43.27 10.12 -12.23
N ALA H 436 -43.78 9.47 -11.17
CA ALA H 436 -43.52 8.05 -10.97
C ALA H 436 -44.63 7.17 -11.50
N GLY H 437 -45.83 7.70 -11.71
CA GLY H 437 -46.96 6.90 -12.12
C GLY H 437 -47.64 6.22 -10.95
N THR H 438 -48.87 5.80 -11.18
CA THR H 438 -49.63 5.03 -10.22
C THR H 438 -50.30 3.87 -10.95
N LEU H 439 -50.85 2.95 -10.17
CA LEU H 439 -51.67 1.89 -10.74
C LEU H 439 -53.13 2.35 -10.70
N SER H 440 -53.87 2.06 -11.77
CA SER H 440 -55.09 2.80 -12.11
C SER H 440 -56.11 2.92 -10.97
#